data_4RU4
#
_entry.id   4RU4
#
_cell.length_a   114.400
_cell.length_b   148.234
_cell.length_c   117.582
_cell.angle_alpha   90.00
_cell.angle_beta   90.85
_cell.angle_gamma   90.00
#
_symmetry.space_group_name_H-M   'P 1 21 1'
#
loop_
_entity.id
_entity.type
_entity.pdbx_description
1 polymer 'tail spike protein gp49'
2 non-polymer 1,2-ETHANEDIOL
3 non-polymer 'SODIUM ION'
4 non-polymer 'CALCIUM ION'
5 water water
#
_entity_poly.entity_id   1
_entity_poly.type   'polypeptide(L)'
_entity_poly.pdbx_seq_one_letter_code
;GSVGQSLQFLEMGRVTPAQFGAVGDGASHPLSERYATLAEAQTVYPHAVALSDEIDWAALQAAVDSGAPVHIPSGDYQIN
RGISSTGSLQIAGDGATSIIRPTAAFTGTSVLSCVGSLVALPNISSVSAGSLTIDFASTPNLVAGDVFIIYNPTDSSFSG
FRTSYRAGEFCEVRAVSGNTVTIRSALYAAYDGATVAIYKVVSGVVDIASIQIVGGTVPMNGLLVEAVVSPRVDDVTVTL
ANNAGVYFARCYDAKITNSNISNIGDGGDDYGIIFGNCHDGGADNCKVYARRHAIATGGDAEVGCVPVRNVRMRNCTLRN
DITSGTHCADFHGNAEDCSYENCTIYGGATWQGKDISYRHCTITNASGGWIVISAEILGGTFLLDQCTLYTTGDPQPGNR
GVIDVGGNSAVLTTNTTQPCNFLIQGGSLRAPSLSTSSYLLRARLEGSTVPVNIQYSGQAIDVGSLGKVLQLDITSGSTS
PEYLIVENLAGLPSGITLASAAGGFASAPMRMPVLGGRVQVTTATNASSVTAPVTFRYIYPKAPTVQVTKTDRSYAGNRV
GVAIANPTSASGATLGLFTDDGTNFSSAVTNQLNWQAGIYEV
;
_entity_poly.pdbx_strand_id   A,B,C,D,E,F
#
loop_
_chem_comp.id
_chem_comp.type
_chem_comp.name
_chem_comp.formula
CA non-polymer 'CALCIUM ION' 'Ca 2'
EDO non-polymer 1,2-ETHANEDIOL 'C2 H6 O2'
NA non-polymer 'SODIUM ION' 'Na 1'
#
# COMPACT_ATOMS: atom_id res chain seq x y z
N ARG A 14 20.80 -37.77 -5.17
CA ARG A 14 20.05 -38.28 -6.31
C ARG A 14 20.16 -39.80 -6.48
N VAL A 15 21.35 -40.37 -6.28
CA VAL A 15 21.44 -41.83 -6.13
C VAL A 15 21.84 -42.18 -4.70
N THR A 16 21.51 -43.40 -4.28
CA THR A 16 21.91 -43.87 -2.96
C THR A 16 22.77 -45.13 -3.06
N PRO A 17 23.53 -45.43 -1.98
CA PRO A 17 24.30 -46.68 -2.01
C PRO A 17 23.37 -47.89 -2.02
N ALA A 18 22.17 -47.79 -1.43
CA ALA A 18 21.26 -48.95 -1.47
C ALA A 18 20.85 -49.29 -2.90
N GLN A 19 20.70 -48.28 -3.75
CA GLN A 19 20.37 -48.52 -5.15
C GLN A 19 21.46 -49.32 -5.85
N PHE A 20 22.69 -49.25 -5.34
CA PHE A 20 23.80 -50.00 -5.92
C PHE A 20 24.19 -51.18 -5.07
N GLY A 21 23.29 -51.54 -4.14
CA GLY A 21 23.39 -52.78 -3.39
C GLY A 21 24.06 -52.70 -2.04
N ALA A 22 24.25 -51.50 -1.52
CA ALA A 22 24.86 -51.35 -0.20
C ALA A 22 24.05 -52.06 0.89
N VAL A 23 24.72 -52.51 1.94
CA VAL A 23 24.06 -53.06 3.12
C VAL A 23 24.04 -52.07 4.26
N GLY A 24 25.22 -51.60 4.66
CA GLY A 24 25.35 -50.57 5.68
C GLY A 24 24.84 -50.87 7.07
N ASP A 25 24.97 -52.11 7.53
CA ASP A 25 24.48 -52.49 8.86
C ASP A 25 25.59 -52.57 9.90
N GLY A 26 26.76 -52.06 9.56
CA GLY A 26 27.87 -52.02 10.50
C GLY A 26 28.72 -53.26 10.53
N ALA A 27 28.28 -54.30 9.81
CA ALA A 27 29.04 -55.54 9.74
C ALA A 27 29.65 -55.75 8.36
N SER A 28 30.66 -56.62 8.30
CA SER A 28 31.38 -56.89 7.06
C SER A 28 30.55 -57.72 6.10
N HIS A 29 30.58 -57.37 4.82
CA HIS A 29 29.89 -58.15 3.79
C HIS A 29 30.73 -58.19 2.54
N PRO A 30 31.65 -59.16 2.45
CA PRO A 30 32.48 -59.28 1.24
C PRO A 30 31.61 -59.66 0.04
N LEU A 31 32.03 -59.26 -1.16
CA LEU A 31 31.31 -59.61 -2.39
C LEU A 31 31.05 -61.11 -2.53
N SER A 32 31.99 -61.93 -2.06
CA SER A 32 31.80 -63.40 -2.07
C SER A 32 30.49 -63.84 -1.42
N GLU A 33 29.90 -63.02 -0.55
CA GLU A 33 28.60 -63.38 0.06
C GLU A 33 27.50 -63.38 -0.99
N ARG A 34 27.74 -62.70 -2.11
CA ARG A 34 26.68 -62.48 -3.08
C ARG A 34 27.03 -63.06 -4.46
N TYR A 35 28.32 -63.10 -4.77
CA TYR A 35 28.78 -63.50 -6.10
C TYR A 35 29.74 -64.66 -5.97
N ALA A 36 29.54 -65.67 -6.81
CA ALA A 36 30.40 -66.86 -6.78
C ALA A 36 31.75 -66.62 -7.48
N THR A 37 31.76 -65.72 -8.45
CA THR A 37 32.98 -65.51 -9.24
C THR A 37 33.28 -64.01 -9.33
N LEU A 38 34.56 -63.67 -9.49
CA LEU A 38 34.94 -62.29 -9.72
C LEU A 38 34.29 -61.70 -10.98
N ALA A 39 34.16 -62.50 -12.03
CA ALA A 39 33.50 -62.02 -13.26
C ALA A 39 32.04 -61.64 -12.98
N GLU A 40 31.34 -62.45 -12.19
CA GLU A 40 29.95 -62.14 -11.84
C GLU A 40 29.86 -60.86 -11.02
N ALA A 41 30.78 -60.72 -10.07
CA ALA A 41 30.83 -59.50 -9.26
C ALA A 41 31.12 -58.28 -10.13
N GLN A 42 32.01 -58.44 -11.10
CA GLN A 42 32.39 -57.28 -11.93
C GLN A 42 31.36 -56.90 -12.97
N THR A 43 30.46 -57.83 -13.26
CA THR A 43 29.36 -57.52 -14.17
C THR A 43 28.49 -56.44 -13.50
N VAL A 44 28.42 -56.47 -12.18
CA VAL A 44 27.71 -55.45 -11.41
C VAL A 44 28.62 -54.27 -11.02
N TYR A 45 29.85 -54.58 -10.62
CA TYR A 45 30.79 -53.55 -10.15
C TYR A 45 32.10 -53.68 -10.91
N PRO A 46 32.20 -52.98 -12.06
CA PRO A 46 33.35 -53.18 -12.95
C PRO A 46 34.68 -52.93 -12.24
N HIS A 47 34.69 -52.04 -11.25
CA HIS A 47 35.98 -51.73 -10.65
C HIS A 47 36.25 -52.43 -9.31
N ALA A 48 35.39 -53.39 -8.94
CA ALA A 48 35.75 -54.31 -7.87
C ALA A 48 37.05 -55.03 -8.24
N VAL A 49 37.91 -55.23 -7.24
CA VAL A 49 39.23 -55.83 -7.44
C VAL A 49 39.25 -57.32 -7.09
N ALA A 50 38.52 -57.70 -6.03
CA ALA A 50 38.51 -59.08 -5.53
C ALA A 50 37.19 -59.36 -4.80
N LEU A 51 36.82 -60.64 -4.75
CA LEU A 51 35.59 -61.04 -4.06
C LEU A 51 35.61 -60.75 -2.57
N SER A 52 36.79 -60.49 -2.03
CA SER A 52 36.87 -60.17 -0.62
C SER A 52 36.59 -58.67 -0.35
N ASP A 53 36.43 -57.86 -1.41
CA ASP A 53 36.06 -56.44 -1.22
C ASP A 53 34.69 -56.31 -0.55
N GLU A 54 34.52 -55.27 0.27
CA GLU A 54 33.24 -54.98 0.94
C GLU A 54 32.16 -54.58 -0.06
N ILE A 55 30.99 -55.19 0.06
CA ILE A 55 29.82 -54.76 -0.69
C ILE A 55 29.52 -53.27 -0.49
N ASP A 56 29.66 -52.75 0.75
CA ASP A 56 29.39 -51.33 0.98
C ASP A 56 30.34 -50.46 0.14
N TRP A 57 31.61 -50.86 0.08
CA TRP A 57 32.59 -50.09 -0.69
C TRP A 57 32.20 -50.16 -2.17
N ALA A 58 31.93 -51.35 -2.65
CA ALA A 58 31.57 -51.54 -4.06
C ALA A 58 30.36 -50.67 -4.43
N ALA A 59 29.37 -50.61 -3.53
CA ALA A 59 28.14 -49.85 -3.75
C ALA A 59 28.37 -48.34 -3.72
N LEU A 60 29.13 -47.88 -2.74
CA LEU A 60 29.44 -46.47 -2.62
C LEU A 60 30.27 -45.99 -3.81
N GLN A 61 31.30 -46.76 -4.17
CA GLN A 61 32.15 -46.37 -5.30
C GLN A 61 31.36 -46.36 -6.60
N ALA A 62 30.48 -47.36 -6.80
CA ALA A 62 29.65 -47.38 -8.00
C ALA A 62 28.72 -46.17 -8.06
N ALA A 63 28.18 -45.79 -6.92
CA ALA A 63 27.24 -44.65 -6.88
C ALA A 63 28.00 -43.40 -7.26
N VAL A 64 29.20 -43.24 -6.71
CA VAL A 64 30.04 -42.09 -7.07
C VAL A 64 30.33 -42.15 -8.57
N ASP A 65 30.69 -43.34 -9.06
CA ASP A 65 31.07 -43.52 -10.48
C ASP A 65 29.95 -43.17 -11.45
N SER A 66 28.72 -43.28 -10.98
CA SER A 66 27.55 -42.96 -11.80
C SER A 66 27.56 -41.49 -12.25
N GLY A 67 28.23 -40.63 -11.52
CA GLY A 67 28.24 -39.23 -11.89
C GLY A 67 27.11 -38.42 -11.28
N ALA A 68 26.15 -39.08 -10.64
CA ALA A 68 25.07 -38.37 -9.95
C ALA A 68 25.51 -38.03 -8.51
N PRO A 69 24.95 -36.95 -7.93
CA PRO A 69 25.17 -36.66 -6.51
C PRO A 69 24.65 -37.83 -5.70
N VAL A 70 25.37 -38.16 -4.64
CA VAL A 70 25.09 -39.38 -3.91
C VAL A 70 24.54 -38.97 -2.58
N HIS A 71 23.39 -39.53 -2.23
CA HIS A 71 22.86 -39.31 -0.91
C HIS A 71 23.07 -40.56 -0.08
N ILE A 72 23.66 -40.38 1.10
CA ILE A 72 23.95 -41.49 1.99
C ILE A 72 23.05 -41.47 3.21
N PRO A 73 22.02 -42.35 3.21
CA PRO A 73 21.10 -42.49 4.35
C PRO A 73 21.84 -42.96 5.58
N SER A 74 21.28 -42.76 6.77
CA SER A 74 21.87 -43.28 8.01
C SER A 74 22.21 -44.73 7.82
N GLY A 75 23.38 -45.10 8.31
CA GLY A 75 23.88 -46.45 8.19
C GLY A 75 25.35 -46.43 8.53
N ASP A 76 25.97 -47.59 8.53
CA ASP A 76 27.34 -47.72 8.97
C ASP A 76 28.03 -48.55 7.90
N TYR A 77 28.71 -47.87 6.97
CA TYR A 77 29.20 -48.52 5.74
C TYR A 77 30.63 -48.96 5.87
N GLN A 78 30.87 -50.24 5.67
CA GLN A 78 32.19 -50.83 5.88
C GLN A 78 32.97 -50.77 4.57
N ILE A 79 34.13 -50.14 4.58
CA ILE A 79 34.91 -50.05 3.35
C ILE A 79 36.35 -50.49 3.53
N ASN A 80 36.86 -51.23 2.53
CA ASN A 80 38.23 -51.71 2.57
C ASN A 80 39.17 -51.00 1.62
N ARG A 81 38.62 -50.07 0.85
CA ARG A 81 39.40 -49.26 -0.08
C ARG A 81 38.82 -47.85 -0.01
N GLY A 82 39.58 -46.88 -0.50
CA GLY A 82 39.11 -45.50 -0.46
C GLY A 82 38.02 -45.32 -1.49
N ILE A 83 37.14 -44.35 -1.23
CA ILE A 83 36.16 -43.94 -2.21
C ILE A 83 36.79 -42.76 -2.94
N SER A 84 37.00 -42.89 -4.25
CA SER A 84 37.80 -41.89 -4.93
C SER A 84 37.18 -41.43 -6.24
N SER A 85 37.60 -40.27 -6.70
N SER A 85 37.59 -40.26 -6.69
CA SER A 85 37.10 -39.75 -7.96
CA SER A 85 37.09 -39.71 -7.94
C SER A 85 38.13 -38.82 -8.57
C SER A 85 38.13 -38.81 -8.57
N THR A 86 38.06 -38.68 -9.90
CA THR A 86 38.79 -37.64 -10.61
C THR A 86 37.69 -36.67 -11.05
N GLY A 87 37.95 -35.39 -11.17
CA GLY A 87 36.85 -34.50 -11.51
C GLY A 87 35.86 -34.12 -10.39
N SER A 88 34.79 -34.88 -10.22
N SER A 88 34.79 -34.89 -10.21
CA SER A 88 33.73 -34.47 -9.26
CA SER A 88 33.72 -34.51 -9.28
C SER A 88 33.42 -35.49 -8.17
C SER A 88 33.52 -35.50 -8.13
N LEU A 89 33.00 -35.00 -7.01
CA LEU A 89 32.62 -35.86 -5.88
C LEU A 89 31.55 -35.16 -5.09
N GLN A 90 30.35 -35.72 -5.07
CA GLN A 90 29.21 -35.05 -4.45
C GLN A 90 28.54 -36.06 -3.52
N ILE A 91 28.68 -35.82 -2.23
CA ILE A 91 28.23 -36.77 -1.22
C ILE A 91 27.52 -36.00 -0.12
N ALA A 92 26.28 -36.38 0.18
CA ALA A 92 25.55 -35.73 1.25
C ALA A 92 24.85 -36.80 2.07
N GLY A 93 24.97 -36.73 3.40
CA GLY A 93 24.32 -37.74 4.23
C GLY A 93 23.21 -37.13 5.06
N ASP A 94 22.75 -37.87 6.06
CA ASP A 94 21.70 -37.38 6.94
C ASP A 94 22.30 -36.84 8.25
N GLY A 95 23.60 -36.55 8.25
CA GLY A 95 24.29 -36.15 9.47
C GLY A 95 25.24 -37.20 10.03
N ALA A 96 25.47 -37.15 11.34
CA ALA A 96 26.51 -37.96 11.97
C ALA A 96 26.20 -39.46 11.98
N THR A 97 24.96 -39.82 11.66
CA THR A 97 24.56 -41.22 11.61
C THR A 97 24.82 -41.82 10.23
N SER A 98 25.20 -40.99 9.26
CA SER A 98 25.66 -41.50 7.96
C SER A 98 27.18 -41.73 8.05
N ILE A 99 27.55 -42.94 8.40
CA ILE A 99 28.92 -43.27 8.77
C ILE A 99 29.65 -44.09 7.71
N ILE A 100 30.82 -43.61 7.30
CA ILE A 100 31.69 -44.36 6.42
C ILE A 100 32.86 -44.83 7.28
N ARG A 101 33.09 -46.13 7.35
CA ARG A 101 34.05 -46.71 8.29
C ARG A 101 35.01 -47.71 7.63
N PRO A 102 36.27 -47.28 7.40
CA PRO A 102 37.32 -48.22 7.01
C PRO A 102 37.38 -49.44 7.93
N THR A 103 37.51 -50.62 7.35
CA THR A 103 37.60 -51.85 8.16
C THR A 103 39.07 -52.12 8.49
N ALA A 104 39.33 -53.15 9.27
CA ALA A 104 40.72 -53.46 9.65
C ALA A 104 41.55 -53.81 8.41
N ALA A 105 40.86 -54.20 7.34
CA ALA A 105 41.52 -54.65 6.13
C ALA A 105 41.74 -53.50 5.14
N PHE A 106 41.42 -52.27 5.54
CA PHE A 106 41.53 -51.10 4.65
C PHE A 106 42.90 -50.88 4.01
N THR A 107 42.89 -50.58 2.71
CA THR A 107 44.11 -50.13 2.03
C THR A 107 43.79 -48.90 1.24
N GLY A 108 44.71 -47.95 1.23
CA GLY A 108 44.48 -46.71 0.52
C GLY A 108 45.00 -45.54 1.34
N THR A 109 45.13 -44.40 0.67
CA THR A 109 45.71 -43.22 1.27
C THR A 109 44.64 -42.40 2.00
N SER A 110 43.42 -42.39 1.46
CA SER A 110 42.36 -41.53 2.00
C SER A 110 41.02 -42.26 2.01
N VAL A 111 40.18 -41.92 2.96
CA VAL A 111 38.88 -42.57 3.03
C VAL A 111 38.03 -42.07 1.84
N LEU A 112 38.00 -40.75 1.66
N LEU A 112 37.99 -40.76 1.67
CA LEU A 112 37.25 -40.12 0.57
CA LEU A 112 37.27 -40.14 0.56
C LEU A 112 38.20 -39.18 -0.14
C LEU A 112 38.31 -39.30 -0.14
N SER A 113 38.26 -39.25 -1.48
CA SER A 113 39.17 -38.36 -2.20
C SER A 113 38.66 -37.93 -3.58
N CYS A 114 39.01 -36.71 -3.99
CA CYS A 114 38.70 -36.24 -5.34
C CYS A 114 39.93 -35.47 -5.82
N VAL A 115 40.38 -35.73 -7.05
CA VAL A 115 41.60 -35.08 -7.52
C VAL A 115 41.34 -34.45 -8.88
N GLY A 116 41.57 -33.15 -9.01
CA GLY A 116 41.42 -32.50 -10.30
C GLY A 116 42.72 -32.56 -11.08
N SER A 117 42.84 -31.70 -12.09
CA SER A 117 43.99 -31.71 -13.00
C SER A 117 44.64 -30.35 -13.19
N LEU A 118 45.97 -30.35 -13.24
CA LEU A 118 46.74 -29.20 -13.71
C LEU A 118 47.07 -29.42 -15.18
N VAL A 119 46.51 -28.58 -16.05
CA VAL A 119 46.70 -28.79 -17.49
C VAL A 119 47.58 -27.70 -18.01
N ALA A 120 48.70 -28.08 -18.66
CA ALA A 120 49.65 -27.11 -19.17
C ALA A 120 49.01 -26.06 -20.06
N LEU A 121 49.36 -24.82 -19.75
CA LEU A 121 49.01 -23.67 -20.56
C LEU A 121 50.30 -23.20 -21.25
N PRO A 122 50.18 -22.29 -22.22
CA PRO A 122 51.41 -21.75 -22.81
C PRO A 122 52.24 -21.01 -21.77
N ASN A 123 53.53 -20.86 -22.06
CA ASN A 123 54.37 -20.02 -21.20
C ASN A 123 53.95 -18.56 -21.26
N ILE A 124 54.48 -17.75 -20.33
CA ILE A 124 54.15 -16.33 -20.27
C ILE A 124 55.39 -15.43 -20.31
N SER A 125 55.19 -14.15 -20.65
CA SER A 125 56.25 -13.14 -20.49
C SER A 125 56.49 -12.79 -19.01
N SER A 126 57.67 -12.26 -18.70
CA SER A 126 57.97 -11.85 -17.34
C SER A 126 56.97 -10.79 -16.90
N VAL A 127 56.60 -10.80 -15.61
CA VAL A 127 55.53 -9.93 -15.14
C VAL A 127 55.92 -9.38 -13.74
N SER A 128 55.53 -8.14 -13.43
N SER A 128 55.51 -8.15 -13.45
CA SER A 128 55.89 -7.57 -12.15
CA SER A 128 55.86 -7.53 -12.16
C SER A 128 54.86 -7.85 -11.06
C SER A 128 54.84 -7.84 -11.06
N ALA A 129 55.30 -7.77 -9.81
CA ALA A 129 54.40 -7.89 -8.68
C ALA A 129 53.33 -6.79 -8.79
N GLY A 130 52.09 -7.11 -8.43
CA GLY A 130 51.01 -6.14 -8.48
C GLY A 130 50.40 -5.94 -9.86
N SER A 131 50.88 -6.68 -10.85
CA SER A 131 50.27 -6.59 -12.19
C SER A 131 48.94 -7.34 -12.25
N LEU A 132 48.09 -6.97 -13.21
CA LEU A 132 46.84 -7.72 -13.45
C LEU A 132 46.72 -8.12 -14.92
N THR A 133 47.87 -8.19 -15.59
CA THR A 133 47.92 -8.53 -17.01
C THR A 133 48.97 -9.60 -17.30
N ILE A 134 48.56 -10.69 -17.93
CA ILE A 134 49.47 -11.77 -18.26
C ILE A 134 49.50 -11.98 -19.77
N ASP A 135 50.71 -11.98 -20.33
CA ASP A 135 50.91 -12.17 -21.77
C ASP A 135 51.38 -13.58 -22.07
N PHE A 136 50.50 -14.40 -22.63
CA PHE A 136 50.81 -15.79 -23.02
C PHE A 136 51.55 -15.88 -24.36
N ALA A 137 52.40 -16.90 -24.50
CA ALA A 137 53.24 -17.06 -25.69
C ALA A 137 52.41 -17.41 -26.91
N SER A 138 51.27 -18.05 -26.68
CA SER A 138 50.35 -18.43 -27.76
C SER A 138 48.94 -18.53 -27.19
N THR A 139 47.95 -18.77 -28.05
CA THR A 139 46.56 -18.71 -27.62
C THR A 139 46.22 -19.58 -26.41
N PRO A 140 45.83 -18.94 -25.30
CA PRO A 140 45.55 -19.77 -24.12
C PRO A 140 44.10 -20.26 -24.08
N ASN A 141 43.90 -21.51 -23.69
CA ASN A 141 42.55 -22.07 -23.52
C ASN A 141 41.89 -21.62 -22.19
N LEU A 142 41.61 -20.33 -22.09
CA LEU A 142 41.06 -19.75 -20.87
C LEU A 142 39.91 -18.83 -21.24
N VAL A 143 38.88 -18.78 -20.39
CA VAL A 143 37.85 -17.75 -20.47
C VAL A 143 37.63 -17.14 -19.09
N ALA A 144 36.85 -16.06 -19.04
CA ALA A 144 36.55 -15.37 -17.78
C ALA A 144 36.06 -16.36 -16.70
N GLY A 145 36.61 -16.26 -15.49
CA GLY A 145 36.23 -17.15 -14.40
C GLY A 145 37.14 -18.38 -14.24
N ASP A 146 37.90 -18.69 -15.28
CA ASP A 146 38.84 -19.81 -15.22
C ASP A 146 39.93 -19.56 -14.19
N VAL A 147 40.47 -20.64 -13.62
CA VAL A 147 41.56 -20.55 -12.64
C VAL A 147 42.85 -21.20 -13.12
N PHE A 148 43.97 -20.49 -12.98
CA PHE A 148 45.26 -21.06 -13.31
C PHE A 148 46.35 -20.80 -12.28
N ILE A 149 47.34 -21.68 -12.26
CA ILE A 149 48.46 -21.56 -11.35
C ILE A 149 49.72 -21.15 -12.11
N ILE A 150 50.37 -20.10 -11.64
CA ILE A 150 51.73 -19.78 -12.07
C ILE A 150 52.64 -20.53 -11.10
N TYR A 151 53.58 -21.32 -11.63
CA TYR A 151 54.43 -22.19 -10.79
C TYR A 151 55.91 -22.09 -11.15
N ASN A 152 56.75 -21.83 -10.15
CA ASN A 152 58.19 -21.86 -10.34
C ASN A 152 58.77 -23.17 -9.75
N PRO A 153 59.27 -24.07 -10.62
CA PRO A 153 59.79 -25.37 -10.15
C PRO A 153 61.12 -25.24 -9.44
N THR A 154 61.72 -24.05 -9.43
CA THR A 154 62.98 -23.87 -8.72
C THR A 154 62.81 -23.98 -7.21
N ASP A 155 63.59 -24.88 -6.61
CA ASP A 155 63.63 -25.07 -5.16
C ASP A 155 63.78 -23.75 -4.42
N SER A 156 62.99 -23.61 -3.36
CA SER A 156 63.09 -22.44 -2.50
C SER A 156 62.84 -21.11 -3.20
N SER A 157 62.12 -21.13 -4.32
CA SER A 157 61.89 -19.90 -5.08
C SER A 157 61.01 -18.87 -4.36
N PHE A 158 60.19 -19.31 -3.40
CA PHE A 158 59.51 -18.39 -2.49
C PHE A 158 60.30 -18.16 -1.19
N SER A 159 60.71 -19.23 -0.52
CA SER A 159 61.49 -19.09 0.71
C SER A 159 62.64 -20.08 0.81
N GLY A 160 63.79 -19.63 1.29
CA GLY A 160 64.94 -20.50 1.43
C GLY A 160 64.87 -21.41 2.65
N PHE A 161 63.85 -21.23 3.49
CA PHE A 161 63.75 -22.07 4.68
C PHE A 161 63.52 -23.55 4.38
N ARG A 162 62.80 -23.86 3.29
CA ARG A 162 62.63 -25.24 2.89
C ARG A 162 62.61 -25.33 1.37
N THR A 163 63.24 -26.37 0.87
CA THR A 163 63.27 -26.73 -0.53
C THR A 163 61.94 -26.58 -1.21
N SER A 164 60.90 -27.08 -0.56
CA SER A 164 59.55 -27.17 -1.13
C SER A 164 58.78 -25.83 -1.12
N TYR A 165 59.34 -24.80 -0.50
CA TYR A 165 58.65 -23.49 -0.52
C TYR A 165 58.95 -22.80 -1.88
N ARG A 166 58.30 -23.26 -2.94
CA ARG A 166 58.53 -22.72 -4.26
C ARG A 166 57.50 -21.61 -4.53
N ALA A 167 57.80 -20.77 -5.51
CA ALA A 167 57.03 -19.58 -5.82
C ALA A 167 55.94 -19.85 -6.84
N GLY A 168 54.98 -18.93 -6.87
CA GLY A 168 53.86 -18.99 -7.78
C GLY A 168 52.60 -18.55 -7.07
N GLU A 169 51.46 -18.64 -7.75
CA GLU A 169 50.18 -18.27 -7.14
C GLU A 169 49.03 -18.66 -8.05
N PHE A 170 47.81 -18.61 -7.49
CA PHE A 170 46.57 -18.84 -8.26
C PHE A 170 45.99 -17.51 -8.77
N CYS A 171 45.61 -17.52 -10.05
CA CYS A 171 45.01 -16.37 -10.73
C CYS A 171 43.62 -16.72 -11.25
N GLU A 172 42.74 -15.73 -11.25
CA GLU A 172 41.38 -15.93 -11.75
C GLU A 172 41.16 -15.03 -12.96
N VAL A 173 40.72 -15.61 -14.08
CA VAL A 173 40.70 -14.88 -15.34
C VAL A 173 39.62 -13.81 -15.36
N ARG A 174 39.98 -12.58 -15.72
CA ARG A 174 38.98 -11.54 -15.89
C ARG A 174 38.47 -11.47 -17.33
N ALA A 175 39.41 -11.36 -18.26
CA ALA A 175 39.09 -11.30 -19.69
C ALA A 175 40.25 -11.83 -20.52
N VAL A 176 39.97 -12.16 -21.77
CA VAL A 176 40.98 -12.69 -22.68
C VAL A 176 40.85 -11.94 -24.00
N SER A 177 41.97 -11.45 -24.50
CA SER A 177 42.00 -10.80 -25.79
C SER A 177 43.27 -11.20 -26.54
N GLY A 178 43.12 -12.05 -27.54
CA GLY A 178 44.29 -12.62 -28.20
C GLY A 178 45.04 -13.45 -27.18
N ASN A 179 46.33 -13.17 -27.03
CA ASN A 179 47.18 -13.87 -26.07
C ASN A 179 47.28 -13.16 -24.72
N THR A 180 46.54 -12.07 -24.58
CA THR A 180 46.60 -11.29 -23.36
C THR A 180 45.45 -11.66 -22.42
N VAL A 181 45.82 -12.11 -21.22
CA VAL A 181 44.83 -12.49 -20.22
C VAL A 181 44.93 -11.53 -19.02
N THR A 182 43.86 -10.79 -18.75
CA THR A 182 43.79 -10.01 -17.51
C THR A 182 43.16 -10.82 -16.37
N ILE A 183 43.49 -10.46 -15.14
CA ILE A 183 43.13 -11.29 -13.97
C ILE A 183 42.38 -10.45 -12.96
N ARG A 184 41.68 -11.11 -12.02
CA ARG A 184 40.73 -10.38 -11.17
C ARG A 184 41.34 -9.76 -9.91
N SER A 185 42.55 -10.15 -9.56
CA SER A 185 43.24 -9.47 -8.44
C SER A 185 44.76 -9.41 -8.70
N ALA A 186 45.41 -8.43 -8.09
CA ALA A 186 46.81 -8.17 -8.39
C ALA A 186 47.75 -9.32 -7.97
N LEU A 187 48.77 -9.60 -8.79
CA LEU A 187 49.77 -10.61 -8.45
C LEU A 187 50.45 -10.29 -7.13
N TYR A 188 50.71 -11.32 -6.33
CA TYR A 188 51.44 -11.10 -5.09
C TYR A 188 52.94 -10.94 -5.35
N ALA A 189 53.41 -11.49 -6.45
CA ALA A 189 54.84 -11.55 -6.74
C ALA A 189 55.15 -11.38 -8.21
N ALA A 190 56.40 -11.01 -8.48
CA ALA A 190 56.93 -10.89 -9.82
C ALA A 190 57.42 -12.27 -10.28
N TYR A 191 57.33 -12.53 -11.59
CA TYR A 191 57.87 -13.77 -12.20
C TYR A 191 58.68 -13.49 -13.48
N ASP A 192 59.85 -14.09 -13.54
CA ASP A 192 60.64 -14.16 -14.76
C ASP A 192 60.00 -15.24 -15.63
N GLY A 193 59.58 -14.87 -16.84
CA GLY A 193 58.85 -15.77 -17.72
C GLY A 193 59.58 -17.05 -18.07
N ALA A 194 60.92 -17.00 -18.05
CA ALA A 194 61.69 -18.19 -18.38
C ALA A 194 61.76 -19.18 -17.22
N THR A 195 61.28 -18.80 -16.04
CA THR A 195 61.41 -19.63 -14.84
C THR A 195 60.09 -20.28 -14.37
N VAL A 196 58.99 -20.00 -15.06
CA VAL A 196 57.70 -20.50 -14.58
C VAL A 196 56.95 -21.31 -15.62
N ALA A 197 56.17 -22.26 -15.13
CA ALA A 197 55.27 -23.06 -15.95
C ALA A 197 53.85 -22.76 -15.44
N ILE A 198 52.91 -22.64 -16.37
CA ILE A 198 51.55 -22.23 -16.07
C ILE A 198 50.62 -23.43 -16.27
N TYR A 199 49.64 -23.58 -15.40
CA TYR A 199 48.70 -24.70 -15.47
C TYR A 199 47.27 -24.25 -15.24
N LYS A 200 46.36 -24.71 -16.08
CA LYS A 200 44.94 -24.42 -15.88
C LYS A 200 44.42 -25.42 -14.89
N VAL A 201 43.65 -24.96 -13.90
CA VAL A 201 43.11 -25.90 -12.92
C VAL A 201 41.78 -26.44 -13.44
N VAL A 202 41.74 -27.73 -13.75
CA VAL A 202 40.56 -28.33 -14.36
C VAL A 202 39.93 -29.34 -13.38
N SER A 203 38.71 -29.05 -12.95
CA SER A 203 38.08 -29.88 -11.94
C SER A 203 36.57 -29.78 -12.03
N GLY A 204 35.90 -30.79 -11.49
CA GLY A 204 34.46 -30.76 -11.36
C GLY A 204 33.99 -30.28 -10.01
N VAL A 205 32.74 -30.59 -9.69
CA VAL A 205 32.09 -30.08 -8.48
C VAL A 205 32.42 -30.99 -7.31
N VAL A 206 32.91 -30.40 -6.22
CA VAL A 206 33.14 -31.18 -5.03
C VAL A 206 32.35 -30.60 -3.88
N ASP A 207 31.50 -31.43 -3.29
CA ASP A 207 30.62 -30.98 -2.23
C ASP A 207 30.42 -32.19 -1.34
N ILE A 208 30.96 -32.13 -0.13
N ILE A 208 31.01 -32.14 -0.15
CA ILE A 208 30.87 -33.23 0.83
CA ILE A 208 30.91 -33.19 0.86
C ILE A 208 30.26 -32.73 2.15
C ILE A 208 30.18 -32.62 2.08
N ALA A 209 29.07 -33.23 2.48
CA ALA A 209 28.29 -32.66 3.58
C ALA A 209 27.58 -33.68 4.43
N SER A 210 27.48 -33.41 5.72
CA SER A 210 26.53 -34.14 6.59
C SER A 210 26.78 -35.65 6.62
N ILE A 211 28.05 -36.01 6.83
CA ILE A 211 28.45 -37.41 6.99
C ILE A 211 29.43 -37.49 8.13
N GLN A 212 29.70 -38.71 8.58
CA GLN A 212 30.76 -38.89 9.56
C GLN A 212 31.75 -39.92 9.01
N ILE A 213 33.03 -39.56 9.02
CA ILE A 213 34.06 -40.50 8.65
C ILE A 213 34.73 -40.94 9.94
N VAL A 214 34.67 -42.24 10.24
CA VAL A 214 35.38 -42.78 11.38
C VAL A 214 36.54 -43.53 10.79
N GLY A 215 37.63 -42.81 10.60
CA GLY A 215 38.75 -43.26 9.77
C GLY A 215 39.64 -44.33 10.32
N GLY A 216 39.79 -44.36 11.65
CA GLY A 216 40.68 -45.32 12.29
C GLY A 216 42.15 -45.03 12.10
N THR A 217 42.96 -46.10 12.09
CA THR A 217 44.41 -45.98 12.11
C THR A 217 45.11 -46.15 10.75
N VAL A 218 44.41 -46.64 9.73
CA VAL A 218 45.09 -46.95 8.46
C VAL A 218 45.25 -45.80 7.42
N PRO A 219 44.15 -45.10 7.07
CA PRO A 219 44.33 -44.07 6.04
C PRO A 219 45.17 -42.89 6.50
N MET A 220 45.95 -42.31 5.58
CA MET A 220 46.71 -41.12 5.91
C MET A 220 45.78 -39.94 6.12
N ASN A 221 44.75 -39.85 5.29
CA ASN A 221 43.81 -38.73 5.33
C ASN A 221 42.39 -39.22 5.51
N GLY A 222 41.57 -38.49 6.26
CA GLY A 222 40.13 -38.76 6.25
C GLY A 222 39.57 -38.32 4.90
N LEU A 223 39.78 -37.06 4.56
CA LEU A 223 39.34 -36.51 3.29
C LEU A 223 40.53 -35.84 2.58
N LEU A 224 40.72 -36.16 1.29
CA LEU A 224 41.69 -35.43 0.46
C LEU A 224 40.98 -34.81 -0.73
N VAL A 225 41.17 -33.51 -0.93
CA VAL A 225 40.67 -32.84 -2.14
C VAL A 225 41.88 -32.13 -2.72
N GLU A 226 42.18 -32.40 -4.01
CA GLU A 226 43.43 -31.92 -4.59
C GLU A 226 43.17 -31.32 -5.97
N ALA A 227 43.71 -30.13 -6.20
CA ALA A 227 43.61 -29.48 -7.52
C ALA A 227 42.14 -29.27 -7.96
N VAL A 228 41.34 -28.75 -7.04
CA VAL A 228 39.92 -28.45 -7.30
C VAL A 228 39.62 -26.99 -7.03
N VAL A 229 38.78 -26.40 -7.87
CA VAL A 229 38.29 -25.06 -7.64
C VAL A 229 37.00 -25.07 -6.81
N SER A 230 37.03 -24.30 -5.71
CA SER A 230 35.91 -24.14 -4.78
C SER A 230 35.26 -25.43 -4.28
N PRO A 231 36.07 -26.37 -3.75
CA PRO A 231 35.41 -27.53 -3.15
C PRO A 231 34.75 -27.09 -1.87
N ARG A 232 33.77 -27.85 -1.41
CA ARG A 232 33.02 -27.50 -0.21
C ARG A 232 32.92 -28.72 0.68
N VAL A 233 33.19 -28.52 1.96
CA VAL A 233 33.03 -29.54 2.98
C VAL A 233 32.23 -28.85 4.08
N ASP A 234 31.08 -29.41 4.43
CA ASP A 234 30.20 -28.76 5.39
C ASP A 234 29.48 -29.75 6.29
N ASP A 235 29.39 -29.43 7.58
N ASP A 235 29.41 -29.43 7.58
CA ASP A 235 28.60 -30.23 8.52
CA ASP A 235 28.68 -30.27 8.55
C ASP A 235 29.11 -31.67 8.56
C ASP A 235 29.23 -31.70 8.57
N VAL A 236 30.43 -31.87 8.52
N VAL A 236 30.54 -31.86 8.60
CA VAL A 236 30.96 -33.22 8.67
CA VAL A 236 31.14 -33.20 8.57
C VAL A 236 31.57 -33.45 10.04
C VAL A 236 31.89 -33.50 9.86
N THR A 237 31.74 -34.73 10.36
CA THR A 237 32.49 -35.14 11.53
C THR A 237 33.56 -36.14 11.03
N VAL A 238 34.82 -35.93 11.41
CA VAL A 238 35.87 -36.85 10.96
C VAL A 238 36.73 -37.19 12.15
N THR A 239 36.93 -38.47 12.41
CA THR A 239 37.91 -38.90 13.38
C THR A 239 38.95 -39.74 12.68
N LEU A 240 40.17 -39.72 13.19
CA LEU A 240 41.26 -40.45 12.56
C LEU A 240 42.36 -40.64 13.58
N ALA A 241 43.27 -41.56 13.31
CA ALA A 241 44.50 -41.67 14.09
C ALA A 241 45.65 -41.82 13.12
N ASN A 242 45.90 -40.75 12.38
CA ASN A 242 46.93 -40.80 11.35
C ASN A 242 47.34 -39.39 10.93
N ASN A 243 47.56 -39.14 9.65
CA ASN A 243 48.29 -37.92 9.29
C ASN A 243 47.44 -36.65 9.23
N ALA A 244 46.27 -36.72 8.59
CA ALA A 244 45.47 -35.51 8.39
C ALA A 244 43.98 -35.82 8.39
N GLY A 245 43.21 -35.12 9.21
CA GLY A 245 41.75 -35.33 9.18
C GLY A 245 41.21 -34.90 7.83
N VAL A 246 41.51 -33.67 7.42
CA VAL A 246 41.11 -33.15 6.11
C VAL A 246 42.33 -32.46 5.49
N TYR A 247 42.60 -32.77 4.23
CA TYR A 247 43.77 -32.24 3.52
C TYR A 247 43.32 -31.62 2.20
N PHE A 248 43.41 -30.30 2.10
CA PHE A 248 43.12 -29.63 0.84
C PHE A 248 44.49 -29.37 0.21
N ALA A 249 44.70 -29.86 -1.00
CA ALA A 249 46.00 -29.69 -1.68
C ALA A 249 45.83 -28.97 -3.03
N ARG A 250 46.53 -27.85 -3.23
CA ARG A 250 46.38 -27.13 -4.50
C ARG A 250 44.93 -26.80 -4.83
N CYS A 251 44.16 -26.44 -3.82
CA CYS A 251 42.79 -25.97 -4.06
C CYS A 251 42.67 -24.44 -4.01
N TYR A 252 41.73 -23.92 -4.80
CA TYR A 252 41.44 -22.50 -4.86
C TYR A 252 40.09 -22.38 -4.21
N ASP A 253 39.99 -21.47 -3.22
CA ASP A 253 38.74 -21.26 -2.51
C ASP A 253 38.17 -22.54 -1.88
N ALA A 254 39.00 -23.39 -1.31
CA ALA A 254 38.48 -24.51 -0.54
C ALA A 254 37.87 -23.99 0.76
N LYS A 255 36.63 -24.40 1.04
N LYS A 255 36.64 -24.41 1.08
CA LYS A 255 35.99 -24.03 2.29
CA LYS A 255 36.02 -23.97 2.33
C LYS A 255 35.56 -25.29 3.03
C LYS A 255 35.39 -25.14 3.11
N ILE A 256 35.89 -25.34 4.33
CA ILE A 256 35.30 -26.31 5.24
C ILE A 256 34.61 -25.56 6.38
N THR A 257 33.36 -25.91 6.63
CA THR A 257 32.53 -25.10 7.52
C THR A 257 31.72 -26.00 8.45
N ASN A 258 31.47 -25.51 9.65
CA ASN A 258 30.56 -26.19 10.60
C ASN A 258 30.90 -27.66 10.83
N SER A 259 32.19 -27.97 10.97
CA SER A 259 32.61 -29.38 11.00
C SER A 259 33.40 -29.67 12.28
N ASN A 260 33.41 -30.92 12.71
CA ASN A 260 34.18 -31.31 13.90
C ASN A 260 35.19 -32.28 13.40
N ILE A 261 36.46 -31.97 13.60
CA ILE A 261 37.54 -32.79 13.06
C ILE A 261 38.44 -33.16 14.24
N SER A 262 38.69 -34.45 14.44
N SER A 262 38.66 -34.46 14.43
CA SER A 262 39.56 -34.87 15.54
CA SER A 262 39.52 -34.99 15.47
C SER A 262 40.53 -35.95 15.08
C SER A 262 40.54 -35.92 14.85
N ASN A 263 41.81 -35.61 15.02
CA ASN A 263 42.87 -36.53 14.62
C ASN A 263 43.80 -36.82 15.79
N ILE A 264 43.66 -38.03 16.33
CA ILE A 264 44.47 -38.51 17.44
C ILE A 264 45.93 -38.62 17.02
N GLY A 265 46.16 -38.82 15.72
CA GLY A 265 47.50 -38.87 15.18
C GLY A 265 48.04 -40.27 15.24
N ASP A 266 49.12 -40.52 14.52
CA ASP A 266 49.84 -41.75 14.70
C ASP A 266 51.30 -41.46 15.02
N GLY A 267 51.57 -40.23 15.45
CA GLY A 267 52.93 -39.79 15.75
C GLY A 267 53.70 -39.16 14.59
N GLY A 268 53.00 -38.88 13.48
CA GLY A 268 53.60 -38.19 12.35
C GLY A 268 53.27 -36.70 12.46
N ASP A 269 53.06 -36.03 11.34
CA ASP A 269 52.79 -34.61 11.37
C ASP A 269 51.47 -34.29 12.07
N ASP A 270 50.52 -35.24 12.02
CA ASP A 270 49.35 -35.26 12.89
C ASP A 270 48.54 -33.94 12.87
N TYR A 271 47.92 -33.65 11.72
CA TYR A 271 47.15 -32.42 11.47
C TYR A 271 45.67 -32.69 11.59
N GLY A 272 44.90 -31.66 11.91
CA GLY A 272 43.46 -31.82 11.93
C GLY A 272 42.95 -31.48 10.54
N ILE A 273 43.05 -30.20 10.19
CA ILE A 273 42.74 -29.72 8.84
C ILE A 273 44.02 -29.06 8.30
N ILE A 274 44.49 -29.47 7.14
N ILE A 274 44.46 -29.46 7.11
CA ILE A 274 45.65 -28.77 6.58
CA ILE A 274 45.65 -28.83 6.53
C ILE A 274 45.38 -28.25 5.17
C ILE A 274 45.37 -28.26 5.13
N PHE A 275 45.81 -27.02 4.89
CA PHE A 275 45.69 -26.41 3.58
C PHE A 275 47.11 -26.38 2.97
N GLY A 276 47.37 -27.28 2.02
CA GLY A 276 48.68 -27.36 1.40
C GLY A 276 48.69 -26.69 0.05
N ASN A 277 49.54 -25.67 -0.11
CA ASN A 277 49.62 -24.98 -1.41
C ASN A 277 48.25 -24.50 -1.88
N CYS A 278 47.45 -23.96 -0.95
CA CYS A 278 46.11 -23.45 -1.26
C CYS A 278 46.02 -21.91 -1.34
N HIS A 279 44.98 -21.41 -1.98
CA HIS A 279 44.86 -19.96 -2.17
C HIS A 279 43.35 -19.67 -2.12
N ASP A 280 42.97 -18.67 -1.33
CA ASP A 280 41.57 -18.35 -1.01
C ASP A 280 40.93 -19.42 -0.12
N GLY A 281 39.73 -19.12 0.36
CA GLY A 281 39.03 -20.01 1.25
C GLY A 281 39.54 -20.06 2.69
N GLY A 282 39.30 -21.20 3.34
CA GLY A 282 39.67 -21.30 4.75
C GLY A 282 38.67 -22.17 5.50
N ALA A 283 38.74 -22.08 6.83
CA ALA A 283 37.87 -22.85 7.72
C ALA A 283 37.03 -21.90 8.56
N ASP A 284 35.76 -22.24 8.75
CA ASP A 284 34.84 -21.34 9.46
C ASP A 284 33.95 -22.17 10.35
N ASN A 285 33.94 -21.83 11.63
CA ASN A 285 33.03 -22.45 12.59
C ASN A 285 33.28 -23.94 12.76
N CYS A 286 34.55 -24.32 12.90
CA CYS A 286 34.90 -25.71 13.09
C CYS A 286 35.44 -25.90 14.50
N LYS A 287 35.16 -27.07 15.08
CA LYS A 287 35.77 -27.47 16.34
C LYS A 287 36.79 -28.53 15.98
N VAL A 288 38.06 -28.33 16.32
CA VAL A 288 39.13 -29.19 15.83
C VAL A 288 40.10 -29.56 16.94
N TYR A 289 40.46 -30.84 17.01
CA TYR A 289 41.58 -31.32 17.81
C TYR A 289 42.53 -32.11 16.90
N ALA A 290 43.84 -31.92 17.05
CA ALA A 290 44.80 -32.89 16.49
C ALA A 290 46.01 -32.92 17.41
N ARG A 291 46.76 -34.02 17.38
CA ARG A 291 47.86 -34.13 18.32
C ARG A 291 48.88 -33.00 18.21
N ARG A 292 49.27 -32.63 17.00
N ARG A 292 49.27 -32.66 16.98
CA ARG A 292 50.22 -31.54 16.85
CA ARG A 292 50.25 -31.60 16.75
C ARG A 292 49.59 -30.21 16.42
C ARG A 292 49.59 -30.27 16.40
N HIS A 293 49.01 -30.17 15.22
CA HIS A 293 48.44 -28.89 14.74
C HIS A 293 46.98 -29.07 14.36
N ALA A 294 46.08 -28.42 15.11
CA ALA A 294 44.66 -28.56 14.85
C ALA A 294 44.39 -28.10 13.43
N ILE A 295 44.87 -26.91 13.09
CA ILE A 295 44.79 -26.41 11.71
C ILE A 295 46.18 -26.02 11.30
N ALA A 296 46.53 -26.28 10.03
CA ALA A 296 47.87 -25.99 9.52
C ALA A 296 47.82 -25.59 8.06
N THR A 297 48.90 -24.97 7.60
CA THR A 297 49.07 -24.68 6.19
C THR A 297 50.49 -25.15 5.85
N GLY A 298 50.76 -25.46 4.58
CA GLY A 298 52.07 -25.96 4.18
C GLY A 298 51.96 -26.42 2.74
N GLY A 299 52.30 -27.69 2.51
CA GLY A 299 52.20 -28.20 1.15
C GLY A 299 53.15 -29.34 0.94
N ASP A 300 53.36 -29.69 -0.32
CA ASP A 300 54.28 -30.79 -0.64
C ASP A 300 55.34 -30.30 -1.63
N ALA A 301 55.96 -31.21 -2.37
CA ALA A 301 56.99 -30.82 -3.35
C ALA A 301 56.53 -31.17 -4.78
N GLU A 302 55.24 -31.37 -4.97
CA GLU A 302 54.73 -31.76 -6.27
C GLU A 302 54.51 -30.54 -7.17
N VAL A 303 54.37 -30.78 -8.47
CA VAL A 303 54.09 -29.71 -9.40
C VAL A 303 52.95 -28.84 -8.89
N GLY A 304 53.16 -27.51 -8.84
CA GLY A 304 52.12 -26.59 -8.43
C GLY A 304 52.13 -26.30 -6.92
N CYS A 305 53.21 -26.70 -6.24
CA CYS A 305 53.34 -26.48 -4.80
C CYS A 305 53.67 -25.02 -4.43
N VAL A 306 52.75 -24.14 -4.76
CA VAL A 306 52.91 -22.70 -4.55
C VAL A 306 52.57 -22.24 -3.13
N PRO A 307 52.89 -20.97 -2.80
CA PRO A 307 52.62 -20.52 -1.42
C PRO A 307 51.14 -20.46 -1.06
N VAL A 308 50.86 -20.56 0.25
CA VAL A 308 49.50 -20.54 0.76
C VAL A 308 49.10 -19.10 1.02
N ARG A 309 48.08 -18.62 0.31
CA ARG A 309 47.71 -17.22 0.41
C ARG A 309 46.21 -16.96 0.56
N ASN A 310 45.88 -15.92 1.34
CA ASN A 310 44.49 -15.51 1.57
C ASN A 310 43.64 -16.67 2.08
N VAL A 311 44.26 -17.52 2.89
CA VAL A 311 43.52 -18.57 3.59
C VAL A 311 43.23 -18.04 5.00
N ARG A 312 41.94 -18.09 5.38
CA ARG A 312 41.45 -17.42 6.59
C ARG A 312 40.75 -18.42 7.50
N MET A 313 41.22 -18.52 8.73
CA MET A 313 40.60 -19.41 9.73
C MET A 313 39.81 -18.53 10.68
N ARG A 314 38.50 -18.76 10.72
CA ARG A 314 37.60 -17.90 11.47
C ARG A 314 36.65 -18.67 12.35
N ASN A 315 36.39 -18.12 13.54
CA ASN A 315 35.33 -18.64 14.39
C ASN A 315 35.51 -20.10 14.74
N CYS A 316 36.76 -20.56 14.94
CA CYS A 316 36.98 -21.96 15.32
C CYS A 316 37.43 -22.09 16.77
N THR A 317 37.28 -23.27 17.35
CA THR A 317 37.97 -23.59 18.60
C THR A 317 38.94 -24.71 18.30
N LEU A 318 40.20 -24.51 18.68
CA LEU A 318 41.27 -25.43 18.33
C LEU A 318 41.96 -25.96 19.57
N ARG A 319 42.21 -27.26 19.59
CA ARG A 319 42.97 -27.90 20.69
C ARG A 319 44.06 -28.81 20.13
N ASN A 320 45.18 -28.90 20.80
CA ASN A 320 46.16 -29.92 20.47
C ASN A 320 46.61 -30.71 21.73
N ASP A 321 47.53 -31.67 21.52
CA ASP A 321 48.17 -32.38 22.63
C ASP A 321 49.28 -31.50 23.18
N ILE A 322 49.08 -30.97 24.38
CA ILE A 322 50.04 -30.03 24.98
C ILE A 322 51.41 -30.71 25.11
N THR A 323 51.42 -32.02 25.32
CA THR A 323 52.70 -32.73 25.49
C THR A 323 53.45 -32.92 24.18
N SER A 324 52.85 -32.55 23.05
CA SER A 324 53.60 -32.58 21.80
C SER A 324 54.67 -31.49 21.81
N GLY A 325 54.52 -30.51 22.68
CA GLY A 325 55.44 -29.38 22.73
C GLY A 325 55.34 -28.37 21.61
N THR A 326 54.40 -28.54 20.68
CA THR A 326 54.36 -27.61 19.54
C THR A 326 53.11 -26.73 19.59
N HIS A 327 53.06 -25.74 18.71
CA HIS A 327 51.93 -24.81 18.66
C HIS A 327 50.69 -25.50 18.08
N CYS A 328 49.53 -25.11 18.59
CA CYS A 328 48.27 -25.71 18.16
C CYS A 328 47.78 -25.16 16.80
N ALA A 329 47.79 -23.84 16.64
CA ALA A 329 47.41 -23.19 15.38
C ALA A 329 48.66 -22.94 14.51
N ASP A 330 48.70 -23.52 13.31
CA ASP A 330 49.91 -23.51 12.49
C ASP A 330 49.78 -22.74 11.17
N PHE A 331 50.86 -22.04 10.81
CA PHE A 331 51.18 -21.71 9.42
C PHE A 331 52.62 -22.18 9.24
N HIS A 332 52.94 -22.78 8.08
CA HIS A 332 54.34 -22.99 7.69
C HIS A 332 54.91 -21.78 6.95
N GLY A 333 56.22 -21.84 6.70
CA GLY A 333 56.95 -20.71 6.13
C GLY A 333 56.65 -20.36 4.68
N ASN A 334 55.82 -21.17 4.02
CA ASN A 334 55.32 -20.77 2.70
C ASN A 334 53.94 -20.08 2.75
N ALA A 335 53.55 -19.53 3.90
CA ALA A 335 52.30 -18.77 3.95
C ALA A 335 52.54 -17.28 3.71
N GLU A 336 51.65 -16.65 2.97
CA GLU A 336 51.64 -15.20 2.85
C GLU A 336 50.20 -14.68 2.89
N ASP A 337 49.96 -13.67 3.71
CA ASP A 337 48.66 -12.99 3.74
C ASP A 337 47.54 -13.92 4.20
N CYS A 338 47.76 -14.55 5.35
CA CYS A 338 46.79 -15.46 5.93
C CYS A 338 46.55 -15.04 7.38
N SER A 339 45.45 -15.50 8.00
CA SER A 339 45.20 -15.11 9.39
C SER A 339 44.28 -16.11 10.13
N TYR A 340 44.34 -16.07 11.45
CA TYR A 340 43.32 -16.67 12.30
C TYR A 340 42.53 -15.51 12.90
N GLU A 341 41.20 -15.58 12.85
CA GLU A 341 40.36 -14.49 13.34
C GLU A 341 39.25 -15.05 14.19
N ASN A 342 38.99 -14.43 15.35
CA ASN A 342 37.87 -14.86 16.20
C ASN A 342 37.96 -16.33 16.52
N CYS A 343 39.18 -16.79 16.85
CA CYS A 343 39.37 -18.20 17.19
C CYS A 343 39.75 -18.34 18.66
N THR A 344 39.31 -19.43 19.27
CA THR A 344 39.81 -19.85 20.58
C THR A 344 40.89 -20.90 20.31
N ILE A 345 42.12 -20.62 20.71
CA ILE A 345 43.25 -21.52 20.42
C ILE A 345 43.87 -21.95 21.73
N TYR A 346 43.61 -23.20 22.11
CA TYR A 346 44.31 -23.81 23.24
C TYR A 346 45.61 -24.45 22.76
N GLY A 347 46.73 -24.02 23.35
CA GLY A 347 48.02 -24.63 23.05
C GLY A 347 48.92 -23.88 22.06
N GLY A 348 48.72 -22.56 21.93
CA GLY A 348 49.72 -21.73 21.26
C GLY A 348 49.54 -21.57 19.74
N ALA A 349 50.19 -20.54 19.17
CA ALA A 349 50.04 -20.22 17.76
C ALA A 349 51.40 -19.80 17.19
N THR A 350 51.47 -19.59 15.88
CA THR A 350 52.77 -19.33 15.30
C THR A 350 52.74 -18.26 14.22
N TRP A 351 53.84 -17.50 14.15
CA TRP A 351 54.13 -16.61 13.03
C TRP A 351 55.18 -17.27 12.14
N GLN A 352 54.86 -17.49 10.87
CA GLN A 352 55.83 -18.04 9.90
C GLN A 352 55.51 -17.44 8.53
N GLY A 353 56.50 -17.40 7.64
CA GLY A 353 56.26 -16.91 6.29
C GLY A 353 56.30 -15.40 6.19
N LYS A 354 55.19 -14.80 5.77
CA LYS A 354 55.13 -13.38 5.49
C LYS A 354 53.70 -12.83 5.63
N ASP A 355 53.55 -11.70 6.32
CA ASP A 355 52.25 -10.99 6.41
C ASP A 355 51.15 -11.91 7.01
N ILE A 356 51.30 -12.19 8.29
CA ILE A 356 50.44 -13.12 9.04
C ILE A 356 49.84 -12.39 10.24
N SER A 357 48.56 -12.63 10.52
CA SER A 357 47.85 -11.91 11.58
C SER A 357 47.03 -12.84 12.43
N TYR A 358 46.99 -12.57 13.72
CA TYR A 358 45.98 -13.15 14.62
C TYR A 358 45.12 -11.99 15.09
N ARG A 359 43.81 -12.08 14.88
CA ARG A 359 42.89 -11.00 15.21
C ARG A 359 41.77 -11.47 16.10
N HIS A 360 41.64 -10.82 17.27
CA HIS A 360 40.58 -11.14 18.20
C HIS A 360 40.54 -12.63 18.51
N CYS A 361 41.70 -13.24 18.69
CA CYS A 361 41.75 -14.63 19.13
C CYS A 361 42.03 -14.66 20.64
N THR A 362 41.61 -15.74 21.29
CA THR A 362 42.00 -16.03 22.67
C THR A 362 43.01 -17.17 22.56
N ILE A 363 44.23 -16.99 23.07
CA ILE A 363 45.27 -17.98 22.86
C ILE A 363 45.93 -18.34 24.18
N THR A 364 46.00 -19.64 24.49
CA THR A 364 46.71 -20.10 25.67
C THR A 364 48.07 -20.71 25.30
N ASN A 365 48.87 -21.01 26.33
CA ASN A 365 50.26 -21.40 26.13
C ASN A 365 50.43 -22.83 25.63
N ALA A 366 51.52 -23.05 24.92
CA ALA A 366 52.06 -24.38 24.64
C ALA A 366 52.87 -24.85 25.85
N SER A 367 53.39 -26.08 25.81
CA SER A 367 53.98 -26.62 27.04
C SER A 367 55.17 -25.84 27.56
N GLY A 368 55.94 -25.23 26.66
CA GLY A 368 57.08 -24.47 27.09
C GLY A 368 56.73 -23.17 27.83
N GLY A 369 55.46 -22.77 27.79
CA GLY A 369 55.02 -21.57 28.49
C GLY A 369 54.84 -20.36 27.59
N TRP A 370 55.33 -20.46 26.37
CA TRP A 370 55.17 -19.40 25.39
C TRP A 370 53.77 -19.50 24.78
N ILE A 371 53.32 -18.43 24.14
CA ILE A 371 51.98 -18.41 23.57
C ILE A 371 52.04 -18.30 22.04
N VAL A 372 52.88 -17.39 21.55
CA VAL A 372 53.11 -17.27 20.11
C VAL A 372 54.59 -17.54 19.82
N ILE A 373 54.89 -18.42 18.89
CA ILE A 373 56.27 -18.76 18.58
C ILE A 373 56.50 -18.53 17.09
N SER A 374 57.71 -18.19 16.71
CA SER A 374 57.94 -17.89 15.29
C SER A 374 58.86 -18.94 14.67
N ALA A 375 58.80 -19.07 13.34
CA ALA A 375 59.78 -19.88 12.60
C ALA A 375 59.77 -19.42 11.16
N GLU A 376 60.86 -19.67 10.44
CA GLU A 376 60.87 -19.53 8.98
C GLU A 376 60.28 -18.18 8.55
N ILE A 377 60.80 -17.12 9.14
CA ILE A 377 60.30 -15.77 8.88
C ILE A 377 60.96 -15.24 7.62
N LEU A 378 60.17 -15.08 6.55
CA LEU A 378 60.70 -14.58 5.29
C LEU A 378 60.86 -13.06 5.42
N GLY A 379 59.87 -12.44 6.05
CA GLY A 379 59.88 -11.00 6.30
C GLY A 379 58.46 -10.50 6.15
N GLY A 380 58.27 -9.17 6.18
CA GLY A 380 56.92 -8.63 6.16
C GLY A 380 56.38 -8.33 7.55
N THR A 381 55.07 -8.28 7.66
CA THR A 381 54.44 -7.81 8.89
C THR A 381 53.75 -8.94 9.63
N PHE A 382 53.99 -9.03 10.93
CA PHE A 382 53.43 -10.07 11.77
C PHE A 382 52.71 -9.42 12.92
N LEU A 383 51.45 -9.79 13.10
CA LEU A 383 50.54 -8.98 13.92
C LEU A 383 49.75 -9.82 14.91
N LEU A 384 49.72 -9.36 16.15
CA LEU A 384 48.74 -9.80 17.15
C LEU A 384 47.83 -8.62 17.43
N ASP A 385 46.64 -8.69 16.84
CA ASP A 385 45.69 -7.59 16.80
C ASP A 385 44.60 -7.83 17.83
N GLN A 386 44.68 -7.12 18.94
CA GLN A 386 43.67 -7.18 20.00
C GLN A 386 43.36 -8.61 20.41
N CYS A 387 44.40 -9.39 20.67
CA CYS A 387 44.20 -10.77 21.11
C CYS A 387 44.18 -10.82 22.64
N THR A 388 43.58 -11.88 23.15
CA THR A 388 43.58 -12.14 24.61
C THR A 388 44.52 -13.30 24.83
N LEU A 389 45.62 -13.05 25.55
CA LEU A 389 46.66 -14.08 25.69
C LEU A 389 46.83 -14.54 27.15
N TYR A 390 46.93 -15.86 27.33
N TYR A 390 46.95 -15.85 27.36
CA TYR A 390 47.02 -16.49 28.65
CA TYR A 390 47.11 -16.39 28.70
C TYR A 390 48.20 -17.46 28.68
C TYR A 390 48.14 -17.49 28.76
N THR A 391 49.09 -17.36 29.68
CA THR A 391 50.00 -18.47 29.95
C THR A 391 50.05 -18.79 31.45
N THR A 392 50.07 -20.09 31.75
CA THR A 392 50.20 -20.58 33.12
C THR A 392 51.65 -20.92 33.45
N GLY A 393 52.56 -20.75 32.48
CA GLY A 393 53.97 -21.14 32.65
C GLY A 393 54.96 -19.98 32.48
N ASP A 394 56.20 -20.29 32.14
CA ASP A 394 57.26 -19.30 32.01
C ASP A 394 58.24 -19.85 31.00
N PRO A 395 58.32 -19.22 29.81
CA PRO A 395 59.18 -19.72 28.74
C PRO A 395 60.65 -19.31 28.89
N GLN A 396 60.97 -18.40 29.80
CA GLN A 396 62.34 -17.94 29.94
C GLN A 396 63.37 -19.02 30.24
N PRO A 397 63.04 -20.02 31.10
CA PRO A 397 64.04 -21.08 31.34
C PRO A 397 64.42 -21.86 30.06
N GLY A 398 63.55 -21.88 29.06
CA GLY A 398 63.85 -22.47 27.76
C GLY A 398 64.32 -21.42 26.74
N ASN A 399 64.74 -20.26 27.25
CA ASN A 399 65.28 -19.17 26.44
C ASN A 399 64.31 -18.52 25.42
N ARG A 400 63.02 -18.57 25.72
CA ARG A 400 62.03 -18.01 24.81
C ARG A 400 61.17 -16.96 25.49
N GLY A 401 60.64 -16.04 24.67
CA GLY A 401 59.69 -15.06 25.15
C GLY A 401 58.29 -15.64 25.19
N VAL A 402 57.37 -14.97 25.89
CA VAL A 402 55.96 -15.34 25.85
C VAL A 402 55.48 -15.20 24.39
N ILE A 403 55.92 -14.13 23.74
CA ILE A 403 55.84 -14.01 22.29
C ILE A 403 57.28 -14.15 21.83
N ASP A 404 57.56 -15.18 21.05
CA ASP A 404 58.95 -15.53 20.76
C ASP A 404 59.29 -15.40 19.28
N VAL A 405 60.41 -14.74 19.00
CA VAL A 405 60.91 -14.67 17.62
C VAL A 405 62.39 -15.14 17.60
N GLY A 406 62.61 -16.44 17.56
CA GLY A 406 63.96 -16.98 17.49
C GLY A 406 64.76 -17.04 18.79
N GLY A 407 64.04 -17.03 19.92
CA GLY A 407 64.71 -16.97 21.21
C GLY A 407 65.69 -18.12 21.34
N ASN A 408 65.24 -19.31 20.97
CA ASN A 408 66.09 -20.49 21.06
C ASN A 408 66.08 -21.32 19.78
N SER A 409 65.90 -20.66 18.64
CA SER A 409 65.78 -21.36 17.36
C SER A 409 66.21 -20.41 16.25
N ALA A 410 66.49 -20.98 15.07
CA ALA A 410 67.02 -20.21 13.96
C ALA A 410 65.91 -19.74 13.05
N VAL A 411 65.44 -18.53 13.34
CA VAL A 411 64.21 -17.99 12.80
C VAL A 411 64.48 -16.74 11.96
N LEU A 412 65.35 -15.87 12.47
CA LEU A 412 65.77 -14.69 11.73
C LEU A 412 67.16 -14.95 11.15
N THR A 413 67.22 -15.38 9.89
CA THR A 413 68.48 -15.94 9.37
C THR A 413 68.82 -15.35 8.01
N THR A 414 69.77 -15.96 7.31
CA THR A 414 70.07 -15.50 5.95
C THR A 414 68.89 -15.76 5.01
N ASN A 415 67.92 -16.57 5.46
CA ASN A 415 66.72 -16.81 4.67
C ASN A 415 65.58 -15.81 4.97
N THR A 416 65.82 -14.94 5.95
CA THR A 416 64.94 -13.78 6.18
C THR A 416 65.43 -12.62 5.32
N THR A 417 64.77 -12.40 4.19
CA THR A 417 65.34 -11.53 3.16
C THR A 417 64.56 -10.22 2.99
N GLN A 418 63.47 -10.06 3.73
CA GLN A 418 62.71 -8.80 3.69
C GLN A 418 62.58 -8.20 5.09
N PRO A 419 62.48 -6.86 5.18
CA PRO A 419 62.33 -6.21 6.49
C PRO A 419 61.16 -6.80 7.26
N CYS A 420 61.29 -6.90 8.59
CA CYS A 420 60.26 -7.54 9.41
C CYS A 420 59.63 -6.49 10.33
N ASN A 421 58.32 -6.55 10.49
CA ASN A 421 57.63 -5.72 11.47
C ASN A 421 56.82 -6.61 12.40
N PHE A 422 57.15 -6.60 13.68
CA PHE A 422 56.40 -7.38 14.65
C PHE A 422 55.54 -6.40 15.45
N LEU A 423 54.23 -6.59 15.36
CA LEU A 423 53.24 -5.65 15.86
C LEU A 423 52.36 -6.31 16.90
N ILE A 424 52.37 -5.76 18.11
CA ILE A 424 51.46 -6.23 19.14
C ILE A 424 50.58 -5.01 19.46
N GLN A 425 49.30 -5.06 19.10
CA GLN A 425 48.40 -3.94 19.28
C GLN A 425 47.21 -4.28 20.18
N GLY A 426 47.14 -3.62 21.34
CA GLY A 426 45.99 -3.76 22.23
C GLY A 426 45.83 -5.16 22.79
N GLY A 427 44.61 -5.48 23.22
CA GLY A 427 44.36 -6.78 23.78
C GLY A 427 44.93 -6.88 25.19
N SER A 428 45.11 -8.11 25.66
CA SER A 428 45.61 -8.30 27.02
C SER A 428 46.51 -9.51 27.05
N LEU A 429 47.33 -9.57 28.10
CA LEU A 429 48.25 -10.68 28.28
C LEU A 429 48.30 -10.96 29.76
N ARG A 430 47.97 -12.20 30.13
CA ARG A 430 47.99 -12.61 31.52
C ARG A 430 48.98 -13.76 31.72
N ALA A 431 49.91 -13.55 32.65
CA ALA A 431 51.02 -14.47 32.84
C ALA A 431 51.45 -14.32 34.29
N PRO A 432 50.75 -15.00 35.21
CA PRO A 432 50.93 -14.87 36.66
C PRO A 432 52.20 -15.49 37.17
N SER A 433 52.81 -16.37 36.37
CA SER A 433 53.89 -17.21 36.93
C SER A 433 55.24 -17.03 36.24
N LEU A 434 55.53 -15.83 35.77
CA LEU A 434 56.87 -15.52 35.25
C LEU A 434 57.83 -15.22 36.42
N SER A 435 59.12 -15.08 36.11
CA SER A 435 60.10 -14.65 37.11
C SER A 435 60.60 -13.25 36.78
N THR A 436 61.47 -12.73 37.63
CA THR A 436 62.09 -11.44 37.36
C THR A 436 63.17 -11.55 36.27
N SER A 437 63.36 -12.76 35.70
CA SER A 437 64.20 -12.92 34.51
C SER A 437 63.40 -13.00 33.22
N SER A 438 62.10 -13.20 33.32
CA SER A 438 61.27 -13.41 32.15
C SER A 438 61.06 -12.13 31.33
N TYR A 439 60.86 -12.32 30.02
CA TYR A 439 60.58 -11.23 29.10
C TYR A 439 59.34 -11.57 28.28
N LEU A 440 58.56 -10.54 27.98
CA LEU A 440 57.31 -10.74 27.25
C LEU A 440 57.57 -11.06 25.79
N LEU A 441 58.52 -10.36 25.16
CA LEU A 441 58.87 -10.62 23.77
C LEU A 441 60.39 -10.74 23.62
N ARG A 442 60.84 -11.77 22.91
CA ARG A 442 62.23 -11.90 22.53
C ARG A 442 62.37 -11.99 21.02
N ALA A 443 63.33 -11.24 20.48
CA ALA A 443 63.74 -11.46 19.10
C ALA A 443 65.26 -11.62 19.12
N ARG A 444 65.75 -12.66 18.46
CA ARG A 444 67.20 -12.92 18.41
C ARG A 444 67.64 -13.12 16.96
N LEU A 445 68.63 -12.36 16.52
CA LEU A 445 69.12 -12.48 15.15
C LEU A 445 70.07 -13.68 15.05
N GLU A 446 69.85 -14.52 14.04
CA GLU A 446 70.82 -15.57 13.77
C GLU A 446 71.19 -15.61 12.29
N GLY A 447 71.60 -14.46 11.77
CA GLY A 447 72.11 -14.41 10.41
C GLY A 447 71.47 -13.40 9.51
N SER A 448 70.27 -12.93 9.86
CA SER A 448 69.57 -11.99 9.00
C SER A 448 70.28 -10.64 9.05
N THR A 449 70.12 -9.85 7.99
CA THR A 449 70.71 -8.51 7.96
C THR A 449 69.67 -7.40 7.73
N VAL A 450 68.39 -7.77 7.75
CA VAL A 450 67.30 -6.84 7.45
C VAL A 450 66.86 -6.04 8.68
N PRO A 451 66.19 -4.90 8.45
CA PRO A 451 65.55 -4.20 9.58
C PRO A 451 64.52 -5.11 10.28
N VAL A 452 64.59 -5.12 11.60
CA VAL A 452 63.60 -5.82 12.40
C VAL A 452 62.99 -4.78 13.33
N ASN A 453 61.74 -4.47 13.08
CA ASN A 453 61.05 -3.40 13.78
C ASN A 453 60.06 -4.00 14.78
N ILE A 454 59.88 -3.34 15.92
CA ILE A 454 58.96 -3.78 16.96
C ILE A 454 57.99 -2.65 17.33
N GLN A 455 56.70 -2.94 17.30
CA GLN A 455 55.68 -2.04 17.83
C GLN A 455 54.92 -2.79 18.93
N TYR A 456 55.17 -2.43 20.18
CA TYR A 456 54.51 -3.11 21.30
C TYR A 456 53.63 -2.07 21.99
N SER A 457 52.32 -2.13 21.76
CA SER A 457 51.46 -0.94 21.84
C SER A 457 50.02 -1.21 22.32
N GLY A 458 49.63 -0.69 23.49
CA GLY A 458 48.23 -0.63 23.90
C GLY A 458 47.74 -1.80 24.76
N GLN A 459 48.59 -2.81 24.94
CA GLN A 459 48.20 -4.07 25.60
C GLN A 459 48.09 -3.90 27.11
N ALA A 460 47.11 -4.57 27.71
CA ALA A 460 46.96 -4.57 29.15
C ALA A 460 47.56 -5.89 29.66
N ILE A 461 48.48 -5.78 30.60
CA ILE A 461 49.28 -6.89 31.05
C ILE A 461 48.95 -7.20 32.50
N ASP A 462 48.86 -8.50 32.82
CA ASP A 462 48.54 -8.95 34.16
C ASP A 462 49.57 -10.01 34.55
N VAL A 463 50.56 -9.60 35.33
CA VAL A 463 51.65 -10.48 35.72
C VAL A 463 51.84 -10.44 37.24
N GLY A 464 52.60 -11.40 37.76
CA GLY A 464 53.15 -11.30 39.10
C GLY A 464 54.51 -10.65 38.95
N SER A 465 55.56 -11.46 38.89
CA SER A 465 56.90 -10.95 38.63
C SER A 465 57.12 -10.82 37.12
N LEU A 466 58.04 -9.95 36.74
CA LEU A 466 58.41 -9.82 35.33
C LEU A 466 59.79 -9.20 35.26
N GLY A 467 60.60 -9.61 34.29
CA GLY A 467 61.92 -9.01 34.11
C GLY A 467 61.89 -7.87 33.10
N LYS A 468 61.41 -8.14 31.88
CA LYS A 468 61.48 -7.18 30.79
C LYS A 468 60.28 -7.23 29.83
N VAL A 469 60.04 -6.13 29.12
CA VAL A 469 59.04 -6.15 28.05
C VAL A 469 59.72 -6.76 26.83
N LEU A 470 60.77 -6.13 26.33
CA LEU A 470 61.47 -6.61 25.14
C LEU A 470 62.88 -7.12 25.45
N GLN A 471 63.25 -8.22 24.81
CA GLN A 471 64.62 -8.75 24.87
C GLN A 471 65.08 -8.90 23.41
N LEU A 472 65.99 -8.04 23.00
CA LEU A 472 66.41 -7.98 21.60
C LEU A 472 67.89 -8.28 21.47
N ASP A 473 68.20 -9.42 20.87
CA ASP A 473 69.53 -10.03 20.92
C ASP A 473 70.10 -10.24 19.53
N ILE A 474 71.41 -10.40 19.47
CA ILE A 474 72.09 -10.69 18.21
C ILE A 474 73.14 -11.79 18.40
N THR A 475 72.87 -12.98 17.85
CA THR A 475 73.89 -14.02 17.87
C THR A 475 74.79 -13.86 16.64
N SER A 476 74.17 -13.67 15.47
CA SER A 476 74.88 -13.37 14.23
C SER A 476 73.98 -12.55 13.32
N GLY A 477 74.58 -11.88 12.34
CA GLY A 477 73.86 -10.98 11.47
C GLY A 477 73.82 -9.62 12.14
N SER A 478 72.95 -8.75 11.67
CA SER A 478 72.89 -7.35 12.12
C SER A 478 71.56 -6.75 11.71
N THR A 479 71.22 -5.62 12.30
CA THR A 479 69.98 -4.93 11.93
C THR A 479 70.07 -3.41 12.12
N SER A 480 69.42 -2.67 11.22
CA SER A 480 69.20 -1.25 11.39
C SER A 480 67.69 -0.99 11.37
N PRO A 481 66.99 -1.12 12.52
CA PRO A 481 65.53 -0.95 12.48
C PRO A 481 65.14 0.47 12.17
N GLU A 482 63.96 0.60 11.59
CA GLU A 482 63.34 1.89 11.37
C GLU A 482 62.73 2.39 12.67
N TYR A 483 62.34 1.46 13.53
CA TYR A 483 61.70 1.83 14.81
C TYR A 483 61.68 0.72 15.86
N LEU A 484 61.64 1.14 17.11
CA LEU A 484 61.58 0.27 18.26
C LEU A 484 60.71 1.02 19.28
N ILE A 485 59.46 0.55 19.43
CA ILE A 485 58.41 1.32 20.09
C ILE A 485 57.75 0.51 21.20
N VAL A 486 57.79 1.04 22.41
CA VAL A 486 57.02 0.47 23.53
C VAL A 486 56.11 1.58 24.02
N GLU A 487 54.80 1.35 24.02
CA GLU A 487 53.90 2.46 24.32
C GLU A 487 52.57 1.99 24.89
N ASN A 488 51.96 2.86 25.70
CA ASN A 488 50.60 2.68 26.19
C ASN A 488 50.35 1.29 26.75
N LEU A 489 51.25 0.82 27.61
CA LEU A 489 51.07 -0.49 28.23
C LEU A 489 50.47 -0.31 29.64
N ALA A 490 49.46 -1.11 29.97
CA ALA A 490 48.94 -1.09 31.34
C ALA A 490 49.42 -2.33 32.10
N GLY A 491 49.69 -2.18 33.40
CA GLY A 491 49.92 -3.34 34.25
C GLY A 491 51.37 -3.73 34.49
N LEU A 492 52.30 -2.90 34.03
CA LEU A 492 53.72 -3.18 34.24
C LEU A 492 54.07 -2.91 35.71
N PRO A 493 54.72 -3.88 36.37
CA PRO A 493 55.12 -3.69 37.77
C PRO A 493 56.41 -2.85 37.86
N SER A 494 56.66 -2.22 39.00
N SER A 494 56.67 -2.25 39.02
CA SER A 494 57.85 -1.40 39.14
CA SER A 494 57.86 -1.44 39.19
C SER A 494 59.09 -2.29 39.07
C SER A 494 59.11 -2.31 39.08
N GLY A 495 60.18 -1.74 38.53
CA GLY A 495 61.46 -2.43 38.48
C GLY A 495 61.83 -3.11 37.18
N ILE A 496 60.87 -3.25 36.28
CA ILE A 496 61.13 -3.96 35.04
C ILE A 496 62.00 -3.16 34.07
N THR A 497 62.60 -3.88 33.14
CA THR A 497 63.40 -3.27 32.09
C THR A 497 62.51 -3.16 30.85
N LEU A 498 62.47 -1.99 30.23
CA LEU A 498 61.65 -1.80 29.04
C LEU A 498 62.14 -2.59 27.81
N ALA A 499 63.44 -2.51 27.50
CA ALA A 499 63.98 -3.25 26.37
C ALA A 499 65.49 -3.48 26.54
N SER A 500 65.89 -4.73 26.68
N SER A 500 65.90 -4.74 26.60
CA SER A 500 67.31 -5.02 26.55
CA SER A 500 67.32 -5.08 26.56
C SER A 500 67.55 -5.03 25.06
C SER A 500 67.72 -5.21 25.10
N ALA A 501 68.52 -4.26 24.59
CA ALA A 501 68.79 -4.19 23.17
C ALA A 501 70.26 -4.21 22.84
N ALA A 502 70.62 -5.17 21.99
CA ALA A 502 72.00 -5.37 21.59
C ALA A 502 72.25 -4.84 20.18
N GLY A 503 73.49 -4.46 19.92
CA GLY A 503 73.94 -4.05 18.59
C GLY A 503 73.04 -3.03 17.95
N GLY A 504 72.59 -3.30 16.73
CA GLY A 504 71.77 -2.36 15.99
C GLY A 504 70.41 -2.07 16.60
N PHE A 505 69.91 -2.97 17.46
CA PHE A 505 68.70 -2.66 18.22
C PHE A 505 68.95 -1.51 19.19
N ALA A 506 70.14 -1.47 19.79
CA ALA A 506 70.48 -0.40 20.73
C ALA A 506 70.48 1.00 20.10
N SER A 507 70.85 1.09 18.82
CA SER A 507 70.93 2.38 18.16
C SER A 507 69.71 2.68 17.31
N ALA A 508 68.71 1.80 17.36
CA ALA A 508 67.46 2.03 16.62
C ALA A 508 66.70 3.29 17.12
N PRO A 509 65.99 3.99 16.21
CA PRO A 509 65.10 5.08 16.63
C PRO A 509 64.08 4.53 17.59
N MET A 510 64.08 5.03 18.82
CA MET A 510 63.26 4.44 19.85
C MET A 510 62.18 5.38 20.35
N ARG A 511 61.06 4.80 20.78
N ARG A 511 61.02 4.82 20.72
CA ARG A 511 60.03 5.50 21.53
CA ARG A 511 60.03 5.53 21.53
C ARG A 511 59.76 4.70 22.81
C ARG A 511 59.78 4.71 22.80
N MET A 512 59.99 5.31 23.96
CA MET A 512 59.81 4.61 25.24
C MET A 512 58.89 5.43 26.14
N PRO A 513 58.10 4.76 26.99
CA PRO A 513 57.08 5.43 27.82
C PRO A 513 57.59 6.56 28.72
N VAL A 514 56.72 7.51 29.02
CA VAL A 514 57.04 8.62 29.92
C VAL A 514 56.84 8.25 31.38
N LEU A 515 57.80 8.62 32.21
CA LEU A 515 57.65 8.47 33.65
C LEU A 515 57.91 9.85 34.26
N GLY A 516 57.34 10.11 35.42
CA GLY A 516 57.63 11.38 36.09
C GLY A 516 56.88 11.60 37.38
N GLY A 517 57.10 12.76 38.00
CA GLY A 517 56.49 13.03 39.30
C GLY A 517 56.92 14.37 39.89
N ARG A 518 56.51 14.60 41.14
CA ARG A 518 56.83 15.84 41.82
C ARG A 518 57.63 15.49 43.05
N VAL A 519 58.84 16.02 43.17
CA VAL A 519 59.69 15.67 44.31
C VAL A 519 59.99 16.92 45.09
N GLN A 520 59.62 16.95 46.37
CA GLN A 520 59.83 18.16 47.16
C GLN A 520 61.29 18.23 47.60
N VAL A 521 61.89 19.41 47.50
CA VAL A 521 63.22 19.64 48.04
C VAL A 521 63.18 20.89 48.92
N THR A 522 64.02 20.91 49.95
CA THR A 522 64.06 22.07 50.85
C THR A 522 65.47 22.68 50.80
N THR A 523 65.52 23.99 50.54
CA THR A 523 66.82 24.65 50.44
C THR A 523 67.41 24.80 51.85
N ALA A 524 68.73 25.04 51.90
CA ALA A 524 69.49 25.19 53.13
C ALA A 524 70.22 26.51 53.00
N THR A 525 70.29 27.29 54.07
CA THR A 525 70.87 28.62 53.97
C THR A 525 72.39 28.59 53.92
N ASN A 526 73.00 27.42 54.07
CA ASN A 526 74.45 27.31 53.97
C ASN A 526 74.91 26.68 52.65
N ALA A 527 74.03 26.63 51.66
CA ALA A 527 74.36 25.98 50.38
C ALA A 527 73.66 26.67 49.23
N SER A 528 74.25 26.59 48.03
CA SER A 528 73.63 27.15 46.83
C SER A 528 72.77 26.13 46.09
N SER A 529 72.62 24.94 46.67
CA SER A 529 71.89 23.88 45.99
C SER A 529 71.28 22.87 46.95
N VAL A 530 70.33 22.09 46.44
CA VAL A 530 69.79 20.93 47.11
C VAL A 530 69.45 19.89 46.05
N THR A 531 69.69 18.62 46.34
CA THR A 531 69.37 17.58 45.37
C THR A 531 68.48 16.50 45.97
N ALA A 532 67.87 15.67 45.11
CA ALA A 532 67.10 14.50 45.55
C ALA A 532 67.19 13.42 44.49
N PRO A 533 67.45 12.18 44.91
CA PRO A 533 67.55 11.05 43.97
C PRO A 533 66.20 10.55 43.50
N VAL A 534 66.12 10.18 42.22
CA VAL A 534 64.93 9.53 41.67
C VAL A 534 65.38 8.21 41.06
N THR A 535 64.66 7.13 41.34
CA THR A 535 64.86 5.85 40.66
C THR A 535 63.65 5.59 39.75
N PHE A 536 63.87 5.48 38.44
CA PHE A 536 62.74 5.32 37.51
C PHE A 536 61.97 4.03 37.80
N ARG A 537 60.65 4.07 37.63
CA ARG A 537 59.83 2.90 37.80
C ARG A 537 60.24 1.79 36.81
N TYR A 538 60.65 2.19 35.61
CA TYR A 538 61.15 1.24 34.62
C TYR A 538 62.57 1.66 34.24
N ILE A 539 63.38 0.68 33.86
CA ILE A 539 64.73 0.96 33.34
C ILE A 539 64.68 1.16 31.82
N TYR A 540 65.19 2.29 31.34
CA TYR A 540 65.26 2.60 29.89
C TYR A 540 66.45 1.88 29.25
N PRO A 541 66.45 1.79 27.90
CA PRO A 541 67.61 1.12 27.26
C PRO A 541 68.85 2.01 27.29
N LYS A 542 68.66 3.30 27.55
CA LYS A 542 69.77 4.23 27.64
C LYS A 542 69.24 5.46 28.35
N ALA A 543 70.08 6.45 28.59
CA ALA A 543 69.68 7.66 29.29
C ALA A 543 68.49 8.32 28.59
N PRO A 544 67.39 8.52 29.34
CA PRO A 544 66.23 9.11 28.65
C PRO A 544 66.36 10.61 28.56
N THR A 545 65.42 11.22 27.83
CA THR A 545 65.36 12.64 27.72
C THR A 545 64.59 13.19 28.92
N VAL A 546 65.26 14.00 29.74
CA VAL A 546 64.70 14.39 31.04
C VAL A 546 64.36 15.88 31.11
N GLN A 547 63.19 16.21 31.66
CA GLN A 547 62.83 17.61 31.93
C GLN A 547 62.67 17.82 33.43
N VAL A 548 63.14 18.96 33.93
CA VAL A 548 62.89 19.32 35.33
C VAL A 548 62.48 20.77 35.43
N THR A 549 61.41 21.04 36.19
CA THR A 549 60.89 22.41 36.35
C THR A 549 60.56 22.63 37.82
N LYS A 550 60.94 23.80 38.37
CA LYS A 550 60.57 24.15 39.73
C LYS A 550 59.14 24.73 39.79
N THR A 551 58.32 24.21 40.71
CA THR A 551 57.00 24.80 40.94
C THR A 551 56.71 25.04 42.43
N ASP A 552 55.73 25.91 42.67
CA ASP A 552 55.10 26.10 43.96
C ASP A 552 55.96 26.81 45.00
N ARG A 553 56.87 27.64 44.51
CA ARG A 553 57.67 28.54 45.32
C ARG A 553 58.24 29.49 44.26
N SER A 554 58.40 30.78 44.59
CA SER A 554 59.07 31.70 43.68
C SER A 554 60.51 31.93 44.20
N TYR A 555 60.78 33.07 44.84
CA TYR A 555 62.07 33.27 45.50
C TYR A 555 62.14 32.44 46.77
N ALA A 556 63.19 31.62 46.86
CA ALA A 556 63.51 30.93 48.09
C ALA A 556 64.43 31.88 48.84
N GLY A 557 63.85 32.92 49.39
CA GLY A 557 64.61 34.00 49.96
C GLY A 557 65.16 34.91 48.87
N ASN A 558 66.36 34.61 48.38
CA ASN A 558 67.10 35.54 47.51
C ASN A 558 67.26 35.07 46.06
N ARG A 559 66.87 33.83 45.78
CA ARG A 559 67.12 33.21 44.48
C ARG A 559 65.95 32.29 44.11
N VAL A 560 65.66 32.20 42.81
CA VAL A 560 64.67 31.24 42.36
C VAL A 560 65.27 29.83 42.34
N GLY A 561 66.47 29.74 41.79
CA GLY A 561 67.14 28.47 41.59
C GLY A 561 66.84 27.90 40.22
N VAL A 562 67.83 27.20 39.66
CA VAL A 562 67.70 26.58 38.34
C VAL A 562 67.57 25.09 38.53
N ALA A 563 66.47 24.54 38.02
CA ALA A 563 66.19 23.13 38.15
C ALA A 563 66.92 22.35 37.07
N ILE A 564 67.67 21.33 37.47
CA ILE A 564 68.43 20.50 36.54
C ILE A 564 68.37 19.04 36.99
N ALA A 565 69.00 18.16 36.24
CA ALA A 565 69.23 16.81 36.73
C ALA A 565 70.71 16.46 36.49
N ASN A 566 71.41 15.98 37.53
CA ASN A 566 72.82 15.62 37.36
C ASN A 566 73.26 14.69 38.47
N PRO A 567 73.60 13.44 38.13
CA PRO A 567 73.62 12.83 36.79
C PRO A 567 72.24 12.36 36.35
N THR A 568 72.14 11.92 35.08
CA THR A 568 71.01 11.10 34.64
C THR A 568 71.60 9.80 34.13
N SER A 569 70.80 8.73 34.14
CA SER A 569 71.19 7.44 33.62
C SER A 569 69.95 6.70 33.12
N ALA A 570 70.16 5.52 32.56
CA ALA A 570 69.03 4.68 32.11
C ALA A 570 68.10 4.31 33.27
N SER A 571 68.62 4.28 34.50
CA SER A 571 67.85 3.82 35.66
C SER A 571 67.35 4.92 36.60
N GLY A 572 67.88 6.13 36.48
CA GLY A 572 67.46 7.19 37.39
C GLY A 572 68.13 8.52 37.13
N ALA A 573 67.96 9.44 38.08
CA ALA A 573 68.48 10.78 37.95
C ALA A 573 68.54 11.46 39.33
N THR A 574 69.48 12.38 39.49
CA THR A 574 69.54 13.20 40.69
C THR A 574 69.04 14.60 40.33
N LEU A 575 67.85 14.92 40.83
CA LEU A 575 67.26 16.22 40.59
C LEU A 575 67.99 17.25 41.40
N GLY A 576 68.02 18.49 40.92
CA GLY A 576 68.69 19.53 41.68
C GLY A 576 68.11 20.90 41.44
N LEU A 577 68.23 21.75 42.45
CA LEU A 577 67.89 23.16 42.34
C LEU A 577 69.13 23.93 42.76
N PHE A 578 69.68 24.70 41.82
CA PHE A 578 70.95 25.40 42.04
C PHE A 578 70.79 26.91 41.75
N THR A 579 71.25 27.77 42.65
CA THR A 579 71.26 29.19 42.31
C THR A 579 72.20 29.39 41.12
N ASP A 580 71.84 30.26 40.20
CA ASP A 580 72.58 30.35 38.95
C ASP A 580 74.01 30.80 39.20
N ASP A 581 74.16 31.73 40.14
CA ASP A 581 75.47 32.33 40.41
C ASP A 581 76.23 31.75 41.61
N GLY A 582 75.68 30.73 42.25
CA GLY A 582 76.38 30.05 43.33
C GLY A 582 76.23 30.69 44.70
N THR A 583 75.50 31.80 44.77
CA THR A 583 75.20 32.41 46.07
C THR A 583 74.36 31.41 46.88
N ASN A 584 74.61 31.28 48.18
CA ASN A 584 73.76 30.44 49.02
C ASN A 584 72.32 30.96 49.02
N PHE A 585 71.37 30.04 49.05
CA PHE A 585 69.98 30.42 49.30
C PHE A 585 69.90 31.07 50.68
N SER A 586 69.09 32.11 50.82
CA SER A 586 69.02 32.80 52.11
C SER A 586 67.87 32.33 53.00
N SER A 587 67.01 31.48 52.46
CA SER A 587 65.90 30.87 53.23
C SER A 587 65.89 29.37 53.04
N ALA A 588 65.37 28.69 54.05
CA ALA A 588 65.23 27.25 54.04
C ALA A 588 63.75 26.94 53.81
N VAL A 589 63.37 26.71 52.55
CA VAL A 589 61.94 26.50 52.23
C VAL A 589 61.74 25.42 51.17
N THR A 590 60.53 24.89 51.10
CA THR A 590 60.19 23.89 50.10
C THR A 590 60.10 24.42 48.66
N ASN A 591 60.36 23.52 47.72
CA ASN A 591 60.19 23.75 46.29
C ASN A 591 59.77 22.38 45.70
N GLN A 592 58.88 22.36 44.71
CA GLN A 592 58.53 21.11 44.02
C GLN A 592 59.32 20.96 42.71
N LEU A 593 60.19 19.96 42.62
CA LEU A 593 60.86 19.65 41.35
C LEU A 593 59.99 18.68 40.57
N ASN A 594 59.45 19.17 39.46
CA ASN A 594 58.59 18.39 38.60
C ASN A 594 59.48 17.76 37.54
N TRP A 595 59.67 16.45 37.60
CA TRP A 595 60.55 15.78 36.68
C TRP A 595 59.77 14.84 35.77
N GLN A 596 60.27 14.64 34.55
CA GLN A 596 59.83 13.55 33.73
C GLN A 596 60.93 13.04 32.79
N ALA A 597 60.74 11.81 32.28
CA ALA A 597 61.69 11.11 31.43
C ALA A 597 60.94 10.32 30.37
N GLY A 598 61.55 10.22 29.19
CA GLY A 598 61.03 9.38 28.12
C GLY A 598 62.02 9.37 26.98
N ILE A 599 61.70 8.62 25.93
CA ILE A 599 62.56 8.65 24.76
C ILE A 599 61.62 8.82 23.57
N TYR A 600 61.95 9.79 22.72
CA TYR A 600 61.01 10.29 21.72
C TYR A 600 61.72 10.51 20.36
N GLU A 601 62.33 9.47 19.81
CA GLU A 601 63.12 9.60 18.61
C GLU A 601 62.34 9.26 17.34
N VAL A 602 61.13 8.73 17.49
CA VAL A 602 60.39 8.32 16.30
C VAL A 602 58.89 8.48 16.55
N GLY B 13 16.07 -36.78 5.84
CA GLY B 13 15.88 -37.79 6.86
C GLY B 13 15.27 -39.07 6.30
N ARG B 14 15.24 -40.12 7.11
CA ARG B 14 14.67 -41.41 6.70
C ARG B 14 13.13 -41.44 6.73
N VAL B 15 12.52 -41.23 7.90
CA VAL B 15 11.05 -41.32 8.02
C VAL B 15 10.36 -39.97 8.01
N THR B 16 9.07 -39.96 7.69
CA THR B 16 8.28 -38.73 7.75
C THR B 16 7.13 -38.91 8.71
N PRO B 17 6.55 -37.80 9.20
CA PRO B 17 5.33 -37.90 10.01
C PRO B 17 4.18 -38.56 9.22
N ALA B 18 4.08 -38.26 7.92
CA ALA B 18 3.06 -38.88 7.06
C ALA B 18 3.06 -40.40 7.13
N GLN B 19 4.25 -41.00 7.17
CA GLN B 19 4.39 -42.45 7.24
C GLN B 19 3.82 -42.99 8.53
N PHE B 20 3.72 -42.13 9.54
CA PHE B 20 3.17 -42.53 10.81
C PHE B 20 1.78 -41.96 11.01
N GLY B 21 1.16 -41.51 9.92
CA GLY B 21 -0.24 -41.11 9.96
C GLY B 21 -0.57 -39.64 10.18
N ALA B 22 0.43 -38.76 10.17
CA ALA B 22 0.20 -37.33 10.35
C ALA B 22 -0.75 -36.75 9.31
N VAL B 23 -1.42 -35.65 9.68
CA VAL B 23 -2.22 -34.89 8.72
C VAL B 23 -1.50 -33.59 8.33
N GLY B 24 -1.17 -32.76 9.31
CA GLY B 24 -0.41 -31.54 9.04
C GLY B 24 -1.10 -30.52 8.16
N ASP B 25 -2.42 -30.46 8.22
CA ASP B 25 -3.18 -29.49 7.43
C ASP B 25 -3.53 -28.20 8.19
N GLY B 26 -3.01 -28.07 9.41
CA GLY B 26 -3.28 -26.89 10.22
C GLY B 26 -4.50 -26.95 11.12
N ALA B 27 -5.31 -27.99 10.98
CA ALA B 27 -6.50 -28.13 11.82
C ALA B 27 -6.25 -29.25 12.82
N SER B 28 -7.03 -29.24 13.90
CA SER B 28 -7.00 -30.32 14.90
C SER B 28 -7.57 -31.63 14.38
N HIS B 29 -6.94 -32.73 14.75
CA HIS B 29 -7.44 -34.06 14.43
C HIS B 29 -7.11 -34.95 15.61
N PRO B 30 -8.00 -34.98 16.60
CA PRO B 30 -7.75 -35.89 17.73
C PRO B 30 -7.79 -37.35 17.25
N LEU B 31 -7.11 -38.22 17.99
CA LEU B 31 -7.08 -39.65 17.69
C LEU B 31 -8.50 -40.23 17.58
N SER B 32 -9.44 -39.64 18.32
CA SER B 32 -10.84 -40.09 18.27
C SER B 32 -11.45 -40.02 16.86
N GLU B 33 -10.92 -39.17 15.99
CA GLU B 33 -11.34 -39.19 14.59
C GLU B 33 -11.06 -40.51 13.90
N ARG B 34 -10.08 -41.27 14.39
CA ARG B 34 -9.67 -42.49 13.71
C ARG B 34 -9.89 -43.75 14.51
N TYR B 35 -9.82 -43.65 15.83
CA TYR B 35 -9.89 -44.84 16.67
C TYR B 35 -11.05 -44.71 17.62
N ALA B 36 -11.84 -45.78 17.70
CA ALA B 36 -12.99 -45.81 18.59
C ALA B 36 -12.56 -45.96 20.06
N THR B 37 -11.42 -46.60 20.31
CA THR B 37 -11.01 -46.89 21.68
C THR B 37 -9.53 -46.55 21.90
N LEU B 38 -9.18 -46.29 23.15
CA LEU B 38 -7.78 -45.99 23.48
C LEU B 38 -6.89 -47.20 23.16
N ALA B 39 -7.39 -48.41 23.41
CA ALA B 39 -6.63 -49.62 23.08
C ALA B 39 -6.29 -49.68 21.58
N GLU B 40 -7.27 -49.39 20.73
CA GLU B 40 -7.05 -49.43 19.30
C GLU B 40 -6.02 -48.37 18.90
N ALA B 41 -6.14 -47.18 19.45
CA ALA B 41 -5.14 -46.13 19.16
C ALA B 41 -3.73 -46.55 19.60
N GLN B 42 -3.62 -47.23 20.73
CA GLN B 42 -2.31 -47.58 21.30
C GLN B 42 -1.66 -48.74 20.57
N THR B 43 -2.47 -49.51 19.84
CA THR B 43 -1.93 -50.49 18.92
C THR B 43 -1.07 -49.82 17.85
N VAL B 44 -1.45 -48.61 17.47
CA VAL B 44 -0.72 -47.87 16.45
C VAL B 44 0.29 -46.92 17.11
N TYR B 45 -0.14 -46.24 18.17
CA TYR B 45 0.72 -45.29 18.90
C TYR B 45 0.82 -45.68 20.38
N PRO B 46 1.80 -46.54 20.73
CA PRO B 46 1.82 -47.09 22.09
C PRO B 46 1.91 -46.00 23.15
N HIS B 47 2.51 -44.86 22.85
CA HIS B 47 2.64 -43.86 23.90
C HIS B 47 1.63 -42.71 23.84
N ALA B 48 0.57 -42.89 23.05
CA ALA B 48 -0.58 -42.01 23.13
C ALA B 48 -1.18 -42.10 24.54
N VAL B 49 -1.62 -40.97 25.09
CA VAL B 49 -2.17 -40.93 26.43
C VAL B 49 -3.71 -40.98 26.44
N ALA B 50 -4.33 -40.34 25.46
CA ALA B 50 -5.78 -40.23 25.40
C ALA B 50 -6.27 -40.03 23.98
N LEU B 51 -7.49 -40.48 23.71
CA LEU B 51 -8.09 -40.29 22.38
C LEU B 51 -8.17 -38.83 21.96
N SER B 52 -8.05 -37.91 22.92
CA SER B 52 -8.10 -36.49 22.58
C SER B 52 -6.73 -35.94 22.14
N ASP B 53 -5.67 -36.75 22.25
CA ASP B 53 -4.34 -36.36 21.74
C ASP B 53 -4.41 -36.11 20.23
N GLU B 54 -3.58 -35.19 19.73
CA GLU B 54 -3.53 -34.90 18.30
C GLU B 54 -2.86 -36.02 17.51
N ILE B 55 -3.47 -36.40 16.39
CA ILE B 55 -2.83 -37.31 15.47
C ILE B 55 -1.43 -36.81 15.03
N ASP B 56 -1.28 -35.50 14.79
CA ASP B 56 0.02 -34.97 14.36
C ASP B 56 1.08 -35.22 15.43
N TRP B 57 0.69 -35.03 16.68
CA TRP B 57 1.64 -35.28 17.76
C TRP B 57 2.01 -36.77 17.84
N ALA B 58 0.99 -37.61 17.85
CA ALA B 58 1.21 -39.06 17.90
C ALA B 58 2.12 -39.51 16.75
N ALA B 59 1.87 -39.01 15.55
CA ALA B 59 2.69 -39.36 14.38
C ALA B 59 4.14 -38.87 14.50
N LEU B 60 4.32 -37.62 14.92
CA LEU B 60 5.65 -37.04 15.02
C LEU B 60 6.42 -37.72 16.11
N GLN B 61 5.77 -37.95 17.25
CA GLN B 61 6.44 -38.65 18.36
C GLN B 61 6.84 -40.06 17.95
N ALA B 62 5.94 -40.75 17.24
CA ALA B 62 6.24 -42.12 16.78
C ALA B 62 7.40 -42.14 15.78
N ALA B 63 7.45 -41.11 14.94
CA ALA B 63 8.55 -41.00 13.98
C ALA B 63 9.88 -40.83 14.71
N VAL B 64 9.91 -39.91 15.67
CA VAL B 64 11.09 -39.75 16.51
C VAL B 64 11.44 -41.07 17.19
N ASP B 65 10.43 -41.74 17.74
CA ASP B 65 10.63 -42.98 18.48
C ASP B 65 11.21 -44.09 17.61
N SER B 66 11.06 -43.98 16.31
CA SER B 66 11.59 -44.99 15.42
C SER B 66 13.12 -45.07 15.50
N GLY B 67 13.77 -44.00 15.96
CA GLY B 67 15.23 -43.98 15.96
C GLY B 67 15.88 -43.55 14.64
N ALA B 68 15.08 -43.48 13.59
CA ALA B 68 15.56 -42.97 12.31
C ALA B 68 15.51 -41.44 12.29
N PRO B 69 16.37 -40.81 11.46
CA PRO B 69 16.25 -39.36 11.25
C PRO B 69 14.88 -39.05 10.69
N VAL B 70 14.28 -37.94 11.14
CA VAL B 70 12.94 -37.56 10.74
C VAL B 70 12.98 -36.39 9.79
N HIS B 71 12.31 -36.52 8.65
CA HIS B 71 12.14 -35.41 7.74
C HIS B 71 10.70 -34.94 7.82
N ILE B 72 10.52 -33.63 8.05
CA ILE B 72 9.18 -33.06 8.18
C ILE B 72 8.90 -32.21 6.94
N PRO B 73 8.04 -32.71 6.05
CA PRO B 73 7.60 -31.97 4.85
C PRO B 73 6.86 -30.73 5.28
N SER B 74 6.80 -29.70 4.43
CA SER B 74 5.91 -28.55 4.61
C SER B 74 4.55 -29.00 5.09
N GLY B 75 4.06 -28.32 6.10
CA GLY B 75 2.76 -28.63 6.68
C GLY B 75 2.71 -27.95 8.04
N ASP B 76 1.56 -28.02 8.69
CA ASP B 76 1.34 -27.26 9.90
C ASP B 76 0.80 -28.25 10.92
N TYR B 77 1.69 -28.79 11.74
CA TYR B 77 1.37 -29.95 12.57
C TYR B 77 0.91 -29.53 13.97
N GLN B 78 -0.29 -29.96 14.36
CA GLN B 78 -0.87 -29.54 15.61
C GLN B 78 -0.51 -30.54 16.70
N ILE B 79 0.14 -30.06 17.76
CA ILE B 79 0.54 -30.95 18.84
C ILE B 79 0.04 -30.48 20.19
N ASN B 80 -0.36 -31.40 21.05
CA ASN B 80 -0.87 -30.99 22.34
C ASN B 80 0.07 -31.45 23.45
N ARG B 81 1.20 -32.04 23.06
CA ARG B 81 2.20 -32.51 24.03
C ARG B 81 3.55 -32.26 23.43
N GLY B 82 4.58 -32.21 24.28
CA GLY B 82 5.92 -32.03 23.77
C GLY B 82 6.35 -33.22 22.91
N ILE B 83 7.20 -32.95 21.94
N ILE B 83 7.24 -32.95 21.96
CA ILE B 83 7.91 -34.02 21.26
CA ILE B 83 7.93 -34.00 21.22
C ILE B 83 9.24 -34.18 21.99
C ILE B 83 9.29 -34.21 21.89
N SER B 84 9.50 -35.37 22.50
CA SER B 84 10.69 -35.54 23.34
C SER B 84 11.51 -36.80 23.05
N SER B 85 12.77 -36.77 23.46
N SER B 85 12.76 -36.79 23.49
CA SER B 85 13.65 -37.92 23.28
CA SER B 85 13.57 -37.97 23.36
C SER B 85 14.71 -37.98 24.37
C SER B 85 14.64 -38.01 24.44
N THR B 86 15.22 -39.19 24.62
CA THR B 86 16.44 -39.33 25.40
C THR B 86 17.59 -39.71 24.45
N GLY B 87 18.79 -39.17 24.71
CA GLY B 87 19.95 -39.50 23.90
C GLY B 87 20.11 -38.83 22.53
N SER B 88 19.15 -39.03 21.63
CA SER B 88 19.29 -38.50 20.26
C SER B 88 17.97 -37.94 19.66
N LEU B 89 18.08 -36.90 18.84
CA LEU B 89 16.90 -36.33 18.20
C LEU B 89 17.38 -35.76 16.89
N GLN B 90 16.86 -36.27 15.77
CA GLN B 90 17.26 -35.80 14.45
C GLN B 90 16.03 -35.40 13.69
N ILE B 91 15.87 -34.11 13.44
CA ILE B 91 14.66 -33.60 12.77
C ILE B 91 15.09 -32.54 11.78
N ALA B 92 14.68 -32.70 10.53
CA ALA B 92 14.95 -31.70 9.50
C ALA B 92 13.69 -31.48 8.65
N GLY B 93 13.39 -30.22 8.33
CA GLY B 93 12.19 -29.89 7.57
C GLY B 93 12.54 -29.22 6.25
N ASP B 94 11.55 -28.57 5.63
CA ASP B 94 11.78 -27.93 4.34
C ASP B 94 11.96 -26.44 4.50
N GLY B 95 12.23 -26.01 5.73
CA GLY B 95 12.35 -24.61 6.02
C GLY B 95 11.18 -24.11 6.86
N ALA B 96 10.90 -22.82 6.75
CA ALA B 96 9.96 -22.17 7.65
C ALA B 96 8.53 -22.64 7.42
N THR B 97 8.30 -23.36 6.32
CA THR B 97 6.94 -23.89 6.05
C THR B 97 6.71 -25.24 6.72
N SER B 98 7.75 -25.79 7.34
CA SER B 98 7.61 -27.02 8.13
C SER B 98 7.35 -26.57 9.57
N ILE B 99 6.08 -26.44 9.91
CA ILE B 99 5.66 -25.80 11.16
C ILE B 99 5.17 -26.79 12.20
N ILE B 100 5.73 -26.69 13.40
CA ILE B 100 5.24 -27.45 14.55
C ILE B 100 4.56 -26.45 15.50
N ARG B 101 3.29 -26.69 15.81
CA ARG B 101 2.44 -25.67 16.44
C ARG B 101 1.66 -26.25 17.61
N PRO B 102 2.10 -25.98 18.84
CA PRO B 102 1.30 -26.30 20.02
C PRO B 102 -0.14 -25.77 19.92
N THR B 103 -1.13 -26.57 20.30
CA THR B 103 -2.51 -26.11 20.23
C THR B 103 -2.88 -25.47 21.57
N ALA B 104 -4.10 -24.93 21.65
CA ALA B 104 -4.57 -24.32 22.88
C ALA B 104 -4.54 -25.34 24.03
N ALA B 105 -4.62 -26.63 23.69
CA ALA B 105 -4.67 -27.69 24.70
C ALA B 105 -3.29 -28.21 25.11
N PHE B 106 -2.23 -27.56 24.63
CA PHE B 106 -0.87 -28.05 24.90
C PHE B 106 -0.56 -28.16 26.38
N THR B 107 0.05 -29.28 26.75
CA THR B 107 0.66 -29.43 28.06
C THR B 107 2.06 -29.98 27.89
N GLY B 108 2.99 -29.42 28.64
CA GLY B 108 4.38 -29.82 28.52
C GLY B 108 5.34 -28.68 28.78
N THR B 109 6.59 -29.03 29.07
CA THR B 109 7.62 -28.05 29.39
C THR B 109 8.23 -27.45 28.13
N SER B 110 8.44 -28.28 27.10
CA SER B 110 9.12 -27.86 25.88
C SER B 110 8.39 -28.36 24.63
N VAL B 111 8.48 -27.60 23.55
CA VAL B 111 7.88 -28.07 22.29
C VAL B 111 8.64 -29.27 21.74
N LEU B 112 9.98 -29.17 21.73
CA LEU B 112 10.84 -30.19 21.19
C LEU B 112 11.97 -30.32 22.21
N SER B 113 12.31 -31.55 22.58
CA SER B 113 13.36 -31.71 23.58
C SER B 113 14.15 -32.99 23.42
N CYS B 114 15.43 -32.92 23.75
CA CYS B 114 16.28 -34.11 23.82
C CYS B 114 17.16 -34.01 25.05
N VAL B 115 17.18 -35.06 25.87
CA VAL B 115 17.95 -35.05 27.11
C VAL B 115 18.93 -36.23 27.13
N GLY B 116 20.22 -35.96 27.27
CA GLY B 116 21.21 -37.02 27.46
C GLY B 116 21.37 -37.31 28.94
N SER B 117 22.43 -38.01 29.30
N SER B 117 22.43 -38.01 29.30
CA SER B 117 22.62 -38.46 30.66
CA SER B 117 22.58 -38.47 30.68
C SER B 117 23.99 -38.11 31.22
C SER B 117 23.97 -38.25 31.25
N LEU B 118 24.02 -37.89 32.53
CA LEU B 118 25.28 -37.75 33.25
C LEU B 118 25.44 -39.05 34.03
N VAL B 119 26.49 -39.81 33.72
CA VAL B 119 26.71 -41.12 34.30
C VAL B 119 27.93 -41.05 35.18
N ALA B 120 27.77 -41.44 36.45
CA ALA B 120 28.83 -41.32 37.45
C ALA B 120 30.10 -42.02 37.00
N LEU B 121 31.23 -41.34 37.17
CA LEU B 121 32.57 -41.92 36.93
C LEU B 121 33.21 -42.06 38.31
N PRO B 122 34.32 -42.80 38.41
CA PRO B 122 35.00 -42.80 39.73
C PRO B 122 35.48 -41.38 40.13
N ASN B 123 35.75 -41.21 41.42
CA ASN B 123 36.31 -39.96 41.95
C ASN B 123 37.74 -39.73 41.48
N ILE B 124 38.22 -38.50 41.66
CA ILE B 124 39.57 -38.15 41.24
C ILE B 124 40.40 -37.57 42.39
N SER B 125 41.74 -37.64 42.26
CA SER B 125 42.64 -36.92 43.16
C SER B 125 42.49 -35.43 42.94
N SER B 126 42.88 -34.64 43.94
CA SER B 126 42.99 -33.19 43.78
C SER B 126 43.87 -32.81 42.59
N VAL B 127 43.49 -31.74 41.89
CA VAL B 127 44.19 -31.33 40.68
C VAL B 127 44.32 -29.79 40.64
N SER B 128 45.41 -29.30 40.06
N SER B 128 45.41 -29.29 40.09
CA SER B 128 45.66 -27.87 39.96
CA SER B 128 45.61 -27.84 40.03
C SER B 128 45.04 -27.25 38.73
C SER B 128 45.08 -27.24 38.73
N ALA B 129 44.79 -25.94 38.78
CA ALA B 129 44.33 -25.24 37.59
C ALA B 129 45.45 -25.30 36.57
N GLY B 130 45.10 -25.41 35.28
CA GLY B 130 46.10 -25.46 34.24
C GLY B 130 46.61 -26.85 33.95
N SER B 131 46.19 -27.83 34.75
N SER B 131 46.18 -27.82 34.74
CA SER B 131 46.62 -29.21 34.54
CA SER B 131 46.62 -29.21 34.55
C SER B 131 45.92 -29.81 33.32
C SER B 131 45.89 -29.86 33.38
N LEU B 132 46.54 -30.84 32.74
CA LEU B 132 45.90 -31.60 31.68
C LEU B 132 45.93 -33.08 32.01
N THR B 133 46.03 -33.39 33.30
CA THR B 133 46.08 -34.78 33.75
C THR B 133 45.18 -35.03 34.96
N ILE B 134 44.35 -36.07 34.86
CA ILE B 134 43.38 -36.39 35.87
C ILE B 134 43.60 -37.83 36.32
N ASP B 135 43.68 -38.02 37.64
CA ASP B 135 43.89 -39.34 38.23
C ASP B 135 42.61 -39.88 38.89
N PHE B 136 42.02 -40.91 38.29
CA PHE B 136 40.79 -41.51 38.78
C PHE B 136 41.09 -42.57 39.82
N ALA B 137 40.18 -42.68 40.80
CA ALA B 137 40.35 -43.62 41.90
C ALA B 137 40.34 -45.08 41.44
N SER B 138 39.73 -45.35 40.30
CA SER B 138 39.65 -46.72 39.78
C SER B 138 39.39 -46.64 38.29
N THR B 139 39.37 -47.77 37.59
CA THR B 139 39.31 -47.75 36.12
C THR B 139 38.11 -46.97 35.54
N PRO B 140 38.35 -45.87 34.79
CA PRO B 140 37.24 -45.11 34.24
C PRO B 140 36.77 -45.61 32.90
N ASN B 141 35.45 -45.59 32.66
CA ASN B 141 34.92 -46.01 31.37
C ASN B 141 34.98 -44.86 30.36
N LEU B 142 36.20 -44.52 29.94
CA LEU B 142 36.47 -43.39 29.05
C LEU B 142 37.45 -43.78 27.95
N VAL B 143 37.23 -43.26 26.74
CA VAL B 143 38.22 -43.34 25.66
C VAL B 143 38.43 -41.95 25.05
N ALA B 144 39.46 -41.81 24.21
CA ALA B 144 39.77 -40.53 23.57
C ALA B 144 38.53 -39.96 22.89
N GLY B 145 38.30 -38.66 23.06
CA GLY B 145 37.16 -38.01 22.44
C GLY B 145 35.95 -37.95 23.39
N ASP B 146 35.97 -38.74 24.45
CA ASP B 146 34.84 -38.74 25.38
C ASP B 146 34.80 -37.41 26.16
N VAL B 147 33.64 -37.07 26.69
CA VAL B 147 33.46 -35.81 27.44
C VAL B 147 32.95 -36.09 28.84
N PHE B 148 33.56 -35.45 29.82
CA PHE B 148 33.08 -35.56 31.19
C PHE B 148 33.02 -34.22 31.87
N ILE B 149 32.22 -34.16 32.93
CA ILE B 149 32.06 -32.96 33.74
C ILE B 149 32.61 -33.22 35.14
N ILE B 150 33.52 -32.36 35.57
CA ILE B 150 33.89 -32.30 36.98
C ILE B 150 32.89 -31.36 37.64
N TYR B 151 32.25 -31.79 38.73
CA TYR B 151 31.21 -30.99 39.36
C TYR B 151 31.39 -30.88 40.87
N ASN B 152 31.32 -29.66 41.38
CA ASN B 152 31.36 -29.43 42.82
C ASN B 152 29.96 -29.09 43.33
N PRO B 153 29.33 -30.01 44.09
CA PRO B 153 27.96 -29.75 44.55
C PRO B 153 27.88 -28.66 45.61
N THR B 154 29.02 -28.17 46.12
CA THR B 154 28.95 -27.15 47.17
C THR B 154 28.39 -25.84 46.62
N ASP B 155 27.36 -25.29 47.27
CA ASP B 155 26.80 -24.02 46.85
C ASP B 155 27.84 -22.93 46.71
N SER B 156 27.72 -22.15 45.63
CA SER B 156 28.60 -21.00 45.39
C SER B 156 30.06 -21.37 45.30
N SER B 157 30.35 -22.61 44.94
CA SER B 157 31.74 -23.03 44.82
C SER B 157 32.50 -22.30 43.67
N PHE B 158 31.79 -21.75 42.68
CA PHE B 158 32.47 -20.88 41.71
C PHE B 158 32.38 -19.37 42.11
N SER B 159 31.17 -18.92 42.41
CA SER B 159 30.94 -17.51 42.81
C SER B 159 29.94 -17.38 43.96
N GLY B 160 30.23 -16.48 44.90
CA GLY B 160 29.36 -16.28 46.02
C GLY B 160 28.12 -15.47 45.68
N PHE B 161 28.05 -14.91 44.46
CA PHE B 161 26.94 -14.02 44.13
C PHE B 161 25.59 -14.77 44.09
N ARG B 162 25.61 -16.04 43.72
CA ARG B 162 24.40 -16.88 43.74
C ARG B 162 24.75 -18.27 44.18
N THR B 163 23.85 -18.92 44.91
N THR B 163 23.83 -18.87 44.93
CA THR B 163 24.09 -20.27 45.38
CA THR B 163 23.87 -20.26 45.37
C THR B 163 24.22 -21.30 44.25
C THR B 163 24.24 -21.23 44.24
N SER B 164 23.56 -21.07 43.12
CA SER B 164 23.65 -22.01 42.00
C SER B 164 24.94 -21.85 41.18
N TYR B 165 25.77 -20.87 41.53
CA TYR B 165 27.01 -20.67 40.78
C TYR B 165 28.08 -21.64 41.31
N ARG B 166 27.92 -22.90 40.95
CA ARG B 166 28.79 -23.95 41.45
C ARG B 166 29.99 -24.17 40.52
N ALA B 167 31.06 -24.72 41.08
CA ALA B 167 32.33 -24.91 40.37
C ALA B 167 32.32 -26.21 39.57
N GLY B 168 33.18 -26.26 38.56
CA GLY B 168 33.42 -27.48 37.81
C GLY B 168 33.67 -27.08 36.36
N GLU B 169 33.78 -28.04 35.45
CA GLU B 169 33.93 -27.72 34.03
C GLU B 169 33.84 -28.98 33.18
N PHE B 170 33.76 -28.80 31.86
CA PHE B 170 33.78 -29.91 30.90
C PHE B 170 35.18 -30.24 30.40
N CYS B 171 35.51 -31.53 30.39
CA CYS B 171 36.83 -31.98 29.93
C CYS B 171 36.67 -32.96 28.78
N GLU B 172 37.59 -32.90 27.83
CA GLU B 172 37.52 -33.76 26.64
C GLU B 172 38.74 -34.69 26.68
N VAL B 173 38.49 -36.00 26.67
CA VAL B 173 39.56 -36.98 26.89
C VAL B 173 40.59 -37.01 25.73
N ARG B 174 41.87 -36.92 26.09
CA ARG B 174 42.93 -37.10 25.12
C ARG B 174 43.39 -38.55 25.04
N ALA B 175 43.71 -39.15 26.19
CA ALA B 175 44.12 -40.54 26.23
C ALA B 175 43.89 -41.09 27.63
N VAL B 176 43.87 -42.41 27.73
CA VAL B 176 43.64 -43.08 29.01
C VAL B 176 44.76 -44.11 29.15
N SER B 177 45.42 -44.11 30.29
CA SER B 177 46.40 -45.14 30.56
C SER B 177 46.21 -45.56 32.00
N GLY B 178 45.72 -46.78 32.22
CA GLY B 178 45.39 -47.22 33.56
C GLY B 178 44.33 -46.31 34.15
N ASN B 179 44.57 -45.77 35.34
CA ASN B 179 43.62 -44.85 35.96
C ASN B 179 43.84 -43.39 35.61
N THR B 180 44.85 -43.13 34.79
CA THR B 180 45.22 -41.77 34.43
C THR B 180 44.59 -41.34 33.12
N VAL B 181 43.86 -40.23 33.17
CA VAL B 181 43.20 -39.69 31.99
C VAL B 181 43.78 -38.30 31.63
N THR B 182 44.35 -38.19 30.45
CA THR B 182 44.85 -36.89 30.03
C THR B 182 43.75 -36.20 29.21
N ILE B 183 43.78 -34.88 29.17
CA ILE B 183 42.66 -34.15 28.54
C ILE B 183 43.20 -33.18 27.51
N ARG B 184 42.31 -32.72 26.63
CA ARG B 184 42.72 -31.97 25.47
C ARG B 184 42.97 -30.45 25.67
N SER B 185 42.43 -29.86 26.74
CA SER B 185 42.78 -28.47 27.06
C SER B 185 42.94 -28.29 28.57
N ALA B 186 43.73 -27.29 28.96
CA ALA B 186 44.05 -27.08 30.39
C ALA B 186 42.81 -26.72 31.23
N LEU B 187 42.75 -27.26 32.44
CA LEU B 187 41.68 -26.92 33.37
C LEU B 187 41.65 -25.42 33.69
N TYR B 188 40.45 -24.83 33.70
CA TYR B 188 40.27 -23.44 34.11
C TYR B 188 40.48 -23.26 35.61
N ALA B 189 40.23 -24.32 36.39
CA ALA B 189 40.25 -24.20 37.85
C ALA B 189 40.85 -25.41 38.53
N ALA B 190 41.17 -25.24 39.81
CA ALA B 190 41.71 -26.29 40.64
C ALA B 190 40.55 -26.94 41.37
N TYR B 191 40.68 -28.23 41.69
CA TYR B 191 39.65 -28.97 42.43
C TYR B 191 40.27 -29.83 43.52
N ASP B 192 39.65 -29.78 44.71
CA ASP B 192 39.93 -30.68 45.82
C ASP B 192 39.19 -31.98 45.50
N GLY B 193 39.93 -33.08 45.41
CA GLY B 193 39.38 -34.34 44.97
C GLY B 193 38.24 -34.79 45.86
N ALA B 194 38.29 -34.37 47.12
CA ALA B 194 37.27 -34.78 48.08
C ALA B 194 35.97 -34.01 47.92
N THR B 195 35.96 -33.00 47.07
CA THR B 195 34.76 -32.16 46.95
C THR B 195 34.03 -32.24 45.61
N VAL B 196 34.52 -33.04 44.66
CA VAL B 196 33.90 -33.07 43.33
C VAL B 196 33.36 -34.46 42.99
N ALA B 197 32.29 -34.49 42.20
CA ALA B 197 31.76 -35.71 41.62
C ALA B 197 31.95 -35.58 40.11
N ILE B 198 32.32 -36.69 39.47
CA ILE B 198 32.67 -36.68 38.05
C ILE B 198 31.61 -37.50 37.30
N TYR B 199 31.24 -37.01 36.11
CA TYR B 199 30.16 -37.60 35.32
C TYR B 199 30.54 -37.61 33.88
N LYS B 200 30.33 -38.75 33.23
CA LYS B 200 30.50 -38.88 31.80
C LYS B 200 29.25 -38.31 31.12
N VAL B 201 29.44 -37.60 30.02
CA VAL B 201 28.28 -37.11 29.29
C VAL B 201 27.96 -38.11 28.19
N VAL B 202 26.82 -38.79 28.32
CA VAL B 202 26.46 -39.88 27.42
C VAL B 202 25.26 -39.40 26.65
N SER B 203 25.42 -39.29 25.33
CA SER B 203 24.36 -38.79 24.47
C SER B 203 24.63 -39.22 23.05
N GLY B 204 23.61 -39.13 22.20
CA GLY B 204 23.76 -39.45 20.80
C GLY B 204 23.65 -38.22 19.93
N VAL B 205 23.14 -38.40 18.71
CA VAL B 205 23.16 -37.31 17.74
C VAL B 205 21.93 -36.39 17.91
N VAL B 206 22.19 -35.11 18.13
CA VAL B 206 21.12 -34.10 18.11
C VAL B 206 21.33 -33.10 16.99
N ASP B 207 20.35 -33.04 16.10
CA ASP B 207 20.43 -32.18 14.93
C ASP B 207 19.01 -31.73 14.59
N ILE B 208 18.75 -30.45 14.77
N ILE B 208 18.74 -30.44 14.74
CA ILE B 208 17.45 -29.87 14.47
CA ILE B 208 17.42 -29.86 14.50
C ILE B 208 17.71 -28.83 13.39
C ILE B 208 17.54 -28.74 13.48
N ALA B 209 17.01 -28.95 12.28
CA ALA B 209 17.22 -27.97 11.22
C ALA B 209 15.99 -27.68 10.39
N SER B 210 15.90 -26.43 9.91
CA SER B 210 15.00 -26.11 8.80
C SER B 210 13.57 -26.41 9.12
N ILE B 211 13.13 -25.95 10.30
CA ILE B 211 11.75 -26.06 10.72
C ILE B 211 11.37 -24.73 11.38
N GLN B 212 10.08 -24.54 11.58
CA GLN B 212 9.57 -23.43 12.36
C GLN B 212 8.72 -23.96 13.52
N ILE B 213 9.02 -23.49 14.73
CA ILE B 213 8.20 -23.79 15.89
C ILE B 213 7.41 -22.53 16.20
N VAL B 214 6.07 -22.61 16.16
CA VAL B 214 5.27 -21.47 16.64
C VAL B 214 4.75 -21.89 17.99
N GLY B 215 5.49 -21.52 19.04
CA GLY B 215 5.32 -22.08 20.36
C GLY B 215 4.10 -21.62 21.15
N GLY B 216 3.70 -20.36 20.98
CA GLY B 216 2.58 -19.83 21.73
C GLY B 216 2.95 -19.53 23.17
N THR B 217 1.93 -19.55 24.03
CA THR B 217 2.06 -19.07 25.39
C THR B 217 2.28 -20.15 26.42
N VAL B 218 2.07 -21.42 26.06
CA VAL B 218 2.14 -22.47 27.09
C VAL B 218 3.53 -23.07 27.42
N PRO B 219 4.29 -23.50 26.40
CA PRO B 219 5.58 -24.18 26.64
C PRO B 219 6.55 -23.25 27.35
N MET B 220 7.35 -23.74 28.30
CA MET B 220 8.42 -22.91 28.85
C MET B 220 9.50 -22.68 27.83
N ASN B 221 9.83 -23.73 27.06
CA ASN B 221 10.89 -23.64 26.08
C ASN B 221 10.39 -23.98 24.71
N GLY B 222 10.95 -23.33 23.69
CA GLY B 222 10.67 -23.73 22.33
C GLY B 222 11.43 -25.02 22.07
N LEU B 223 12.74 -24.97 22.23
N LEU B 223 12.74 -24.94 22.20
CA LEU B 223 13.58 -26.17 22.10
CA LEU B 223 13.63 -26.10 22.13
C LEU B 223 14.47 -26.28 23.33
C LEU B 223 14.34 -26.24 23.46
N LEU B 224 14.50 -27.48 23.93
CA LEU B 224 15.38 -27.76 25.07
C LEU B 224 16.32 -28.90 24.67
N VAL B 225 17.62 -28.72 24.82
CA VAL B 225 18.58 -29.80 24.59
C VAL B 225 19.44 -29.81 25.85
N GLU B 226 19.49 -30.95 26.53
CA GLU B 226 20.13 -31.01 27.83
C GLU B 226 21.13 -32.18 27.89
N ALA B 227 22.31 -31.95 28.45
CA ALA B 227 23.34 -32.99 28.63
C ALA B 227 23.68 -33.72 27.33
N VAL B 228 24.03 -32.95 26.29
CA VAL B 228 24.38 -33.55 25.02
C VAL B 228 25.71 -32.97 24.51
N VAL B 229 26.52 -33.82 23.89
CA VAL B 229 27.77 -33.41 23.24
C VAL B 229 27.52 -33.01 21.79
N SER B 230 27.90 -31.76 21.45
CA SER B 230 27.81 -31.19 20.11
C SER B 230 26.42 -31.25 19.46
N PRO B 231 25.38 -30.85 20.20
CA PRO B 231 24.10 -30.74 19.48
C PRO B 231 24.16 -29.60 18.48
N ARG B 232 23.32 -29.70 17.45
CA ARG B 232 23.32 -28.74 16.35
C ARG B 232 21.92 -28.24 16.09
N VAL B 233 21.74 -26.92 16.04
CA VAL B 233 20.45 -26.31 15.65
C VAL B 233 20.78 -25.33 14.52
N ASP B 234 20.14 -25.49 13.36
CA ASP B 234 20.53 -24.67 12.21
C ASP B 234 19.30 -24.32 11.40
N ASP B 235 19.24 -23.07 10.94
N ASP B 235 19.26 -23.10 10.88
CA ASP B 235 18.20 -22.65 10.02
CA ASP B 235 18.16 -22.65 10.01
C ASP B 235 16.80 -22.88 10.65
C ASP B 235 16.77 -22.80 10.64
N VAL B 236 16.62 -22.57 11.93
CA VAL B 236 15.30 -22.71 12.53
C VAL B 236 14.67 -21.36 12.78
N THR B 237 13.34 -21.35 12.79
CA THR B 237 12.61 -20.18 13.20
C THR B 237 11.80 -20.55 14.45
N VAL B 238 11.94 -19.79 15.53
CA VAL B 238 11.19 -20.13 16.74
C VAL B 238 10.51 -18.89 17.27
N THR B 239 9.21 -18.98 17.55
CA THR B 239 8.54 -17.91 18.27
C THR B 239 7.86 -18.51 19.48
N LEU B 240 7.68 -17.70 20.50
CA LEU B 240 7.19 -18.20 21.77
C LEU B 240 6.77 -16.97 22.55
N ALA B 241 5.95 -17.18 23.57
CA ALA B 241 5.60 -16.11 24.51
C ALA B 241 5.70 -16.71 25.89
N ASN B 242 6.92 -17.06 26.28
CA ASN B 242 7.17 -17.71 27.55
C ASN B 242 8.63 -17.54 28.00
N ASN B 243 9.25 -18.60 28.51
CA ASN B 243 10.55 -18.44 29.18
C ASN B 243 11.80 -18.44 28.31
N ALA B 244 11.92 -19.38 27.36
CA ALA B 244 13.15 -19.46 26.54
C ALA B 244 12.85 -20.01 25.16
N GLY B 245 13.20 -19.25 24.13
CA GLY B 245 13.05 -19.76 22.78
C GLY B 245 13.84 -21.04 22.60
N VAL B 246 15.14 -20.98 22.89
CA VAL B 246 16.03 -22.15 22.79
C VAL B 246 16.83 -22.21 24.09
N TYR B 247 16.85 -23.37 24.73
CA TYR B 247 17.58 -23.53 25.98
C TYR B 247 18.51 -24.70 25.84
N PHE B 248 19.82 -24.43 25.89
CA PHE B 248 20.83 -25.47 25.97
C PHE B 248 21.26 -25.59 27.44
N ALA B 249 21.15 -26.79 28.00
CA ALA B 249 21.49 -26.99 29.42
C ALA B 249 22.57 -28.07 29.50
N ARG B 250 23.69 -27.75 30.14
CA ARG B 250 24.75 -28.74 30.32
C ARG B 250 25.18 -29.39 29.00
N CYS B 251 25.33 -28.59 27.95
CA CYS B 251 25.79 -29.10 26.68
C CYS B 251 27.23 -28.70 26.45
N TYR B 252 27.94 -29.56 25.76
CA TYR B 252 29.34 -29.31 25.35
C TYR B 252 29.29 -29.02 23.87
N ASP B 253 29.79 -27.85 23.46
CA ASP B 253 29.87 -27.49 22.04
C ASP B 253 28.48 -27.43 21.38
N ALA B 254 27.49 -26.90 22.08
CA ALA B 254 26.20 -26.65 21.46
C ALA B 254 26.36 -25.51 20.46
N LYS B 255 25.89 -25.69 19.23
CA LYS B 255 25.92 -24.59 18.27
C LYS B 255 24.54 -24.33 17.68
N ILE B 256 24.09 -23.08 17.75
CA ILE B 256 22.90 -22.68 17.01
C ILE B 256 23.32 -21.66 15.96
N THR B 257 22.93 -21.91 14.70
CA THR B 257 23.42 -21.08 13.59
C THR B 257 22.27 -20.67 12.65
N ASN B 258 22.41 -19.50 12.01
CA ASN B 258 21.48 -19.15 10.91
C ASN B 258 19.98 -19.20 11.29
N SER B 259 19.66 -18.85 12.54
CA SER B 259 18.32 -19.04 13.06
C SER B 259 17.67 -17.72 13.49
N ASN B 260 16.35 -17.68 13.47
CA ASN B 260 15.60 -16.51 13.89
C ASN B 260 14.76 -16.90 15.09
N ILE B 261 15.08 -16.32 16.24
CA ILE B 261 14.44 -16.69 17.48
C ILE B 261 13.76 -15.45 18.07
N SER B 262 12.48 -15.57 18.42
N SER B 262 12.48 -15.59 18.38
CA SER B 262 11.75 -14.42 18.96
CA SER B 262 11.72 -14.51 18.99
C SER B 262 10.89 -14.85 20.15
C SER B 262 11.04 -15.04 20.22
N ASN B 263 11.25 -14.37 21.35
CA ASN B 263 10.46 -14.67 22.53
C ASN B 263 9.81 -13.42 23.11
N ILE B 264 8.48 -13.33 22.95
CA ILE B 264 7.70 -12.19 23.39
C ILE B 264 7.71 -12.16 24.91
N GLY B 265 7.89 -13.34 25.51
CA GLY B 265 7.97 -13.48 26.95
C GLY B 265 6.61 -13.65 27.59
N ASP B 266 6.58 -14.04 28.87
CA ASP B 266 5.33 -14.02 29.63
C ASP B 266 5.51 -13.28 30.97
N GLY B 267 6.59 -12.53 31.08
CA GLY B 267 6.86 -11.73 32.27
C GLY B 267 7.82 -12.42 33.22
N GLY B 268 8.41 -13.53 32.80
CA GLY B 268 9.43 -14.17 33.59
C GLY B 268 10.81 -13.75 33.11
N ASP B 269 11.76 -14.68 33.13
CA ASP B 269 13.11 -14.37 32.71
C ASP B 269 13.21 -14.04 31.22
N ASP B 270 12.33 -14.62 30.42
CA ASP B 270 12.10 -14.19 29.03
C ASP B 270 13.37 -14.05 28.19
N TYR B 271 14.03 -15.19 27.96
CA TYR B 271 15.23 -15.32 27.14
C TYR B 271 14.93 -15.70 25.69
N GLY B 272 15.81 -15.31 24.79
CA GLY B 272 15.70 -15.74 23.39
C GLY B 272 16.42 -17.09 23.28
N ILE B 273 17.75 -17.05 23.31
CA ILE B 273 18.58 -18.26 23.41
C ILE B 273 19.35 -18.19 24.72
N ILE B 274 19.30 -19.26 25.51
CA ILE B 274 20.06 -19.29 26.74
C ILE B 274 20.96 -20.53 26.81
N PHE B 275 22.21 -20.28 27.20
CA PHE B 275 23.18 -21.36 27.41
C PHE B 275 23.35 -21.50 28.91
N GLY B 276 22.75 -22.54 29.50
CA GLY B 276 22.84 -22.77 30.93
C GLY B 276 23.88 -23.84 31.20
N ASN B 277 24.89 -23.50 31.99
CA ASN B 277 25.90 -24.50 32.37
C ASN B 277 26.54 -25.20 31.15
N CYS B 278 26.90 -24.42 30.13
CA CYS B 278 27.40 -24.98 28.89
C CYS B 278 28.87 -24.64 28.70
N HIS B 279 29.55 -25.41 27.87
CA HIS B 279 30.99 -25.23 27.66
C HIS B 279 31.25 -25.43 26.17
N ASP B 280 32.01 -24.53 25.54
CA ASP B 280 32.24 -24.54 24.10
C ASP B 280 30.98 -24.17 23.31
N GLY B 281 31.12 -24.00 22.00
CA GLY B 281 29.97 -23.71 21.16
C GLY B 281 29.54 -22.26 21.23
N GLY B 282 28.27 -22.02 20.92
CA GLY B 282 27.73 -20.66 20.91
C GLY B 282 26.71 -20.44 19.80
N ALA B 283 26.49 -19.18 19.46
CA ALA B 283 25.46 -18.78 18.49
C ALA B 283 26.11 -17.98 17.38
N ASP B 284 25.67 -18.21 16.14
CA ASP B 284 26.34 -17.62 15.01
C ASP B 284 25.30 -17.27 13.94
N ASN B 285 25.37 -16.03 13.50
CA ASN B 285 24.52 -15.55 12.41
C ASN B 285 23.04 -15.70 12.74
N CYS B 286 22.66 -15.35 13.97
CA CYS B 286 21.27 -15.42 14.37
C CYS B 286 20.65 -14.04 14.55
N LYS B 287 19.34 -13.94 14.22
CA LYS B 287 18.58 -12.72 14.52
C LYS B 287 17.66 -13.05 15.67
N VAL B 288 17.78 -12.31 16.78
CA VAL B 288 17.13 -12.71 18.01
C VAL B 288 16.40 -11.52 18.69
N TYR B 289 15.19 -11.77 19.14
CA TYR B 289 14.46 -10.85 20.02
C TYR B 289 13.98 -11.61 21.25
N ALA B 290 14.08 -10.99 22.42
CA ALA B 290 13.36 -11.47 23.59
C ALA B 290 13.04 -10.28 24.48
N ARG B 291 11.94 -10.33 25.23
CA ARG B 291 11.54 -9.21 26.07
C ARG B 291 12.72 -8.79 26.97
N ARG B 292 13.36 -9.74 27.64
CA ARG B 292 14.46 -9.38 28.54
C ARG B 292 15.87 -9.54 27.97
N HIS B 293 16.31 -10.77 27.73
CA HIS B 293 17.65 -11.00 27.22
C HIS B 293 17.60 -11.80 25.94
N ALA B 294 18.00 -11.20 24.84
CA ALA B 294 17.95 -11.90 23.55
C ALA B 294 18.79 -13.17 23.62
N ILE B 295 20.03 -13.02 24.06
CA ILE B 295 20.87 -14.18 24.34
C ILE B 295 21.33 -14.01 25.79
N ALA B 296 21.40 -15.15 26.50
CA ALA B 296 21.83 -15.12 27.89
C ALA B 296 22.67 -16.34 28.17
N THR B 297 23.38 -16.33 29.29
CA THR B 297 24.00 -17.53 29.81
C THR B 297 23.66 -17.60 31.29
N GLY B 298 23.68 -18.80 31.88
CA GLY B 298 23.40 -18.88 33.31
C GLY B 298 23.38 -20.34 33.64
N GLY B 299 22.21 -20.83 34.06
CA GLY B 299 22.07 -22.25 34.38
C GLY B 299 21.03 -22.48 35.47
N ASP B 300 21.04 -23.68 36.05
CA ASP B 300 20.07 -24.00 37.09
C ASP B 300 20.83 -24.51 38.30
N ALA B 301 20.15 -25.23 39.17
CA ALA B 301 20.78 -25.76 40.38
C ALA B 301 20.84 -27.29 40.38
N GLU B 302 20.69 -27.89 39.20
CA GLU B 302 20.71 -29.34 39.09
C GLU B 302 22.15 -29.87 39.08
N VAL B 303 22.29 -31.17 39.30
CA VAL B 303 23.60 -31.83 39.22
C VAL B 303 24.30 -31.44 37.91
N GLY B 304 25.55 -31.02 38.03
CA GLY B 304 26.34 -30.63 36.87
C GLY B 304 26.23 -29.17 36.48
N CYS B 305 25.71 -28.34 37.38
CA CYS B 305 25.47 -26.92 37.04
C CYS B 305 26.74 -26.08 37.11
N VAL B 306 27.67 -26.35 36.21
CA VAL B 306 29.01 -25.75 36.24
C VAL B 306 29.04 -24.42 35.49
N PRO B 307 30.17 -23.68 35.62
CA PRO B 307 30.22 -22.37 34.96
C PRO B 307 30.15 -22.46 33.43
N VAL B 308 29.72 -21.36 32.83
CA VAL B 308 29.54 -21.30 31.40
C VAL B 308 30.88 -20.82 30.83
N ARG B 309 31.52 -21.61 29.98
CA ARG B 309 32.86 -21.25 29.50
C ARG B 309 33.09 -21.45 28.02
N ASN B 310 33.89 -20.57 27.42
CA ASN B 310 34.22 -20.63 25.98
C ASN B 310 32.97 -20.71 25.13
N VAL B 311 31.94 -19.96 25.54
CA VAL B 311 30.74 -19.84 24.71
C VAL B 311 30.82 -18.49 24.00
N ARG B 312 30.70 -18.53 22.68
CA ARG B 312 30.99 -17.38 21.85
C ARG B 312 29.76 -16.99 21.02
N MET B 313 29.29 -15.75 21.16
CA MET B 313 28.18 -15.27 20.34
C MET B 313 28.76 -14.40 19.23
N ARG B 314 28.49 -14.75 17.98
CA ARG B 314 29.16 -14.07 16.87
C ARG B 314 28.18 -13.74 15.76
N ASN B 315 28.36 -12.57 15.16
CA ASN B 315 27.65 -12.25 13.91
C ASN B 315 26.11 -12.26 14.06
N CYS B 316 25.61 -11.84 15.22
CA CYS B 316 24.16 -11.78 15.49
C CYS B 316 23.63 -10.36 15.58
N THR B 317 22.34 -10.20 15.35
CA THR B 317 21.63 -8.96 15.69
C THR B 317 20.64 -9.29 16.80
N LEU B 318 20.71 -8.56 17.89
CA LEU B 318 19.92 -8.83 19.08
C LEU B 318 19.08 -7.60 19.43
N ARG B 319 17.84 -7.84 19.81
CA ARG B 319 16.92 -6.80 20.29
C ARG B 319 16.16 -7.29 21.52
N ASN B 320 15.83 -6.37 22.42
CA ASN B 320 14.98 -6.69 23.56
C ASN B 320 13.89 -5.62 23.72
N ASP B 321 13.06 -5.77 24.74
CA ASP B 321 12.05 -4.77 25.08
C ASP B 321 12.75 -3.70 25.91
N ILE B 322 12.95 -2.53 25.34
CA ILE B 322 13.66 -1.49 26.08
C ILE B 322 12.96 -1.12 27.39
N THR B 323 11.64 -1.23 27.44
CA THR B 323 10.92 -0.90 28.65
C THR B 323 11.12 -1.94 29.75
N SER B 324 11.79 -3.05 29.45
CA SER B 324 12.11 -4.02 30.50
C SER B 324 13.14 -3.47 31.49
N GLY B 325 13.90 -2.47 31.05
CA GLY B 325 14.90 -1.83 31.88
C GLY B 325 16.19 -2.65 32.03
N THR B 326 16.31 -3.76 31.31
CA THR B 326 17.51 -4.59 31.45
C THR B 326 18.35 -4.65 30.18
N HIS B 327 19.55 -5.21 30.29
CA HIS B 327 20.44 -5.34 29.15
C HIS B 327 19.94 -6.43 28.21
N CYS B 328 20.15 -6.18 26.91
CA CYS B 328 19.73 -7.11 25.87
C CYS B 328 20.69 -8.30 25.74
N ALA B 329 21.99 -8.03 25.74
CA ALA B 329 23.00 -9.10 25.63
C ALA B 329 23.44 -9.51 27.01
N ASP B 330 23.22 -10.78 27.39
CA ASP B 330 23.44 -11.17 28.79
C ASP B 330 24.54 -12.22 28.97
N PHE B 331 25.29 -12.10 30.07
CA PHE B 331 25.98 -13.21 30.71
C PHE B 331 25.61 -13.11 32.19
N HIS B 332 25.33 -14.23 32.85
CA HIS B 332 25.22 -14.23 34.32
C HIS B 332 26.58 -14.39 35.01
N GLY B 333 26.62 -14.19 36.33
CA GLY B 333 27.89 -14.22 37.04
C GLY B 333 28.62 -15.55 37.12
N ASN B 334 28.04 -16.61 36.56
CA ASN B 334 28.82 -17.85 36.47
C ASN B 334 29.47 -18.07 35.10
N ALA B 335 29.75 -16.99 34.37
CA ALA B 335 30.38 -17.08 33.06
C ALA B 335 31.87 -16.83 33.23
N GLU B 336 32.70 -17.57 32.51
CA GLU B 336 34.14 -17.26 32.44
C GLU B 336 34.65 -17.44 31.03
N ASP B 337 35.39 -16.47 30.49
CA ASP B 337 36.04 -16.66 29.20
C ASP B 337 34.97 -16.83 28.14
N CYS B 338 34.03 -15.89 28.09
CA CYS B 338 33.01 -15.90 27.05
C CYS B 338 32.99 -14.53 26.37
N SER B 339 32.35 -14.43 25.20
CA SER B 339 32.33 -13.14 24.50
C SER B 339 31.19 -13.00 23.52
N TYR B 340 30.87 -11.74 23.20
CA TYR B 340 30.08 -11.37 22.01
C TYR B 340 31.07 -10.72 21.03
N GLU B 341 30.99 -11.07 19.76
CA GLU B 341 31.91 -10.56 18.75
C GLU B 341 31.12 -10.29 17.47
N ASN B 342 31.37 -9.13 16.86
CA ASN B 342 30.70 -8.77 15.60
C ASN B 342 29.20 -8.85 15.71
N CYS B 343 28.65 -8.34 16.81
CA CYS B 343 27.20 -8.34 17.04
C CYS B 343 26.66 -6.92 17.03
N THR B 344 25.44 -6.77 16.50
CA THR B 344 24.68 -5.54 16.68
C THR B 344 23.74 -5.78 17.86
N ILE B 345 23.91 -4.98 18.92
CA ILE B 345 23.15 -5.17 20.15
C ILE B 345 22.32 -3.93 20.46
N TYR B 346 21.01 -4.01 20.21
CA TYR B 346 20.14 -2.91 20.57
C TYR B 346 19.66 -3.15 21.98
N GLY B 347 19.92 -2.21 22.90
CA GLY B 347 19.34 -2.30 24.23
C GLY B 347 20.34 -2.73 25.29
N GLY B 348 21.63 -2.58 25.00
CA GLY B 348 22.63 -2.71 26.06
C GLY B 348 23.22 -4.09 26.28
N ALA B 349 24.32 -4.12 27.04
CA ALA B 349 25.04 -5.35 27.26
C ALA B 349 25.60 -5.38 28.69
N THR B 350 26.21 -6.51 29.09
CA THR B 350 26.63 -6.61 30.48
C THR B 350 27.96 -7.34 30.67
N TRP B 351 28.69 -6.92 31.71
CA TRP B 351 29.87 -7.62 32.18
C TRP B 351 29.48 -8.28 33.50
N GLN B 352 29.60 -9.60 33.59
CA GLN B 352 29.36 -10.34 34.81
C GLN B 352 30.32 -11.54 34.80
N GLY B 353 30.62 -12.10 35.97
CA GLY B 353 31.43 -13.31 36.01
C GLY B 353 32.92 -13.01 35.97
N LYS B 354 33.62 -13.53 34.97
CA LYS B 354 35.10 -13.41 34.92
C LYS B 354 35.58 -13.53 33.49
N ASP B 355 36.49 -12.64 33.08
CA ASP B 355 37.10 -12.71 31.75
C ASP B 355 36.05 -12.69 30.62
N ILE B 356 35.39 -11.55 30.49
CA ILE B 356 34.33 -11.37 29.49
C ILE B 356 34.70 -10.24 28.52
N SER B 357 34.45 -10.43 27.21
N SER B 357 34.47 -10.43 27.22
CA SER B 357 34.82 -9.39 26.24
CA SER B 357 34.78 -9.37 26.27
C SER B 357 33.67 -9.14 25.27
C SER B 357 33.68 -9.15 25.24
N TYR B 358 33.56 -7.90 24.81
CA TYR B 358 32.76 -7.52 23.64
C TYR B 358 33.76 -7.01 22.62
N ARG B 359 33.72 -7.54 21.40
CA ARG B 359 34.71 -7.18 20.38
C ARG B 359 34.02 -6.80 19.08
N HIS B 360 34.32 -5.59 18.59
CA HIS B 360 33.72 -5.14 17.32
C HIS B 360 32.21 -5.29 17.33
N CYS B 361 31.58 -4.99 18.47
CA CYS B 361 30.14 -4.89 18.55
C CYS B 361 29.64 -3.46 18.40
N THR B 362 28.41 -3.31 17.90
CA THR B 362 27.73 -2.02 17.95
C THR B 362 26.64 -2.19 18.99
N ILE B 363 26.59 -1.30 19.98
CA ILE B 363 25.67 -1.47 21.13
C ILE B 363 24.98 -0.15 21.42
N THR B 364 23.63 -0.17 21.49
CA THR B 364 22.90 1.00 21.92
C THR B 364 22.42 0.89 23.37
N ASN B 365 21.88 1.98 23.92
CA ASN B 365 21.51 2.03 25.33
C ASN B 365 20.29 1.22 25.71
N ALA B 366 20.26 0.78 26.95
CA ALA B 366 19.05 0.35 27.63
C ALA B 366 18.26 1.59 28.11
N SER B 367 17.12 1.36 28.75
CA SER B 367 16.21 2.47 29.02
C SER B 367 16.80 3.52 29.94
N GLY B 368 17.66 3.06 30.85
CA GLY B 368 18.31 3.95 31.79
C GLY B 368 19.32 4.89 31.17
N GLY B 369 19.74 4.63 29.93
CA GLY B 369 20.69 5.52 29.28
C GLY B 369 22.11 4.98 29.26
N TRP B 370 22.38 3.98 30.08
CA TRP B 370 23.69 3.33 30.08
C TRP B 370 23.76 2.36 28.89
N ILE B 371 24.97 1.90 28.56
CA ILE B 371 25.15 1.00 27.42
C ILE B 371 25.72 -0.34 27.86
N VAL B 372 26.69 -0.31 28.78
CA VAL B 372 27.24 -1.53 29.31
C VAL B 372 27.09 -1.46 30.81
N ILE B 373 26.43 -2.45 31.42
CA ILE B 373 26.22 -2.48 32.87
C ILE B 373 26.88 -3.73 33.50
N SER B 374 27.29 -3.65 34.75
CA SER B 374 27.94 -4.81 35.35
C SER B 374 27.08 -5.40 36.48
N ALA B 375 27.35 -6.66 36.83
CA ALA B 375 26.79 -7.29 38.03
C ALA B 375 27.65 -8.50 38.34
N GLU B 376 27.67 -8.93 39.59
CA GLU B 376 28.18 -10.25 39.92
C GLU B 376 29.60 -10.44 39.38
N ILE B 377 30.43 -9.42 39.61
CA ILE B 377 31.82 -9.45 39.16
C ILE B 377 32.65 -10.31 40.12
N LEU B 378 33.09 -11.47 39.66
CA LEU B 378 33.98 -12.32 40.46
C LEU B 378 35.40 -11.72 40.48
N GLY B 379 35.78 -11.18 39.32
CA GLY B 379 37.15 -10.72 39.12
C GLY B 379 37.65 -11.11 37.75
N GLY B 380 38.88 -10.69 37.45
CA GLY B 380 39.46 -10.95 36.13
C GLY B 380 39.35 -9.73 35.22
N THR B 381 39.29 -9.97 33.92
CA THR B 381 39.43 -8.88 32.98
C THR B 381 38.15 -8.70 32.19
N PHE B 382 37.71 -7.45 32.04
CA PHE B 382 36.46 -7.18 31.34
C PHE B 382 36.76 -6.11 30.29
N LEU B 383 36.45 -6.43 29.05
CA LEU B 383 37.01 -5.71 27.90
C LEU B 383 35.89 -5.26 26.98
N LEU B 384 35.95 -3.99 26.57
CA LEU B 384 35.20 -3.49 25.41
C LEU B 384 36.25 -3.19 24.35
N ASP B 385 36.34 -4.07 23.37
CA ASP B 385 37.41 -4.07 22.42
C ASP B 385 36.91 -3.47 21.09
N GLN B 386 37.29 -2.23 20.82
CA GLN B 386 36.95 -1.55 19.56
C GLN B 386 35.45 -1.60 19.26
N CYS B 387 34.64 -1.30 20.27
CA CYS B 387 33.20 -1.27 20.06
C CYS B 387 32.69 0.12 19.66
N THR B 388 31.56 0.12 18.97
CA THR B 388 30.88 1.35 18.61
C THR B 388 29.68 1.45 19.55
N LEU B 389 29.64 2.50 20.39
CA LEU B 389 28.62 2.59 21.43
C LEU B 389 27.77 3.85 21.19
N TYR B 390 26.45 3.69 21.40
N TYR B 390 26.45 3.74 21.35
CA TYR B 390 25.49 4.76 21.18
CA TYR B 390 25.58 4.92 21.20
C TYR B 390 24.59 4.88 22.40
C TYR B 390 24.49 4.96 22.24
N THR B 391 24.36 6.10 22.91
CA THR B 391 23.21 6.30 23.79
C THR B 391 22.48 7.60 23.47
N THR B 392 21.15 7.52 23.49
CA THR B 392 20.29 8.69 23.26
C THR B 392 19.91 9.33 24.60
N GLY B 393 20.37 8.74 25.71
CA GLY B 393 19.94 9.20 27.03
C GLY B 393 21.09 9.62 27.93
N ASP B 394 20.87 9.52 29.23
CA ASP B 394 21.84 9.96 30.22
C ASP B 394 21.59 9.16 31.48
N PRO B 395 22.52 8.26 31.84
CA PRO B 395 22.32 7.39 33.01
C PRO B 395 22.68 8.05 34.35
N GLN B 396 23.29 9.24 34.32
CA GLN B 396 23.68 9.88 35.58
C GLN B 396 22.55 10.16 36.59
N PRO B 397 21.35 10.56 36.12
CA PRO B 397 20.30 10.77 37.14
C PRO B 397 19.96 9.49 37.89
N GLY B 398 20.14 8.33 37.27
CA GLY B 398 20.02 7.05 37.95
C GLY B 398 21.32 6.56 38.61
N ASN B 399 22.30 7.46 38.73
CA ASN B 399 23.57 7.17 39.41
C ASN B 399 24.47 6.12 38.72
N ARG B 400 24.36 6.00 37.41
N ARG B 400 24.37 6.02 37.41
CA ARG B 400 25.10 5.01 36.66
CA ARG B 400 25.14 5.04 36.67
C ARG B 400 25.96 5.65 35.57
C ARG B 400 25.99 5.69 35.60
N GLY B 401 27.10 5.03 35.24
CA GLY B 401 27.94 5.51 34.15
C GLY B 401 27.34 5.07 32.83
N VAL B 402 27.82 5.61 31.70
CA VAL B 402 27.43 5.09 30.40
C VAL B 402 27.96 3.66 30.30
N ILE B 403 29.16 3.48 30.85
CA ILE B 403 29.68 2.17 31.15
C ILE B 403 29.71 2.08 32.67
N ASP B 404 28.96 1.13 33.22
CA ASP B 404 28.72 1.15 34.66
C ASP B 404 29.25 -0.07 35.38
N VAL B 405 29.96 0.14 36.49
CA VAL B 405 30.43 -0.95 37.34
C VAL B 405 29.96 -0.71 38.79
N GLY B 406 28.70 -1.05 39.06
CA GLY B 406 28.15 -0.87 40.40
C GLY B 406 27.83 0.55 40.82
N GLY B 407 27.51 1.41 39.86
CA GLY B 407 27.16 2.80 40.15
C GLY B 407 26.03 2.90 41.15
N ASN B 408 24.99 2.10 40.95
CA ASN B 408 23.84 2.12 41.83
C ASN B 408 23.41 0.70 42.19
N SER B 409 24.35 -0.24 42.21
CA SER B 409 24.04 -1.63 42.57
C SER B 409 25.25 -2.26 43.24
N ALA B 410 25.04 -3.42 43.87
CA ALA B 410 26.12 -4.09 44.61
C ALA B 410 26.88 -5.12 43.76
N VAL B 411 27.95 -4.66 43.12
CA VAL B 411 28.63 -5.38 42.06
C VAL B 411 30.05 -5.76 42.45
N LEU B 412 30.71 -4.84 43.14
CA LEU B 412 32.07 -5.03 43.63
C LEU B 412 31.96 -5.20 45.17
N THR B 413 31.85 -6.45 45.60
CA THR B 413 31.44 -6.72 46.98
C THR B 413 32.37 -7.75 47.59
N THR B 414 32.01 -8.28 48.75
CA THR B 414 32.82 -9.33 49.34
C THR B 414 32.87 -10.60 48.46
N ASN B 415 31.98 -10.68 47.49
CA ASN B 415 31.98 -11.81 46.55
C ASN B 415 32.92 -11.60 45.34
N THR B 416 33.45 -10.39 45.21
CA THR B 416 34.47 -10.08 44.18
C THR B 416 35.81 -10.44 44.77
N THR B 417 36.32 -11.62 44.43
CA THR B 417 37.45 -12.15 45.20
C THR B 417 38.77 -12.12 44.43
N GLN B 418 38.75 -11.69 43.17
CA GLN B 418 39.96 -11.64 42.36
C GLN B 418 40.17 -10.22 41.80
N PRO B 419 41.43 -9.81 41.59
CA PRO B 419 41.69 -8.48 41.04
C PRO B 419 40.89 -8.27 39.75
N CYS B 420 40.35 -7.06 39.56
CA CYS B 420 39.54 -6.72 38.37
C CYS B 420 40.27 -5.77 37.46
N ASN B 421 40.22 -6.03 36.15
CA ASN B 421 40.77 -5.09 35.17
C ASN B 421 39.64 -4.70 34.21
N PHE B 422 39.28 -3.43 34.17
CA PHE B 422 38.25 -2.98 33.24
C PHE B 422 38.93 -2.23 32.13
N LEU B 423 38.80 -2.74 30.91
CA LEU B 423 39.55 -2.21 29.77
C LEU B 423 38.62 -1.69 28.70
N ILE B 424 38.83 -0.45 28.28
CA ILE B 424 38.07 0.11 27.16
C ILE B 424 39.12 0.49 26.16
N GLN B 425 39.13 -0.19 25.02
CA GLN B 425 40.20 0.00 24.03
C GLN B 425 39.64 0.39 22.67
N GLY B 426 39.94 1.60 22.28
CA GLY B 426 39.60 2.06 20.95
C GLY B 426 38.10 2.17 20.75
N GLY B 427 37.69 2.09 19.48
CA GLY B 427 36.29 2.24 19.14
C GLY B 427 35.79 3.66 19.34
N SER B 428 34.47 3.79 19.50
CA SER B 428 33.86 5.11 19.60
C SER B 428 32.66 5.09 20.56
N LEU B 429 32.30 6.26 21.08
N LEU B 429 32.30 6.27 21.04
CA LEU B 429 31.20 6.39 22.01
CA LEU B 429 31.15 6.45 21.90
C LEU B 429 30.50 7.70 21.76
C LEU B 429 30.46 7.71 21.46
N ARG B 430 29.27 7.64 21.24
N ARG B 430 29.14 7.63 21.26
CA ARG B 430 28.48 8.84 20.99
CA ARG B 430 28.36 8.81 20.92
C ARG B 430 27.37 8.91 22.01
C ARG B 430 27.26 8.94 21.94
N ALA B 431 27.22 10.09 22.62
CA ALA B 431 26.22 10.35 23.65
C ALA B 431 25.95 11.85 23.67
N PRO B 432 25.02 12.31 22.81
CA PRO B 432 24.77 13.74 22.63
C PRO B 432 23.98 14.37 23.75
N SER B 433 23.34 13.57 24.58
CA SER B 433 22.37 14.13 25.53
C SER B 433 22.75 13.95 26.99
N LEU B 434 24.05 13.95 27.27
CA LEU B 434 24.50 13.91 28.66
C LEU B 434 24.51 15.33 29.26
N SER B 435 24.70 15.43 30.58
CA SER B 435 24.82 16.76 31.22
C SER B 435 26.26 16.99 31.71
N THR B 436 26.49 18.17 32.27
CA THR B 436 27.79 18.48 32.84
C THR B 436 28.03 17.72 34.13
N SER B 437 27.03 16.95 34.58
N SER B 437 27.07 16.90 34.54
CA SER B 437 27.22 16.06 35.74
CA SER B 437 27.24 16.05 35.72
C SER B 437 27.47 14.58 35.34
C SER B 437 27.60 14.61 35.31
N SER B 438 27.32 14.26 34.06
CA SER B 438 27.43 12.85 33.63
C SER B 438 28.88 12.39 33.54
N TYR B 439 29.08 11.07 33.71
CA TYR B 439 30.40 10.46 33.62
C TYR B 439 30.36 9.26 32.66
N LEU B 440 31.45 9.05 31.94
CA LEU B 440 31.44 7.97 30.94
C LEU B 440 31.50 6.61 31.62
N LEU B 441 32.33 6.51 32.65
CA LEU B 441 32.43 5.24 33.38
C LEU B 441 32.38 5.51 34.88
N ARG B 442 31.61 4.69 35.58
CA ARG B 442 31.59 4.75 37.04
C ARG B 442 31.93 3.37 37.55
N ALA B 443 32.79 3.32 38.57
CA ALA B 443 33.01 2.12 39.37
C ALA B 443 32.89 2.53 40.82
N ARG B 444 32.15 1.75 41.60
CA ARG B 444 31.90 2.08 43.00
C ARG B 444 32.03 0.79 43.82
N LEU B 445 32.91 0.83 44.81
CA LEU B 445 33.15 -0.30 45.70
C LEU B 445 32.01 -0.43 46.71
N GLU B 446 31.50 -1.65 46.84
CA GLU B 446 30.53 -1.93 47.90
C GLU B 446 30.94 -3.20 48.64
N GLY B 447 32.20 -3.23 49.06
CA GLY B 447 32.64 -4.27 49.97
C GLY B 447 33.87 -5.02 49.52
N SER B 448 34.19 -4.98 48.24
CA SER B 448 35.38 -5.66 47.74
C SER B 448 36.65 -5.04 48.32
N THR B 449 37.71 -5.84 48.39
CA THR B 449 38.99 -5.34 48.86
C THR B 449 40.11 -5.56 47.85
N VAL B 450 39.77 -6.02 46.65
CA VAL B 450 40.76 -6.33 45.63
C VAL B 450 41.20 -5.11 44.78
N PRO B 451 42.36 -5.20 44.11
CA PRO B 451 42.69 -4.15 43.15
C PRO B 451 41.61 -4.04 42.06
N VAL B 452 41.20 -2.82 41.75
CA VAL B 452 40.32 -2.52 40.64
C VAL B 452 41.05 -1.54 39.71
N ASN B 453 41.48 -2.07 38.56
CA ASN B 453 42.30 -1.33 37.61
C ASN B 453 41.48 -0.89 36.39
N ILE B 454 41.75 0.31 35.89
CA ILE B 454 41.00 0.89 34.78
C ILE B 454 41.97 1.27 33.69
N GLN B 455 41.70 0.80 32.48
CA GLN B 455 42.42 1.29 31.31
C GLN B 455 41.36 1.88 30.37
N TYR B 456 41.35 3.20 30.21
CA TYR B 456 40.39 3.80 29.30
C TYR B 456 41.23 4.47 28.19
N SER B 457 41.28 3.86 27.01
CA SER B 457 42.40 4.08 26.09
C SER B 457 42.02 4.08 24.60
N GLY B 458 42.20 5.20 23.91
CA GLY B 458 42.07 5.22 22.45
C GLY B 458 40.68 5.50 21.87
N GLN B 459 39.67 5.61 22.72
CA GLN B 459 38.28 5.78 22.23
C GLN B 459 38.01 7.18 21.65
N ALA B 460 37.28 7.24 20.54
CA ALA B 460 36.81 8.51 19.99
C ALA B 460 35.40 8.83 20.54
N ILE B 461 35.28 9.93 21.26
CA ILE B 461 34.03 10.28 21.96
C ILE B 461 33.32 11.42 21.24
N ASP B 462 32.00 11.33 21.17
CA ASP B 462 31.21 12.36 20.52
C ASP B 462 30.08 12.76 21.48
N VAL B 463 30.22 13.89 22.17
CA VAL B 463 29.22 14.34 23.14
C VAL B 463 28.87 15.81 22.93
N GLY B 464 27.76 16.24 23.55
CA GLY B 464 27.46 17.64 23.76
C GLY B 464 28.11 18.02 25.09
N SER B 465 27.35 17.97 26.18
CA SER B 465 27.94 18.20 27.50
C SER B 465 28.49 16.89 28.07
N LEU B 466 29.43 17.03 29.01
CA LEU B 466 29.98 15.91 29.75
C LEU B 466 30.54 16.49 31.04
N GLY B 467 30.44 15.71 32.12
CA GLY B 467 31.08 16.06 33.37
C GLY B 467 32.47 15.45 33.50
N LYS B 468 32.57 14.13 33.38
CA LYS B 468 33.81 13.43 33.74
C LYS B 468 34.02 12.22 32.86
N VAL B 469 35.29 11.78 32.74
CA VAL B 469 35.57 10.51 32.08
C VAL B 469 35.31 9.41 33.11
N LEU B 470 36.05 9.42 34.22
CA LEU B 470 35.89 8.39 35.25
C LEU B 470 35.33 8.97 36.54
N GLN B 471 34.49 8.17 37.19
CA GLN B 471 33.94 8.48 38.50
C GLN B 471 34.19 7.22 39.33
N LEU B 472 35.15 7.29 40.26
CA LEU B 472 35.61 6.11 41.01
C LEU B 472 35.34 6.31 42.50
N ASP B 473 34.40 5.55 43.04
CA ASP B 473 33.85 5.81 44.36
C ASP B 473 34.02 4.62 45.27
N ILE B 474 33.93 4.89 46.57
CA ILE B 474 33.95 3.83 47.56
C ILE B 474 32.84 4.04 48.59
N THR B 475 31.88 3.13 48.60
CA THR B 475 30.86 3.11 49.63
C THR B 475 31.34 2.25 50.79
N SER B 476 31.87 1.07 50.49
CA SER B 476 32.50 0.23 51.52
C SER B 476 33.57 -0.61 50.85
N GLY B 477 34.48 -1.17 51.65
CA GLY B 477 35.59 -1.92 51.11
C GLY B 477 36.75 -0.97 50.81
N SER B 478 37.71 -1.41 50.00
CA SER B 478 38.92 -0.61 49.75
C SER B 478 39.62 -1.18 48.55
N THR B 479 40.57 -0.44 47.98
CA THR B 479 41.29 -0.95 46.84
C THR B 479 42.69 -0.33 46.74
N SER B 480 43.64 -1.15 46.29
CA SER B 480 44.99 -0.66 45.95
C SER B 480 45.27 -1.06 44.50
N PRO B 481 44.79 -0.26 43.56
CA PRO B 481 44.91 -0.64 42.14
C PRO B 481 46.37 -0.68 41.68
N GLU B 482 46.69 -1.54 40.75
CA GLU B 482 47.98 -1.47 40.04
C GLU B 482 48.03 -0.33 39.04
N TYR B 483 46.90 0.07 38.49
CA TYR B 483 46.94 1.18 37.53
C TYR B 483 45.59 1.83 37.34
N LEU B 484 45.66 3.10 36.97
CA LEU B 484 44.48 3.88 36.65
C LEU B 484 44.90 4.77 35.47
N ILE B 485 44.42 4.44 34.29
CA ILE B 485 44.98 5.01 33.04
C ILE B 485 43.85 5.60 32.19
N VAL B 486 44.01 6.87 31.83
CA VAL B 486 43.19 7.54 30.83
C VAL B 486 44.11 8.08 29.74
N GLU B 487 43.91 7.72 28.48
CA GLU B 487 44.88 8.05 27.45
C GLU B 487 44.27 8.01 26.05
N ASN B 488 44.83 8.86 25.18
CA ASN B 488 44.55 8.81 23.75
C ASN B 488 43.07 8.90 23.45
N LEU B 489 42.36 9.79 24.13
CA LEU B 489 40.93 9.97 23.86
C LEU B 489 40.73 11.12 22.91
N ALA B 490 39.79 10.96 21.97
CA ALA B 490 39.48 12.02 21.03
C ALA B 490 38.07 12.54 21.34
N GLY B 491 37.86 13.85 21.22
CA GLY B 491 36.54 14.44 21.34
C GLY B 491 36.08 14.93 22.71
N LEU B 492 37.00 15.01 23.68
CA LEU B 492 36.65 15.50 25.01
C LEU B 492 36.46 17.00 24.92
N PRO B 493 35.36 17.51 25.46
CA PRO B 493 35.19 18.96 25.43
C PRO B 493 35.92 19.63 26.60
N SER B 494 36.13 20.93 26.50
N SER B 494 36.16 20.93 26.50
CA SER B 494 36.80 21.70 27.55
CA SER B 494 36.85 21.63 27.57
C SER B 494 35.99 21.70 28.86
C SER B 494 36.02 21.68 28.86
N GLY B 495 36.69 21.66 29.99
CA GLY B 495 36.02 21.78 31.28
C GLY B 495 35.73 20.47 31.98
N ILE B 496 35.90 19.34 31.29
CA ILE B 496 35.63 18.04 31.95
C ILE B 496 36.64 17.69 33.05
N THR B 497 36.27 16.77 33.91
CA THR B 497 37.16 16.21 34.92
C THR B 497 37.62 14.84 34.45
N LEU B 498 38.92 14.59 34.44
CA LEU B 498 39.41 13.32 33.94
C LEU B 498 39.02 12.16 34.84
N ALA B 499 39.20 12.31 36.13
CA ALA B 499 38.86 11.22 37.03
C ALA B 499 38.58 11.72 38.42
N SER B 500 37.33 11.59 38.86
N SER B 500 37.35 11.53 38.87
CA SER B 500 37.05 11.73 40.28
CA SER B 500 36.98 11.72 40.27
C SER B 500 37.46 10.41 40.90
C SER B 500 37.30 10.44 41.03
N ALA B 501 38.31 10.47 41.90
CA ALA B 501 38.84 9.25 42.50
C ALA B 501 38.87 9.35 44.01
N ALA B 502 38.20 8.41 44.68
CA ALA B 502 38.14 8.42 46.15
C ALA B 502 39.03 7.33 46.75
N GLY B 503 39.52 7.59 47.97
CA GLY B 503 40.25 6.58 48.72
C GLY B 503 41.43 5.97 47.96
N GLY B 504 41.48 4.64 47.90
CA GLY B 504 42.60 3.98 47.24
C GLY B 504 42.70 4.24 45.74
N PHE B 505 41.59 4.63 45.10
CA PHE B 505 41.66 5.07 43.70
C PHE B 505 42.48 6.33 43.61
N ALA B 506 42.36 7.22 44.60
CA ALA B 506 43.08 8.50 44.56
C ALA B 506 44.59 8.32 44.66
N SER B 507 45.02 7.24 45.31
CA SER B 507 46.45 7.01 45.51
C SER B 507 47.05 5.97 44.55
N ALA B 508 46.25 5.53 43.58
CA ALA B 508 46.70 4.54 42.59
C ALA B 508 47.74 5.14 41.66
N PRO B 509 48.63 4.30 41.09
CA PRO B 509 49.55 4.83 40.07
C PRO B 509 48.72 5.27 38.85
N MET B 510 48.80 6.54 38.49
CA MET B 510 47.96 7.11 37.44
C MET B 510 48.75 7.48 36.20
N ARG B 511 48.11 7.33 35.05
CA ARG B 511 48.54 7.97 33.81
C ARG B 511 47.38 8.83 33.30
N MET B 512 47.63 10.13 33.10
CA MET B 512 46.60 11.09 32.67
C MET B 512 47.16 11.91 31.50
N PRO B 513 46.28 12.33 30.59
CA PRO B 513 46.73 12.91 29.31
C PRO B 513 47.50 14.21 29.49
N VAL B 514 48.32 14.54 28.50
CA VAL B 514 49.12 15.76 28.49
C VAL B 514 48.32 16.94 27.93
N LEU B 515 48.43 18.10 28.58
CA LEU B 515 47.87 19.33 28.05
C LEU B 515 49.02 20.31 28.05
N GLY B 516 48.99 21.31 27.17
CA GLY B 516 50.09 22.26 27.08
C GLY B 516 49.86 23.35 26.07
N GLY B 517 50.76 24.33 26.02
CA GLY B 517 50.58 25.44 25.09
C GLY B 517 51.72 26.43 25.22
N ARG B 518 51.62 27.51 24.44
CA ARG B 518 52.61 28.57 24.44
C ARG B 518 51.90 29.86 24.85
N VAL B 519 52.32 30.43 25.98
CA VAL B 519 51.72 31.66 26.49
C VAL B 519 52.70 32.83 26.45
N GLN B 520 52.34 33.90 25.75
CA GLN B 520 53.23 35.03 25.62
C GLN B 520 53.21 35.88 26.89
N VAL B 521 54.38 36.30 27.37
CA VAL B 521 54.46 37.29 28.45
C VAL B 521 55.41 38.41 28.04
N THR B 522 55.13 39.62 28.49
CA THR B 522 56.01 40.75 28.23
C THR B 522 56.58 41.23 29.56
N THR B 523 57.90 41.31 29.63
CA THR B 523 58.55 41.81 30.84
C THR B 523 58.23 43.31 31.08
N ALA B 524 58.34 43.73 32.33
CA ALA B 524 58.23 45.15 32.67
C ALA B 524 59.55 45.59 33.29
N THR B 525 60.00 46.80 32.97
CA THR B 525 61.29 47.27 33.43
C THR B 525 61.30 47.60 34.92
N ASN B 526 60.12 47.60 35.55
CA ASN B 526 60.06 47.93 36.98
C ASN B 526 59.73 46.70 37.85
N ALA B 527 59.91 45.49 37.32
CA ALA B 527 59.70 44.28 38.10
C ALA B 527 60.69 43.19 37.69
N SER B 528 60.89 42.20 38.57
CA SER B 528 61.85 41.14 38.30
C SER B 528 61.11 39.90 37.83
N SER B 529 59.82 40.06 37.55
CA SER B 529 59.00 38.93 37.13
C SER B 529 57.77 39.33 36.32
N VAL B 530 57.20 38.35 35.61
CA VAL B 530 55.93 38.51 34.92
C VAL B 530 55.27 37.14 34.98
N THR B 531 53.97 37.10 35.22
CA THR B 531 53.25 35.85 35.35
C THR B 531 52.03 35.85 34.46
N ALA B 532 51.47 34.67 34.22
CA ALA B 532 50.25 34.54 33.44
C ALA B 532 49.51 33.28 33.86
N PRO B 533 48.21 33.38 34.08
CA PRO B 533 47.50 32.22 34.57
C PRO B 533 47.09 31.30 33.43
N VAL B 534 47.03 30.01 33.73
CA VAL B 534 46.55 28.99 32.80
C VAL B 534 45.46 28.20 33.53
N THR B 535 44.34 27.93 32.85
CA THR B 535 43.36 26.99 33.39
C THR B 535 43.36 25.79 32.45
N PHE B 536 43.61 24.59 32.97
CA PHE B 536 43.73 23.41 32.11
C PHE B 536 42.40 23.08 31.44
N ARG B 537 42.49 22.61 30.19
CA ARG B 537 41.31 22.18 29.45
C ARG B 537 40.57 21.09 30.21
N TYR B 538 41.32 20.18 30.87
CA TYR B 538 40.74 19.14 31.71
C TYR B 538 41.24 19.30 33.15
N ILE B 539 40.38 18.93 34.11
CA ILE B 539 40.79 18.94 35.50
C ILE B 539 41.41 17.57 35.87
N TYR B 540 42.62 17.59 36.42
CA TYR B 540 43.33 16.39 36.84
C TYR B 540 42.87 15.89 38.21
N PRO B 541 43.12 14.61 38.54
CA PRO B 541 42.74 14.11 39.88
C PRO B 541 43.56 14.74 41.00
N LYS B 542 44.75 15.26 40.69
CA LYS B 542 45.61 15.91 41.67
C LYS B 542 46.54 16.82 40.87
N ALA B 543 47.37 17.63 41.54
CA ALA B 543 48.28 18.52 40.80
C ALA B 543 49.14 17.70 39.86
N PRO B 544 49.14 18.08 38.58
CA PRO B 544 49.90 17.30 37.61
C PRO B 544 51.38 17.67 37.63
N THR B 545 52.18 16.86 36.96
CA THR B 545 53.59 17.14 36.76
C THR B 545 53.71 18.17 35.65
N VAL B 546 54.26 19.35 35.99
CA VAL B 546 54.27 20.50 35.09
C VAL B 546 55.69 20.87 34.62
N GLN B 547 55.85 21.14 33.32
CA GLN B 547 57.09 21.73 32.81
C GLN B 547 56.83 23.12 32.23
N VAL B 548 57.78 24.02 32.42
CA VAL B 548 57.71 25.32 31.77
C VAL B 548 59.10 25.67 31.23
N THR B 549 59.15 26.12 29.98
CA THR B 549 60.39 26.57 29.36
C THR B 549 60.15 27.88 28.62
N LYS B 550 61.11 28.80 28.70
CA LYS B 550 61.04 30.05 27.94
C LYS B 550 61.62 29.85 26.55
N THR B 551 60.88 30.30 25.53
CA THR B 551 61.38 30.32 24.16
C THR B 551 61.22 31.68 23.43
N ASP B 552 61.93 31.80 22.32
CA ASP B 552 61.76 32.91 21.37
C ASP B 552 62.15 34.29 21.90
N ARG B 553 63.05 34.28 22.86
CA ARG B 553 63.70 35.49 23.34
C ARG B 553 64.92 34.97 24.12
N SER B 554 66.01 35.73 24.12
CA SER B 554 67.14 35.34 24.94
C SER B 554 67.23 36.28 26.15
N TYR B 555 68.15 37.24 26.15
CA TYR B 555 68.14 38.23 27.22
C TYR B 555 66.95 39.18 27.05
N ALA B 556 66.18 39.38 28.12
CA ALA B 556 65.22 40.47 28.17
C ALA B 556 65.92 41.71 28.72
N GLY B 557 66.78 42.33 27.90
CA GLY B 557 67.65 43.39 28.36
C GLY B 557 68.84 42.83 29.14
N ASN B 558 68.65 42.64 30.43
CA ASN B 558 69.74 42.25 31.32
C ASN B 558 69.69 40.83 31.90
N ARG B 559 68.57 40.11 31.70
CA ARG B 559 68.34 38.79 32.31
C ARG B 559 67.56 37.91 31.36
N VAL B 560 67.82 36.60 31.42
CA VAL B 560 67.02 35.61 30.70
C VAL B 560 65.68 35.38 31.41
N GLY B 561 65.77 35.17 32.72
CA GLY B 561 64.63 34.81 33.51
C GLY B 561 64.47 33.31 33.65
N VAL B 562 63.97 32.89 34.82
CA VAL B 562 63.77 31.49 35.14
C VAL B 562 62.27 31.20 35.09
N ALA B 563 61.90 30.31 34.19
CA ALA B 563 60.51 29.91 33.99
C ALA B 563 60.10 28.89 35.06
N ILE B 564 59.00 29.17 35.75
CA ILE B 564 58.44 28.31 36.80
C ILE B 564 56.93 28.32 36.70
N ALA B 565 56.28 27.58 37.59
CA ALA B 565 54.84 27.73 37.77
C ALA B 565 54.57 27.83 39.28
N ASN B 566 53.87 28.86 39.70
CA ASN B 566 53.58 29.01 41.12
C ASN B 566 52.37 29.89 41.28
N PRO B 567 51.25 29.35 41.80
CA PRO B 567 51.12 27.93 42.20
C PRO B 567 50.75 26.99 41.04
N THR B 568 50.62 25.69 41.36
CA THR B 568 50.01 24.70 40.49
C THR B 568 48.91 24.04 41.30
N SER B 569 47.94 23.48 40.61
CA SER B 569 46.87 22.75 41.27
C SER B 569 46.32 21.78 40.26
N ALA B 570 45.29 21.05 40.63
CA ALA B 570 44.65 20.11 39.72
C ALA B 570 44.00 20.81 38.52
N SER B 571 43.62 22.07 38.68
CA SER B 571 42.86 22.71 37.63
C SER B 571 43.63 23.74 36.81
N GLY B 572 44.80 24.14 37.30
CA GLY B 572 45.58 25.12 36.56
C GLY B 572 46.91 25.44 37.17
N ALA B 573 47.57 26.48 36.65
CA ALA B 573 48.88 26.90 37.13
C ALA B 573 49.10 28.36 36.81
N THR B 574 49.92 29.03 37.61
CA THR B 574 50.34 30.38 37.27
C THR B 574 51.77 30.36 36.74
N LEU B 575 51.91 30.54 35.42
CA LEU B 575 53.20 30.47 34.78
C LEU B 575 53.95 31.73 35.21
N GLY B 576 55.27 31.61 35.34
CA GLY B 576 56.07 32.75 35.75
C GLY B 576 57.43 32.81 35.11
N LEU B 577 57.93 34.03 34.89
CA LEU B 577 59.30 34.22 34.45
C LEU B 577 59.95 35.21 35.44
N PHE B 578 60.98 34.77 36.18
CA PHE B 578 61.52 35.51 37.33
C PHE B 578 63.03 35.63 37.16
N THR B 579 63.60 36.81 37.30
CA THR B 579 65.06 36.89 37.20
C THR B 579 65.59 36.10 38.40
N ASP B 580 66.70 35.39 38.26
CA ASP B 580 67.08 34.49 39.37
C ASP B 580 67.40 35.30 40.64
N ASP B 581 68.03 36.46 40.45
CA ASP B 581 68.52 37.25 41.58
C ASP B 581 67.61 38.38 42.05
N GLY B 582 66.46 38.54 41.39
CA GLY B 582 65.47 39.53 41.81
C GLY B 582 65.75 40.94 41.33
N THR B 583 66.77 41.08 40.50
CA THR B 583 67.01 42.33 39.78
C THR B 583 65.86 42.57 38.78
N ASN B 584 65.38 43.80 38.67
CA ASN B 584 64.40 44.09 37.64
C ASN B 584 64.91 43.80 36.23
N PHE B 585 64.05 43.28 35.37
CA PHE B 585 64.32 43.26 33.93
C PHE B 585 64.58 44.70 33.44
N SER B 586 65.51 44.85 32.51
CA SER B 586 65.87 46.19 32.04
C SER B 586 65.19 46.58 30.72
N SER B 587 64.55 45.61 30.05
CA SER B 587 63.80 45.83 28.80
C SER B 587 62.39 45.22 28.89
N ALA B 588 61.43 45.84 28.23
CA ALA B 588 60.08 45.26 28.12
C ALA B 588 59.93 44.57 26.77
N VAL B 589 60.03 43.24 26.76
CA VAL B 589 60.01 42.45 25.52
C VAL B 589 59.21 41.16 25.69
N THR B 590 58.80 40.57 24.58
CA THR B 590 58.00 39.37 24.62
C THR B 590 58.85 38.12 24.89
N ASN B 591 58.23 37.12 25.50
CA ASN B 591 58.82 35.82 25.74
C ASN B 591 57.68 34.83 25.59
N GLN B 592 57.98 33.61 25.13
CA GLN B 592 56.96 32.57 25.06
C GLN B 592 57.19 31.56 26.18
N LEU B 593 56.25 31.45 27.11
CA LEU B 593 56.29 30.43 28.16
C LEU B 593 55.60 29.16 27.64
N ASN B 594 56.41 28.14 27.34
CA ASN B 594 55.93 26.86 26.82
C ASN B 594 55.65 25.95 28.01
N TRP B 595 54.39 25.62 28.25
CA TRP B 595 54.04 24.88 29.46
C TRP B 595 53.37 23.59 29.08
N GLN B 596 53.47 22.60 29.95
CA GLN B 596 52.70 21.37 29.75
C GLN B 596 52.50 20.65 31.08
N ALA B 597 51.50 19.77 31.11
CA ALA B 597 51.06 19.15 32.35
C ALA B 597 50.61 17.73 32.02
N GLY B 598 50.86 16.78 32.92
CA GLY B 598 50.38 15.43 32.73
C GLY B 598 50.68 14.62 33.97
N ILE B 599 50.19 13.37 34.02
CA ILE B 599 50.54 12.52 35.14
C ILE B 599 51.12 11.21 34.58
N TYR B 600 52.26 10.77 35.10
CA TYR B 600 53.03 9.74 34.43
C TYR B 600 53.61 8.77 35.44
N GLU B 601 52.74 8.06 36.17
CA GLU B 601 53.19 7.22 37.27
C GLU B 601 53.25 5.72 36.93
N VAL B 602 52.78 5.32 35.76
CA VAL B 602 52.73 3.90 35.43
C VAL B 602 52.82 3.72 33.92
N ARG C 14 9.70 -31.23 -1.84
CA ARG C 14 8.35 -31.72 -2.13
C ARG C 14 8.13 -32.00 -3.63
N VAL C 15 8.13 -30.98 -4.49
CA VAL C 15 7.92 -31.22 -5.93
C VAL C 15 9.18 -30.96 -6.77
N THR C 16 9.29 -31.66 -7.90
CA THR C 16 10.44 -31.51 -8.79
C THR C 16 9.98 -31.05 -10.16
N PRO C 17 10.88 -30.43 -10.93
CA PRO C 17 10.49 -30.01 -12.27
C PRO C 17 10.19 -31.23 -13.14
N ALA C 18 10.86 -32.36 -12.92
CA ALA C 18 10.60 -33.56 -13.69
C ALA C 18 9.15 -34.00 -13.56
N GLN C 19 8.60 -33.83 -12.36
N GLN C 19 8.60 -33.80 -12.36
CA GLN C 19 7.21 -34.16 -12.13
CA GLN C 19 7.21 -34.12 -12.06
C GLN C 19 6.29 -33.31 -13.01
C GLN C 19 6.24 -33.23 -12.85
N PHE C 20 6.73 -32.10 -13.35
CA PHE C 20 5.94 -31.23 -14.19
C PHE C 20 6.44 -31.26 -15.62
N GLY C 21 7.23 -32.28 -15.96
CA GLY C 21 7.58 -32.54 -17.34
C GLY C 21 8.93 -32.04 -17.84
N ALA C 22 9.79 -31.58 -16.92
CA ALA C 22 11.07 -31.01 -17.33
C ALA C 22 11.95 -32.07 -17.98
N VAL C 23 12.86 -31.62 -18.82
CA VAL C 23 13.86 -32.52 -19.41
C VAL C 23 15.22 -32.31 -18.73
N GLY C 24 15.70 -31.07 -18.71
CA GLY C 24 16.95 -30.72 -18.04
C GLY C 24 18.20 -31.43 -18.50
N ASP C 25 18.32 -31.65 -19.82
CA ASP C 25 19.48 -32.36 -20.35
C ASP C 25 20.48 -31.43 -20.99
N GLY C 26 20.22 -30.13 -20.89
CA GLY C 26 21.16 -29.15 -21.41
C GLY C 26 20.85 -28.70 -22.82
N ALA C 27 19.95 -29.38 -23.51
CA ALA C 27 19.56 -28.94 -24.84
C ALA C 27 18.19 -28.27 -24.79
N SER C 28 17.90 -27.47 -25.81
CA SER C 28 16.62 -26.80 -25.94
C SER C 28 15.48 -27.77 -26.30
N HIS C 29 14.32 -27.59 -25.66
CA HIS C 29 13.15 -28.39 -25.95
C HIS C 29 11.89 -27.50 -25.95
N PRO C 30 11.58 -26.86 -27.09
CA PRO C 30 10.40 -25.99 -27.08
C PRO C 30 9.13 -26.81 -26.87
N LEU C 31 8.05 -26.17 -26.41
CA LEU C 31 6.78 -26.86 -26.17
C LEU C 31 6.27 -27.58 -27.43
N SER C 32 6.58 -27.00 -28.59
CA SER C 32 6.18 -27.62 -29.87
C SER C 32 6.62 -29.07 -30.03
N GLU C 33 7.71 -29.48 -29.37
CA GLU C 33 8.15 -30.88 -29.42
C GLU C 33 7.12 -31.84 -28.86
N ARG C 34 6.16 -31.32 -28.11
CA ARG C 34 5.29 -32.15 -27.33
C ARG C 34 3.80 -31.83 -27.57
N TYR C 35 3.52 -30.61 -27.98
CA TYR C 35 2.14 -30.15 -28.14
C TYR C 35 1.93 -29.55 -29.52
N ALA C 36 0.90 -30.02 -30.22
CA ALA C 36 0.63 -29.57 -31.57
C ALA C 36 0.09 -28.14 -31.60
N THR C 37 -0.68 -27.77 -30.56
CA THR C 37 -1.23 -26.42 -30.45
C THR C 37 -0.94 -25.74 -29.10
N LEU C 38 -1.07 -24.42 -29.08
CA LEU C 38 -0.85 -23.69 -27.84
C LEU C 38 -1.92 -24.08 -26.82
N ALA C 39 -3.15 -24.27 -27.30
CA ALA C 39 -4.26 -24.66 -26.42
C ALA C 39 -3.93 -25.95 -25.68
N GLU C 40 -3.35 -26.90 -26.40
CA GLU C 40 -2.94 -28.18 -25.85
C GLU C 40 -1.90 -27.96 -24.75
N ALA C 41 -0.92 -27.12 -25.04
CA ALA C 41 0.15 -26.85 -24.06
C ALA C 41 -0.45 -26.17 -22.85
N GLN C 42 -1.40 -25.28 -23.09
CA GLN C 42 -1.96 -24.49 -21.99
C GLN C 42 -2.83 -25.31 -21.08
N THR C 43 -3.34 -26.43 -21.58
CA THR C 43 -4.03 -27.40 -20.73
C THR C 43 -3.08 -27.90 -19.63
N VAL C 44 -1.84 -28.16 -20.02
CA VAL C 44 -0.79 -28.51 -19.04
C VAL C 44 -0.14 -27.32 -18.36
N TYR C 45 0.22 -26.30 -19.12
CA TYR C 45 0.88 -25.13 -18.54
C TYR C 45 0.09 -23.88 -18.84
N PRO C 46 -0.81 -23.49 -17.92
CA PRO C 46 -1.74 -22.37 -18.16
C PRO C 46 -1.01 -21.06 -18.45
N HIS C 47 0.20 -20.95 -17.94
CA HIS C 47 1.06 -19.78 -18.04
C HIS C 47 1.90 -19.72 -19.31
N ALA C 48 1.85 -20.78 -20.12
CA ALA C 48 2.65 -20.80 -21.35
C ALA C 48 2.22 -19.67 -22.27
N VAL C 49 3.18 -19.01 -22.90
CA VAL C 49 2.89 -17.89 -23.77
C VAL C 49 2.88 -18.30 -25.25
N ALA C 50 3.79 -19.19 -25.62
CA ALA C 50 3.96 -19.60 -27.01
C ALA C 50 4.55 -20.99 -27.06
N LEU C 51 4.29 -21.70 -28.16
CA LEU C 51 4.84 -23.04 -28.37
C LEU C 51 6.35 -23.04 -28.48
N SER C 52 6.96 -21.87 -28.66
CA SER C 52 8.43 -21.81 -28.68
C SER C 52 9.04 -21.74 -27.26
N ASP C 53 8.21 -21.60 -26.23
CA ASP C 53 8.71 -21.60 -24.84
C ASP C 53 9.41 -22.93 -24.48
N GLU C 54 10.40 -22.84 -23.60
CA GLU C 54 11.18 -24.01 -23.20
C GLU C 54 10.35 -24.88 -22.26
N ILE C 55 10.33 -26.18 -22.53
CA ILE C 55 9.69 -27.12 -21.63
C ILE C 55 10.24 -27.00 -20.19
N ASP C 56 11.56 -26.83 -20.05
CA ASP C 56 12.18 -26.71 -18.73
C ASP C 56 11.62 -25.47 -18.00
N TRP C 57 11.46 -24.37 -18.72
CA TRP C 57 10.87 -23.18 -18.10
C TRP C 57 9.44 -23.45 -17.63
N ALA C 58 8.62 -24.02 -18.52
CA ALA C 58 7.21 -24.27 -18.23
C ALA C 58 7.08 -25.18 -17.00
N ALA C 59 7.96 -26.17 -16.97
CA ALA C 59 7.98 -27.16 -15.90
C ALA C 59 8.42 -26.54 -14.58
N LEU C 60 9.51 -25.80 -14.61
N LEU C 60 9.51 -25.80 -14.61
N LEU C 60 9.50 -25.78 -14.61
CA LEU C 60 10.02 -25.14 -13.41
CA LEU C 60 10.02 -25.14 -13.41
CA LEU C 60 10.01 -25.15 -13.40
C LEU C 60 9.03 -24.12 -12.88
C LEU C 60 9.03 -24.12 -12.88
C LEU C 60 9.00 -24.13 -12.87
N GLN C 61 8.43 -23.33 -13.76
CA GLN C 61 7.45 -22.34 -13.34
C GLN C 61 6.19 -23.00 -12.76
N ALA C 62 5.76 -24.11 -13.36
CA ALA C 62 4.57 -24.80 -12.87
C ALA C 62 4.87 -25.39 -11.50
N ALA C 63 6.09 -25.87 -11.33
CA ALA C 63 6.53 -26.40 -10.06
C ALA C 63 6.48 -25.32 -8.98
N VAL C 64 7.05 -24.15 -9.28
CA VAL C 64 6.94 -23.01 -8.37
C VAL C 64 5.46 -22.67 -8.09
N ASP C 65 4.64 -22.66 -9.14
CA ASP C 65 3.24 -22.25 -9.03
C ASP C 65 2.40 -23.21 -8.17
N SER C 66 2.87 -24.42 -7.98
CA SER C 66 2.16 -25.38 -7.13
C SER C 66 2.11 -24.94 -5.65
N GLY C 67 3.03 -24.09 -5.24
CA GLY C 67 3.04 -23.60 -3.87
C GLY C 67 3.78 -24.50 -2.92
N ALA C 68 4.24 -25.65 -3.40
CA ALA C 68 5.06 -26.54 -2.60
C ALA C 68 6.52 -26.15 -2.78
N PRO C 69 7.36 -26.43 -1.76
CA PRO C 69 8.81 -26.28 -1.94
C PRO C 69 9.28 -27.05 -3.17
N VAL C 70 10.18 -26.48 -3.95
CA VAL C 70 10.66 -27.12 -5.17
C VAL C 70 12.08 -27.65 -5.00
N HIS C 71 12.27 -28.93 -5.28
CA HIS C 71 13.60 -29.48 -5.29
C HIS C 71 14.04 -29.62 -6.74
N ILE C 72 15.19 -29.06 -7.06
CA ILE C 72 15.74 -29.21 -8.40
C ILE C 72 16.90 -30.21 -8.44
N PRO C 73 16.67 -31.40 -9.00
CA PRO C 73 17.78 -32.37 -9.07
C PRO C 73 18.84 -31.93 -10.07
N SER C 74 20.07 -32.45 -9.95
CA SER C 74 21.15 -32.21 -10.92
C SER C 74 20.63 -32.27 -12.34
N GLY C 75 21.07 -31.34 -13.16
CA GLY C 75 20.44 -31.11 -14.44
C GLY C 75 20.84 -29.75 -14.97
N ASP C 76 20.56 -29.52 -16.25
CA ASP C 76 20.92 -28.28 -16.89
C ASP C 76 19.64 -27.81 -17.58
N TYR C 77 18.94 -26.91 -16.92
CA TYR C 77 17.58 -26.52 -17.32
C TYR C 77 17.58 -25.23 -18.15
N GLN C 78 17.08 -25.33 -19.38
CA GLN C 78 17.09 -24.22 -20.33
C GLN C 78 15.81 -23.41 -20.17
N ILE C 79 15.93 -22.11 -19.90
CA ILE C 79 14.73 -21.30 -19.76
C ILE C 79 14.81 -20.08 -20.65
N ASN C 80 13.68 -19.64 -21.20
CA ASN C 80 13.64 -18.46 -22.06
C ASN C 80 12.84 -17.34 -21.41
N ARG C 81 12.40 -17.54 -20.17
CA ARG C 81 11.69 -16.50 -19.42
C ARG C 81 12.12 -16.64 -17.97
N GLY C 82 11.92 -15.59 -17.17
CA GLY C 82 12.25 -15.68 -15.76
C GLY C 82 11.33 -16.64 -15.05
N ILE C 83 11.83 -17.26 -13.99
CA ILE C 83 10.98 -17.95 -13.03
C ILE C 83 10.60 -16.94 -11.95
N SER C 84 9.32 -16.66 -11.78
CA SER C 84 8.90 -15.60 -10.88
C SER C 84 7.77 -16.01 -9.97
N SER C 85 7.61 -15.29 -8.87
N SER C 85 7.63 -15.30 -8.86
CA SER C 85 6.54 -15.55 -7.92
CA SER C 85 6.58 -15.57 -7.89
C SER C 85 6.20 -14.30 -7.16
C SER C 85 6.24 -14.33 -7.10
N THR C 86 5.05 -14.30 -6.51
CA THR C 86 4.70 -13.22 -5.61
C THR C 86 4.60 -13.85 -4.20
N GLY C 87 5.04 -13.11 -3.19
CA GLY C 87 4.99 -13.59 -1.81
C GLY C 87 5.98 -14.64 -1.34
N SER C 88 6.12 -15.74 -2.07
N SER C 88 6.12 -15.74 -2.06
CA SER C 88 6.95 -16.87 -1.62
CA SER C 88 7.00 -16.84 -1.61
C SER C 88 7.67 -17.63 -2.75
C SER C 88 7.69 -17.58 -2.76
N LEU C 89 8.85 -18.16 -2.46
CA LEU C 89 9.66 -18.86 -3.46
C LEU C 89 10.65 -19.76 -2.75
N GLN C 90 10.51 -21.07 -2.91
CA GLN C 90 11.34 -22.02 -2.18
C GLN C 90 11.92 -22.97 -3.19
N ILE C 91 13.23 -22.81 -3.42
CA ILE C 91 13.95 -23.59 -4.41
C ILE C 91 15.23 -24.10 -3.79
N ALA C 92 15.43 -25.41 -3.85
CA ALA C 92 16.67 -26.02 -3.37
C ALA C 92 17.09 -27.09 -4.33
N GLY C 93 18.39 -27.14 -4.62
CA GLY C 93 18.91 -28.11 -5.57
C GLY C 93 19.91 -29.03 -4.89
N ASP C 94 20.66 -29.76 -5.70
CA ASP C 94 21.68 -30.67 -5.23
C ASP C 94 23.06 -30.04 -5.23
N GLY C 95 23.12 -28.72 -5.39
CA GLY C 95 24.40 -28.03 -5.36
C GLY C 95 24.66 -27.45 -6.73
N ALA C 96 25.94 -27.35 -7.09
CA ALA C 96 26.32 -26.60 -8.31
C ALA C 96 25.97 -27.31 -9.62
N THR C 97 25.60 -28.59 -9.54
CA THR C 97 25.16 -29.32 -10.73
C THR C 97 23.65 -29.16 -11.02
N SER C 98 22.94 -28.43 -10.16
CA SER C 98 21.54 -28.09 -10.43
C SER C 98 21.51 -26.70 -11.08
N ILE C 99 21.55 -26.69 -12.40
CA ILE C 99 21.86 -25.46 -13.15
C ILE C 99 20.61 -24.93 -13.83
N ILE C 100 20.32 -23.65 -13.60
CA ILE C 100 19.31 -22.93 -14.35
C ILE C 100 20.02 -22.03 -15.35
N ARG C 101 19.69 -22.18 -16.64
CA ARG C 101 20.45 -21.53 -17.71
C ARG C 101 19.53 -20.82 -18.70
N PRO C 102 19.43 -19.47 -18.61
CA PRO C 102 18.81 -18.70 -19.69
C PRO C 102 19.38 -19.03 -21.06
N THR C 103 18.50 -19.17 -22.04
CA THR C 103 18.92 -19.44 -23.41
C THR C 103 19.13 -18.10 -24.12
N ALA C 104 19.63 -18.16 -25.35
CA ALA C 104 19.87 -16.95 -26.14
C ALA C 104 18.57 -16.15 -26.33
N ALA C 105 17.44 -16.86 -26.34
CA ALA C 105 16.14 -16.23 -26.56
C ALA C 105 15.49 -15.69 -25.28
N PHE C 106 16.21 -15.74 -24.17
CA PHE C 106 15.67 -15.30 -22.87
C PHE C 106 15.08 -13.89 -22.92
N THR C 107 13.89 -13.74 -22.35
CA THR C 107 13.30 -12.42 -22.13
C THR C 107 12.87 -12.35 -20.69
N GLY C 108 13.15 -11.22 -20.07
CA GLY C 108 12.82 -11.05 -18.67
C GLY C 108 13.91 -10.28 -17.96
N THR C 109 13.56 -9.78 -16.79
CA THR C 109 14.43 -8.92 -16.01
C THR C 109 15.36 -9.73 -15.12
N SER C 110 14.86 -10.85 -14.60
CA SER C 110 15.63 -11.66 -13.68
C SER C 110 15.44 -13.14 -13.96
N VAL C 111 16.49 -13.92 -13.72
CA VAL C 111 16.39 -15.36 -13.82
C VAL C 111 15.40 -15.95 -12.82
N LEU C 112 15.56 -15.59 -11.55
CA LEU C 112 14.65 -16.01 -10.50
C LEU C 112 14.22 -14.79 -9.72
N SER C 113 12.94 -14.69 -9.41
CA SER C 113 12.49 -13.54 -8.63
C SER C 113 11.28 -13.83 -7.76
N CYS C 114 11.22 -13.11 -6.64
CA CYS C 114 10.08 -13.14 -5.75
C CYS C 114 9.83 -11.73 -5.22
N VAL C 115 8.58 -11.30 -5.32
CA VAL C 115 8.19 -9.97 -4.94
C VAL C 115 7.05 -10.04 -3.91
N GLY C 116 7.28 -9.44 -2.75
CA GLY C 116 6.27 -9.34 -1.71
C GLY C 116 5.46 -8.07 -1.93
N SER C 117 4.66 -7.67 -0.95
CA SER C 117 3.76 -6.54 -1.10
C SER C 117 3.97 -5.49 0.00
N LEU C 118 3.84 -4.21 -0.36
CA LEU C 118 3.82 -3.13 0.62
C LEU C 118 2.35 -2.72 0.77
N VAL C 119 1.77 -2.99 1.94
CA VAL C 119 0.33 -2.77 2.12
C VAL C 119 0.11 -1.57 3.01
N ALA C 120 -0.74 -0.66 2.55
CA ALA C 120 -0.96 0.57 3.32
C ALA C 120 -1.35 0.33 4.78
N LEU C 121 -0.67 1.05 5.68
CA LEU C 121 -1.05 1.19 7.08
C LEU C 121 -1.55 2.60 7.32
N PRO C 122 -2.20 2.83 8.48
CA PRO C 122 -2.64 4.20 8.78
C PRO C 122 -1.47 5.17 8.86
N ASN C 123 -1.75 6.46 8.68
CA ASN C 123 -0.72 7.48 8.91
C ASN C 123 -0.32 7.52 10.40
N ILE C 124 0.76 8.23 10.72
CA ILE C 124 1.20 8.29 12.09
C ILE C 124 1.40 9.74 12.54
N SER C 125 1.44 9.95 13.86
CA SER C 125 1.82 11.23 14.44
C SER C 125 3.34 11.42 14.31
N SER C 126 3.81 12.66 14.40
CA SER C 126 5.25 12.95 14.38
C SER C 126 5.95 12.20 15.51
N VAL C 127 7.18 11.75 15.26
CA VAL C 127 7.88 10.92 16.22
C VAL C 127 9.34 11.37 16.18
N SER C 128 10.02 11.25 17.33
N SER C 128 10.03 11.26 17.31
CA SER C 128 11.41 11.67 17.43
CA SER C 128 11.42 11.69 17.38
C SER C 128 12.38 10.50 17.22
C SER C 128 12.37 10.51 17.20
N ALA C 129 13.60 10.83 16.81
CA ALA C 129 14.65 9.85 16.68
C ALA C 129 14.83 9.22 18.05
N GLY C 130 15.17 7.93 18.08
CA GLY C 130 15.39 7.24 19.34
C GLY C 130 14.13 6.73 20.02
N SER C 131 12.95 7.03 19.46
N SER C 131 12.95 7.04 19.46
CA SER C 131 11.69 6.61 20.07
CA SER C 131 11.69 6.59 20.04
C SER C 131 11.40 5.13 19.76
C SER C 131 11.49 5.10 19.81
N LEU C 132 10.62 4.48 20.62
CA LEU C 132 10.19 3.12 20.34
C LEU C 132 8.66 3.02 20.37
N THR C 133 7.99 4.14 20.15
CA THR C 133 6.52 4.19 20.22
C THR C 133 6.01 4.96 19.03
N ILE C 134 5.07 4.35 18.31
CA ILE C 134 4.53 4.91 17.09
C ILE C 134 3.03 5.07 17.34
N ASP C 135 2.48 6.25 17.09
CA ASP C 135 1.03 6.46 17.23
C ASP C 135 0.31 6.52 15.90
N PHE C 136 -0.45 5.47 15.58
CA PHE C 136 -1.19 5.40 14.32
C PHE C 136 -2.52 6.14 14.46
N ALA C 137 -2.98 6.70 13.36
CA ALA C 137 -4.18 7.54 13.35
C ALA C 137 -5.45 6.70 13.46
N SER C 138 -5.36 5.44 13.07
CA SER C 138 -6.47 4.50 13.24
C SER C 138 -5.90 3.12 13.44
N THR C 139 -6.77 2.13 13.64
CA THR C 139 -6.36 0.81 14.08
C THR C 139 -5.46 0.14 13.06
N PRO C 140 -4.19 -0.11 13.43
CA PRO C 140 -3.30 -0.71 12.45
C PRO C 140 -3.45 -2.21 12.47
N ASN C 141 -3.41 -2.83 11.29
CA ASN C 141 -3.50 -4.26 11.20
C ASN C 141 -2.09 -4.85 11.43
N LEU C 142 -1.66 -4.83 12.69
CA LEU C 142 -0.32 -5.30 13.03
C LEU C 142 -0.37 -6.14 14.30
N VAL C 143 0.52 -7.15 14.39
CA VAL C 143 0.74 -7.87 15.63
C VAL C 143 2.24 -7.99 15.87
N ALA C 144 2.61 -8.42 17.07
CA ALA C 144 4.02 -8.53 17.41
C ALA C 144 4.74 -9.38 16.36
N GLY C 145 5.92 -8.91 15.95
CA GLY C 145 6.73 -9.60 14.97
C GLY C 145 6.55 -9.04 13.56
N ASP C 146 5.45 -8.31 13.32
CA ASP C 146 5.22 -7.78 11.97
C ASP C 146 6.27 -6.70 11.68
N VAL C 147 6.48 -6.46 10.39
CA VAL C 147 7.50 -5.51 9.92
C VAL C 147 6.82 -4.43 9.08
N PHE C 148 7.13 -3.17 9.33
CA PHE C 148 6.61 -2.10 8.45
C PHE C 148 7.68 -1.10 8.11
N ILE C 149 7.41 -0.33 7.07
CA ILE C 149 8.32 0.68 6.57
C ILE C 149 7.67 2.05 6.74
N ILE C 150 8.40 2.96 7.38
CA ILE C 150 8.03 4.37 7.42
C ILE C 150 8.74 4.97 6.22
N TYR C 151 7.98 5.61 5.35
CA TYR C 151 8.55 6.10 4.09
C TYR C 151 8.23 7.58 3.80
N ASN C 152 9.26 8.39 3.55
CA ASN C 152 9.07 9.78 3.17
C ASN C 152 9.25 9.89 1.67
N PRO C 153 8.17 10.15 0.91
CA PRO C 153 8.38 10.19 -0.54
C PRO C 153 9.06 11.48 -1.04
N THR C 154 9.34 12.45 -0.17
CA THR C 154 9.99 13.66 -0.62
C THR C 154 11.43 13.38 -1.05
N ASP C 155 11.82 13.87 -2.23
CA ASP C 155 13.17 13.66 -2.74
C ASP C 155 14.24 14.16 -1.75
N SER C 156 15.32 13.39 -1.64
CA SER C 156 16.48 13.75 -0.82
C SER C 156 16.16 13.95 0.65
N SER C 157 15.05 13.38 1.13
CA SER C 157 14.67 13.56 2.52
C SER C 157 15.67 12.94 3.52
N PHE C 158 16.47 11.96 3.09
CA PHE C 158 17.58 11.48 3.94
C PHE C 158 18.88 12.21 3.61
N SER C 159 19.21 12.32 2.32
CA SER C 159 20.47 12.96 1.91
C SER C 159 20.28 13.74 0.63
N GLY C 160 20.82 14.96 0.59
CA GLY C 160 20.71 15.81 -0.59
C GLY C 160 21.62 15.37 -1.73
N PHE C 161 22.52 14.41 -1.51
CA PHE C 161 23.41 14.01 -2.61
C PHE C 161 22.71 13.36 -3.82
N ARG C 162 21.57 12.70 -3.60
CA ARG C 162 20.77 12.17 -4.74
C ARG C 162 19.30 12.28 -4.40
N THR C 163 18.46 12.52 -5.40
CA THR C 163 17.03 12.65 -5.15
C THR C 163 16.42 11.36 -4.58
N SER C 164 16.96 10.21 -4.96
CA SER C 164 16.41 8.94 -4.49
C SER C 164 16.82 8.54 -3.06
N TYR C 165 17.66 9.36 -2.42
CA TYR C 165 18.05 9.05 -1.05
C TYR C 165 16.99 9.62 -0.15
N ARG C 166 15.88 8.90 -0.04
CA ARG C 166 14.73 9.38 0.70
C ARG C 166 14.79 8.78 2.10
N ALA C 167 14.08 9.42 3.02
CA ALA C 167 14.11 9.02 4.43
C ALA C 167 13.06 7.97 4.76
N GLY C 168 13.25 7.34 5.92
CA GLY C 168 12.36 6.30 6.43
C GLY C 168 13.18 5.15 7.01
N GLU C 169 12.51 4.07 7.40
CA GLU C 169 13.22 2.91 7.94
C GLU C 169 12.25 1.76 8.19
N PHE C 170 12.82 0.60 8.52
CA PHE C 170 12.03 -0.60 8.78
C PHE C 170 11.86 -0.74 10.28
N CYS C 171 10.64 -1.05 10.70
CA CYS C 171 10.34 -1.22 12.11
C CYS C 171 9.77 -2.62 12.35
N GLU C 172 10.03 -3.18 13.52
CA GLU C 172 9.59 -4.53 13.86
C GLU C 172 8.69 -4.43 15.09
N VAL C 173 7.45 -4.89 14.97
CA VAL C 173 6.46 -4.65 16.01
C VAL C 173 6.75 -5.40 17.32
N ARG C 174 6.74 -4.66 18.43
CA ARG C 174 6.86 -5.25 19.75
C ARG C 174 5.49 -5.62 20.34
N ALA C 175 4.59 -4.64 20.36
CA ALA C 175 3.26 -4.82 20.93
C ALA C 175 2.35 -3.75 20.36
N VAL C 176 1.06 -4.06 20.40
CA VAL C 176 0.05 -3.16 19.89
C VAL C 176 -0.96 -2.94 20.98
N SER C 177 -1.24 -1.69 21.30
CA SER C 177 -2.32 -1.42 22.23
C SER C 177 -3.20 -0.30 21.68
N GLY C 178 -4.38 -0.68 21.21
CA GLY C 178 -5.25 0.24 20.51
C GLY C 178 -4.53 0.71 19.27
N ASN C 179 -4.29 2.01 19.17
CA ASN C 179 -3.62 2.55 18.01
C ASN C 179 -2.14 2.85 18.25
N THR C 180 -1.66 2.45 19.42
CA THR C 180 -0.27 2.66 19.78
C THR C 180 0.51 1.39 19.52
N VAL C 181 1.57 1.52 18.74
CA VAL C 181 2.43 0.38 18.37
C VAL C 181 3.83 0.61 18.90
N THR C 182 4.28 -0.25 19.79
CA THR C 182 5.68 -0.16 20.20
C THR C 182 6.55 -1.05 19.34
N ILE C 183 7.83 -0.69 19.20
CA ILE C 183 8.70 -1.34 18.25
C ILE C 183 9.95 -1.87 18.96
N ARG C 184 10.63 -2.80 18.32
CA ARG C 184 11.63 -3.59 19.01
C ARG C 184 13.00 -2.93 19.11
N SER C 185 13.25 -1.94 18.26
CA SER C 185 14.49 -1.15 18.40
C SER C 185 14.27 0.33 18.11
N ALA C 186 15.11 1.19 18.71
CA ALA C 186 14.96 2.64 18.61
C ALA C 186 15.01 3.11 17.15
N LEU C 187 14.14 4.06 16.81
CA LEU C 187 14.19 4.70 15.50
C LEU C 187 15.52 5.40 15.27
N TYR C 188 16.02 5.30 14.03
CA TYR C 188 17.25 6.00 13.66
C TYR C 188 17.02 7.48 13.42
N ALA C 189 15.78 7.84 13.05
CA ALA C 189 15.49 9.22 12.65
C ALA C 189 14.13 9.71 13.12
N ALA C 190 13.95 11.02 13.11
CA ALA C 190 12.68 11.64 13.45
C ALA C 190 11.86 11.75 12.19
N TYR C 191 10.52 11.72 12.31
CA TYR C 191 9.62 11.87 11.18
C TYR C 191 8.49 12.81 11.54
N ASP C 192 8.18 13.73 10.62
CA ASP C 192 7.03 14.60 10.72
C ASP C 192 5.87 13.77 10.17
N GLY C 193 4.84 13.57 10.98
CA GLY C 193 3.77 12.64 10.59
C GLY C 193 3.06 13.04 9.32
N ALA C 194 3.07 14.35 9.04
CA ALA C 194 2.45 14.87 7.82
C ALA C 194 3.25 14.56 6.56
N THR C 195 4.45 13.99 6.69
CA THR C 195 5.33 13.78 5.55
C THR C 195 5.60 12.32 5.17
N VAL C 196 5.06 11.36 5.93
CA VAL C 196 5.37 9.94 5.68
C VAL C 196 4.13 9.08 5.44
N ALA C 197 4.33 8.02 4.65
CA ALA C 197 3.32 7.03 4.36
C ALA C 197 3.90 5.76 4.89
N ILE C 198 3.04 4.90 5.42
CA ILE C 198 3.51 3.72 6.16
C ILE C 198 3.00 2.49 5.43
N TYR C 199 3.84 1.46 5.38
CA TYR C 199 3.53 0.25 4.64
C TYR C 199 3.92 -1.00 5.43
N LYS C 200 2.97 -1.89 5.60
CA LYS C 200 3.26 -3.22 6.15
C LYS C 200 3.93 -4.09 5.07
N VAL C 201 5.03 -4.75 5.42
CA VAL C 201 5.68 -5.66 4.48
C VAL C 201 5.03 -7.03 4.59
N VAL C 202 4.37 -7.44 3.52
CA VAL C 202 3.58 -8.66 3.51
C VAL C 202 4.23 -9.59 2.49
N SER C 203 4.76 -10.71 3.00
CA SER C 203 5.48 -11.66 2.19
C SER C 203 5.46 -13.00 2.88
N GLY C 204 5.75 -14.06 2.13
CA GLY C 204 5.90 -15.37 2.71
C GLY C 204 7.35 -15.81 2.71
N VAL C 205 7.56 -17.12 2.62
CA VAL C 205 8.88 -17.72 2.77
C VAL C 205 9.68 -17.65 1.46
N VAL C 206 10.85 -17.05 1.53
CA VAL C 206 11.79 -17.08 0.41
C VAL C 206 13.08 -17.80 0.84
N ASP C 207 13.38 -18.91 0.18
CA ASP C 207 14.54 -19.73 0.53
C ASP C 207 15.10 -20.30 -0.76
N ILE C 208 16.30 -19.87 -1.15
CA ILE C 208 16.91 -20.29 -2.41
C ILE C 208 18.27 -20.88 -2.08
N ALA C 209 18.45 -22.16 -2.37
CA ALA C 209 19.67 -22.82 -1.92
C ALA C 209 20.21 -23.87 -2.85
N SER C 210 21.53 -24.04 -2.81
CA SER C 210 22.18 -25.18 -3.48
C SER C 210 21.80 -25.37 -4.95
N ILE C 211 21.86 -24.28 -5.71
CA ILE C 211 21.69 -24.31 -7.15
C ILE C 211 22.78 -23.44 -7.77
N GLN C 212 22.92 -23.55 -9.08
CA GLN C 212 23.78 -22.66 -9.83
C GLN C 212 22.96 -21.98 -10.92
N ILE C 213 23.06 -20.66 -10.97
CA ILE C 213 22.49 -19.90 -12.07
C ILE C 213 23.60 -19.45 -13.01
N VAL C 214 23.51 -19.85 -14.27
CA VAL C 214 24.48 -19.41 -15.27
C VAL C 214 23.68 -18.44 -16.11
N GLY C 215 23.74 -17.17 -15.75
CA GLY C 215 22.77 -16.21 -16.24
C GLY C 215 23.02 -15.69 -17.64
N GLY C 216 24.28 -15.67 -18.09
CA GLY C 216 24.59 -15.11 -19.40
C GLY C 216 24.46 -13.59 -19.46
N THR C 217 24.10 -13.06 -20.63
CA THR C 217 24.20 -11.62 -20.86
C THR C 217 22.87 -10.89 -20.80
N VAL C 218 21.78 -11.65 -20.85
CA VAL C 218 20.48 -11.00 -21.02
C VAL C 218 19.77 -10.52 -19.73
N PRO C 219 19.66 -11.37 -18.71
CA PRO C 219 18.89 -10.90 -17.54
C PRO C 219 19.61 -9.75 -16.82
N MET C 220 18.88 -8.78 -16.28
CA MET C 220 19.54 -7.75 -15.47
C MET C 220 20.01 -8.33 -14.16
N ASN C 221 19.25 -9.27 -13.60
CA ASN C 221 19.59 -9.87 -12.29
C ASN C 221 19.65 -11.38 -12.35
N GLY C 222 20.56 -12.00 -11.58
CA GLY C 222 20.50 -13.44 -11.43
C GLY C 222 19.32 -13.75 -10.53
N LEU C 223 19.37 -13.17 -9.33
N LEU C 223 19.36 -13.21 -9.32
CA LEU C 223 18.33 -13.31 -8.31
CA LEU C 223 18.24 -13.36 -8.39
C LEU C 223 17.79 -11.94 -7.98
C LEU C 223 17.79 -11.99 -7.96
N LEU C 224 16.47 -11.78 -7.97
CA LEU C 224 15.87 -10.57 -7.42
C LEU C 224 14.88 -10.95 -6.32
N VAL C 225 15.06 -10.40 -5.12
CA VAL C 225 14.09 -10.60 -4.05
C VAL C 225 13.72 -9.22 -3.56
N GLU C 226 12.42 -8.92 -3.57
CA GLU C 226 11.95 -7.58 -3.31
C GLU C 226 10.78 -7.57 -2.32
N ALA C 227 10.84 -6.67 -1.34
CA ALA C 227 9.78 -6.52 -0.34
C ALA C 227 9.48 -7.82 0.41
N VAL C 228 10.52 -8.49 0.91
CA VAL C 228 10.34 -9.73 1.65
C VAL C 228 11.00 -9.65 3.03
N VAL C 229 10.34 -10.21 4.04
CA VAL C 229 10.92 -10.32 5.37
C VAL C 229 11.75 -11.59 5.51
N SER C 230 13.01 -11.43 5.89
CA SER C 230 13.94 -12.57 6.07
C SER C 230 14.07 -13.56 4.92
N PRO C 231 14.31 -13.06 3.69
CA PRO C 231 14.59 -14.05 2.64
C PRO C 231 15.97 -14.65 2.91
N ARG C 232 16.20 -15.85 2.39
CA ARG C 232 17.42 -16.61 2.62
C ARG C 232 17.96 -17.09 1.28
N VAL C 233 19.24 -16.81 1.02
CA VAL C 233 19.96 -17.36 -0.10
C VAL C 233 21.21 -18.08 0.45
N ASP C 234 21.37 -19.37 0.17
CA ASP C 234 22.48 -20.08 0.79
C ASP C 234 23.10 -21.09 -0.17
N ASP C 235 24.43 -21.20 -0.15
N ASP C 235 24.43 -21.18 -0.19
CA ASP C 235 25.11 -22.20 -0.96
CA ASP C 235 25.10 -22.21 -0.96
C ASP C 235 24.73 -22.11 -2.45
C ASP C 235 24.72 -22.11 -2.45
N VAL C 236 24.63 -20.90 -2.99
CA VAL C 236 24.37 -20.77 -4.42
C VAL C 236 25.60 -20.33 -5.17
N THR C 237 25.61 -20.59 -6.47
CA THR C 237 26.64 -20.09 -7.36
C THR C 237 25.90 -19.33 -8.46
N VAL C 238 26.27 -18.09 -8.70
CA VAL C 238 25.60 -17.31 -9.74
C VAL C 238 26.65 -16.66 -10.64
N THR C 239 26.49 -16.78 -11.96
CA THR C 239 27.35 -16.06 -12.86
C THR C 239 26.43 -15.27 -13.76
N LEU C 240 26.92 -14.15 -14.26
CA LEU C 240 26.09 -13.25 -15.06
C LEU C 240 27.06 -12.30 -15.76
N ALA C 241 26.60 -11.63 -16.82
CA ALA C 241 27.36 -10.55 -17.45
C ALA C 241 26.36 -9.44 -17.71
N ASN C 242 25.81 -8.89 -16.62
CA ASN C 242 24.83 -7.81 -16.70
C ASN C 242 24.85 -6.98 -15.40
N ASN C 243 23.67 -6.61 -14.89
CA ASN C 243 23.63 -5.61 -13.81
C ASN C 243 23.95 -6.07 -12.38
N ALA C 244 23.34 -7.16 -11.94
CA ALA C 244 23.46 -7.58 -10.55
C ALA C 244 23.33 -9.10 -10.43
N GLY C 245 24.31 -9.73 -9.78
CA GLY C 245 24.24 -11.17 -9.56
C GLY C 245 23.08 -11.50 -8.64
N VAL C 246 23.04 -10.81 -7.50
CA VAL C 246 21.97 -10.96 -6.52
C VAL C 246 21.54 -9.57 -6.07
N TYR C 247 20.24 -9.28 -6.18
CA TYR C 247 19.68 -7.96 -5.83
C TYR C 247 18.58 -8.16 -4.81
N PHE C 248 18.84 -7.72 -3.58
CA PHE C 248 17.80 -7.64 -2.56
C PHE C 248 17.31 -6.20 -2.54
N ALA C 249 16.00 -6.01 -2.74
CA ALA C 249 15.43 -4.65 -2.76
C ALA C 249 14.35 -4.55 -1.72
N ARG C 250 14.43 -3.53 -0.84
CA ARG C 250 13.42 -3.36 0.20
C ARG C 250 13.15 -4.62 1.03
N CYS C 251 14.22 -5.34 1.39
CA CYS C 251 14.09 -6.53 2.23
C CYS C 251 14.54 -6.25 3.66
N TYR C 252 13.93 -6.93 4.61
CA TYR C 252 14.34 -6.83 6.01
C TYR C 252 15.04 -8.12 6.36
N ASP C 253 16.23 -8.03 6.94
CA ASP C 253 16.98 -9.25 7.30
C ASP C 253 17.16 -10.18 6.10
N ALA C 254 17.48 -9.63 4.91
CA ALA C 254 17.95 -10.46 3.80
C ALA C 254 19.32 -11.02 4.17
N LYS C 255 19.51 -12.32 4.03
CA LYS C 255 20.81 -12.92 4.29
C LYS C 255 21.22 -13.81 3.12
N ILE C 256 22.45 -13.60 2.63
CA ILE C 256 23.03 -14.50 1.67
C ILE C 256 24.31 -15.06 2.30
N THR C 257 24.46 -16.38 2.24
CA THR C 257 25.53 -17.04 2.96
C THR C 257 26.21 -18.08 2.09
N ASN C 258 27.52 -18.25 2.25
CA ASN C 258 28.24 -19.38 1.66
C ASN C 258 28.08 -19.51 0.14
N SER C 259 28.07 -18.39 -0.56
CA SER C 259 27.72 -18.38 -1.97
C SER C 259 28.88 -17.76 -2.76
N ASN C 260 28.97 -18.14 -4.04
CA ASN C 260 29.95 -17.58 -4.96
C ASN C 260 29.24 -16.84 -6.08
N ILE C 261 29.49 -15.54 -6.19
CA ILE C 261 28.74 -14.69 -7.11
C ILE C 261 29.77 -14.04 -8.00
N SER C 262 29.54 -14.10 -9.30
CA SER C 262 30.51 -13.59 -10.25
C SER C 262 29.77 -12.86 -11.36
N ASN C 263 29.85 -11.53 -11.36
CA ASN C 263 29.22 -10.75 -12.42
C ASN C 263 30.26 -10.04 -13.27
N ILE C 264 30.42 -10.54 -14.47
CA ILE C 264 31.33 -9.97 -15.46
C ILE C 264 30.89 -8.55 -15.82
N GLY C 265 29.59 -8.28 -15.67
CA GLY C 265 29.04 -6.96 -15.93
C GLY C 265 28.70 -6.78 -17.41
N ASP C 266 27.86 -5.79 -17.70
CA ASP C 266 27.65 -5.38 -19.10
C ASP C 266 27.97 -3.93 -19.27
N GLY C 267 28.83 -3.38 -18.40
CA GLY C 267 29.22 -1.98 -18.54
C GLY C 267 28.29 -0.99 -17.88
N GLY C 268 27.35 -1.47 -17.06
CA GLY C 268 26.51 -0.59 -16.28
C GLY C 268 26.99 -0.61 -14.83
N ASP C 269 26.04 -0.52 -13.90
CA ASP C 269 26.40 -0.54 -12.47
C ASP C 269 27.19 -1.77 -12.05
N ASP C 270 26.87 -2.91 -12.66
CA ASP C 270 27.72 -4.11 -12.56
C ASP C 270 28.11 -4.51 -11.12
N TYR C 271 27.09 -4.91 -10.37
CA TYR C 271 27.20 -5.32 -8.97
C TYR C 271 27.29 -6.83 -8.84
N GLY C 272 27.97 -7.32 -7.80
CA GLY C 272 27.85 -8.74 -7.49
C GLY C 272 26.61 -9.02 -6.67
N ILE C 273 26.63 -8.57 -5.42
CA ILE C 273 25.48 -8.59 -4.53
C ILE C 273 25.17 -7.16 -4.17
N ILE C 274 23.92 -6.73 -4.36
CA ILE C 274 23.54 -5.39 -3.93
C ILE C 274 22.31 -5.43 -3.04
N PHE C 275 22.38 -4.68 -1.95
CA PHE C 275 21.27 -4.51 -1.03
C PHE C 275 20.72 -3.10 -1.26
N GLY C 276 19.59 -2.98 -1.95
CA GLY C 276 19.00 -1.68 -2.21
C GLY C 276 17.90 -1.45 -1.20
N ASN C 277 17.98 -0.34 -0.47
CA ASN C 277 16.91 0.03 0.45
C ASN C 277 16.55 -1.12 1.43
N CYS C 278 17.58 -1.78 1.98
CA CYS C 278 17.41 -2.92 2.86
C CYS C 278 17.80 -2.57 4.29
N HIS C 279 17.29 -3.32 5.25
CA HIS C 279 17.53 -3.04 6.67
C HIS C 279 17.72 -4.40 7.37
N ASP C 280 18.77 -4.53 8.18
CA ASP C 280 19.17 -5.77 8.81
C ASP C 280 19.76 -6.77 7.79
N GLY C 281 20.36 -7.83 8.29
CA GLY C 281 20.88 -8.86 7.41
C GLY C 281 22.25 -8.57 6.84
N GLY C 282 22.56 -9.15 5.68
CA GLY C 282 23.86 -8.93 5.10
C GLY C 282 24.41 -10.17 4.40
N ALA C 283 25.72 -10.17 4.16
CA ALA C 283 26.35 -11.25 3.40
C ALA C 283 27.45 -11.89 4.25
N ASP C 284 27.50 -13.22 4.27
CA ASP C 284 28.44 -13.89 5.17
C ASP C 284 29.14 -15.03 4.42
N ASN C 285 30.47 -15.03 4.44
CA ASN C 285 31.27 -16.14 3.89
C ASN C 285 31.00 -16.35 2.41
N CYS C 286 30.96 -15.26 1.66
CA CYS C 286 30.75 -15.35 0.22
C CYS C 286 32.04 -14.96 -0.47
N LYS C 287 32.29 -15.56 -1.63
CA LYS C 287 33.38 -15.14 -2.49
C LYS C 287 32.73 -14.44 -3.68
N VAL C 288 33.13 -13.21 -3.94
CA VAL C 288 32.39 -12.40 -4.90
C VAL C 288 33.33 -11.70 -5.86
N TYR C 289 33.00 -11.73 -7.15
CA TYR C 289 33.62 -10.85 -8.16
C TYR C 289 32.52 -10.05 -8.88
N ALA C 290 32.78 -8.78 -9.18
CA ALA C 290 31.94 -8.05 -10.13
C ALA C 290 32.76 -6.95 -10.74
N ARG C 291 32.40 -6.51 -11.95
CA ARG C 291 33.27 -5.56 -12.63
C ARG C 291 33.49 -4.27 -11.80
N ARG C 292 32.42 -3.69 -11.27
CA ARG C 292 32.52 -2.46 -10.51
C ARG C 292 32.53 -2.69 -8.99
N HIS C 293 31.44 -3.22 -8.44
CA HIS C 293 31.36 -3.36 -6.99
C HIS C 293 30.95 -4.78 -6.68
N ALA C 294 31.84 -5.52 -6.03
CA ALA C 294 31.58 -6.92 -5.69
C ALA C 294 30.36 -6.98 -4.77
N ILE C 295 30.36 -6.14 -3.74
CA ILE C 295 29.17 -5.96 -2.91
C ILE C 295 28.89 -4.46 -2.84
N ALA C 296 27.60 -4.09 -2.83
CA ALA C 296 27.21 -2.68 -2.79
C ALA C 296 25.90 -2.53 -2.04
N THR C 297 25.60 -1.30 -1.66
CA THR C 297 24.28 -0.97 -1.10
C THR C 297 23.84 0.31 -1.78
N GLY C 298 22.55 0.54 -1.83
CA GLY C 298 22.04 1.72 -2.51
C GLY C 298 20.54 1.62 -2.57
N GLY C 299 19.98 1.61 -3.78
CA GLY C 299 18.55 1.46 -3.89
C GLY C 299 18.05 2.09 -5.18
N ASP C 300 16.73 2.26 -5.28
CA ASP C 300 16.18 2.88 -6.47
C ASP C 300 15.28 4.05 -6.06
N ALA C 301 14.30 4.40 -6.89
CA ALA C 301 13.42 5.52 -6.57
C ALA C 301 11.97 5.06 -6.36
N GLU C 302 11.80 3.78 -6.12
CA GLU C 302 10.45 3.23 -6.00
C GLU C 302 9.87 3.48 -4.62
N VAL C 303 8.56 3.36 -4.45
CA VAL C 303 7.93 3.48 -3.13
C VAL C 303 8.72 2.65 -2.09
N GLY C 304 9.01 3.25 -0.95
CA GLY C 304 9.71 2.57 0.13
C GLY C 304 11.23 2.53 -0.06
N CYS C 305 11.78 3.41 -0.89
CA CYS C 305 13.24 3.40 -1.09
C CYS C 305 13.99 4.09 0.04
N VAL C 306 13.93 3.49 1.25
CA VAL C 306 14.47 4.08 2.47
C VAL C 306 15.97 3.78 2.60
N PRO C 307 16.65 4.43 3.57
CA PRO C 307 18.08 4.16 3.73
C PRO C 307 18.43 2.70 4.10
N VAL C 308 19.66 2.33 3.76
CA VAL C 308 20.16 1.00 4.00
C VAL C 308 20.81 1.00 5.37
N ARG C 309 20.34 0.15 6.29
CA ARG C 309 20.81 0.23 7.68
C ARG C 309 21.04 -1.13 8.32
N ASN C 310 22.03 -1.21 9.21
CA ASN C 310 22.39 -2.44 9.89
C ASN C 310 22.53 -3.62 8.94
N VAL C 311 23.11 -3.35 7.77
CA VAL C 311 23.50 -4.41 6.86
C VAL C 311 24.98 -4.67 7.05
N ARG C 312 25.34 -5.92 7.25
CA ARG C 312 26.70 -6.25 7.66
C ARG C 312 27.30 -7.28 6.69
N MET C 313 28.46 -6.97 6.13
CA MET C 313 29.16 -7.88 5.25
C MET C 313 30.31 -8.47 6.07
N ARG C 314 30.31 -9.79 6.24
N ARG C 314 30.34 -9.80 6.20
CA ARG C 314 31.31 -10.45 7.07
CA ARG C 314 31.31 -10.45 7.08
C ARG C 314 32.00 -11.57 6.32
C ARG C 314 31.97 -11.64 6.43
N ASN C 315 33.27 -11.80 6.64
CA ASN C 315 33.96 -13.02 6.23
C ASN C 315 33.92 -13.32 4.72
N CYS C 316 33.98 -12.28 3.89
CA CYS C 316 33.91 -12.46 2.44
C CYS C 316 35.25 -12.13 1.80
N THR C 317 35.51 -12.68 0.62
CA THR C 317 36.59 -12.21 -0.24
C THR C 317 35.95 -11.56 -1.45
N LEU C 318 36.39 -10.34 -1.75
CA LEU C 318 35.80 -9.55 -2.81
C LEU C 318 36.86 -9.09 -3.80
N ARG C 319 36.51 -9.12 -5.09
CA ARG C 319 37.41 -8.68 -6.17
C ARG C 319 36.58 -7.85 -7.16
N ASN C 320 37.20 -6.88 -7.79
CA ASN C 320 36.57 -6.19 -8.92
C ASN C 320 37.55 -6.05 -10.10
N ASP C 321 37.10 -5.39 -11.16
CA ASP C 321 37.95 -5.09 -12.30
C ASP C 321 38.70 -3.80 -11.95
N ILE C 322 40.00 -3.92 -11.70
CA ILE C 322 40.75 -2.75 -11.29
C ILE C 322 40.71 -1.66 -12.37
N THR C 323 40.54 -2.05 -13.63
CA THR C 323 40.51 -1.07 -14.71
C THR C 323 39.23 -0.28 -14.75
N SER C 324 38.22 -0.71 -13.97
CA SER C 324 37.00 0.09 -13.81
C SER C 324 37.28 1.44 -13.14
N GLY C 325 38.34 1.51 -12.35
CA GLY C 325 38.71 2.74 -11.67
C GLY C 325 37.95 3.02 -10.37
N THR C 326 37.00 2.16 -10.01
CA THR C 326 36.18 2.40 -8.82
C THR C 326 36.55 1.43 -7.71
N HIS C 327 35.96 1.65 -6.53
CA HIS C 327 36.22 0.85 -5.35
C HIS C 327 35.48 -0.49 -5.45
N CYS C 328 36.10 -1.53 -4.92
CA CYS C 328 35.51 -2.85 -4.97
C CYS C 328 34.37 -3.04 -3.95
N ALA C 329 34.60 -2.67 -2.69
CA ALA C 329 33.58 -2.77 -1.65
C ALA C 329 32.82 -1.46 -1.56
N ASP C 330 31.50 -1.50 -1.76
CA ASP C 330 30.73 -0.27 -1.88
C ASP C 330 29.67 -0.05 -0.79
N PHE C 331 29.47 1.21 -0.41
CA PHE C 331 28.23 1.69 0.19
C PHE C 331 27.91 2.96 -0.58
N HIS C 332 26.64 3.18 -0.91
CA HIS C 332 26.21 4.50 -1.40
C HIS C 332 25.80 5.45 -0.27
N GLY C 333 25.55 6.71 -0.65
CA GLY C 333 25.26 7.77 0.29
C GLY C 333 23.96 7.64 1.08
N ASN C 334 23.14 6.64 0.79
CA ASN C 334 21.98 6.41 1.65
C ASN C 334 22.18 5.27 2.63
N ALA C 335 23.43 5.03 3.02
CA ALA C 335 23.75 3.97 4.00
C ALA C 335 23.94 4.62 5.35
N GLU C 336 23.40 3.98 6.39
CA GLU C 336 23.68 4.41 7.77
C GLU C 336 23.89 3.18 8.65
N ASP C 337 24.97 3.16 9.43
CA ASP C 337 25.20 2.09 10.43
C ASP C 337 25.38 0.74 9.74
N CYS C 338 26.28 0.71 8.76
CA CYS C 338 26.63 -0.55 8.08
C CYS C 338 28.15 -0.75 8.14
N SER C 339 28.59 -1.97 7.91
CA SER C 339 30.02 -2.23 7.98
C SER C 339 30.43 -3.45 7.16
N TYR C 340 31.73 -3.51 6.84
CA TYR C 340 32.39 -4.71 6.34
C TYR C 340 33.33 -5.15 7.48
N GLU C 341 33.33 -6.45 7.82
CA GLU C 341 34.12 -6.95 8.93
C GLU C 341 34.78 -8.24 8.50
N ASN C 342 36.06 -8.42 8.83
CA ASN C 342 36.76 -9.68 8.48
C ASN C 342 36.65 -10.02 6.98
N CYS C 343 36.80 -9.03 6.13
CA CYS C 343 36.72 -9.27 4.68
C CYS C 343 38.06 -9.00 4.06
N THR C 344 38.34 -9.74 2.99
CA THR C 344 39.51 -9.50 2.16
C THR C 344 38.98 -8.75 0.96
N ILE C 345 39.45 -7.51 0.77
CA ILE C 345 38.92 -6.66 -0.27
C ILE C 345 40.03 -6.26 -1.25
N TYR C 346 40.02 -6.87 -2.44
CA TYR C 346 40.94 -6.48 -3.51
C TYR C 346 40.31 -5.37 -4.35
N GLY C 347 40.98 -4.22 -4.44
CA GLY C 347 40.48 -3.16 -5.29
C GLY C 347 39.77 -2.02 -4.59
N GLY C 348 40.03 -1.81 -3.30
CA GLY C 348 39.52 -0.62 -2.62
C GLY C 348 38.11 -0.65 -2.00
N ALA C 349 37.84 0.33 -1.12
CA ALA C 349 36.60 0.36 -0.36
C ALA C 349 36.19 1.83 -0.24
N THR C 350 35.04 2.08 0.36
N THR C 350 35.04 2.05 0.38
CA THR C 350 34.53 3.44 0.37
CA THR C 350 34.42 3.37 0.42
C THR C 350 33.80 3.80 1.65
C THR C 350 33.84 3.78 1.76
N TRP C 351 33.95 5.07 2.04
CA TRP C 351 33.12 5.69 3.07
C TRP C 351 32.07 6.56 2.37
N GLN C 352 30.79 6.29 2.59
CA GLN C 352 29.70 7.16 2.10
C GLN C 352 28.57 7.11 3.09
N GLY C 353 27.66 8.09 3.05
CA GLY C 353 26.50 8.05 3.91
C GLY C 353 26.81 8.53 5.32
N LYS C 354 26.54 7.66 6.30
CA LYS C 354 26.70 8.03 7.72
C LYS C 354 27.04 6.82 8.56
N ASP C 355 28.01 6.95 9.47
CA ASP C 355 28.28 5.89 10.45
C ASP C 355 28.62 4.54 9.80
N ILE C 356 29.77 4.52 9.12
CA ILE C 356 30.23 3.38 8.34
C ILE C 356 31.57 2.93 8.90
N SER C 357 31.80 1.63 8.96
CA SER C 357 33.09 1.13 9.50
C SER C 357 33.62 -0.04 8.66
N TYR C 358 34.95 -0.16 8.60
CA TYR C 358 35.66 -1.35 8.12
C TYR C 358 36.44 -1.86 9.33
N ARG C 359 36.21 -3.12 9.69
CA ARG C 359 36.83 -3.70 10.87
C ARG C 359 37.59 -4.98 10.50
N HIS C 360 38.87 -5.03 10.84
CA HIS C 360 39.69 -6.23 10.59
C HIS C 360 39.56 -6.67 9.14
N CYS C 361 39.60 -5.72 8.21
CA CYS C 361 39.62 -6.09 6.80
C CYS C 361 41.05 -5.97 6.26
N THR C 362 41.33 -6.72 5.19
CA THR C 362 42.57 -6.53 4.43
C THR C 362 42.12 -5.90 3.12
N ILE C 363 42.67 -4.72 2.79
CA ILE C 363 42.19 -3.95 1.64
C ILE C 363 43.37 -3.53 0.76
N THR C 364 43.29 -3.83 -0.54
CA THR C 364 44.29 -3.34 -1.48
C THR C 364 43.77 -2.19 -2.33
N ASN C 365 44.65 -1.59 -3.13
CA ASN C 365 44.33 -0.34 -3.80
C ASN C 365 43.45 -0.52 -5.03
N ALA C 366 42.74 0.55 -5.39
CA ALA C 366 42.08 0.65 -6.70
C ALA C 366 43.12 1.22 -7.68
N SER C 367 42.74 1.37 -8.95
CA SER C 367 43.75 1.75 -9.95
C SER C 367 44.42 3.09 -9.68
N GLY C 368 43.69 4.03 -9.10
CA GLY C 368 44.27 5.33 -8.77
C GLY C 368 45.40 5.26 -7.74
N GLY C 369 45.51 4.15 -7.00
CA GLY C 369 46.56 4.06 -5.98
C GLY C 369 46.03 4.26 -4.56
N TRP C 370 44.83 4.84 -4.47
CA TRP C 370 44.20 5.00 -3.17
C TRP C 370 43.60 3.68 -2.74
N ILE C 371 43.26 3.60 -1.46
CA ILE C 371 42.74 2.40 -0.87
C ILE C 371 41.31 2.55 -0.33
N VAL C 372 41.04 3.68 0.32
CA VAL C 372 39.70 3.97 0.79
C VAL C 372 39.35 5.33 0.22
N ILE C 373 38.19 5.42 -0.42
CA ILE C 373 37.76 6.68 -1.04
C ILE C 373 36.39 7.10 -0.51
N SER C 374 36.11 8.40 -0.44
CA SER C 374 34.82 8.83 0.09
C SER C 374 33.96 9.45 -1.00
N ALA C 375 32.65 9.46 -0.76
CA ALA C 375 31.70 10.20 -1.57
C ALA C 375 30.42 10.41 -0.73
N GLU C 376 29.66 11.44 -1.06
CA GLU C 376 28.30 11.57 -0.50
C GLU C 376 28.28 11.43 1.01
N ILE C 377 29.18 12.16 1.66
CA ILE C 377 29.28 12.12 3.12
C ILE C 377 28.19 13.00 3.72
N LEU C 378 27.21 12.38 4.37
CA LEU C 378 26.16 13.13 5.06
C LEU C 378 26.71 13.67 6.36
N GLY C 379 27.55 12.85 6.98
CA GLY C 379 28.09 13.14 8.29
C GLY C 379 28.09 11.94 9.20
N GLY C 380 28.55 12.14 10.44
CA GLY C 380 28.67 11.07 11.40
C GLY C 380 30.10 10.55 11.47
N THR C 381 30.24 9.28 11.84
CA THR C 381 31.55 8.72 12.15
C THR C 381 31.96 7.66 11.11
N PHE C 382 33.18 7.77 10.59
CA PHE C 382 33.69 6.85 9.57
C PHE C 382 34.98 6.26 10.06
N LEU C 383 35.06 4.92 10.12
CA LEU C 383 36.11 4.27 10.89
C LEU C 383 36.81 3.20 10.05
N LEU C 384 38.15 3.23 10.10
CA LEU C 384 38.98 2.11 9.68
C LEU C 384 39.57 1.50 10.95
N ASP C 385 38.96 0.41 11.41
CA ASP C 385 39.33 -0.19 12.67
C ASP C 385 40.23 -1.41 12.52
N GLN C 386 41.50 -1.24 12.87
CA GLN C 386 42.50 -2.30 12.82
C GLN C 386 42.52 -3.02 11.46
N CYS C 387 42.57 -2.26 10.37
CA CYS C 387 42.60 -2.87 9.04
C CYS C 387 44.04 -2.95 8.56
N THR C 388 44.29 -3.90 7.68
CA THR C 388 45.57 -4.07 7.02
C THR C 388 45.42 -3.52 5.61
N LEU C 389 46.15 -2.44 5.28
CA LEU C 389 45.96 -1.73 4.02
C LEU C 389 47.22 -1.85 3.16
N TYR C 390 47.05 -2.14 1.87
N TYR C 390 47.07 -2.10 1.87
CA TYR C 390 48.18 -2.26 0.92
CA TYR C 390 48.25 -2.14 0.99
C TYR C 390 47.93 -1.36 -0.31
C TYR C 390 47.99 -1.44 -0.33
N THR C 391 48.92 -0.59 -0.75
CA THR C 391 48.84 -0.01 -2.10
C THR C 391 50.17 -0.13 -2.85
N THR C 392 50.08 -0.48 -4.13
CA THR C 392 51.27 -0.63 -4.97
C THR C 392 51.53 0.66 -5.73
N GLY C 393 50.61 1.61 -5.58
CA GLY C 393 50.64 2.84 -6.36
C GLY C 393 50.78 4.12 -5.53
N ASP C 394 50.33 5.23 -6.12
CA ASP C 394 50.49 6.53 -5.51
C ASP C 394 49.35 7.40 -6.02
N PRO C 395 48.43 7.77 -5.13
CA PRO C 395 47.22 8.49 -5.55
C PRO C 395 47.43 9.99 -5.64
N GLN C 396 48.57 10.48 -5.15
CA GLN C 396 48.80 11.91 -5.11
C GLN C 396 48.79 12.59 -6.51
N PRO C 397 49.33 11.93 -7.55
CA PRO C 397 49.18 12.61 -8.85
C PRO C 397 47.72 12.79 -9.30
N GLY C 398 46.79 11.97 -8.79
CA GLY C 398 45.37 12.20 -9.00
C GLY C 398 44.70 13.08 -7.93
N ASN C 399 45.54 13.74 -7.13
CA ASN C 399 45.08 14.62 -6.05
C ASN C 399 44.29 13.93 -4.94
N ARG C 400 44.59 12.66 -4.70
N ARG C 400 44.61 12.66 -4.68
CA ARG C 400 43.93 11.93 -3.62
CA ARG C 400 43.92 11.89 -3.65
C ARG C 400 44.89 11.39 -2.58
C ARG C 400 44.87 11.34 -2.60
N GLY C 401 44.41 11.24 -1.36
CA GLY C 401 45.20 10.59 -0.33
C GLY C 401 45.04 9.09 -0.50
N VAL C 402 45.88 8.31 0.20
CA VAL C 402 45.73 6.87 0.24
C VAL C 402 44.39 6.52 0.89
N ILE C 403 44.04 7.30 1.92
CA ILE C 403 42.70 7.35 2.47
C ILE C 403 42.23 8.77 2.07
N ASP C 404 41.18 8.85 1.27
CA ASP C 404 40.81 10.10 0.64
C ASP C 404 39.42 10.57 1.03
N VAL C 405 39.28 11.85 1.37
CA VAL C 405 37.99 12.43 1.66
C VAL C 405 37.80 13.71 0.83
N GLY C 406 37.36 13.55 -0.42
CA GLY C 406 37.13 14.69 -1.29
C GLY C 406 38.37 15.32 -1.91
N GLY C 407 39.45 14.54 -2.01
CA GLY C 407 40.69 15.08 -2.52
C GLY C 407 40.50 15.68 -3.91
N ASN C 408 39.77 14.94 -4.76
CA ASN C 408 39.55 15.37 -6.15
C ASN C 408 38.08 15.36 -6.54
N SER C 409 37.19 15.42 -5.57
CA SER C 409 35.77 15.34 -5.90
C SER C 409 34.97 16.09 -4.85
N ALA C 410 33.70 16.38 -5.14
CA ALA C 410 32.83 17.14 -4.23
C ALA C 410 32.16 16.20 -3.22
N VAL C 411 32.77 16.06 -2.05
CA VAL C 411 32.40 15.04 -1.08
C VAL C 411 31.92 15.66 0.22
N LEU C 412 32.65 16.69 0.67
CA LEU C 412 32.28 17.48 1.85
C LEU C 412 31.69 18.78 1.34
N THR C 413 30.36 18.78 1.18
CA THR C 413 29.67 19.87 0.48
C THR C 413 28.52 20.44 1.32
N THR C 414 27.68 21.30 0.72
CA THR C 414 26.49 21.77 1.43
C THR C 414 25.53 20.61 1.76
N ASN C 415 25.72 19.46 1.12
CA ASN C 415 24.95 18.27 1.49
C ASN C 415 25.51 17.48 2.68
N THR C 416 26.65 17.91 3.19
CA THR C 416 27.21 17.30 4.39
C THR C 416 26.65 18.12 5.56
N THR C 417 25.59 17.64 6.19
CA THR C 417 24.87 18.46 7.14
C THR C 417 25.15 18.11 8.62
N GLN C 418 25.91 17.06 8.88
CA GLN C 418 26.24 16.70 10.27
C GLN C 418 27.76 16.66 10.48
N PRO C 419 28.22 16.98 11.71
CA PRO C 419 29.65 16.90 12.05
C PRO C 419 30.22 15.55 11.64
N CYS C 420 31.45 15.55 11.10
CA CYS C 420 32.12 14.34 10.62
C CYS C 420 33.32 13.97 11.51
N ASN C 421 33.42 12.68 11.87
CA ASN C 421 34.61 12.16 12.54
C ASN C 421 35.22 11.06 11.68
N PHE C 422 36.45 11.28 11.22
CA PHE C 422 37.19 10.30 10.45
C PHE C 422 38.26 9.66 11.32
N LEU C 423 38.13 8.35 11.54
CA LEU C 423 38.92 7.63 12.53
C LEU C 423 39.69 6.50 11.90
N ILE C 424 40.99 6.50 12.13
CA ILE C 424 41.87 5.46 11.68
C ILE C 424 42.53 4.93 12.97
N GLN C 425 42.18 3.70 13.35
CA GLN C 425 42.65 3.14 14.62
C GLN C 425 43.44 1.86 14.43
N GLY C 426 44.73 1.90 14.74
CA GLY C 426 45.59 0.73 14.67
C GLY C 426 45.76 0.13 13.28
N GLY C 427 46.08 -1.16 13.24
CA GLY C 427 46.25 -1.84 11.97
C GLY C 427 47.58 -1.45 11.32
N SER C 428 47.67 -1.63 10.01
CA SER C 428 48.88 -1.28 9.28
C SER C 428 48.56 -0.71 7.92
N LEU C 429 49.52 0.03 7.36
CA LEU C 429 49.39 0.54 5.99
C LEU C 429 50.76 0.35 5.33
N ARG C 430 50.79 -0.38 4.22
N ARG C 430 50.79 -0.40 4.22
CA ARG C 430 52.03 -0.54 3.46
CA ARG C 430 52.02 -0.55 3.45
C ARG C 430 51.88 0.11 2.09
C ARG C 430 51.85 0.14 2.11
N ALA C 431 52.78 1.04 1.79
CA ALA C 431 52.69 1.83 0.56
C ALA C 431 54.11 2.17 0.12
N PRO C 432 54.78 1.21 -0.55
CA PRO C 432 56.21 1.32 -0.86
C PRO C 432 56.53 2.31 -1.96
N SER C 433 55.54 2.77 -2.71
CA SER C 433 55.81 3.55 -3.93
C SER C 433 55.20 4.95 -3.97
N LEU C 434 55.11 5.60 -2.80
CA LEU C 434 54.65 6.98 -2.75
C LEU C 434 55.83 7.92 -3.05
N SER C 435 55.53 9.20 -3.23
CA SER C 435 56.60 10.18 -3.43
C SER C 435 56.69 11.06 -2.21
N THR C 436 57.70 11.93 -2.18
CA THR C 436 57.83 12.91 -1.11
C THR C 436 56.75 13.99 -1.21
N SER C 437 55.87 13.86 -2.21
CA SER C 437 54.69 14.72 -2.29
C SER C 437 53.40 14.02 -1.80
N SER C 438 53.45 12.72 -1.60
CA SER C 438 52.22 11.99 -1.26
C SER C 438 51.81 12.17 0.17
N TYR C 439 50.52 11.96 0.44
CA TYR C 439 50.00 12.12 1.77
C TYR C 439 49.11 10.92 2.07
N LEU C 440 49.12 10.50 3.31
CA LEU C 440 48.36 9.32 3.71
C LEU C 440 46.86 9.57 3.72
N LEU C 441 46.44 10.74 4.20
CA LEU C 441 45.00 11.05 4.20
C LEU C 441 44.78 12.49 3.74
N ARG C 442 43.81 12.69 2.86
CA ARG C 442 43.45 14.03 2.46
C ARG C 442 41.99 14.26 2.79
N ALA C 443 41.66 15.42 3.35
CA ALA C 443 40.26 15.88 3.42
C ALA C 443 40.24 17.26 2.81
N ARG C 444 39.28 17.50 1.91
CA ARG C 444 39.18 18.81 1.27
C ARG C 444 37.72 19.25 1.29
N LEU C 445 37.49 20.42 1.85
CA LEU C 445 36.14 20.97 1.92
C LEU C 445 35.73 21.53 0.57
N GLU C 446 34.50 21.24 0.18
CA GLU C 446 33.94 21.88 -0.99
C GLU C 446 32.53 22.34 -0.69
N GLY C 447 32.39 23.13 0.37
CA GLY C 447 31.12 23.77 0.63
C GLY C 447 30.54 23.43 1.98
N SER C 448 31.03 22.38 2.63
CA SER C 448 30.49 22.04 3.96
C SER C 448 30.90 23.10 5.00
N THR C 449 30.13 23.20 6.09
CA THR C 449 30.43 24.17 7.14
C THR C 449 30.46 23.52 8.52
N VAL C 450 30.33 22.19 8.55
CA VAL C 450 30.30 21.44 9.80
C VAL C 450 31.71 21.11 10.33
N PRO C 451 31.83 20.78 11.63
CA PRO C 451 33.13 20.32 12.10
C PRO C 451 33.58 19.05 11.38
N VAL C 452 34.85 18.98 11.00
CA VAL C 452 35.42 17.76 10.41
C VAL C 452 36.61 17.35 11.27
N ASN C 453 36.49 16.21 11.95
CA ASN C 453 37.46 15.86 12.98
C ASN C 453 38.24 14.67 12.49
N ILE C 454 39.53 14.63 12.80
CA ILE C 454 40.42 13.54 12.37
C ILE C 454 41.08 12.90 13.60
N GLN C 455 41.02 11.58 13.68
CA GLN C 455 41.83 10.82 14.64
C GLN C 455 42.63 9.81 13.85
N TYR C 456 43.95 10.01 13.76
CA TYR C 456 44.80 9.12 13.00
C TYR C 456 45.74 8.53 14.04
N SER C 457 45.47 7.30 14.48
CA SER C 457 45.95 6.83 15.78
C SER C 457 46.39 5.37 15.82
N GLY C 458 47.66 5.10 16.08
CA GLY C 458 48.06 3.72 16.39
C GLY C 458 48.53 2.84 15.25
N GLN C 459 48.46 3.36 14.03
CA GLN C 459 48.73 2.55 12.84
C GLN C 459 50.22 2.33 12.64
N ALA C 460 50.58 1.14 12.20
CA ALA C 460 51.95 0.85 11.80
C ALA C 460 52.09 1.07 10.29
N ILE C 461 53.03 1.92 9.89
CA ILE C 461 53.18 2.36 8.50
C ILE C 461 54.49 1.83 7.89
N ASP C 462 54.43 1.41 6.64
CA ASP C 462 55.58 0.84 5.96
C ASP C 462 55.65 1.48 4.58
N VAL C 463 56.52 2.48 4.45
CA VAL C 463 56.64 3.26 3.22
C VAL C 463 58.11 3.38 2.80
N GLY C 464 58.33 3.75 1.54
CA GLY C 464 59.62 4.29 1.12
C GLY C 464 59.62 5.79 1.37
N SER C 465 59.35 6.56 0.33
CA SER C 465 59.13 7.99 0.47
C SER C 465 57.72 8.32 0.96
N LEU C 466 57.59 9.49 1.57
CA LEU C 466 56.29 10.01 1.98
C LEU C 466 56.42 11.52 2.12
N GLY C 467 55.35 12.24 1.81
CA GLY C 467 55.31 13.68 2.05
C GLY C 467 54.73 14.04 3.42
N LYS C 468 53.49 13.58 3.67
CA LYS C 468 52.70 14.04 4.81
C LYS C 468 51.81 12.93 5.31
N VAL C 469 51.47 13.02 6.59
CA VAL C 469 50.46 12.15 7.17
C VAL C 469 49.09 12.73 6.76
N LEU C 470 48.78 13.94 7.20
CA LEU C 470 47.49 14.59 6.84
C LEU C 470 47.61 15.78 5.90
N GLN C 471 46.66 15.90 4.98
CA GLN C 471 46.57 17.03 4.09
C GLN C 471 45.13 17.50 4.17
N LEU C 472 44.91 18.65 4.80
CA LEU C 472 43.58 19.14 5.11
C LEU C 472 43.39 20.50 4.44
N ASP C 473 42.51 20.55 3.44
CA ASP C 473 42.37 21.67 2.49
C ASP C 473 40.97 22.21 2.48
N ILE C 474 40.83 23.46 2.06
CA ILE C 474 39.53 24.09 1.92
C ILE C 474 39.45 24.77 0.58
N THR C 475 38.60 24.27 -0.29
CA THR C 475 38.33 24.96 -1.54
C THR C 475 37.18 25.93 -1.32
N SER C 476 36.13 25.47 -0.67
CA SER C 476 35.05 26.36 -0.31
C SER C 476 34.42 25.79 0.93
N GLY C 477 33.64 26.61 1.62
CA GLY C 477 33.11 26.22 2.92
C GLY C 477 34.06 26.54 4.06
N SER C 478 33.87 25.88 5.20
CA SER C 478 34.57 26.26 6.42
C SER C 478 34.40 25.18 7.47
N THR C 479 35.30 25.16 8.44
CA THR C 479 35.17 24.20 9.51
C THR C 479 35.77 24.63 10.84
N SER C 480 35.12 24.23 11.92
CA SER C 480 35.64 24.45 13.26
C SER C 480 35.71 23.12 13.99
N PRO C 481 36.76 22.34 13.72
CA PRO C 481 36.85 20.97 14.25
C PRO C 481 36.92 20.98 15.77
N GLU C 482 36.39 19.93 16.39
CA GLU C 482 36.60 19.68 17.81
C GLU C 482 38.00 19.14 18.08
N TYR C 483 38.59 18.44 17.10
CA TYR C 483 39.93 17.85 17.29
C TYR C 483 40.62 17.47 16.01
N LEU C 484 41.94 17.44 16.08
CA LEU C 484 42.77 17.06 14.96
C LEU C 484 43.96 16.36 15.62
N ILE C 485 43.98 15.04 15.50
CA ILE C 485 44.87 14.20 16.30
C ILE C 485 45.68 13.24 15.46
N VAL C 486 47.00 13.29 15.62
CA VAL C 486 47.89 12.31 15.02
C VAL C 486 48.67 11.72 16.18
N GLU C 487 48.59 10.40 16.38
CA GLU C 487 49.27 9.81 17.55
C GLU C 487 49.70 8.38 17.34
N ASN C 488 50.76 7.98 18.05
CA ASN C 488 51.15 6.56 18.15
C ASN C 488 51.35 5.90 16.80
N LEU C 489 52.01 6.58 15.88
CA LEU C 489 52.20 6.01 14.55
C LEU C 489 53.59 5.38 14.54
N ALA C 490 53.69 4.15 14.03
CA ALA C 490 55.00 3.55 13.79
C ALA C 490 55.41 3.64 12.31
N GLY C 491 56.70 3.79 12.05
CA GLY C 491 57.21 3.66 10.68
C GLY C 491 57.31 4.96 9.87
N LEU C 492 57.06 6.12 10.49
CA LEU C 492 57.20 7.38 9.74
C LEU C 492 58.68 7.69 9.49
N PRO C 493 59.04 7.99 8.24
CA PRO C 493 60.42 8.36 7.93
C PRO C 493 60.74 9.81 8.28
N SER C 494 62.02 10.11 8.45
N SER C 494 62.01 10.13 8.46
CA SER C 494 62.43 11.48 8.73
CA SER C 494 62.41 11.49 8.77
C SER C 494 62.01 12.45 7.60
C SER C 494 62.10 12.47 7.63
N GLY C 495 61.63 13.66 7.99
CA GLY C 495 61.39 14.71 7.04
C GLY C 495 59.94 14.89 6.62
N ILE C 496 59.05 14.02 7.07
CA ILE C 496 57.63 14.14 6.68
C ILE C 496 56.97 15.29 7.42
N THR C 497 55.87 15.79 6.85
CA THR C 497 55.04 16.82 7.47
C THR C 497 53.87 16.10 8.17
N LEU C 498 53.62 16.43 9.44
CA LEU C 498 52.56 15.76 10.20
C LEU C 498 51.16 16.10 9.67
N ALA C 499 50.89 17.38 9.46
CA ALA C 499 49.62 17.81 8.90
C ALA C 499 49.76 19.18 8.22
N SER C 500 49.44 19.25 6.93
CA SER C 500 49.20 20.54 6.27
C SER C 500 47.76 20.86 6.49
N ALA C 501 47.49 21.98 7.15
CA ALA C 501 46.16 22.33 7.60
C ALA C 501 45.84 23.76 7.21
N ALA C 502 44.76 23.93 6.44
CA ALA C 502 44.34 25.26 6.01
C ALA C 502 43.12 25.75 6.79
N GLY C 503 42.97 27.07 6.88
CA GLY C 503 41.77 27.67 7.46
C GLY C 503 41.45 27.15 8.86
N GLY C 504 40.20 26.73 9.04
CA GLY C 504 39.76 26.21 10.33
C GLY C 504 40.45 24.94 10.77
N PHE C 505 41.00 24.16 9.83
CA PHE C 505 41.84 23.04 10.28
C PHE C 505 43.07 23.57 11.03
N ALA C 506 43.66 24.67 10.53
CA ALA C 506 44.90 25.17 11.14
C ALA C 506 44.68 25.66 12.56
N SER C 507 43.47 26.12 12.88
CA SER C 507 43.19 26.65 14.21
C SER C 507 42.51 25.62 15.13
N ALA C 508 42.32 24.39 14.64
CA ALA C 508 41.65 23.34 15.41
C ALA C 508 42.48 22.92 16.62
N PRO C 509 41.83 22.46 17.70
CA PRO C 509 42.60 21.91 18.81
C PRO C 509 43.34 20.67 18.33
N MET C 510 44.66 20.66 18.47
CA MET C 510 45.49 19.63 17.86
C MET C 510 46.24 18.84 18.91
N ARG C 511 46.51 17.58 18.56
CA ARG C 511 47.45 16.77 19.31
C ARG C 511 48.43 16.19 18.29
N MET C 512 49.72 16.47 18.49
CA MET C 512 50.74 16.02 17.55
C MET C 512 51.84 15.31 18.35
N PRO C 513 52.47 14.27 17.75
CA PRO C 513 53.45 13.43 18.46
C PRO C 513 54.64 14.17 19.06
N VAL C 514 55.23 13.57 20.09
CA VAL C 514 56.41 14.14 20.75
C VAL C 514 57.70 13.70 20.06
N LEU C 515 58.61 14.65 19.86
CA LEU C 515 59.97 14.35 19.45
C LEU C 515 60.91 14.96 20.48
N GLY C 516 62.13 14.47 20.57
CA GLY C 516 63.03 15.00 21.59
C GLY C 516 64.36 14.30 21.55
N GLY C 517 65.30 14.76 22.37
CA GLY C 517 66.60 14.12 22.37
C GLY C 517 67.53 14.86 23.31
N ARG C 518 68.79 14.43 23.35
CA ARG C 518 69.77 15.05 24.23
C ARG C 518 70.90 15.54 23.35
N VAL C 519 71.20 16.82 23.46
CA VAL C 519 72.23 17.44 22.63
C VAL C 519 73.33 18.03 23.52
N GLN C 520 74.56 17.56 23.29
CA GLN C 520 75.68 18.08 24.05
C GLN C 520 76.12 19.46 23.58
N VAL C 521 76.36 20.36 24.53
CA VAL C 521 76.95 21.65 24.23
C VAL C 521 78.10 21.91 25.20
N THR C 522 79.10 22.64 24.73
CA THR C 522 80.23 22.98 25.58
C THR C 522 80.29 24.49 25.71
N THR C 523 80.43 24.98 26.94
CA THR C 523 80.41 26.42 27.19
C THR C 523 81.76 26.94 26.75
N ALA C 524 81.83 28.26 26.53
CA ALA C 524 83.08 28.92 26.17
C ALA C 524 83.35 30.05 27.14
N THR C 525 84.61 30.25 27.50
CA THR C 525 84.94 31.25 28.51
C THR C 525 84.82 32.70 28.00
N ASN C 526 84.57 32.89 26.71
CA ASN C 526 84.42 34.25 26.20
C ASN C 526 82.98 34.58 25.81
N ALA C 527 82.01 33.81 26.27
CA ALA C 527 80.61 34.10 25.97
C ALA C 527 79.72 33.72 27.15
N SER C 528 78.53 34.30 27.21
CA SER C 528 77.56 33.97 28.27
C SER C 528 76.57 32.90 27.81
N SER C 529 76.78 32.35 26.61
CA SER C 529 75.85 31.36 26.09
C SER C 529 76.50 30.38 25.13
N VAL C 530 75.81 29.28 24.84
CA VAL C 530 76.22 28.38 23.80
C VAL C 530 74.92 27.83 23.21
N THR C 531 74.84 27.73 21.88
CA THR C 531 73.62 27.24 21.26
C THR C 531 73.90 26.01 20.38
N ALA C 532 72.84 25.30 19.99
CA ALA C 532 72.92 24.19 19.06
C ALA C 532 71.59 24.09 18.31
N PRO C 533 71.66 23.96 16.97
CA PRO C 533 70.41 23.85 16.20
C PRO C 533 69.85 22.43 16.26
N VAL C 534 68.54 22.30 16.25
CA VAL C 534 67.85 21.03 16.14
C VAL C 534 66.85 21.13 14.98
N THR C 535 66.82 20.14 14.10
CA THR C 535 65.81 20.05 13.07
C THR C 535 64.93 18.85 13.43
N PHE C 536 63.64 19.09 13.65
CA PHE C 536 62.75 18.01 14.08
C PHE C 536 62.65 16.94 13.02
N ARG C 537 62.54 15.69 13.47
CA ARG C 537 62.31 14.57 12.57
C ARG C 537 61.06 14.77 11.71
N TYR C 538 60.02 15.39 12.27
CA TYR C 538 58.77 15.65 11.56
C TYR C 538 58.47 17.14 11.62
N ILE C 539 57.84 17.67 10.58
CA ILE C 539 57.44 19.07 10.56
C ILE C 539 56.06 19.23 11.16
N TYR C 540 55.94 20.10 12.16
CA TYR C 540 54.66 20.34 12.84
C TYR C 540 53.83 21.34 12.04
N PRO C 541 52.49 21.36 12.27
CA PRO C 541 51.65 22.34 11.57
C PRO C 541 51.87 23.78 12.03
N LYS C 542 52.48 23.97 13.21
CA LYS C 542 52.80 25.29 13.72
C LYS C 542 53.90 25.11 14.77
N ALA C 543 54.44 26.19 15.33
CA ALA C 543 55.53 26.03 16.29
C ALA C 543 55.02 25.15 17.46
N PRO C 544 55.71 24.03 17.75
CA PRO C 544 55.24 23.16 18.82
C PRO C 544 55.58 23.70 20.20
N THR C 545 55.05 23.04 21.22
CA THR C 545 55.32 23.39 22.62
C THR C 545 56.63 22.72 22.99
N VAL C 546 57.63 23.52 23.33
CA VAL C 546 59.02 23.03 23.50
C VAL C 546 59.51 23.11 24.96
N GLN C 547 60.15 22.04 25.46
CA GLN C 547 60.83 22.07 26.76
C GLN C 547 62.31 21.83 26.55
N VAL C 548 63.15 22.48 27.34
CA VAL C 548 64.58 22.23 27.35
C VAL C 548 65.03 22.26 28.82
N THR C 549 65.86 21.29 29.20
CA THR C 549 66.42 21.18 30.54
C THR C 549 67.89 20.77 30.41
N LYS C 550 68.75 21.39 31.23
CA LYS C 550 70.17 21.04 31.21
C LYS C 550 70.39 19.88 32.18
N THR C 551 71.14 18.88 31.73
CA THR C 551 71.53 17.76 32.59
C THR C 551 73.02 17.41 32.53
N ASP C 552 73.42 16.60 33.52
CA ASP C 552 74.73 15.96 33.55
C ASP C 552 75.89 16.91 33.70
N ARG C 553 75.60 18.04 34.32
CA ARG C 553 76.61 19.00 34.71
C ARG C 553 75.92 19.92 35.71
N SER C 554 76.65 20.46 36.66
CA SER C 554 76.04 21.40 37.59
C SER C 554 76.52 22.82 37.28
N TYR C 555 77.40 23.39 38.12
CA TYR C 555 78.05 24.64 37.72
C TYR C 555 79.00 24.41 36.55
N ALA C 556 78.91 25.28 35.53
CA ALA C 556 79.94 25.36 34.50
C ALA C 556 80.91 26.46 34.90
N GLY C 557 81.77 26.16 35.87
CA GLY C 557 82.58 27.19 36.48
C GLY C 557 81.77 28.05 37.45
N ASN C 558 81.32 29.21 36.97
CA ASN C 558 80.64 30.20 37.80
C ASN C 558 79.12 30.20 37.68
N ARG C 559 78.56 29.48 36.69
CA ARG C 559 77.12 29.58 36.42
C ARG C 559 76.52 28.24 36.03
N VAL C 560 75.26 28.02 36.38
CA VAL C 560 74.55 26.82 35.88
C VAL C 560 74.14 27.01 34.42
N GLY C 561 73.52 28.16 34.13
CA GLY C 561 73.00 28.42 32.80
C GLY C 561 71.51 28.09 32.73
N VAL C 562 70.76 28.98 32.09
CA VAL C 562 69.32 28.78 31.90
C VAL C 562 69.09 28.18 30.49
N ALA C 563 68.41 27.03 30.42
CA ALA C 563 68.21 26.36 29.17
C ALA C 563 66.95 26.94 28.52
N ILE C 564 67.08 27.35 27.25
CA ILE C 564 65.94 27.91 26.52
C ILE C 564 65.98 27.38 25.08
N ALA C 565 65.02 27.82 24.26
CA ALA C 565 65.13 27.63 22.81
C ALA C 565 64.77 28.94 22.15
N ASN C 566 65.61 29.40 21.21
CA ASN C 566 65.33 30.65 20.54
C ASN C 566 66.15 30.72 19.28
N PRO C 567 65.48 30.66 18.11
CA PRO C 567 64.02 30.64 18.00
C PRO C 567 63.48 29.22 18.04
N THR C 568 62.15 29.10 18.03
CA THR C 568 61.51 27.84 17.69
C THR C 568 60.60 28.08 16.48
N SER C 569 60.27 27.01 15.78
CA SER C 569 59.42 27.09 14.60
C SER C 569 58.77 25.74 14.36
N ALA C 570 57.92 25.66 13.35
CA ALA C 570 57.32 24.37 12.99
C ALA C 570 58.33 23.27 12.63
N SER C 571 59.53 23.64 12.17
CA SER C 571 60.46 22.64 11.67
C SER C 571 61.67 22.40 12.58
N GLY C 572 61.89 23.29 13.54
CA GLY C 572 63.02 23.09 14.43
C GLY C 572 63.18 24.14 15.52
N ALA C 573 64.33 24.14 16.17
CA ALA C 573 64.58 25.06 17.27
C ALA C 573 66.10 25.24 17.49
N THR C 574 66.49 26.41 17.99
CA THR C 574 67.87 26.60 18.40
C THR C 574 67.94 26.51 19.93
N LEU C 575 68.54 25.42 20.42
CA LEU C 575 68.63 25.21 21.85
C LEU C 575 69.68 26.13 22.39
N GLY C 576 69.54 26.59 23.63
CA GLY C 576 70.57 27.45 24.17
C GLY C 576 70.71 27.30 25.67
N LEU C 577 71.91 27.58 26.15
CA LEU C 577 72.22 27.65 27.56
C LEU C 577 72.84 29.04 27.81
N PHE C 578 72.14 29.88 28.58
CA PHE C 578 72.56 31.28 28.79
C PHE C 578 72.73 31.57 30.29
N THR C 579 73.79 32.24 30.72
CA THR C 579 73.85 32.62 32.13
C THR C 579 72.75 33.65 32.34
N ASP C 580 72.08 33.60 33.48
CA ASP C 580 70.91 34.47 33.66
C ASP C 580 71.33 35.94 33.54
N ASP C 581 72.46 36.28 34.16
CA ASP C 581 72.87 37.68 34.29
C ASP C 581 73.79 38.14 33.16
N GLY C 582 74.10 37.26 32.22
CA GLY C 582 74.93 37.67 31.07
C GLY C 582 76.43 37.68 31.34
N THR C 583 76.83 37.25 32.53
CA THR C 583 78.25 37.05 32.85
C THR C 583 78.76 35.92 31.96
N ASN C 584 79.99 36.03 31.45
CA ASN C 584 80.56 34.93 30.65
C ASN C 584 80.75 33.71 31.52
N PHE C 585 80.53 32.52 30.95
CA PHE C 585 80.90 31.28 31.63
C PHE C 585 82.40 31.29 31.95
N SER C 586 82.78 30.74 33.09
CA SER C 586 84.17 30.88 33.50
C SER C 586 84.94 29.61 33.21
N SER C 587 84.22 28.58 32.80
N SER C 587 84.22 28.57 32.79
CA SER C 587 84.82 27.29 32.48
CA SER C 587 84.86 27.31 32.45
C SER C 587 84.20 26.73 31.20
C SER C 587 84.20 26.70 31.23
N ALA C 588 84.99 25.95 30.45
CA ALA C 588 84.50 25.31 29.23
C ALA C 588 84.24 23.84 29.53
N VAL C 589 82.97 23.49 29.73
CA VAL C 589 82.62 22.12 30.10
C VAL C 589 81.37 21.69 29.34
N THR C 590 81.18 20.38 29.24
CA THR C 590 80.03 19.84 28.53
C THR C 590 78.77 19.90 29.39
N ASN C 591 77.63 19.93 28.72
CA ASN C 591 76.30 20.02 29.31
C ASN C 591 75.40 19.31 28.34
N GLN C 592 74.38 18.61 28.84
CA GLN C 592 73.39 17.99 27.97
C GLN C 592 72.09 18.79 27.96
N LEU C 593 71.72 19.28 26.79
CA LEU C 593 70.43 19.97 26.66
C LEU C 593 69.41 18.95 26.22
N ASN C 594 68.51 18.62 27.13
CA ASN C 594 67.46 17.63 26.88
C ASN C 594 66.26 18.42 26.36
N TRP C 595 65.88 18.20 25.11
CA TRP C 595 64.81 18.97 24.48
C TRP C 595 63.66 18.04 24.10
N GLN C 596 62.46 18.59 23.99
CA GLN C 596 61.37 17.87 23.38
C GLN C 596 60.33 18.86 22.89
N ALA C 597 59.48 18.38 22.00
CA ALA C 597 58.44 19.18 21.39
C ALA C 597 57.21 18.32 21.14
N GLY C 598 56.05 18.96 21.21
CA GLY C 598 54.82 18.28 20.85
C GLY C 598 53.72 19.31 20.83
N ILE C 599 52.50 18.90 20.47
CA ILE C 599 51.37 19.82 20.54
C ILE C 599 50.28 19.06 21.34
N TYR C 600 49.75 19.71 22.37
CA TYR C 600 48.94 19.00 23.36
C TYR C 600 47.68 19.83 23.69
N GLU C 601 46.85 20.13 22.70
CA GLU C 601 45.72 21.03 22.93
C GLU C 601 44.40 20.31 23.18
N VAL C 602 44.37 19.00 23.02
CA VAL C 602 43.10 18.30 23.15
C VAL C 602 43.32 16.88 23.69
N GLY D 13 -31.65 -23.83 -4.13
CA GLY D 13 -31.75 -24.78 -5.23
C GLY D 13 -32.38 -26.08 -4.79
N ARG D 14 -31.96 -27.19 -5.42
CA ARG D 14 -32.62 -28.49 -5.23
C ARG D 14 -31.65 -29.67 -5.36
N VAL D 15 -31.07 -29.85 -6.54
CA VAL D 15 -29.92 -30.74 -6.68
C VAL D 15 -28.61 -29.94 -6.71
N THR D 16 -27.51 -30.60 -6.34
CA THR D 16 -26.19 -29.98 -6.45
C THR D 16 -25.30 -30.75 -7.42
N PRO D 17 -24.28 -30.08 -7.98
CA PRO D 17 -23.27 -30.77 -8.78
C PRO D 17 -22.57 -31.88 -7.97
N ALA D 18 -22.36 -31.65 -6.67
CA ALA D 18 -21.71 -32.67 -5.84
C ALA D 18 -22.52 -33.97 -5.79
N GLN D 19 -23.85 -33.86 -5.84
CA GLN D 19 -24.70 -35.05 -5.82
C GLN D 19 -24.50 -35.86 -7.08
N PHE D 20 -24.00 -35.21 -8.13
CA PHE D 20 -23.77 -35.91 -9.37
C PHE D 20 -22.28 -36.11 -9.60
N GLY D 21 -21.49 -35.97 -8.53
CA GLY D 21 -20.07 -36.32 -8.59
C GLY D 21 -19.04 -35.21 -8.82
N ALA D 22 -19.48 -33.95 -8.80
CA ALA D 22 -18.57 -32.84 -9.06
C ALA D 22 -17.45 -32.75 -8.02
N VAL D 23 -16.37 -32.09 -8.41
CA VAL D 23 -15.26 -31.87 -7.49
C VAL D 23 -15.20 -30.39 -7.14
N GLY D 24 -15.16 -29.52 -8.15
CA GLY D 24 -15.19 -28.07 -7.93
C GLY D 24 -14.06 -27.51 -7.08
N ASP D 25 -12.86 -28.09 -7.18
CA ASP D 25 -11.73 -27.60 -6.38
C ASP D 25 -10.73 -26.76 -7.19
N GLY D 26 -11.12 -26.39 -8.41
CA GLY D 26 -10.29 -25.51 -9.22
C GLY D 26 -9.31 -26.23 -10.13
N ALA D 27 -9.16 -27.54 -9.94
CA ALA D 27 -8.22 -28.30 -10.76
C ALA D 27 -8.97 -29.16 -11.78
N SER D 28 -8.29 -29.52 -12.86
N SER D 28 -8.29 -29.53 -12.85
CA SER D 28 -8.87 -30.42 -13.85
CA SER D 28 -8.85 -30.43 -13.84
C SER D 28 -9.01 -31.85 -13.31
C SER D 28 -9.00 -31.86 -13.30
N HIS D 29 -10.09 -32.51 -13.69
CA HIS D 29 -10.38 -33.87 -13.25
C HIS D 29 -11.11 -34.60 -14.37
N PRO D 30 -10.35 -35.16 -15.31
CA PRO D 30 -11.01 -35.90 -16.39
C PRO D 30 -11.76 -37.13 -15.88
N LEU D 31 -12.78 -37.52 -16.61
CA LEU D 31 -13.51 -38.74 -16.31
C LEU D 31 -12.59 -39.98 -16.17
N SER D 32 -11.49 -39.99 -16.93
CA SER D 32 -10.52 -41.08 -16.83
C SER D 32 -9.93 -41.29 -15.42
N GLU D 33 -10.02 -40.29 -14.55
CA GLU D 33 -9.56 -40.43 -13.16
C GLU D 33 -10.44 -41.39 -12.40
N ARG D 34 -11.66 -41.56 -12.87
CA ARG D 34 -12.66 -42.30 -12.14
C ARG D 34 -13.15 -43.57 -12.88
N TYR D 35 -13.13 -43.52 -14.20
CA TYR D 35 -13.67 -44.60 -15.04
C TYR D 35 -12.64 -45.11 -16.03
N ALA D 36 -12.48 -46.44 -16.07
CA ALA D 36 -11.50 -47.06 -16.95
C ALA D 36 -11.93 -47.07 -18.42
N THR D 37 -13.24 -47.06 -18.67
CA THR D 37 -13.76 -47.15 -20.04
C THR D 37 -14.90 -46.15 -20.27
N LEU D 38 -15.17 -45.84 -21.53
CA LEU D 38 -16.20 -44.88 -21.85
C LEU D 38 -17.56 -45.42 -21.49
N ALA D 39 -17.77 -46.72 -21.71
CA ALA D 39 -19.04 -47.34 -21.36
C ALA D 39 -19.34 -47.20 -19.86
N GLU D 40 -18.31 -47.43 -19.04
CA GLU D 40 -18.47 -47.25 -17.60
C GLU D 40 -18.82 -45.82 -17.26
N ALA D 41 -18.15 -44.86 -17.90
CA ALA D 41 -18.46 -43.44 -17.62
C ALA D 41 -19.88 -43.09 -18.04
N GLN D 42 -20.31 -43.62 -19.18
CA GLN D 42 -21.64 -43.33 -19.69
C GLN D 42 -22.78 -44.00 -18.89
N THR D 43 -22.46 -45.07 -18.16
CA THR D 43 -23.41 -45.64 -17.20
C THR D 43 -23.82 -44.58 -16.17
N VAL D 44 -22.89 -43.73 -15.76
CA VAL D 44 -23.16 -42.65 -14.81
C VAL D 44 -23.60 -41.38 -15.50
N TYR D 45 -22.92 -41.05 -16.61
CA TYR D 45 -23.17 -39.81 -17.36
C TYR D 45 -23.45 -40.16 -18.83
N PRO D 46 -24.71 -40.39 -19.19
CA PRO D 46 -25.01 -40.88 -20.55
C PRO D 46 -24.52 -39.95 -21.65
N HIS D 47 -24.50 -38.64 -21.41
CA HIS D 47 -24.10 -37.73 -22.48
C HIS D 47 -22.65 -37.25 -22.36
N ALA D 48 -21.86 -37.97 -21.57
CA ALA D 48 -20.43 -37.76 -21.64
C ALA D 48 -19.98 -38.19 -23.04
N VAL D 49 -19.03 -37.46 -23.61
CA VAL D 49 -18.55 -37.75 -24.97
C VAL D 49 -17.24 -38.56 -25.00
N ALA D 50 -16.34 -38.27 -24.05
CA ALA D 50 -15.03 -38.91 -23.99
C ALA D 50 -14.52 -38.92 -22.56
N LEU D 51 -13.60 -39.85 -22.27
CA LEU D 51 -13.01 -39.95 -20.93
C LEU D 51 -12.17 -38.72 -20.55
N SER D 52 -11.81 -37.92 -21.53
CA SER D 52 -11.08 -36.67 -21.25
C SER D 52 -12.01 -35.52 -20.85
N ASP D 53 -13.32 -35.69 -20.95
CA ASP D 53 -14.29 -34.70 -20.44
C ASP D 53 -14.09 -34.47 -18.92
N GLU D 54 -14.29 -33.24 -18.48
CA GLU D 54 -14.22 -32.90 -17.07
C GLU D 54 -15.37 -33.51 -16.24
N ILE D 55 -15.04 -34.08 -15.11
CA ILE D 55 -16.03 -34.51 -14.13
C ILE D 55 -16.99 -33.34 -13.73
N ASP D 56 -16.44 -32.16 -13.50
CA ASP D 56 -17.24 -30.99 -13.14
C ASP D 56 -18.27 -30.67 -14.23
N TRP D 57 -17.84 -30.71 -15.50
CA TRP D 57 -18.80 -30.56 -16.60
C TRP D 57 -19.85 -31.68 -16.57
N ALA D 58 -19.41 -32.93 -16.46
CA ALA D 58 -20.36 -34.04 -16.53
C ALA D 58 -21.37 -33.95 -15.38
N ALA D 59 -20.89 -33.62 -14.18
CA ALA D 59 -21.78 -33.49 -13.03
C ALA D 59 -22.76 -32.33 -13.20
N LEU D 60 -22.26 -31.19 -13.62
N LEU D 60 -22.26 -31.19 -13.62
CA LEU D 60 -23.14 -30.01 -13.77
CA LEU D 60 -23.12 -30.02 -13.79
C LEU D 60 -24.19 -30.24 -14.85
C LEU D 60 -24.19 -30.25 -14.84
N GLN D 61 -23.77 -30.80 -15.97
CA GLN D 61 -24.72 -31.08 -17.06
C GLN D 61 -25.77 -32.11 -16.63
N ALA D 62 -25.33 -33.12 -15.88
CA ALA D 62 -26.25 -34.14 -15.39
C ALA D 62 -27.22 -33.54 -14.40
N ALA D 63 -26.75 -32.65 -13.54
CA ALA D 63 -27.66 -32.00 -12.59
C ALA D 63 -28.70 -31.19 -13.37
N VAL D 64 -28.27 -30.46 -14.39
CA VAL D 64 -29.22 -29.75 -15.24
C VAL D 64 -30.21 -30.71 -15.93
N ASP D 65 -29.70 -31.83 -16.46
CA ASP D 65 -30.55 -32.83 -17.16
C ASP D 65 -31.59 -33.46 -16.24
N SER D 66 -31.36 -33.40 -14.93
CA SER D 66 -32.35 -33.95 -13.99
C SER D 66 -33.70 -33.21 -14.08
N GLY D 67 -33.71 -31.96 -14.55
CA GLY D 67 -34.95 -31.20 -14.61
C GLY D 67 -35.32 -30.49 -13.31
N ALA D 68 -34.55 -30.73 -12.26
CA ALA D 68 -34.72 -30.05 -10.99
C ALA D 68 -33.89 -28.77 -10.96
N PRO D 69 -34.30 -27.79 -10.13
CA PRO D 69 -33.44 -26.62 -10.00
C PRO D 69 -32.10 -27.02 -9.44
N VAL D 70 -31.03 -26.39 -9.90
CA VAL D 70 -29.70 -26.77 -9.51
C VAL D 70 -29.18 -25.67 -8.60
N HIS D 71 -28.65 -26.07 -7.47
CA HIS D 71 -27.91 -25.14 -6.63
C HIS D 71 -26.44 -25.44 -6.69
N ILE D 72 -25.64 -24.42 -7.02
CA ILE D 72 -24.20 -24.56 -7.14
C ILE D 72 -23.51 -23.93 -5.94
N PRO D 73 -23.01 -24.76 -5.03
CA PRO D 73 -22.30 -24.30 -3.83
C PRO D 73 -20.98 -23.64 -4.24
N SER D 74 -20.42 -22.77 -3.40
CA SER D 74 -19.10 -22.22 -3.65
C SER D 74 -18.14 -23.29 -4.11
N GLY D 75 -17.32 -22.96 -5.10
CA GLY D 75 -16.44 -23.94 -5.73
C GLY D 75 -16.02 -23.40 -7.08
N ASP D 76 -15.09 -24.09 -7.74
CA ASP D 76 -14.49 -23.56 -8.95
C ASP D 76 -14.54 -24.71 -9.92
N TYR D 77 -15.55 -24.69 -10.79
CA TYR D 77 -15.92 -25.85 -11.59
C TYR D 77 -15.31 -25.76 -12.98
N GLN D 78 -14.49 -26.75 -13.31
CA GLN D 78 -13.75 -26.75 -14.56
C GLN D 78 -14.58 -27.44 -15.64
N ILE D 79 -14.89 -26.72 -16.72
CA ILE D 79 -15.70 -27.35 -17.75
C ILE D 79 -15.05 -27.25 -19.12
N ASN D 80 -15.16 -28.31 -19.91
CA ASN D 80 -14.58 -28.33 -21.25
C ASN D 80 -15.60 -28.26 -22.36
N ARG D 81 -16.88 -28.23 -22.00
CA ARG D 81 -18.01 -28.09 -22.95
C ARG D 81 -19.04 -27.17 -22.35
N GLY D 82 -19.91 -26.62 -23.20
CA GLY D 82 -21.00 -25.80 -22.71
C GLY D 82 -21.94 -26.60 -21.82
N ILE D 83 -22.54 -25.92 -20.84
CA ILE D 83 -23.66 -26.46 -20.09
C ILE D 83 -24.91 -25.98 -20.81
N SER D 84 -25.71 -26.89 -21.33
CA SER D 84 -26.79 -26.47 -22.21
C SER D 84 -28.10 -27.15 -21.89
N SER D 85 -29.19 -26.56 -22.36
N SER D 85 -29.19 -26.56 -22.36
CA SER D 85 -30.48 -27.21 -22.21
CA SER D 85 -30.52 -27.12 -22.13
C SER D 85 -31.46 -26.67 -23.23
C SER D 85 -31.50 -26.63 -23.19
N THR D 86 -32.55 -27.41 -23.40
CA THR D 86 -33.67 -26.96 -24.20
C THR D 86 -34.85 -26.68 -23.24
N GLY D 87 -35.57 -25.59 -23.49
CA GLY D 87 -36.77 -25.28 -22.71
C GLY D 87 -36.58 -24.59 -21.36
N SER D 88 -35.84 -25.20 -20.44
CA SER D 88 -35.69 -24.66 -19.09
C SER D 88 -34.28 -24.83 -18.50
N LEU D 89 -33.84 -23.85 -17.71
CA LEU D 89 -32.52 -23.87 -17.09
C LEU D 89 -32.62 -23.09 -15.79
N GLN D 90 -32.35 -23.77 -14.68
CA GLN D 90 -32.51 -23.17 -13.36
C GLN D 90 -31.24 -23.40 -12.57
N ILE D 91 -30.49 -22.32 -12.37
CA ILE D 91 -29.20 -22.42 -11.70
C ILE D 91 -29.03 -21.24 -10.78
N ALA D 92 -28.74 -21.52 -9.52
CA ALA D 92 -28.56 -20.52 -8.51
C ALA D 92 -27.33 -20.91 -7.69
N GLY D 93 -26.39 -19.99 -7.51
CA GLY D 93 -25.21 -20.29 -6.72
C GLY D 93 -25.20 -19.51 -5.41
N ASP D 94 -24.02 -19.44 -4.81
CA ASP D 94 -23.86 -18.75 -3.52
C ASP D 94 -23.26 -17.36 -3.70
N GLY D 95 -23.28 -16.85 -4.93
CA GLY D 95 -22.66 -15.58 -5.21
C GLY D 95 -21.43 -15.76 -6.06
N ALA D 96 -20.57 -14.77 -6.02
CA ALA D 96 -19.42 -14.73 -6.92
C ALA D 96 -18.40 -15.86 -6.66
N THR D 97 -18.54 -16.59 -5.54
CA THR D 97 -17.62 -17.71 -5.27
C THR D 97 -18.13 -19.03 -5.86
N SER D 98 -19.30 -19.00 -6.49
CA SER D 98 -19.77 -20.15 -7.25
C SER D 98 -19.32 -19.93 -8.69
N ILE D 99 -18.15 -20.47 -9.01
CA ILE D 99 -17.50 -20.16 -10.28
C ILE D 99 -17.59 -21.27 -11.32
N ILE D 100 -18.02 -20.91 -12.51
CA ILE D 100 -17.99 -21.83 -13.65
C ILE D 100 -16.90 -21.35 -14.61
N ARG D 101 -15.94 -22.21 -14.91
CA ARG D 101 -14.71 -21.80 -15.57
C ARG D 101 -14.33 -22.75 -16.72
N PRO D 102 -14.61 -22.35 -17.97
CA PRO D 102 -14.07 -23.05 -19.13
C PRO D 102 -12.54 -23.29 -19.02
N THR D 103 -12.10 -24.49 -19.34
CA THR D 103 -10.68 -24.82 -19.32
C THR D 103 -10.06 -24.46 -20.66
N ALA D 104 -8.74 -24.63 -20.77
CA ALA D 104 -8.05 -24.36 -22.03
C ALA D 104 -8.58 -25.26 -23.15
N ALA D 105 -9.10 -26.42 -22.78
CA ALA D 105 -9.62 -27.39 -23.73
C ALA D 105 -11.07 -27.13 -24.11
N PHE D 106 -11.64 -26.03 -23.63
CA PHE D 106 -13.06 -25.76 -23.87
C PHE D 106 -13.42 -25.74 -25.34
N THR D 107 -14.53 -26.39 -25.67
N THR D 107 -14.50 -26.42 -25.69
CA THR D 107 -15.10 -26.35 -27.00
CA THR D 107 -15.09 -26.33 -27.02
C THR D 107 -16.61 -26.08 -26.87
C THR D 107 -16.59 -26.06 -26.86
N GLY D 108 -17.11 -25.13 -27.64
CA GLY D 108 -18.53 -24.78 -27.54
C GLY D 108 -18.79 -23.31 -27.76
N THR D 109 -20.04 -23.01 -28.08
CA THR D 109 -20.44 -21.65 -28.43
C THR D 109 -20.65 -20.78 -27.19
N SER D 110 -21.24 -21.37 -26.15
N SER D 110 -21.27 -21.33 -26.16
CA SER D 110 -21.64 -20.61 -24.96
CA SER D 110 -21.50 -20.55 -24.96
C SER D 110 -21.26 -21.38 -23.69
C SER D 110 -21.23 -21.36 -23.71
N VAL D 111 -20.91 -20.65 -22.62
CA VAL D 111 -20.61 -21.31 -21.35
C VAL D 111 -21.88 -21.98 -20.79
N LEU D 112 -22.97 -21.21 -20.76
CA LEU D 112 -24.26 -21.68 -20.25
C LEU D 112 -25.29 -21.27 -21.29
N SER D 113 -26.25 -22.15 -21.59
CA SER D 113 -27.24 -21.75 -22.59
C SER D 113 -28.56 -22.47 -22.38
N CYS D 114 -29.65 -21.79 -22.74
CA CYS D 114 -30.95 -22.45 -22.79
C CYS D 114 -31.68 -21.98 -24.04
N VAL D 115 -32.21 -22.92 -24.80
CA VAL D 115 -32.88 -22.59 -26.06
C VAL D 115 -34.30 -23.13 -26.07
N GLY D 116 -35.28 -22.24 -26.23
CA GLY D 116 -36.66 -22.71 -26.39
C GLY D 116 -36.95 -22.96 -27.86
N SER D 117 -38.24 -23.06 -28.20
N SER D 117 -38.22 -23.09 -28.22
CA SER D 117 -38.67 -23.40 -29.54
CA SER D 117 -38.59 -23.41 -29.60
C SER D 117 -39.67 -22.40 -30.12
C SER D 117 -39.72 -22.56 -30.16
N LEU D 118 -39.56 -22.17 -31.42
CA LEU D 118 -40.60 -21.47 -32.17
C LEU D 118 -41.42 -22.54 -32.88
N VAL D 119 -42.68 -22.66 -32.49
CA VAL D 119 -43.55 -23.70 -33.07
C VAL D 119 -44.59 -23.08 -33.98
N ALA D 120 -44.59 -23.50 -35.24
CA ALA D 120 -45.50 -22.94 -36.24
C ALA D 120 -46.96 -22.92 -35.79
N LEU D 121 -47.60 -21.78 -35.99
CA LEU D 121 -49.04 -21.62 -35.77
C LEU D 121 -49.68 -21.48 -37.15
N PRO D 122 -51.03 -21.55 -37.24
CA PRO D 122 -51.66 -21.26 -38.54
C PRO D 122 -51.34 -19.85 -39.05
N ASN D 123 -51.47 -19.64 -40.35
CA ASN D 123 -51.33 -18.28 -40.90
C ASN D 123 -52.45 -17.36 -40.41
N ILE D 124 -52.30 -16.06 -40.64
CA ILE D 124 -53.31 -15.11 -40.23
C ILE D 124 -53.74 -14.23 -41.42
N SER D 125 -54.89 -13.56 -41.29
N SER D 125 -54.89 -13.56 -41.30
CA SER D 125 -55.31 -12.57 -42.28
CA SER D 125 -55.27 -12.59 -42.34
C SER D 125 -54.50 -11.27 -42.11
C SER D 125 -54.54 -11.27 -42.10
N SER D 126 -54.56 -10.38 -43.10
CA SER D 126 -53.88 -9.11 -42.97
C SER D 126 -54.45 -8.33 -41.79
N VAL D 127 -53.60 -7.54 -41.12
CA VAL D 127 -54.01 -6.84 -39.92
C VAL D 127 -53.35 -5.47 -39.91
N SER D 128 -54.03 -4.49 -39.32
N SER D 128 -54.02 -4.46 -39.37
CA SER D 128 -53.55 -3.10 -39.32
CA SER D 128 -53.45 -3.12 -39.42
C SER D 128 -52.67 -2.82 -38.12
C SER D 128 -52.68 -2.80 -38.16
N ALA D 129 -51.77 -1.85 -38.26
CA ALA D 129 -50.98 -1.40 -37.13
C ALA D 129 -51.99 -0.89 -36.11
N GLY D 130 -51.71 -1.09 -34.83
CA GLY D 130 -52.60 -0.58 -33.81
C GLY D 130 -53.72 -1.53 -33.45
N SER D 131 -53.84 -2.63 -34.20
CA SER D 131 -54.91 -3.58 -33.93
C SER D 131 -54.62 -4.46 -32.70
N LEU D 132 -55.68 -5.04 -32.12
CA LEU D 132 -55.52 -5.98 -31.00
C LEU D 132 -56.28 -7.27 -31.26
N THR D 133 -56.54 -7.54 -32.53
CA THR D 133 -57.28 -8.72 -32.94
C THR D 133 -56.59 -9.41 -34.12
N ILE D 134 -56.34 -10.70 -33.97
CA ILE D 134 -55.64 -11.48 -34.99
C ILE D 134 -56.54 -12.64 -35.42
N ASP D 135 -56.69 -12.82 -36.73
CA ASP D 135 -57.58 -13.84 -37.28
C ASP D 135 -56.78 -14.99 -37.91
N PHE D 136 -56.76 -16.11 -37.21
CA PHE D 136 -56.02 -17.28 -37.66
C PHE D 136 -56.82 -18.09 -38.67
N ALA D 137 -56.11 -18.73 -39.61
CA ALA D 137 -56.75 -19.48 -40.70
C ALA D 137 -57.43 -20.74 -40.20
N SER D 138 -56.99 -21.25 -39.05
CA SER D 138 -57.58 -22.47 -38.46
C SER D 138 -57.29 -22.45 -36.97
N THR D 139 -57.87 -23.39 -36.24
CA THR D 139 -57.73 -23.42 -34.77
C THR D 139 -56.29 -23.31 -34.28
N PRO D 140 -55.98 -22.19 -33.60
CA PRO D 140 -54.62 -22.02 -33.05
C PRO D 140 -54.50 -22.63 -31.65
N ASN D 141 -53.41 -23.35 -31.44
CA ASN D 141 -53.09 -23.88 -30.12
C ASN D 141 -52.59 -22.81 -29.17
N LEU D 142 -53.48 -21.92 -28.74
CA LEU D 142 -53.13 -20.79 -27.88
C LEU D 142 -54.17 -20.59 -26.79
N VAL D 143 -53.72 -20.17 -25.60
CA VAL D 143 -54.64 -19.75 -24.56
C VAL D 143 -54.11 -18.45 -23.99
N ALA D 144 -54.91 -17.81 -23.13
CA ALA D 144 -54.50 -16.53 -22.52
C ALA D 144 -53.12 -16.60 -21.87
N GLY D 145 -52.32 -15.56 -22.09
CA GLY D 145 -50.97 -15.53 -21.56
C GLY D 145 -49.90 -16.11 -22.46
N ASP D 146 -50.29 -16.89 -23.47
CA ASP D 146 -49.31 -17.45 -24.42
C ASP D 146 -48.66 -16.32 -25.21
N VAL D 147 -47.47 -16.60 -25.73
CA VAL D 147 -46.71 -15.59 -26.47
C VAL D 147 -46.42 -16.12 -27.87
N PHE D 148 -46.66 -15.28 -28.87
CA PHE D 148 -46.29 -15.68 -30.22
C PHE D 148 -45.59 -14.57 -30.97
N ILE D 149 -44.89 -14.94 -32.03
CA ILE D 149 -44.16 -14.01 -32.88
C ILE D 149 -44.75 -14.02 -34.28
N ILE D 150 -45.10 -12.83 -34.75
CA ILE D 150 -45.39 -12.61 -36.15
C ILE D 150 -44.05 -12.33 -36.82
N TYR D 151 -43.74 -13.03 -37.92
CA TYR D 151 -42.43 -12.90 -38.58
C TYR D 151 -42.56 -12.80 -40.09
N ASN D 152 -41.94 -11.77 -40.66
CA ASN D 152 -41.86 -11.58 -42.10
C ASN D 152 -40.46 -11.99 -42.59
N PRO D 153 -40.37 -13.14 -43.25
CA PRO D 153 -39.08 -13.66 -43.76
C PRO D 153 -38.46 -12.77 -44.84
N THR D 154 -39.19 -11.78 -45.37
CA THR D 154 -38.66 -10.96 -46.45
C THR D 154 -37.54 -10.06 -45.94
N ASP D 155 -36.38 -10.09 -46.61
CA ASP D 155 -35.25 -9.26 -46.21
C ASP D 155 -35.64 -7.78 -46.12
N SER D 156 -35.07 -7.10 -45.12
CA SER D 156 -35.28 -5.67 -44.93
C SER D 156 -36.74 -5.23 -44.79
N SER D 157 -37.62 -6.14 -44.37
CA SER D 157 -39.02 -5.78 -44.27
C SER D 157 -39.35 -4.79 -43.14
N PHE D 158 -38.45 -4.63 -42.17
CA PHE D 158 -38.59 -3.53 -41.23
C PHE D 158 -37.77 -2.28 -41.68
N SER D 159 -36.52 -2.50 -42.00
CA SER D 159 -35.64 -1.40 -42.40
C SER D 159 -34.71 -1.82 -43.53
N GLY D 160 -34.49 -0.95 -44.51
CA GLY D 160 -33.61 -1.26 -45.62
C GLY D 160 -32.12 -1.13 -45.31
N PHE D 161 -31.78 -0.63 -44.13
CA PHE D 161 -30.38 -0.43 -43.78
C PHE D 161 -29.60 -1.74 -43.70
N ARG D 162 -30.23 -2.82 -43.24
CA ARG D 162 -29.59 -4.15 -43.28
C ARG D 162 -30.60 -5.19 -43.68
N THR D 163 -30.12 -6.19 -44.41
CA THR D 163 -30.87 -7.37 -44.80
C THR D 163 -31.64 -8.04 -43.65
N SER D 164 -30.98 -8.18 -42.52
CA SER D 164 -31.52 -8.91 -41.38
C SER D 164 -32.54 -8.09 -40.56
N TYR D 165 -32.78 -6.84 -40.96
CA TYR D 165 -33.78 -6.00 -40.29
C TYR D 165 -35.18 -6.34 -40.81
N ARG D 166 -35.67 -7.52 -40.42
CA ARG D 166 -36.96 -8.02 -40.86
C ARG D 166 -38.08 -7.59 -39.92
N ALA D 167 -39.31 -7.56 -40.45
CA ALA D 167 -40.48 -7.09 -39.73
C ALA D 167 -41.13 -8.21 -38.91
N GLY D 168 -41.96 -7.80 -37.93
CA GLY D 168 -42.71 -8.71 -37.10
C GLY D 168 -42.67 -8.22 -35.66
N GLU D 169 -43.28 -8.95 -34.74
CA GLU D 169 -43.24 -8.54 -33.33
C GLU D 169 -43.75 -9.65 -32.45
N PHE D 170 -43.57 -9.45 -31.15
CA PHE D 170 -44.14 -10.39 -30.17
C PHE D 170 -45.51 -9.97 -29.65
N CYS D 171 -46.43 -10.95 -29.59
CA CYS D 171 -47.78 -10.73 -29.11
C CYS D 171 -48.08 -11.59 -27.92
N GLU D 172 -48.89 -11.07 -26.99
CA GLU D 172 -49.28 -11.79 -25.78
C GLU D 172 -50.79 -12.04 -25.79
N VAL D 173 -51.21 -13.31 -25.71
CA VAL D 173 -52.61 -13.62 -25.95
C VAL D 173 -53.50 -13.11 -24.82
N ARG D 174 -54.56 -12.41 -25.20
CA ARG D 174 -55.57 -12.00 -24.23
C ARG D 174 -56.66 -13.06 -24.10
N ALA D 175 -57.23 -13.47 -25.24
CA ALA D 175 -58.28 -14.48 -25.23
C ALA D 175 -58.39 -15.11 -26.61
N VAL D 176 -59.03 -16.27 -26.65
CA VAL D 176 -59.24 -17.01 -27.89
C VAL D 176 -60.73 -17.39 -28.01
N SER D 177 -61.31 -17.08 -29.16
CA SER D 177 -62.69 -17.47 -29.43
C SER D 177 -62.70 -17.97 -30.87
N GLY D 178 -62.87 -19.28 -31.04
CA GLY D 178 -62.75 -19.89 -32.36
C GLY D 178 -61.36 -19.66 -32.94
N ASN D 179 -61.31 -19.12 -34.14
CA ASN D 179 -60.05 -18.76 -34.80
C ASN D 179 -59.58 -17.33 -34.52
N THR D 180 -60.33 -16.59 -33.72
CA THR D 180 -59.98 -15.21 -33.43
C THR D 180 -59.16 -15.09 -32.15
N VAL D 181 -58.00 -14.46 -32.23
CA VAL D 181 -57.18 -14.29 -31.04
C VAL D 181 -56.99 -12.82 -30.75
N THR D 182 -57.37 -12.39 -29.56
CA THR D 182 -57.18 -11.00 -29.23
C THR D 182 -55.91 -10.91 -28.38
N ILE D 183 -55.24 -9.75 -28.40
CA ILE D 183 -53.92 -9.67 -27.77
C ILE D 183 -53.86 -8.52 -26.75
N ARG D 184 -52.84 -8.56 -25.89
CA ARG D 184 -52.83 -7.69 -24.71
C ARG D 184 -52.36 -6.26 -24.95
N SER D 185 -51.65 -6.01 -26.04
CA SER D 185 -51.32 -4.62 -26.40
C SER D 185 -51.32 -4.44 -27.93
N ALA D 186 -51.51 -3.20 -28.37
CA ALA D 186 -51.60 -2.90 -29.82
C ALA D 186 -50.36 -3.28 -30.63
N LEU D 187 -50.58 -3.81 -31.84
CA LEU D 187 -49.51 -4.02 -32.80
C LEU D 187 -48.77 -2.73 -33.12
N TYR D 188 -47.44 -2.82 -33.19
CA TYR D 188 -46.61 -1.70 -33.60
C TYR D 188 -46.73 -1.50 -35.09
N ALA D 189 -47.07 -2.55 -35.82
CA ALA D 189 -47.04 -2.49 -37.29
C ALA D 189 -48.15 -3.29 -37.99
N ALA D 190 -48.38 -2.95 -39.26
CA ALA D 190 -49.32 -3.70 -40.11
C ALA D 190 -48.62 -4.91 -40.78
N TYR D 191 -49.39 -5.95 -41.05
CA TYR D 191 -48.85 -7.12 -41.73
C TYR D 191 -49.79 -7.59 -42.83
N ASP D 192 -49.21 -7.91 -43.98
CA ASP D 192 -49.95 -8.52 -45.07
C ASP D 192 -49.93 -10.01 -44.71
N GLY D 193 -51.12 -10.57 -44.52
CA GLY D 193 -51.23 -11.95 -44.07
C GLY D 193 -50.50 -12.93 -44.96
N ALA D 194 -50.35 -12.59 -46.25
CA ALA D 194 -49.69 -13.49 -47.20
C ALA D 194 -48.17 -13.48 -47.02
N THR D 195 -47.67 -12.56 -46.20
CA THR D 195 -46.22 -12.38 -46.09
C THR D 195 -45.60 -12.79 -44.75
N VAL D 196 -46.42 -13.21 -43.79
CA VAL D 196 -45.89 -13.54 -42.49
C VAL D 196 -46.11 -15.01 -42.09
N ALA D 197 -45.22 -15.50 -41.25
CA ALA D 197 -45.33 -16.83 -40.66
C ALA D 197 -45.38 -16.57 -39.17
N ILE D 198 -46.24 -17.33 -38.47
CA ILE D 198 -46.51 -17.06 -37.05
C ILE D 198 -45.98 -18.24 -36.24
N TYR D 199 -45.38 -17.95 -35.07
CA TYR D 199 -44.78 -18.98 -34.25
C TYR D 199 -45.09 -18.78 -32.78
N LYS D 200 -45.48 -19.88 -32.13
CA LYS D 200 -45.72 -19.86 -30.70
C LYS D 200 -44.37 -20.00 -30.01
N VAL D 201 -44.12 -19.19 -28.99
CA VAL D 201 -42.87 -19.36 -28.26
C VAL D 201 -43.10 -20.37 -27.15
N VAL D 202 -42.44 -21.53 -27.25
CA VAL D 202 -42.62 -22.60 -26.29
C VAL D 202 -41.32 -22.77 -25.52
N SER D 203 -41.43 -22.53 -24.21
CA SER D 203 -40.28 -22.53 -23.32
C SER D 203 -40.73 -22.71 -21.87
N GLY D 204 -39.78 -23.04 -21.01
CA GLY D 204 -40.04 -23.26 -19.60
C GLY D 204 -39.37 -22.21 -18.76
N VAL D 205 -39.03 -22.55 -17.51
CA VAL D 205 -38.49 -21.55 -16.60
C VAL D 205 -36.98 -21.42 -16.82
N VAL D 206 -36.51 -20.18 -17.05
CA VAL D 206 -35.08 -19.91 -17.10
C VAL D 206 -34.78 -18.88 -16.04
N ASP D 207 -33.90 -19.24 -15.11
CA ASP D 207 -33.58 -18.38 -13.97
C ASP D 207 -32.12 -18.67 -13.63
N ILE D 208 -31.25 -17.71 -13.88
N ILE D 208 -31.23 -17.71 -13.84
CA ILE D 208 -29.82 -17.86 -13.59
CA ILE D 208 -29.80 -17.89 -13.60
C ILE D 208 -29.48 -16.82 -12.54
C ILE D 208 -29.34 -16.83 -12.62
N ALA D 209 -28.90 -17.24 -11.43
CA ALA D 209 -28.63 -16.27 -10.36
C ALA D 209 -27.41 -16.61 -9.53
N SER D 210 -26.72 -15.56 -9.10
CA SER D 210 -25.77 -15.69 -8.03
C SER D 210 -24.67 -16.68 -8.35
N ILE D 211 -24.09 -16.56 -9.54
CA ILE D 211 -22.91 -17.33 -9.92
C ILE D 211 -21.92 -16.40 -10.59
N GLN D 212 -20.69 -16.87 -10.76
CA GLN D 212 -19.69 -16.15 -11.56
C GLN D 212 -19.23 -17.02 -12.73
N ILE D 213 -19.32 -16.48 -13.94
CA ILE D 213 -18.79 -17.17 -15.10
C ILE D 213 -17.48 -16.46 -15.47
N VAL D 214 -16.38 -17.21 -15.45
CA VAL D 214 -15.08 -16.68 -15.89
C VAL D 214 -14.85 -17.36 -17.26
N GLY D 215 -15.36 -16.74 -18.32
CA GLY D 215 -15.48 -17.41 -19.62
C GLY D 215 -14.18 -17.62 -20.39
N GLY D 216 -13.22 -16.71 -20.24
CA GLY D 216 -11.95 -16.84 -20.96
C GLY D 216 -12.07 -16.44 -22.41
N THR D 217 -11.26 -17.04 -23.26
CA THR D 217 -11.17 -16.57 -24.64
C THR D 217 -11.92 -17.40 -25.68
N VAL D 218 -12.38 -18.59 -25.31
CA VAL D 218 -12.99 -19.50 -26.30
C VAL D 218 -14.49 -19.36 -26.60
N PRO D 219 -15.35 -19.32 -25.56
CA PRO D 219 -16.79 -19.24 -25.82
C PRO D 219 -17.13 -17.92 -26.51
N MET D 220 -18.05 -17.97 -27.47
N MET D 220 -18.07 -17.94 -27.45
CA MET D 220 -18.59 -16.75 -28.08
CA MET D 220 -18.50 -16.68 -28.03
C MET D 220 -19.37 -15.96 -27.05
C MET D 220 -19.46 -15.93 -27.11
N ASN D 221 -20.22 -16.67 -26.31
CA ASN D 221 -21.09 -16.08 -25.29
C ASN D 221 -20.81 -16.62 -23.91
N GLY D 222 -20.95 -15.77 -22.90
CA GLY D 222 -20.91 -16.24 -21.51
C GLY D 222 -22.23 -16.98 -21.23
N LEU D 223 -23.34 -16.32 -21.47
N LEU D 223 -23.33 -16.28 -21.46
CA LEU D 223 -24.65 -16.94 -21.31
CA LEU D 223 -24.68 -16.80 -21.32
C LEU D 223 -25.46 -16.60 -22.53
C LEU D 223 -25.39 -16.59 -22.64
N LEU D 224 -26.11 -17.60 -23.11
CA LEU D 224 -27.02 -17.43 -24.24
C LEU D 224 -28.40 -17.92 -23.80
N VAL D 225 -29.43 -17.11 -23.99
CA VAL D 225 -30.78 -17.57 -23.74
C VAL D 225 -31.54 -17.16 -24.99
N GLU D 226 -32.20 -18.13 -25.60
CA GLU D 226 -32.82 -17.91 -26.90
C GLU D 226 -34.24 -18.49 -26.91
N ALA D 227 -35.18 -17.74 -27.50
CA ALA D 227 -36.58 -18.17 -27.64
C ALA D 227 -37.21 -18.57 -26.30
N VAL D 228 -37.08 -17.70 -25.30
CA VAL D 228 -37.66 -17.99 -24.00
C VAL D 228 -38.55 -16.82 -23.56
N VAL D 229 -39.67 -17.13 -22.93
CA VAL D 229 -40.56 -16.14 -22.34
C VAL D 229 -40.13 -15.86 -20.90
N SER D 230 -39.88 -14.58 -20.61
CA SER D 230 -39.50 -14.08 -19.28
C SER D 230 -38.31 -14.81 -18.62
N PRO D 231 -37.19 -14.96 -19.36
CA PRO D 231 -36.03 -15.53 -18.65
C PRO D 231 -35.51 -14.51 -17.64
N ARG D 232 -34.83 -14.98 -16.59
CA ARG D 232 -34.31 -14.09 -15.54
C ARG D 232 -32.85 -14.35 -15.30
N VAL D 233 -32.05 -13.29 -15.25
CA VAL D 233 -30.63 -13.39 -14.88
C VAL D 233 -30.44 -12.37 -13.78
N ASP D 234 -29.94 -12.79 -12.62
CA ASP D 234 -29.86 -11.84 -11.53
C ASP D 234 -28.61 -12.08 -10.69
N ASP D 235 -27.94 -11.00 -10.29
N ASP D 235 -27.96 -11.01 -10.22
CA ASP D 235 -26.81 -11.12 -9.36
CA ASP D 235 -26.80 -11.16 -9.32
C ASP D 235 -25.71 -12.04 -9.92
C ASP D 235 -25.69 -12.02 -9.92
N VAL D 236 -25.40 -11.90 -11.22
CA VAL D 236 -24.33 -12.70 -11.80
C VAL D 236 -23.12 -11.84 -12.12
N THR D 237 -21.97 -12.47 -12.10
CA THR D 237 -20.74 -11.84 -12.57
C THR D 237 -20.25 -12.62 -13.78
N VAL D 238 -20.04 -11.95 -14.91
CA VAL D 238 -19.52 -12.63 -16.10
C VAL D 238 -18.33 -11.89 -16.67
N THR D 239 -17.23 -12.59 -16.87
CA THR D 239 -16.10 -12.04 -17.60
C THR D 239 -15.85 -12.90 -18.83
N LEU D 240 -15.32 -12.30 -19.89
CA LEU D 240 -15.13 -13.03 -21.14
C LEU D 240 -14.16 -12.22 -21.99
N ALA D 241 -13.54 -12.86 -22.97
CA ALA D 241 -12.74 -12.13 -23.95
C ALA D 241 -13.15 -12.64 -25.32
N ASN D 242 -14.36 -12.27 -25.73
CA ASN D 242 -14.93 -12.78 -26.96
C ASN D 242 -16.14 -11.95 -27.40
N ASN D 243 -17.20 -12.61 -27.88
CA ASN D 243 -18.27 -11.87 -28.56
C ASN D 243 -19.34 -11.19 -27.70
N ALA D 244 -19.84 -11.91 -26.71
CA ALA D 244 -20.95 -11.36 -25.92
C ALA D 244 -20.94 -11.92 -24.52
N GLY D 245 -20.89 -11.04 -23.52
CA GLY D 245 -21.02 -11.51 -22.15
C GLY D 245 -22.34 -12.25 -21.91
N VAL D 246 -23.45 -11.62 -22.30
CA VAL D 246 -24.78 -12.20 -22.15
C VAL D 246 -25.53 -11.88 -23.43
N TYR D 247 -26.09 -12.90 -24.07
CA TYR D 247 -26.81 -12.72 -25.32
C TYR D 247 -28.24 -13.24 -25.12
N PHE D 248 -29.23 -12.33 -25.18
CA PHE D 248 -30.65 -12.74 -25.21
C PHE D 248 -31.07 -12.68 -26.67
N ALA D 249 -31.59 -13.80 -27.21
CA ALA D 249 -31.99 -13.86 -28.60
C ALA D 249 -33.45 -14.28 -28.69
N ARG D 250 -34.27 -13.47 -29.36
CA ARG D 250 -35.68 -13.81 -29.53
C ARG D 250 -36.36 -14.10 -28.18
N CYS D 251 -36.09 -13.27 -27.16
CA CYS D 251 -36.72 -13.51 -25.86
C CYS D 251 -37.76 -12.45 -25.63
N TYR D 252 -38.85 -12.84 -24.97
CA TYR D 252 -39.89 -11.89 -24.58
C TYR D 252 -39.74 -11.60 -23.09
N ASP D 253 -39.64 -10.32 -22.75
CA ASP D 253 -39.49 -9.92 -21.33
C ASP D 253 -38.24 -10.55 -20.67
N ALA D 254 -37.11 -10.57 -21.38
CA ALA D 254 -35.85 -11.01 -20.77
C ALA D 254 -35.42 -9.91 -19.79
N LYS D 255 -35.06 -10.27 -18.56
CA LYS D 255 -34.58 -9.24 -17.63
C LYS D 255 -33.26 -9.69 -17.04
N ILE D 256 -32.25 -8.82 -17.11
CA ILE D 256 -31.01 -9.03 -16.36
C ILE D 256 -30.87 -7.88 -15.35
N THR D 257 -30.60 -8.22 -14.09
CA THR D 257 -30.58 -7.24 -13.00
C THR D 257 -29.40 -7.45 -12.06
N ASN D 258 -28.88 -6.35 -11.51
CA ASN D 258 -27.92 -6.42 -10.42
C ASN D 258 -26.70 -7.26 -10.79
N SER D 259 -26.25 -7.14 -12.04
CA SER D 259 -25.15 -7.99 -12.51
C SER D 259 -23.93 -7.17 -12.96
N ASN D 260 -22.75 -7.77 -12.91
CA ASN D 260 -21.52 -7.16 -13.40
C ASN D 260 -21.01 -7.97 -14.59
N ILE D 261 -20.96 -7.34 -15.76
CA ILE D 261 -20.58 -8.03 -16.99
C ILE D 261 -19.39 -7.29 -17.58
N SER D 262 -18.34 -8.04 -17.92
N SER D 262 -18.35 -8.05 -17.91
CA SER D 262 -17.13 -7.43 -18.46
CA SER D 262 -17.12 -7.47 -18.45
C SER D 262 -16.62 -8.29 -19.60
C SER D 262 -16.64 -8.31 -19.61
N ASN D 263 -16.70 -7.74 -20.82
CA ASN D 263 -16.21 -8.45 -22.00
C ASN D 263 -15.06 -7.69 -22.63
N ILE D 264 -13.87 -8.23 -22.44
CA ILE D 264 -12.62 -7.65 -22.96
C ILE D 264 -12.63 -7.65 -24.48
N GLY D 265 -13.37 -8.60 -25.04
CA GLY D 265 -13.53 -8.76 -26.47
C GLY D 265 -12.44 -9.60 -27.10
N ASP D 266 -12.62 -9.99 -28.36
CA ASP D 266 -11.53 -10.60 -29.11
C ASP D 266 -11.34 -9.93 -30.46
N GLY D 267 -11.83 -8.69 -30.59
CA GLY D 267 -11.69 -7.94 -31.81
C GLY D 267 -12.86 -8.09 -32.76
N GLY D 268 -13.91 -8.77 -32.29
CA GLY D 268 -15.16 -8.88 -33.01
C GLY D 268 -16.13 -7.78 -32.60
N ASP D 269 -17.41 -8.10 -32.61
CA ASP D 269 -18.45 -7.16 -32.21
C ASP D 269 -18.39 -6.79 -30.74
N ASP D 270 -17.91 -7.71 -29.90
CA ASP D 270 -17.45 -7.38 -28.54
C ASP D 270 -18.48 -6.61 -27.68
N TYR D 271 -19.59 -7.28 -27.37
CA TYR D 271 -20.72 -6.76 -26.61
C TYR D 271 -20.62 -7.18 -25.15
N GLY D 272 -21.21 -6.39 -24.27
CA GLY D 272 -21.34 -6.80 -22.87
C GLY D 272 -22.61 -7.61 -22.74
N ILE D 273 -23.75 -6.91 -22.81
CA ILE D 273 -25.06 -7.53 -22.86
C ILE D 273 -25.69 -7.16 -24.19
N ILE D 274 -26.18 -8.14 -24.95
CA ILE D 274 -26.90 -7.77 -26.18
C ILE D 274 -28.29 -8.40 -26.22
N PHE D 275 -29.27 -7.58 -26.61
CA PHE D 275 -30.66 -8.01 -26.81
C PHE D 275 -30.89 -8.12 -28.31
N GLY D 276 -30.88 -9.35 -28.83
CA GLY D 276 -31.06 -9.60 -30.25
C GLY D 276 -32.49 -10.03 -30.50
N ASN D 277 -33.19 -9.30 -31.34
CA ASN D 277 -34.56 -9.66 -31.69
C ASN D 277 -35.47 -9.91 -30.47
N CYS D 278 -35.39 -9.03 -29.46
CA CYS D 278 -36.12 -9.20 -28.22
C CYS D 278 -37.23 -8.16 -28.09
N HIS D 279 -38.20 -8.46 -27.24
CA HIS D 279 -39.35 -7.57 -27.06
C HIS D 279 -39.64 -7.62 -25.56
N ASP D 280 -39.87 -6.45 -24.96
CA ASP D 280 -40.06 -6.31 -23.51
C ASP D 280 -38.78 -6.58 -22.74
N GLY D 281 -38.81 -6.30 -21.44
CA GLY D 281 -37.67 -6.54 -20.57
C GLY D 281 -36.53 -5.55 -20.70
N GLY D 282 -35.29 -5.98 -20.41
CA GLY D 282 -34.18 -5.06 -20.46
C GLY D 282 -33.19 -5.31 -19.33
N ALA D 283 -32.40 -4.30 -19.00
CA ALA D 283 -31.29 -4.44 -18.06
C ALA D 283 -31.46 -3.39 -16.96
N ASP D 284 -31.27 -3.80 -15.70
CA ASP D 284 -31.51 -2.88 -14.58
C ASP D 284 -30.39 -3.03 -13.54
N ASN D 285 -29.76 -1.91 -13.20
CA ASN D 285 -28.80 -1.89 -12.09
C ASN D 285 -27.57 -2.76 -12.39
N CYS D 286 -27.12 -2.77 -13.65
CA CYS D 286 -25.91 -3.50 -14.02
C CYS D 286 -24.71 -2.59 -14.19
N LYS D 287 -23.54 -3.10 -13.83
CA LYS D 287 -22.30 -2.40 -14.15
C LYS D 287 -21.67 -3.20 -15.28
N VAL D 288 -21.40 -2.54 -16.40
CA VAL D 288 -21.01 -3.27 -17.61
C VAL D 288 -19.82 -2.60 -18.31
N TYR D 289 -18.85 -3.43 -18.72
CA TYR D 289 -17.79 -3.01 -19.64
C TYR D 289 -17.75 -3.95 -20.83
N ALA D 290 -17.57 -3.41 -22.04
CA ALA D 290 -17.18 -4.23 -23.18
C ALA D 290 -16.34 -3.37 -24.11
N ARG D 291 -15.44 -4.00 -24.86
CA ARG D 291 -14.55 -3.23 -25.77
C ARG D 291 -15.34 -2.28 -26.68
N ARG D 292 -16.39 -2.78 -27.32
CA ARG D 292 -17.14 -1.96 -28.27
C ARG D 292 -18.45 -1.40 -27.71
N HIS D 293 -19.41 -2.28 -27.40
CA HIS D 293 -20.69 -1.76 -26.90
C HIS D 293 -21.03 -2.46 -25.59
N ALA D 294 -21.16 -1.67 -24.51
CA ALA D 294 -21.36 -2.23 -23.19
C ALA D 294 -22.72 -2.93 -23.17
N ILE D 295 -23.74 -2.24 -23.68
CA ILE D 295 -25.03 -2.84 -23.94
C ILE D 295 -25.38 -2.52 -25.40
N ALA D 296 -26.03 -3.47 -26.06
CA ALA D 296 -26.37 -3.33 -27.48
C ALA D 296 -27.70 -4.01 -27.76
N THR D 297 -28.31 -3.69 -28.89
CA THR D 297 -29.49 -4.39 -29.34
C THR D 297 -29.27 -4.65 -30.82
N GLY D 298 -29.89 -5.69 -31.37
CA GLY D 298 -29.76 -5.97 -32.78
C GLY D 298 -30.43 -7.29 -33.07
N GLY D 299 -29.63 -8.26 -33.46
CA GLY D 299 -30.13 -9.61 -33.67
C GLY D 299 -29.39 -10.35 -34.78
N ASP D 300 -30.02 -11.38 -35.33
CA ASP D 300 -29.35 -12.17 -36.38
C ASP D 300 -30.24 -12.31 -37.60
N ALA D 301 -29.99 -13.31 -38.44
CA ALA D 301 -30.86 -13.48 -39.61
C ALA D 301 -31.66 -14.77 -39.57
N GLU D 302 -31.80 -15.32 -38.36
CA GLU D 302 -32.54 -16.57 -38.22
C GLU D 302 -34.04 -16.34 -38.21
N VAL D 303 -34.80 -17.43 -38.32
CA VAL D 303 -36.24 -17.34 -38.28
C VAL D 303 -36.70 -16.62 -37.01
N GLY D 304 -37.60 -15.66 -37.18
CA GLY D 304 -38.12 -14.89 -36.06
C GLY D 304 -37.23 -13.73 -35.68
N CYS D 305 -36.38 -13.26 -36.59
CA CYS D 305 -35.49 -12.14 -36.26
C CYS D 305 -36.16 -10.77 -36.41
N VAL D 306 -37.12 -10.53 -35.54
CA VAL D 306 -37.97 -9.34 -35.59
C VAL D 306 -37.35 -8.13 -34.87
N PRO D 307 -37.94 -6.92 -35.03
CA PRO D 307 -37.35 -5.73 -34.42
C PRO D 307 -37.29 -5.81 -32.89
N VAL D 308 -36.33 -5.07 -32.31
CA VAL D 308 -36.19 -5.00 -30.86
C VAL D 308 -37.11 -3.89 -30.31
N ARG D 309 -38.04 -4.24 -29.42
CA ARG D 309 -39.02 -3.23 -29.01
C ARG D 309 -39.31 -3.26 -27.54
N ASN D 310 -39.57 -2.08 -26.98
CA ASN D 310 -39.86 -1.91 -25.55
C ASN D 310 -38.83 -2.59 -24.68
N VAL D 311 -37.57 -2.51 -25.09
CA VAL D 311 -36.46 -2.92 -24.24
C VAL D 311 -35.89 -1.68 -23.58
N ARG D 312 -35.75 -1.76 -22.25
CA ARG D 312 -35.46 -0.60 -21.42
C ARG D 312 -34.18 -0.84 -20.59
N MET D 313 -33.17 0.00 -20.79
CA MET D 313 -31.96 -0.11 -19.99
C MET D 313 -32.04 0.98 -18.94
N ARG D 314 -31.99 0.59 -17.67
N ARG D 314 -31.91 0.57 -17.67
CA ARG D 314 -32.16 1.57 -16.61
CA ARG D 314 -32.11 1.50 -16.58
C ARG D 314 -31.18 1.39 -15.46
C ARG D 314 -31.09 1.36 -15.50
N ASN D 315 -30.69 2.51 -14.94
CA ASN D 315 -29.91 2.50 -13.70
C ASN D 315 -28.59 1.71 -13.82
N CYS D 316 -27.99 1.76 -15.01
CA CYS D 316 -26.70 1.08 -15.26
C CYS D 316 -25.54 2.06 -15.37
N THR D 317 -24.33 1.58 -15.07
CA THR D 317 -23.12 2.29 -15.47
C THR D 317 -22.42 1.52 -16.58
N LEU D 318 -22.11 2.22 -17.68
CA LEU D 318 -21.56 1.57 -18.87
C LEU D 318 -20.23 2.17 -19.28
N ARG D 319 -19.27 1.31 -19.61
CA ARG D 319 -17.94 1.72 -20.10
C ARG D 319 -17.55 0.89 -21.34
N ASN D 320 -16.79 1.49 -22.25
CA ASN D 320 -16.23 0.77 -23.37
C ASN D 320 -14.76 1.12 -23.54
N ASP D 321 -14.12 0.57 -24.56
CA ASP D 321 -12.75 0.96 -24.90
C ASP D 321 -12.83 2.19 -25.78
N ILE D 322 -12.42 3.34 -25.26
CA ILE D 322 -12.54 4.57 -26.02
C ILE D 322 -11.76 4.50 -27.34
N THR D 323 -10.67 3.73 -27.37
CA THR D 323 -9.90 3.62 -28.62
C THR D 323 -10.58 2.76 -29.69
N SER D 324 -11.70 2.09 -29.34
CA SER D 324 -12.49 1.41 -30.36
C SER D 324 -13.08 2.40 -31.38
N GLY D 325 -13.25 3.65 -30.98
CA GLY D 325 -13.84 4.65 -31.85
C GLY D 325 -15.37 4.61 -31.96
N THR D 326 -16.02 3.64 -31.31
CA THR D 326 -17.49 3.52 -31.41
C THR D 326 -18.20 3.94 -30.11
N HIS D 327 -19.53 4.07 -30.19
CA HIS D 327 -20.34 4.48 -29.05
C HIS D 327 -20.43 3.34 -28.03
N CYS D 328 -20.45 3.70 -26.76
CA CYS D 328 -20.52 2.71 -25.69
C CYS D 328 -21.93 2.12 -25.53
N ALA D 329 -22.95 2.97 -25.58
CA ALA D 329 -24.35 2.53 -25.45
C ALA D 329 -24.99 2.39 -26.83
N ASP D 330 -25.43 1.19 -27.18
CA ASP D 330 -25.87 0.88 -28.56
C ASP D 330 -27.35 0.50 -28.70
N PHE D 331 -27.94 0.93 -29.82
CA PHE D 331 -29.10 0.30 -30.42
C PHE D 331 -28.73 0.14 -31.90
N HIS D 332 -29.13 -0.96 -32.54
CA HIS D 332 -29.00 -1.06 -34.00
C HIS D 332 -30.29 -0.56 -34.68
N GLY D 333 -30.20 -0.36 -35.98
CA GLY D 333 -31.32 0.14 -36.78
C GLY D 333 -32.60 -0.70 -36.78
N ASN D 334 -32.61 -1.87 -36.15
CA ASN D 334 -33.89 -2.56 -36.01
C ASN D 334 -34.54 -2.38 -34.65
N ALA D 335 -34.21 -1.29 -33.95
CA ALA D 335 -34.81 -0.99 -32.65
C ALA D 335 -35.98 -0.04 -32.85
N GLU D 336 -37.09 -0.27 -32.14
CA GLU D 336 -38.18 0.72 -32.11
C GLU D 336 -38.72 0.83 -30.68
N ASP D 337 -38.91 2.05 -30.20
CA ASP D 337 -39.54 2.26 -28.90
C ASP D 337 -38.69 1.65 -27.82
N CYS D 338 -37.40 2.02 -27.78
CA CYS D 338 -36.51 1.55 -26.73
C CYS D 338 -35.80 2.74 -26.11
N SER D 339 -35.15 2.55 -24.96
CA SER D 339 -34.50 3.70 -24.32
C SER D 339 -33.44 3.31 -23.29
N TYR D 340 -32.55 4.26 -23.00
CA TYR D 340 -31.66 4.20 -21.85
C TYR D 340 -32.18 5.27 -20.91
N GLU D 341 -32.33 4.95 -19.62
CA GLU D 341 -32.85 5.91 -18.63
C GLU D 341 -32.01 5.81 -17.36
N ASN D 342 -31.64 6.97 -16.80
CA ASN D 342 -30.88 7.00 -15.54
C ASN D 342 -29.62 6.14 -15.62
N CYS D 343 -28.91 6.24 -16.75
CA CYS D 343 -27.64 5.52 -16.90
C CYS D 343 -26.46 6.47 -16.94
N THR D 344 -25.33 5.99 -16.44
CA THR D 344 -24.06 6.69 -16.61
C THR D 344 -23.38 6.02 -17.79
N ILE D 345 -23.11 6.76 -18.85
CA ILE D 345 -22.60 6.16 -20.07
C ILE D 345 -21.28 6.81 -20.41
N TYR D 346 -20.18 6.11 -20.13
CA TYR D 346 -18.88 6.66 -20.51
C TYR D 346 -18.57 6.18 -21.92
N GLY D 347 -18.30 7.10 -22.84
CA GLY D 347 -17.90 6.67 -24.17
C GLY D 347 -18.98 6.74 -25.24
N GLY D 348 -20.01 7.55 -25.00
CA GLY D 348 -20.94 7.90 -26.09
C GLY D 348 -22.15 6.97 -26.28
N ALA D 349 -23.13 7.47 -27.03
CA ALA D 349 -24.35 6.71 -27.22
C ALA D 349 -24.87 6.94 -28.64
N THR D 350 -25.97 6.27 -29.00
CA THR D 350 -26.42 6.28 -30.39
C THR D 350 -27.94 6.32 -30.54
N TRP D 351 -28.37 7.05 -31.57
CA TRP D 351 -29.75 7.00 -32.07
C TRP D 351 -29.71 6.18 -33.36
N GLN D 352 -30.45 5.07 -33.39
CA GLN D 352 -30.65 4.27 -34.60
C GLN D 352 -32.08 3.69 -34.56
N GLY D 353 -32.61 3.34 -35.71
CA GLY D 353 -33.92 2.70 -35.75
C GLY D 353 -35.04 3.72 -35.76
N LYS D 354 -35.93 3.64 -34.78
CA LYS D 354 -37.11 4.50 -34.73
C LYS D 354 -37.59 4.67 -33.29
N ASP D 355 -37.94 5.89 -32.90
CA ASP D 355 -38.54 6.17 -31.57
C ASP D 355 -37.64 5.73 -30.42
N ILE D 356 -36.50 6.39 -30.30
CA ILE D 356 -35.46 6.02 -29.33
C ILE D 356 -35.20 7.21 -28.43
N SER D 357 -35.04 6.97 -27.12
N SER D 357 -35.06 6.98 -27.12
CA SER D 357 -34.84 8.07 -26.19
CA SER D 357 -34.79 8.10 -26.23
C SER D 357 -33.72 7.75 -25.21
C SER D 357 -33.73 7.78 -25.19
N TYR D 358 -33.04 8.82 -24.76
CA TYR D 358 -32.12 8.75 -23.62
C TYR D 358 -32.73 9.72 -22.64
N ARG D 359 -33.00 9.26 -21.42
CA ARG D 359 -33.65 10.12 -20.42
C ARG D 359 -32.84 10.18 -19.13
N HIS D 360 -32.52 11.38 -18.66
CA HIS D 360 -31.76 11.51 -17.40
C HIS D 360 -30.48 10.65 -17.39
N CYS D 361 -29.78 10.61 -18.52
CA CYS D 361 -28.47 9.94 -18.59
C CYS D 361 -27.35 10.97 -18.49
N THR D 362 -26.20 10.53 -17.98
CA THR D 362 -24.96 11.32 -18.06
C THR D 362 -24.10 10.59 -19.07
N ILE D 363 -23.59 11.31 -20.08
CA ILE D 363 -22.94 10.66 -21.22
C ILE D 363 -21.72 11.46 -21.56
N THR D 364 -20.58 10.80 -21.67
CA THR D 364 -19.34 11.47 -22.06
C THR D 364 -18.99 11.06 -23.49
N ASN D 365 -17.96 11.70 -24.04
CA ASN D 365 -17.69 11.56 -25.47
C ASN D 365 -17.01 10.25 -25.82
N ALA D 366 -17.21 9.83 -27.05
CA ALA D 366 -16.36 8.84 -27.67
C ALA D 366 -15.07 9.49 -28.18
N SER D 367 -14.21 8.70 -28.81
N SER D 367 -14.22 8.68 -28.79
CA SER D 367 -12.87 9.16 -29.13
CA SER D 367 -12.88 9.11 -29.20
C SER D 367 -12.82 10.32 -30.14
C SER D 367 -12.88 10.34 -30.08
N GLY D 368 -13.78 10.36 -31.07
CA GLY D 368 -13.89 11.47 -32.00
C GLY D 368 -14.39 12.77 -31.40
N GLY D 369 -14.84 12.77 -30.16
CA GLY D 369 -15.22 14.01 -29.51
C GLY D 369 -16.71 14.26 -29.51
N TRP D 370 -17.44 13.51 -30.32
CA TRP D 370 -18.90 13.54 -30.28
C TRP D 370 -19.43 12.74 -29.07
N ILE D 371 -20.71 12.94 -28.74
CA ILE D 371 -21.30 12.33 -27.56
C ILE D 371 -22.45 11.40 -27.97
N VAL D 372 -23.27 11.88 -28.91
CA VAL D 372 -24.36 11.07 -29.45
C VAL D 372 -24.20 11.04 -30.96
N ILE D 373 -24.24 9.84 -31.52
CA ILE D 373 -24.04 9.68 -32.96
C ILE D 373 -25.22 8.91 -33.51
N SER D 374 -25.56 9.12 -34.78
CA SER D 374 -26.69 8.41 -35.36
C SER D 374 -26.24 7.46 -36.47
N ALA D 375 -27.10 6.50 -36.78
CA ALA D 375 -26.92 5.58 -37.90
C ALA D 375 -28.25 4.92 -38.18
N GLU D 376 -28.46 4.52 -39.43
CA GLU D 376 -29.55 3.62 -39.78
C GLU D 376 -30.88 4.18 -39.24
N ILE D 377 -31.12 5.45 -39.51
CA ILE D 377 -32.33 6.12 -39.06
C ILE D 377 -33.51 5.80 -40.00
N LEU D 378 -34.46 5.00 -39.51
CA LEU D 378 -35.64 4.67 -40.29
C LEU D 378 -36.61 5.84 -40.33
N GLY D 379 -36.72 6.56 -39.20
CA GLY D 379 -37.63 7.67 -39.06
C GLY D 379 -38.22 7.65 -37.66
N GLY D 380 -39.13 8.59 -37.38
CA GLY D 380 -39.73 8.70 -36.07
C GLY D 380 -39.03 9.72 -35.17
N THR D 381 -39.07 9.51 -33.87
CA THR D 381 -38.67 10.57 -32.95
C THR D 381 -37.44 10.13 -32.14
N PHE D 382 -36.45 11.00 -32.03
CA PHE D 382 -35.21 10.66 -31.34
C PHE D 382 -34.96 11.75 -30.32
N LEU D 383 -34.83 11.36 -29.06
CA LEU D 383 -34.95 12.31 -27.96
C LEU D 383 -33.77 12.22 -27.02
N LEU D 384 -33.18 13.38 -26.67
CA LEU D 384 -32.28 13.46 -25.51
C LEU D 384 -33.05 14.24 -24.47
N ASP D 385 -33.57 13.54 -23.48
CA ASP D 385 -34.52 14.09 -22.55
C ASP D 385 -33.75 14.42 -21.27
N GLN D 386 -33.43 15.70 -21.07
CA GLN D 386 -32.83 16.19 -19.82
C GLN D 386 -31.57 15.40 -19.49
N CYS D 387 -30.72 15.22 -20.49
CA CYS D 387 -29.44 14.53 -20.28
C CYS D 387 -28.31 15.49 -19.93
N THR D 388 -27.35 15.00 -19.16
CA THR D 388 -26.10 15.74 -18.88
C THR D 388 -24.98 15.25 -19.80
N LEU D 389 -24.50 16.12 -20.68
CA LEU D 389 -23.56 15.71 -21.72
C LEU D 389 -22.21 16.36 -21.50
N TYR D 390 -21.13 15.58 -21.61
N TYR D 390 -21.10 15.62 -21.59
CA TYR D 390 -19.76 16.05 -21.42
CA TYR D 390 -19.77 16.24 -21.46
C TYR D 390 -18.90 15.65 -22.62
C TYR D 390 -18.82 15.69 -22.49
N THR D 391 -18.11 16.57 -23.18
CA THR D 391 -17.04 16.13 -24.06
C THR D 391 -15.75 16.91 -23.80
N THR D 392 -14.63 16.20 -23.83
CA THR D 392 -13.33 16.80 -23.64
C THR D 392 -12.68 17.09 -24.97
N GLY D 393 -13.37 16.78 -26.07
CA GLY D 393 -12.76 16.88 -27.39
C GLY D 393 -13.55 17.77 -28.33
N ASP D 394 -13.33 17.58 -29.64
CA ASP D 394 -13.97 18.41 -30.65
C ASP D 394 -14.18 17.56 -31.90
N PRO D 395 -15.45 17.28 -32.24
CA PRO D 395 -15.70 16.40 -33.37
C PRO D 395 -15.74 17.09 -34.72
N GLN D 396 -15.67 18.41 -34.76
CA GLN D 396 -15.77 19.09 -36.05
C GLN D 396 -14.61 18.74 -37.01
N PRO D 397 -13.37 18.56 -36.51
CA PRO D 397 -12.36 18.16 -37.52
C PRO D 397 -12.69 16.83 -38.22
N GLY D 398 -13.50 15.97 -37.60
CA GLY D 398 -13.97 14.74 -38.23
C GLY D 398 -15.33 14.90 -38.91
N ASN D 399 -15.72 16.16 -39.10
CA ASN D 399 -17.00 16.51 -39.76
C ASN D 399 -18.27 16.05 -39.04
N ARG D 400 -18.22 15.93 -37.72
CA ARG D 400 -19.39 15.53 -36.93
C ARG D 400 -19.77 16.58 -35.88
N GLY D 401 -21.05 16.58 -35.48
CA GLY D 401 -21.50 17.47 -34.43
C GLY D 401 -21.24 16.80 -33.08
N VAL D 402 -21.36 17.57 -32.00
CA VAL D 402 -21.34 16.97 -30.67
C VAL D 402 -22.49 15.96 -30.59
N ILE D 403 -23.64 16.36 -31.14
CA ILE D 403 -24.75 15.45 -31.39
C ILE D 403 -24.80 15.33 -32.91
N ASP D 404 -24.65 14.13 -33.43
CA ASP D 404 -24.40 14.00 -34.86
C ASP D 404 -25.46 13.16 -35.57
N VAL D 405 -25.93 13.65 -36.72
CA VAL D 405 -26.88 12.89 -37.52
C VAL D 405 -26.38 12.85 -38.97
N GLY D 406 -25.47 11.93 -39.26
CA GLY D 406 -24.97 11.78 -40.61
C GLY D 406 -23.95 12.82 -41.02
N GLY D 407 -23.28 13.45 -40.06
CA GLY D 407 -22.25 14.44 -40.38
C GLY D 407 -21.20 13.92 -41.35
N ASN D 408 -20.73 12.70 -41.10
CA ASN D 408 -19.72 12.12 -41.95
C ASN D 408 -20.05 10.66 -42.30
N SER D 409 -21.33 10.31 -42.24
CA SER D 409 -21.77 8.95 -42.58
C SER D 409 -23.14 8.97 -43.25
N ALA D 410 -23.54 7.85 -43.82
CA ALA D 410 -24.79 7.81 -44.61
C ALA D 410 -25.92 7.29 -43.72
N VAL D 411 -26.63 8.24 -43.14
CA VAL D 411 -27.56 7.98 -42.05
C VAL D 411 -28.99 8.36 -42.44
N LEU D 412 -29.12 9.52 -43.10
CA LEU D 412 -30.39 9.97 -43.64
C LEU D 412 -30.40 9.71 -45.16
N THR D 413 -30.92 8.55 -45.54
CA THR D 413 -30.68 8.03 -46.88
C THR D 413 -31.99 7.58 -47.51
N THR D 414 -31.94 6.88 -48.66
CA THR D 414 -33.18 6.36 -49.25
C THR D 414 -33.82 5.30 -48.33
N ASN D 415 -33.07 4.83 -47.34
CA ASN D 415 -33.68 3.92 -46.37
C ASN D 415 -34.36 4.61 -45.17
N THR D 416 -34.29 5.94 -45.11
CA THR D 416 -35.00 6.69 -44.09
C THR D 416 -36.37 7.02 -44.66
N THR D 417 -37.38 6.27 -44.29
CA THR D 417 -38.63 6.36 -45.04
C THR D 417 -39.75 7.03 -44.27
N GLN D 418 -39.50 7.46 -43.03
CA GLN D 418 -40.55 8.15 -42.27
C GLN D 418 -40.04 9.52 -41.79
N PRO D 419 -40.94 10.49 -41.57
CA PRO D 419 -40.46 11.80 -41.07
C PRO D 419 -39.64 11.63 -39.79
N CYS D 420 -38.61 12.45 -39.62
CA CYS D 420 -37.74 12.36 -38.44
C CYS D 420 -37.89 13.58 -37.58
N ASN D 421 -37.95 13.37 -36.26
CA ASN D 421 -37.92 14.49 -35.32
C ASN D 421 -36.76 14.29 -34.36
N PHE D 422 -35.82 15.24 -34.34
CA PHE D 422 -34.69 15.18 -33.42
C PHE D 422 -34.91 16.22 -32.31
N LEU D 423 -35.06 15.73 -31.09
CA LEU D 423 -35.47 16.56 -29.97
C LEU D 423 -34.37 16.57 -28.91
N ILE D 424 -33.96 17.77 -28.51
CA ILE D 424 -33.00 17.94 -27.42
C ILE D 424 -33.72 18.83 -26.43
N GLN D 425 -34.10 18.26 -25.29
CA GLN D 425 -34.93 18.99 -24.35
C GLN D 425 -34.23 19.13 -22.98
N GLY D 426 -33.92 20.36 -22.58
CA GLY D 426 -33.36 20.63 -21.27
C GLY D 426 -32.00 19.96 -21.07
N GLY D 427 -31.65 19.74 -19.81
CA GLY D 427 -30.35 19.17 -19.48
C GLY D 427 -29.21 20.17 -19.71
N SER D 428 -28.00 19.64 -19.87
N SER D 428 -28.00 19.65 -19.87
CA SER D 428 -26.81 20.47 -20.00
CA SER D 428 -26.80 20.49 -19.94
C SER D 428 -25.82 19.82 -20.96
C SER D 428 -25.69 19.84 -20.76
N LEU D 429 -24.98 20.64 -21.55
CA LEU D 429 -23.91 20.15 -22.41
C LEU D 429 -22.67 20.95 -22.08
N ARG D 430 -21.61 20.25 -21.67
CA ARG D 430 -20.33 20.90 -21.40
C ARG D 430 -19.27 20.44 -22.41
N ALA D 431 -18.62 21.42 -23.04
CA ALA D 431 -17.71 21.15 -24.13
C ALA D 431 -16.70 22.30 -24.21
N PRO D 432 -15.67 22.23 -23.37
CA PRO D 432 -14.74 23.36 -23.19
C PRO D 432 -13.74 23.55 -24.32
N SER D 433 -13.56 22.52 -25.15
CA SER D 433 -12.45 22.51 -26.10
C SER D 433 -12.89 22.45 -27.55
N LEU D 434 -14.03 23.08 -27.87
CA LEU D 434 -14.44 23.26 -29.27
C LEU D 434 -13.74 24.47 -29.88
N SER D 435 -13.87 24.63 -31.20
CA SER D 435 -13.33 25.81 -31.87
C SER D 435 -14.47 26.69 -32.39
N THR D 436 -14.10 27.81 -33.02
CA THR D 436 -15.10 28.69 -33.58
C THR D 436 -15.65 28.09 -34.87
N SER D 437 -15.16 26.91 -35.27
CA SER D 437 -15.73 26.15 -36.39
C SER D 437 -16.70 25.04 -35.95
N SER D 438 -16.71 24.72 -34.67
CA SER D 438 -17.48 23.56 -34.20
C SER D 438 -18.99 23.87 -34.13
N TYR D 439 -19.83 22.84 -34.24
CA TYR D 439 -21.29 23.02 -34.14
C TYR D 439 -21.82 21.97 -33.15
N LEU D 440 -22.89 22.32 -32.45
CA LEU D 440 -23.43 21.43 -31.44
C LEU D 440 -24.14 20.24 -32.05
N LEU D 441 -24.92 20.50 -33.09
CA LEU D 441 -25.65 19.41 -33.77
C LEU D 441 -25.48 19.57 -35.27
N ARG D 442 -25.20 18.47 -35.93
CA ARG D 442 -25.19 18.48 -37.39
C ARG D 442 -26.16 17.43 -37.89
N ALA D 443 -26.93 17.78 -38.90
CA ALA D 443 -27.70 16.82 -39.66
C ALA D 443 -27.37 17.05 -41.15
N ARG D 444 -27.15 15.97 -41.87
CA ARG D 444 -26.79 16.07 -43.28
C ARG D 444 -27.53 14.99 -44.06
N LEU D 445 -28.23 15.42 -45.11
CA LEU D 445 -28.98 14.49 -45.95
C LEU D 445 -28.07 13.74 -46.90
N GLU D 446 -28.21 12.43 -46.95
CA GLU D 446 -27.54 11.68 -47.99
C GLU D 446 -28.54 10.76 -48.72
N GLY D 447 -29.63 11.34 -49.21
CA GLY D 447 -30.55 10.59 -50.04
C GLY D 447 -32.00 10.60 -49.61
N SER D 448 -32.24 10.88 -48.33
CA SER D 448 -33.61 10.92 -47.80
C SER D 448 -34.41 12.05 -48.42
N THR D 449 -35.73 11.87 -48.45
CA THR D 449 -36.61 12.92 -48.97
C THR D 449 -37.70 13.34 -47.96
N VAL D 450 -37.63 12.82 -46.74
CA VAL D 450 -38.69 13.03 -45.75
C VAL D 450 -38.45 14.32 -44.96
N PRO D 451 -39.48 14.79 -44.25
CA PRO D 451 -39.25 15.92 -43.35
C PRO D 451 -38.23 15.56 -42.26
N VAL D 452 -37.27 16.47 -42.01
CA VAL D 452 -36.33 16.30 -40.91
C VAL D 452 -36.44 17.50 -39.98
N ASN D 453 -37.06 17.30 -38.81
CA ASN D 453 -37.40 18.40 -37.90
C ASN D 453 -36.43 18.45 -36.72
N ILE D 454 -36.05 19.65 -36.28
CA ILE D 454 -35.18 19.80 -35.12
C ILE D 454 -35.85 20.65 -34.06
N GLN D 455 -35.80 20.18 -32.81
CA GLN D 455 -36.21 20.96 -31.66
C GLN D 455 -35.02 20.95 -30.73
N TYR D 456 -34.38 22.10 -30.56
CA TYR D 456 -33.21 22.19 -29.70
C TYR D 456 -33.59 23.24 -28.66
N SER D 457 -33.95 22.76 -27.48
CA SER D 457 -34.80 23.51 -26.55
C SER D 457 -34.42 23.36 -25.07
N GLY D 458 -34.06 24.46 -24.41
CA GLY D 458 -33.98 24.47 -22.94
C GLY D 458 -32.65 24.07 -22.33
N GLN D 459 -31.70 23.68 -23.18
CA GLN D 459 -30.41 23.18 -22.71
C GLN D 459 -29.45 24.26 -22.18
N ALA D 460 -28.75 23.95 -21.08
CA ALA D 460 -27.72 24.84 -20.54
C ALA D 460 -26.34 24.42 -21.11
N ILE D 461 -25.70 25.35 -21.81
CA ILE D 461 -24.48 25.03 -22.52
C ILE D 461 -23.26 25.67 -21.85
N ASP D 462 -22.17 24.91 -21.74
CA ASP D 462 -20.96 25.41 -21.11
C ASP D 462 -19.80 25.17 -22.08
N VAL D 463 -19.45 26.20 -22.83
CA VAL D 463 -18.38 26.12 -23.82
C VAL D 463 -17.32 27.20 -23.63
N GLY D 464 -16.19 27.02 -24.32
CA GLY D 464 -15.21 28.08 -24.48
C GLY D 464 -15.59 28.71 -25.81
N SER D 465 -14.90 28.29 -26.87
CA SER D 465 -15.28 28.68 -28.22
C SER D 465 -16.39 27.83 -28.79
N LEU D 466 -17.12 28.37 -29.76
CA LEU D 466 -18.15 27.62 -30.47
C LEU D 466 -18.41 28.34 -31.78
N GLY D 467 -18.75 27.58 -32.82
CA GLY D 467 -19.14 28.16 -34.09
C GLY D 467 -20.65 28.31 -34.26
N LYS D 468 -21.40 27.21 -34.11
CA LYS D 468 -22.83 27.23 -34.39
C LYS D 468 -23.58 26.29 -33.47
N VAL D 469 -24.87 26.55 -33.28
CA VAL D 469 -25.74 25.58 -32.64
C VAL D 469 -26.06 24.45 -33.64
N LEU D 470 -26.71 24.80 -34.77
CA LEU D 470 -27.09 23.81 -35.78
C LEU D 470 -26.35 23.96 -37.10
N GLN D 471 -26.02 22.81 -37.67
CA GLN D 471 -25.40 22.77 -38.98
C GLN D 471 -26.24 21.79 -39.79
N LEU D 472 -27.00 22.28 -40.75
CA LEU D 472 -27.97 21.46 -41.45
C LEU D 472 -27.65 21.49 -42.94
N ASP D 473 -27.19 20.35 -43.46
CA ASP D 473 -26.61 20.27 -44.80
C ASP D 473 -27.35 19.27 -45.66
N ILE D 474 -27.12 19.39 -46.97
CA ILE D 474 -27.68 18.43 -47.92
C ILE D 474 -26.60 18.00 -48.91
N THR D 475 -26.23 16.74 -48.86
CA THR D 475 -25.37 16.19 -49.90
C THR D 475 -26.22 15.67 -51.07
N SER D 476 -27.23 14.87 -50.75
CA SER D 476 -28.21 14.38 -51.72
C SER D 476 -29.54 14.20 -50.99
N GLY D 477 -30.63 14.16 -51.75
CA GLY D 477 -31.96 14.08 -51.17
C GLY D 477 -32.54 15.49 -50.97
N SER D 478 -33.58 15.61 -50.16
CA SER D 478 -34.28 16.89 -50.00
C SER D 478 -35.17 16.78 -48.77
N THR D 479 -35.62 17.91 -48.24
CA THR D 479 -36.50 17.87 -47.07
C THR D 479 -37.37 19.12 -47.05
N SER D 480 -38.61 18.95 -46.61
CA SER D 480 -39.49 20.06 -46.31
C SER D 480 -39.90 19.89 -44.85
N PRO D 481 -39.10 20.41 -43.92
CA PRO D 481 -39.37 20.19 -42.50
C PRO D 481 -40.64 20.86 -42.05
N GLU D 482 -41.32 20.28 -41.07
CA GLU D 482 -42.42 20.96 -40.40
C GLU D 482 -41.94 22.03 -39.45
N TYR D 483 -40.77 21.84 -38.86
CA TYR D 483 -40.23 22.87 -37.95
C TYR D 483 -38.74 22.77 -37.77
N LEU D 484 -38.15 23.91 -37.42
N LEU D 484 -38.15 23.91 -37.43
CA LEU D 484 -36.73 24.01 -37.13
CA LEU D 484 -36.74 24.03 -37.13
C LEU D 484 -36.60 25.02 -36.00
C LEU D 484 -36.68 25.02 -35.98
N ILE D 485 -36.41 24.52 -34.78
CA ILE D 485 -36.57 25.33 -33.57
C ILE D 485 -35.32 25.35 -32.71
N VAL D 486 -34.82 26.55 -32.41
CA VAL D 486 -33.76 26.76 -31.44
C VAL D 486 -34.32 27.71 -30.37
N GLU D 487 -34.33 27.30 -29.10
CA GLU D 487 -35.01 28.11 -28.08
C GLU D 487 -34.52 27.86 -26.67
N ASN D 488 -34.60 28.90 -25.84
CA ASN D 488 -34.37 28.76 -24.41
C ASN D 488 -33.02 28.14 -24.07
N LEU D 489 -31.97 28.55 -24.79
CA LEU D 489 -30.65 28.01 -24.53
C LEU D 489 -29.90 28.95 -23.62
N ALA D 490 -29.21 28.36 -22.64
CA ALA D 490 -28.35 29.14 -21.75
C ALA D 490 -26.87 28.90 -22.07
N GLY D 491 -26.07 29.96 -22.09
CA GLY D 491 -24.61 29.77 -22.12
C GLY D 491 -23.98 29.96 -23.49
N LEU D 492 -24.77 30.43 -24.46
CA LEU D 492 -24.22 30.73 -25.77
C LEU D 492 -23.28 31.96 -25.73
N PRO D 493 -22.08 31.80 -26.30
CA PRO D 493 -21.14 32.92 -26.38
C PRO D 493 -21.49 33.88 -27.52
N SER D 494 -21.10 35.14 -27.38
N SER D 494 -21.10 35.14 -27.38
CA SER D 494 -21.32 36.12 -28.43
CA SER D 494 -21.33 36.12 -28.43
C SER D 494 -20.67 35.69 -29.76
C SER D 494 -20.67 35.70 -29.76
N GLY D 495 -21.33 36.01 -30.86
CA GLY D 495 -20.75 35.79 -32.19
C GLY D 495 -21.05 34.47 -32.86
N ILE D 496 -21.75 33.57 -32.16
CA ILE D 496 -22.10 32.30 -32.78
C ILE D 496 -23.20 32.44 -33.85
N THR D 497 -23.26 31.42 -34.71
CA THR D 497 -24.30 31.30 -35.74
C THR D 497 -25.38 30.34 -35.23
N LEU D 498 -26.64 30.77 -35.24
CA LEU D 498 -27.70 29.96 -34.67
C LEU D 498 -27.94 28.68 -35.49
N ALA D 499 -27.99 28.83 -36.82
CA ALA D 499 -28.25 27.68 -37.69
C ALA D 499 -27.78 27.90 -39.12
N SER D 500 -26.78 27.13 -39.55
N SER D 500 -26.78 27.14 -39.53
CA SER D 500 -26.41 27.12 -40.96
CA SER D 500 -26.41 27.09 -40.94
C SER D 500 -27.30 26.12 -41.67
C SER D 500 -27.38 26.13 -41.60
N ALA D 501 -28.15 26.62 -42.57
CA ALA D 501 -29.19 25.78 -43.17
C ALA D 501 -29.21 25.83 -44.68
N ALA D 502 -29.06 24.66 -45.29
CA ALA D 502 -29.04 24.53 -46.74
C ALA D 502 -30.39 24.05 -47.27
N GLY D 503 -30.69 24.44 -48.51
CA GLY D 503 -31.83 23.89 -49.23
C GLY D 503 -33.14 23.99 -48.46
N GLY D 504 -33.83 22.84 -48.35
CA GLY D 504 -35.13 22.77 -47.72
C GLY D 504 -35.10 23.14 -46.24
N PHE D 505 -33.94 22.97 -45.58
CA PHE D 505 -33.78 23.45 -44.20
C PHE D 505 -33.87 24.99 -44.16
N ALA D 506 -33.29 25.64 -45.17
CA ALA D 506 -33.29 27.10 -45.22
C ALA D 506 -34.70 27.70 -45.28
N SER D 507 -35.61 26.99 -45.93
CA SER D 507 -36.97 27.48 -46.13
C SER D 507 -37.97 26.88 -45.13
N ALA D 508 -37.47 26.11 -44.16
CA ALA D 508 -38.35 25.48 -43.17
C ALA D 508 -38.95 26.53 -42.23
N PRO D 509 -40.14 26.27 -41.68
CA PRO D 509 -40.70 27.22 -40.71
C PRO D 509 -39.77 27.23 -39.47
N MET D 510 -39.24 28.40 -39.13
CA MET D 510 -38.26 28.51 -38.06
C MET D 510 -38.74 29.29 -36.86
N ARG D 511 -38.20 28.90 -35.70
CA ARG D 511 -38.26 29.70 -34.49
C ARG D 511 -36.81 29.88 -34.02
N MET D 512 -36.40 31.13 -33.83
CA MET D 512 -35.04 31.51 -33.42
C MET D 512 -35.10 32.53 -32.27
N PRO D 513 -34.14 32.46 -31.32
CA PRO D 513 -34.26 33.29 -30.11
C PRO D 513 -34.31 34.79 -30.35
N VAL D 514 -34.91 35.51 -29.41
CA VAL D 514 -35.01 36.96 -29.49
C VAL D 514 -33.74 37.63 -28.95
N LEU D 515 -33.27 38.65 -29.65
CA LEU D 515 -32.20 39.52 -29.13
C LEU D 515 -32.71 40.95 -29.20
N GLY D 516 -32.16 41.85 -28.38
CA GLY D 516 -32.65 43.22 -28.34
C GLY D 516 -31.95 44.05 -27.29
N GLY D 517 -32.26 45.35 -27.22
CA GLY D 517 -31.56 46.22 -26.29
C GLY D 517 -32.02 47.66 -26.47
N ARG D 518 -31.40 48.58 -25.75
CA ARG D 518 -31.78 49.98 -25.86
C ARG D 518 -30.57 50.78 -26.31
N VAL D 519 -30.69 51.50 -27.41
CA VAL D 519 -29.57 52.26 -27.97
C VAL D 519 -29.89 53.75 -27.97
N GLN D 520 -29.07 54.53 -27.27
CA GLN D 520 -29.33 55.95 -27.24
C GLN D 520 -28.87 56.63 -28.52
N VAL D 521 -29.73 57.49 -29.08
CA VAL D 521 -29.29 58.39 -30.15
C VAL D 521 -29.63 59.85 -29.78
N THR D 522 -28.87 60.79 -30.34
CA THR D 522 -29.13 62.21 -30.17
C THR D 522 -29.41 62.86 -31.53
N THR D 523 -30.55 63.53 -31.61
CA THR D 523 -30.90 64.25 -32.83
C THR D 523 -29.87 65.35 -33.10
N ALA D 524 -29.74 65.76 -34.36
CA ALA D 524 -28.96 66.94 -34.74
C ALA D 524 -29.90 67.93 -35.39
N THR D 525 -29.63 69.22 -35.21
CA THR D 525 -30.55 70.25 -35.70
C THR D 525 -30.42 70.52 -37.20
N ASN D 526 -29.44 69.89 -37.84
CA ASN D 526 -29.27 70.06 -39.27
C ASN D 526 -29.59 68.79 -40.07
N ALA D 527 -30.27 67.84 -39.45
CA ALA D 527 -30.64 66.63 -40.17
C ALA D 527 -32.04 66.25 -39.72
N SER D 528 -32.74 65.48 -40.57
CA SER D 528 -34.07 64.97 -40.24
C SER D 528 -34.00 63.54 -39.72
N SER D 529 -32.79 63.06 -39.44
CA SER D 529 -32.61 61.68 -38.97
C SER D 529 -31.34 61.49 -38.15
N VAL D 530 -31.28 60.38 -37.43
CA VAL D 530 -30.09 59.94 -36.73
C VAL D 530 -30.17 58.41 -36.70
N THR D 531 -29.02 57.76 -36.91
CA THR D 531 -28.96 56.30 -37.01
C THR D 531 -27.90 55.74 -36.05
N ALA D 532 -28.03 54.45 -35.69
CA ALA D 532 -27.00 53.75 -34.93
C ALA D 532 -26.96 52.29 -35.40
N PRO D 533 -25.76 51.74 -35.59
CA PRO D 533 -25.67 50.34 -36.03
C PRO D 533 -25.78 49.35 -34.87
N VAL D 534 -26.39 48.19 -35.12
CA VAL D 534 -26.44 47.10 -34.17
C VAL D 534 -25.85 45.88 -34.84
N THR D 535 -25.02 45.15 -34.11
CA THR D 535 -24.58 43.84 -34.59
C THR D 535 -25.15 42.82 -33.63
N PHE D 536 -25.93 41.87 -34.13
CA PHE D 536 -26.61 40.91 -33.26
C PHE D 536 -25.60 40.02 -32.53
N ARG D 537 -25.91 39.69 -31.28
CA ARG D 537 -25.08 38.75 -30.52
C ARG D 537 -24.93 37.41 -31.23
N TYR D 538 -25.99 36.97 -31.92
CA TYR D 538 -25.95 35.74 -32.69
C TYR D 538 -26.32 36.04 -34.13
N ILE D 539 -25.78 35.27 -35.06
CA ILE D 539 -26.15 35.42 -36.47
C ILE D 539 -27.37 34.54 -36.82
N TYR D 540 -28.40 35.17 -37.39
CA TYR D 540 -29.63 34.44 -37.72
C TYR D 540 -29.45 33.75 -39.07
N PRO D 541 -30.29 32.74 -39.38
CA PRO D 541 -30.23 32.06 -40.69
C PRO D 541 -30.64 32.98 -41.85
N LYS D 542 -31.43 34.01 -41.57
CA LYS D 542 -31.86 34.97 -42.59
C LYS D 542 -32.25 36.23 -41.85
N ALA D 543 -32.62 37.31 -42.57
CA ALA D 543 -32.99 38.54 -41.88
C ALA D 543 -34.14 38.26 -40.91
N PRO D 544 -33.93 38.62 -39.66
CA PRO D 544 -34.93 38.37 -38.62
C PRO D 544 -36.05 39.41 -38.68
N THR D 545 -37.14 39.13 -37.96
CA THR D 545 -38.24 40.07 -37.80
C THR D 545 -37.85 41.07 -36.73
N VAL D 546 -37.79 42.33 -37.12
CA VAL D 546 -37.20 43.36 -36.26
C VAL D 546 -38.27 44.38 -35.84
N GLN D 547 -38.28 44.74 -34.55
CA GLN D 547 -39.08 45.88 -34.10
C GLN D 547 -38.19 46.97 -33.53
N VAL D 548 -38.57 48.22 -33.76
CA VAL D 548 -37.90 49.36 -33.15
C VAL D 548 -38.92 50.36 -32.65
N THR D 549 -38.75 50.83 -31.42
CA THR D 549 -39.65 51.82 -30.85
C THR D 549 -38.84 52.89 -30.13
N LYS D 550 -39.26 54.16 -30.27
CA LYS D 550 -38.62 55.24 -29.57
C LYS D 550 -39.18 55.39 -28.14
N THR D 551 -38.30 55.44 -27.14
CA THR D 551 -38.75 55.73 -25.78
C THR D 551 -37.99 56.87 -25.11
N ASP D 552 -38.58 57.37 -24.02
CA ASP D 552 -37.90 58.27 -23.11
C ASP D 552 -37.56 59.65 -23.68
N ARG D 553 -38.34 60.05 -24.68
CA ARG D 553 -38.37 61.42 -25.17
C ARG D 553 -39.68 61.57 -25.92
N SER D 554 -40.26 62.77 -25.96
CA SER D 554 -41.46 62.91 -26.76
C SER D 554 -41.13 63.68 -28.04
N TYR D 555 -41.50 64.95 -28.11
CA TYR D 555 -41.04 65.82 -29.20
C TYR D 555 -39.57 66.09 -29.00
N ALA D 556 -38.79 65.89 -30.06
CA ALA D 556 -37.41 66.35 -30.05
C ALA D 556 -37.43 67.73 -30.72
N GLY D 557 -37.94 68.71 -29.98
CA GLY D 557 -38.17 70.05 -30.51
C GLY D 557 -39.49 70.06 -31.27
N ASN D 558 -39.41 69.80 -32.57
CA ASN D 558 -40.53 69.98 -33.48
C ASN D 558 -41.15 68.66 -34.02
N ARG D 559 -40.49 67.54 -33.76
CA ARG D 559 -40.93 66.24 -34.30
C ARG D 559 -40.64 65.15 -33.29
N VAL D 560 -41.50 64.14 -33.27
CA VAL D 560 -41.26 62.92 -32.51
C VAL D 560 -40.19 62.07 -33.19
N GLY D 561 -40.33 61.88 -34.51
CA GLY D 561 -39.47 60.97 -35.24
C GLY D 561 -40.08 59.58 -35.36
N VAL D 562 -39.92 58.97 -36.53
CA VAL D 562 -40.37 57.60 -36.75
C VAL D 562 -39.17 56.65 -36.66
N ALA D 563 -39.26 55.66 -35.76
CA ALA D 563 -38.19 54.68 -35.56
C ALA D 563 -38.33 53.54 -36.56
N ILE D 564 -37.24 53.23 -37.25
CA ILE D 564 -37.19 52.18 -38.27
C ILE D 564 -35.86 51.49 -38.17
N ALA D 565 -35.61 50.52 -39.05
CA ALA D 565 -34.26 49.99 -39.21
C ALA D 565 -34.03 49.86 -40.69
N ASN D 566 -32.89 50.33 -41.16
CA ASN D 566 -32.60 50.25 -42.57
C ASN D 566 -31.12 50.45 -42.77
N PRO D 567 -30.41 49.40 -43.20
CA PRO D 567 -30.93 48.07 -43.54
C PRO D 567 -31.08 47.11 -42.35
N THR D 568 -31.63 45.92 -42.62
CA THR D 568 -31.54 44.80 -41.70
C THR D 568 -30.90 43.64 -42.47
N SER D 569 -30.32 42.69 -41.73
CA SER D 569 -29.69 41.52 -42.34
C SER D 569 -29.69 40.43 -41.30
N ALA D 570 -29.18 39.26 -41.69
CA ALA D 570 -29.03 38.15 -40.76
C ALA D 570 -28.12 38.51 -39.58
N SER D 571 -27.20 39.45 -39.77
CA SER D 571 -26.20 39.70 -38.76
C SER D 571 -26.37 41.02 -38.00
N GLY D 572 -27.23 41.91 -38.51
CA GLY D 572 -27.39 43.19 -37.84
C GLY D 572 -28.40 44.12 -38.45
N ALA D 573 -28.44 45.35 -37.96
CA ALA D 573 -29.40 46.33 -38.43
C ALA D 573 -28.89 47.73 -38.16
N THR D 574 -29.33 48.68 -38.98
CA THR D 574 -29.07 50.08 -38.68
C THR D 574 -30.35 50.75 -38.18
N LEU D 575 -30.40 51.00 -36.87
CA LEU D 575 -31.55 51.63 -36.25
C LEU D 575 -31.64 53.06 -36.73
N GLY D 576 -32.85 53.58 -36.86
CA GLY D 576 -32.97 54.95 -37.29
C GLY D 576 -34.14 55.66 -36.66
N LEU D 577 -34.00 56.98 -36.49
CA LEU D 577 -35.11 57.82 -36.10
C LEU D 577 -35.25 58.93 -37.14
N PHE D 578 -36.37 58.94 -37.86
CA PHE D 578 -36.53 59.88 -38.99
C PHE D 578 -37.80 60.73 -38.87
N THR D 579 -37.72 62.05 -39.07
CA THR D 579 -38.95 62.85 -39.09
C THR D 579 -39.78 62.38 -40.28
N ASP D 580 -41.08 62.22 -40.11
CA ASP D 580 -41.89 61.62 -41.17
C ASP D 580 -41.81 62.42 -42.47
N ASP D 581 -41.85 63.74 -42.33
CA ASP D 581 -41.92 64.64 -43.49
C ASP D 581 -40.57 65.19 -43.99
N GLY D 582 -39.48 64.80 -43.35
CA GLY D 582 -38.16 65.21 -43.80
C GLY D 582 -37.66 66.55 -43.29
N THR D 583 -38.49 67.24 -42.51
CA THR D 583 -38.03 68.45 -41.85
C THR D 583 -36.93 68.11 -40.86
N ASN D 584 -35.87 68.91 -40.80
CA ASN D 584 -34.86 68.73 -39.74
C ASN D 584 -35.42 68.81 -38.33
N PHE D 585 -34.87 67.99 -37.43
CA PHE D 585 -35.12 68.15 -36.01
C PHE D 585 -34.67 69.55 -35.58
N SER D 586 -35.45 70.19 -34.71
CA SER D 586 -35.14 71.57 -34.32
C SER D 586 -34.43 71.62 -32.97
N SER D 587 -34.28 70.46 -32.34
N SER D 587 -34.24 70.45 -32.37
CA SER D 587 -33.49 70.36 -31.12
CA SER D 587 -33.47 70.37 -31.14
C SER D 587 -32.60 69.11 -31.14
C SER D 587 -32.63 69.09 -31.08
N ALA D 588 -31.46 69.20 -30.45
CA ALA D 588 -30.56 68.09 -30.28
C ALA D 588 -30.76 67.46 -28.89
N VAL D 589 -31.50 66.35 -28.83
CA VAL D 589 -31.79 65.72 -27.54
C VAL D 589 -31.67 64.21 -27.68
N THR D 590 -31.55 63.52 -26.56
CA THR D 590 -31.43 62.07 -26.56
C THR D 590 -32.76 61.38 -26.74
N ASN D 591 -32.71 60.16 -27.29
CA ASN D 591 -33.86 59.31 -27.48
C ASN D 591 -33.37 57.88 -27.29
N GLN D 592 -34.22 56.96 -26.83
CA GLN D 592 -33.79 55.58 -26.69
C GLN D 592 -34.46 54.79 -27.80
N LEU D 593 -33.68 54.20 -28.67
CA LEU D 593 -34.25 53.30 -29.68
C LEU D 593 -34.26 51.87 -29.10
N ASN D 594 -35.44 51.37 -28.79
CA ASN D 594 -35.59 50.02 -28.24
C ASN D 594 -35.75 49.08 -29.41
N TRP D 595 -34.78 48.19 -29.61
CA TRP D 595 -34.84 47.31 -30.78
C TRP D 595 -34.96 45.88 -30.33
N GLN D 596 -35.54 45.02 -31.16
CA GLN D 596 -35.45 43.59 -30.92
C GLN D 596 -35.59 42.82 -32.23
N ALA D 597 -35.16 41.57 -32.21
CA ALA D 597 -35.13 40.74 -33.42
C ALA D 597 -35.39 39.30 -33.04
N GLY D 598 -36.07 38.54 -33.90
CA GLY D 598 -36.27 37.12 -33.69
C GLY D 598 -36.90 36.51 -34.93
N ILE D 599 -37.10 35.19 -34.97
CA ILE D 599 -37.86 34.62 -36.07
C ILE D 599 -38.98 33.79 -35.44
N TYR D 600 -40.21 33.94 -35.95
CA TYR D 600 -41.40 33.46 -35.25
C TYR D 600 -42.38 32.79 -36.21
N GLU D 601 -41.92 31.77 -36.91
CA GLU D 601 -42.71 31.21 -37.99
C GLU D 601 -43.50 29.96 -37.60
N VAL D 602 -43.28 29.44 -36.40
CA VAL D 602 -43.92 28.17 -36.02
C VAL D 602 -44.09 28.06 -34.51
N GLY E 13 -34.26 -21.60 3.78
CA GLY E 13 -35.44 -21.49 4.62
C GLY E 13 -35.39 -22.47 5.79
N ARG E 14 -36.27 -22.27 6.77
N ARG E 14 -36.22 -22.23 6.80
CA ARG E 14 -36.21 -23.04 8.00
CA ARG E 14 -36.21 -23.09 7.99
C ARG E 14 -36.98 -24.39 7.95
C ARG E 14 -36.96 -24.41 7.77
N VAL E 15 -38.29 -24.34 7.68
CA VAL E 15 -39.08 -25.57 7.51
C VAL E 15 -39.60 -25.74 6.09
N THR E 16 -39.94 -26.98 5.72
CA THR E 16 -40.52 -27.28 4.41
C THR E 16 -41.91 -27.96 4.54
N PRO E 17 -42.73 -27.88 3.49
CA PRO E 17 -44.02 -28.59 3.51
C PRO E 17 -43.82 -30.10 3.59
N ALA E 18 -42.77 -30.62 2.96
CA ALA E 18 -42.44 -32.05 3.08
C ALA E 18 -42.27 -32.44 4.55
N GLN E 19 -41.64 -31.58 5.35
CA GLN E 19 -41.46 -31.88 6.76
C GLN E 19 -42.80 -32.02 7.47
N PHE E 20 -43.84 -31.37 6.92
CA PHE E 20 -45.18 -31.44 7.51
C PHE E 20 -46.13 -32.35 6.73
N GLY E 21 -45.55 -33.20 5.89
CA GLY E 21 -46.30 -34.24 5.21
C GLY E 21 -46.84 -33.94 3.81
N ALA E 22 -46.40 -32.84 3.19
CA ALA E 22 -46.88 -32.50 1.85
C ALA E 22 -46.46 -33.53 0.80
N VAL E 23 -47.26 -33.63 -0.26
CA VAL E 23 -46.94 -34.47 -1.39
C VAL E 23 -46.40 -33.60 -2.52
N GLY E 24 -47.22 -32.65 -2.97
CA GLY E 24 -46.82 -31.68 -3.97
C GLY E 24 -46.56 -32.24 -5.35
N ASP E 25 -47.30 -33.27 -5.74
CA ASP E 25 -47.08 -33.89 -7.04
C ASP E 25 -48.08 -33.45 -8.11
N GLY E 26 -48.86 -32.41 -7.82
CA GLY E 26 -49.81 -31.88 -8.79
C GLY E 26 -51.17 -32.57 -8.79
N ALA E 27 -51.28 -33.65 -8.02
CA ALA E 27 -52.55 -34.38 -7.94
C ALA E 27 -53.19 -34.17 -6.57
N SER E 28 -54.49 -34.43 -6.49
CA SER E 28 -55.27 -34.24 -5.27
C SER E 28 -54.96 -35.36 -4.27
N HIS E 29 -54.87 -35.02 -2.99
CA HIS E 29 -54.61 -36.01 -1.96
C HIS E 29 -55.34 -35.58 -0.70
N PRO E 30 -56.63 -35.96 -0.58
CA PRO E 30 -57.36 -35.59 0.64
C PRO E 30 -56.77 -36.30 1.86
N LEU E 31 -56.95 -35.70 3.04
CA LEU E 31 -56.47 -36.28 4.28
C LEU E 31 -57.00 -37.70 4.46
N SER E 32 -58.19 -37.97 3.93
CA SER E 32 -58.78 -39.30 4.00
C SER E 32 -57.89 -40.41 3.39
N GLU E 33 -56.95 -40.04 2.52
CA GLU E 33 -55.98 -41.02 2.01
C GLU E 33 -55.04 -41.52 3.08
N ARG E 34 -54.88 -40.75 4.15
CA ARG E 34 -53.87 -41.04 5.15
C ARG E 34 -54.47 -41.29 6.53
N TYR E 35 -55.63 -40.67 6.80
CA TYR E 35 -56.25 -40.77 8.11
C TYR E 35 -57.66 -41.32 8.01
N ALA E 36 -57.97 -42.29 8.86
CA ALA E 36 -59.30 -42.89 8.87
C ALA E 36 -60.32 -41.98 9.54
N THR E 37 -59.90 -41.18 10.52
CA THR E 37 -60.82 -40.31 11.23
C THR E 37 -60.37 -38.87 11.29
N LEU E 38 -61.34 -37.97 11.46
CA LEU E 38 -61.03 -36.56 11.59
C LEU E 38 -60.13 -36.34 12.79
N ALA E 39 -60.38 -37.09 13.87
CA ALA E 39 -59.60 -36.90 15.10
C ALA E 39 -58.16 -37.33 14.88
N GLU E 40 -57.96 -38.44 14.19
CA GLU E 40 -56.59 -38.84 13.83
C GLU E 40 -55.88 -37.75 12.99
N ALA E 41 -56.59 -37.23 12.00
CA ALA E 41 -56.02 -36.16 11.15
C ALA E 41 -55.65 -34.92 11.97
N GLN E 42 -56.50 -34.58 12.94
CA GLN E 42 -56.30 -33.38 13.73
C GLN E 42 -55.19 -33.51 14.77
N THR E 43 -54.82 -34.75 15.07
N THR E 43 -54.81 -34.74 15.11
CA THR E 43 -53.68 -35.02 15.95
CA THR E 43 -53.64 -34.91 15.97
C THR E 43 -52.38 -34.54 15.30
C THR E 43 -52.46 -34.28 15.26
N VAL E 44 -52.36 -34.56 13.97
CA VAL E 44 -51.22 -34.10 13.18
C VAL E 44 -51.45 -32.67 12.71
N TYR E 45 -52.69 -32.39 12.28
CA TYR E 45 -53.01 -31.05 11.79
C TYR E 45 -54.21 -30.46 12.56
N PRO E 46 -53.94 -29.74 13.65
CA PRO E 46 -55.04 -29.28 14.51
C PRO E 46 -56.06 -28.42 13.77
N HIS E 47 -55.64 -27.67 12.76
CA HIS E 47 -56.62 -26.80 12.09
C HIS E 47 -57.19 -27.35 10.78
N ALA E 48 -56.97 -28.63 10.53
CA ALA E 48 -57.72 -29.28 9.47
C ALA E 48 -59.21 -29.24 9.87
N VAL E 49 -60.06 -29.02 8.89
CA VAL E 49 -61.49 -28.88 9.11
C VAL E 49 -62.23 -30.16 8.77
N ALA E 50 -61.80 -30.83 7.70
CA ALA E 50 -62.49 -32.03 7.21
C ALA E 50 -61.52 -32.98 6.55
N LEU E 51 -61.83 -34.27 6.60
CA LEU E 51 -60.97 -35.26 5.95
C LEU E 51 -60.86 -35.07 4.43
N SER E 52 -61.78 -34.29 3.85
CA SER E 52 -61.68 -33.98 2.42
C SER E 52 -60.65 -32.87 2.14
N ASP E 53 -60.09 -32.26 3.18
CA ASP E 53 -59.06 -31.23 2.96
C ASP E 53 -57.80 -31.80 2.27
N GLU E 54 -57.14 -30.99 1.44
CA GLU E 54 -55.91 -31.43 0.78
C GLU E 54 -54.77 -31.56 1.77
N ILE E 55 -54.02 -32.66 1.65
CA ILE E 55 -52.79 -32.85 2.40
C ILE E 55 -51.78 -31.73 2.16
N ASP E 56 -51.67 -31.28 0.91
CA ASP E 56 -50.76 -30.18 0.62
C ASP E 56 -51.14 -28.93 1.40
N TRP E 57 -52.46 -28.67 1.52
CA TRP E 57 -52.91 -27.49 2.26
C TRP E 57 -52.60 -27.67 3.74
N ALA E 58 -52.95 -28.82 4.29
CA ALA E 58 -52.74 -29.09 5.70
C ALA E 58 -51.26 -28.90 6.02
N ALA E 59 -50.41 -29.44 5.18
CA ALA E 59 -48.95 -29.36 5.38
C ALA E 59 -48.38 -27.94 5.28
N LEU E 60 -48.74 -27.22 4.22
N LEU E 60 -48.75 -27.20 4.23
CA LEU E 60 -48.29 -25.83 4.03
CA LEU E 60 -48.24 -25.84 4.05
C LEU E 60 -48.75 -24.95 5.18
C LEU E 60 -48.76 -24.89 5.15
N GLN E 61 -50.02 -25.06 5.56
CA GLN E 61 -50.58 -24.26 6.67
C GLN E 61 -49.89 -24.59 8.02
N ALA E 62 -49.65 -25.87 8.26
CA ALA E 62 -48.95 -26.28 9.48
C ALA E 62 -47.54 -25.65 9.49
N ALA E 63 -46.90 -25.62 8.33
CA ALA E 63 -45.53 -25.14 8.24
C ALA E 63 -45.52 -23.63 8.59
N VAL E 64 -46.47 -22.91 8.02
CA VAL E 64 -46.64 -21.50 8.34
C VAL E 64 -46.95 -21.36 9.83
N ASP E 65 -47.83 -22.24 10.35
CA ASP E 65 -48.26 -22.13 11.73
C ASP E 65 -47.09 -22.35 12.68
N SER E 66 -46.06 -23.02 12.20
CA SER E 66 -44.89 -23.27 13.04
C SER E 66 -44.16 -22.00 13.48
N GLY E 67 -44.39 -20.90 12.77
CA GLY E 67 -43.69 -19.66 13.05
C GLY E 67 -42.30 -19.60 12.45
N ALA E 68 -41.82 -20.70 11.88
CA ALA E 68 -40.53 -20.67 11.18
C ALA E 68 -40.71 -20.21 9.73
N PRO E 69 -39.68 -19.56 9.16
CA PRO E 69 -39.76 -19.24 7.73
C PRO E 69 -39.90 -20.53 6.94
N VAL E 70 -40.74 -20.51 5.91
CA VAL E 70 -41.06 -21.72 5.18
C VAL E 70 -40.39 -21.69 3.82
N HIS E 71 -39.66 -22.76 3.52
CA HIS E 71 -39.11 -22.87 2.19
C HIS E 71 -39.91 -23.89 1.39
N ILE E 72 -40.37 -23.47 0.22
CA ILE E 72 -41.16 -24.34 -0.64
C ILE E 72 -40.37 -24.84 -1.86
N PRO E 73 -39.94 -26.11 -1.81
CA PRO E 73 -39.19 -26.74 -2.89
C PRO E 73 -40.06 -26.84 -4.13
N SER E 74 -39.47 -26.96 -5.31
N SER E 74 -39.44 -26.98 -5.30
CA SER E 74 -40.28 -27.01 -6.52
CA SER E 74 -40.18 -27.20 -6.53
C SER E 74 -41.20 -28.22 -6.52
C SER E 74 -41.27 -28.24 -6.32
N GLY E 75 -42.45 -27.97 -6.87
CA GLY E 75 -43.54 -28.92 -6.78
C GLY E 75 -44.83 -28.17 -7.04
N ASP E 76 -45.94 -28.92 -7.08
CA ASP E 76 -47.21 -28.37 -7.52
C ASP E 76 -48.24 -28.68 -6.42
N TYR E 77 -48.42 -27.73 -5.51
CA TYR E 77 -49.16 -28.03 -4.27
C TYR E 77 -50.64 -27.71 -4.41
N GLN E 78 -51.48 -28.69 -4.13
CA GLN E 78 -52.94 -28.53 -4.32
C GLN E 78 -53.60 -28.07 -3.01
N ILE E 79 -54.28 -26.94 -3.02
CA ILE E 79 -54.89 -26.46 -1.79
C ILE E 79 -56.36 -26.13 -2.01
N ASN E 80 -57.18 -26.45 -1.02
CA ASN E 80 -58.62 -26.23 -1.10
C ASN E 80 -59.07 -25.11 -0.19
N ARG E 81 -58.13 -24.53 0.55
CA ARG E 81 -58.39 -23.38 1.41
C ARG E 81 -57.20 -22.43 1.33
N GLY E 82 -57.38 -21.19 1.75
CA GLY E 82 -56.28 -20.24 1.77
C GLY E 82 -55.21 -20.65 2.78
N ILE E 83 -53.96 -20.30 2.49
CA ILE E 83 -52.91 -20.38 3.50
C ILE E 83 -52.89 -19.00 4.15
N SER E 84 -53.16 -18.92 5.44
CA SER E 84 -53.35 -17.60 6.04
C SER E 84 -52.60 -17.48 7.35
N SER E 85 -52.38 -16.24 7.75
N SER E 85 -52.36 -16.24 7.75
CA SER E 85 -51.65 -15.94 8.97
CA SER E 85 -51.74 -16.01 9.05
C SER E 85 -52.14 -14.63 9.60
C SER E 85 -52.11 -14.65 9.60
N THR E 86 -51.96 -14.51 10.91
CA THR E 86 -52.10 -13.23 11.57
C THR E 86 -50.67 -12.75 11.90
N GLY E 87 -50.37 -11.50 11.61
CA GLY E 87 -49.05 -10.95 11.93
C GLY E 87 -47.81 -11.31 11.10
N SER E 88 -47.52 -12.60 10.93
N SER E 88 -47.48 -12.59 10.98
CA SER E 88 -46.25 -13.05 10.31
CA SER E 88 -46.29 -12.97 10.21
C SER E 88 -46.39 -14.11 9.19
C SER E 88 -46.57 -13.96 9.08
N LEU E 89 -45.77 -13.88 8.03
CA LEU E 89 -45.85 -14.85 6.91
C LEU E 89 -44.57 -14.80 6.10
N GLN E 90 -43.82 -15.91 6.09
CA GLN E 90 -42.51 -15.94 5.44
C GLN E 90 -42.42 -17.17 4.57
N ILE E 91 -42.45 -16.95 3.27
CA ILE E 91 -42.55 -18.05 2.32
C ILE E 91 -41.58 -17.77 1.20
N ALA E 92 -40.67 -18.72 0.95
CA ALA E 92 -39.75 -18.57 -0.15
C ALA E 92 -39.63 -19.88 -0.92
N GLY E 93 -39.64 -19.81 -2.25
CA GLY E 93 -39.58 -21.03 -3.04
C GLY E 93 -38.35 -21.08 -3.93
N ASP E 94 -38.35 -21.97 -4.91
CA ASP E 94 -37.21 -22.12 -5.80
C ASP E 94 -37.45 -21.39 -7.12
N GLY E 95 -38.43 -20.49 -7.15
CA GLY E 95 -38.77 -19.78 -8.39
C GLY E 95 -40.13 -20.23 -8.95
N ALA E 96 -40.29 -20.11 -10.25
CA ALA E 96 -41.62 -20.34 -10.85
C ALA E 96 -42.12 -21.78 -10.75
N THR E 97 -41.23 -22.73 -10.44
CA THR E 97 -41.63 -24.13 -10.29
C THR E 97 -42.11 -24.52 -8.91
N SER E 98 -42.04 -23.58 -7.95
CA SER E 98 -42.66 -23.79 -6.63
C SER E 98 -44.08 -23.25 -6.74
N ILE E 99 -45.01 -24.14 -7.10
CA ILE E 99 -46.36 -23.73 -7.46
C ILE E 99 -47.39 -24.02 -6.38
N ILE E 100 -48.13 -22.98 -5.97
CA ILE E 100 -49.29 -23.13 -5.11
C ILE E 100 -50.54 -23.00 -5.99
N ARG E 101 -51.39 -24.03 -5.98
CA ARG E 101 -52.50 -24.10 -6.94
C ARG E 101 -53.84 -24.46 -6.27
N PRO E 102 -54.72 -23.48 -6.08
CA PRO E 102 -56.08 -23.76 -5.65
C PRO E 102 -56.74 -24.84 -6.51
N THR E 103 -57.44 -25.79 -5.87
CA THR E 103 -58.17 -26.82 -6.60
C THR E 103 -59.57 -26.30 -6.95
N ALA E 104 -60.31 -27.07 -7.75
CA ALA E 104 -61.68 -26.70 -8.10
C ALA E 104 -62.55 -26.54 -6.84
N ALA E 105 -62.16 -27.22 -5.76
CA ALA E 105 -62.97 -27.20 -4.54
C ALA E 105 -62.55 -26.08 -3.61
N PHE E 106 -61.71 -25.16 -4.11
CA PHE E 106 -61.16 -24.11 -3.26
C PHE E 106 -62.25 -23.24 -2.64
N THR E 107 -62.10 -23.00 -1.34
N THR E 107 -62.11 -22.96 -1.34
CA THR E 107 -62.94 -22.05 -0.67
CA THR E 107 -63.01 -22.07 -0.63
C THR E 107 -62.01 -21.03 -0.01
C THR E 107 -62.19 -21.07 0.19
N GLY E 108 -62.41 -19.78 -0.02
CA GLY E 108 -61.64 -18.76 0.67
C GLY E 108 -61.53 -17.50 -0.16
N THR E 109 -61.07 -16.44 0.48
N THR E 109 -61.07 -16.42 0.45
CA THR E 109 -60.97 -15.13 -0.15
CA THR E 109 -60.99 -15.15 -0.27
C THR E 109 -59.67 -14.96 -0.91
C THR E 109 -59.63 -14.88 -0.90
N SER E 110 -58.57 -15.49 -0.36
CA SER E 110 -57.24 -15.28 -0.92
C SER E 110 -56.42 -16.56 -0.89
N VAL E 111 -55.53 -16.74 -1.86
CA VAL E 111 -54.66 -17.91 -1.89
C VAL E 111 -53.67 -17.87 -0.72
N LEU E 112 -53.00 -16.73 -0.55
CA LEU E 112 -52.05 -16.51 0.55
C LEU E 112 -52.47 -15.22 1.18
N SER E 113 -52.46 -15.16 2.52
CA SER E 113 -52.81 -13.93 3.17
C SER E 113 -52.15 -13.78 4.54
N CYS E 114 -51.82 -12.53 4.90
CA CYS E 114 -51.32 -12.23 6.23
C CYS E 114 -51.97 -10.94 6.70
N VAL E 115 -52.54 -10.94 7.90
CA VAL E 115 -53.26 -9.75 8.37
C VAL E 115 -52.68 -9.32 9.71
N GLY E 116 -52.28 -8.06 9.81
CA GLY E 116 -51.81 -7.50 11.07
C GLY E 116 -52.98 -6.86 11.84
N SER E 117 -52.67 -6.11 12.88
CA SER E 117 -53.70 -5.47 13.69
C SER E 117 -53.52 -3.98 13.83
N LEU E 118 -54.65 -3.30 13.84
CA LEU E 118 -54.76 -1.91 14.26
C LEU E 118 -55.19 -1.90 15.71
N VAL E 119 -54.31 -1.45 16.60
CA VAL E 119 -54.58 -1.52 18.03
C VAL E 119 -54.78 -0.09 18.53
N ALA E 120 -55.92 0.18 19.17
CA ALA E 120 -56.24 1.55 19.60
C ALA E 120 -55.15 2.20 20.47
N LEU E 121 -54.81 3.44 20.14
CA LEU E 121 -53.94 4.26 20.96
C LEU E 121 -54.84 5.36 21.58
N PRO E 122 -54.32 6.09 22.58
CA PRO E 122 -55.13 7.23 23.09
C PRO E 122 -55.45 8.24 22.01
N ASN E 123 -56.47 9.08 22.26
CA ASN E 123 -56.76 10.19 21.35
C ASN E 123 -55.65 11.24 21.39
N ILE E 124 -55.70 12.18 20.45
CA ILE E 124 -54.67 13.20 20.35
C ILE E 124 -55.30 14.57 20.31
N SER E 125 -54.48 15.60 20.54
CA SER E 125 -54.94 16.98 20.36
C SER E 125 -55.01 17.36 18.88
N SER E 126 -55.82 18.36 18.57
CA SER E 126 -55.85 18.90 17.21
C SER E 126 -54.44 19.29 16.76
N VAL E 127 -54.15 19.08 15.48
CA VAL E 127 -52.78 19.24 15.01
C VAL E 127 -52.89 19.82 13.59
N SER E 128 -51.96 20.70 13.22
N SER E 128 -51.94 20.69 13.24
CA SER E 128 -52.02 21.35 11.92
CA SER E 128 -51.93 21.34 11.93
C SER E 128 -51.22 20.58 10.86
C SER E 128 -51.25 20.52 10.85
N ALA E 129 -51.59 20.77 9.60
CA ALA E 129 -50.86 20.20 8.48
C ALA E 129 -49.40 20.67 8.55
N GLY E 130 -48.47 19.81 8.18
CA GLY E 130 -47.06 20.16 8.23
C GLY E 130 -46.41 19.98 9.60
N SER E 131 -47.19 19.59 10.59
CA SER E 131 -46.64 19.38 11.93
C SER E 131 -45.84 18.08 12.03
N LEU E 132 -44.93 18.02 13.01
CA LEU E 132 -44.21 16.79 13.30
C LEU E 132 -44.28 16.43 14.78
N THR E 133 -45.33 16.88 15.44
CA THR E 133 -45.48 16.71 16.89
C THR E 133 -46.93 16.35 17.15
N ILE E 134 -47.14 15.22 17.81
CA ILE E 134 -48.48 14.76 18.13
C ILE E 134 -48.61 14.65 19.65
N ASP E 135 -49.65 15.25 20.22
CA ASP E 135 -49.87 15.19 21.68
C ASP E 135 -50.97 14.22 22.03
N PHE E 136 -50.59 13.07 22.59
CA PHE E 136 -51.56 12.06 22.97
C PHE E 136 -52.24 12.42 24.30
N ALA E 137 -53.47 11.91 24.49
CA ALA E 137 -54.26 12.22 25.69
C ALA E 137 -53.67 11.57 26.95
N SER E 138 -52.96 10.46 26.77
CA SER E 138 -52.34 9.75 27.90
C SER E 138 -51.16 8.95 27.35
N THR E 139 -50.46 8.23 28.22
CA THR E 139 -49.21 7.57 27.82
C THR E 139 -49.42 6.59 26.67
N PRO E 140 -48.84 6.89 25.50
CA PRO E 140 -49.01 5.98 24.35
C PRO E 140 -48.01 4.81 24.36
N ASN E 141 -48.46 3.63 23.97
CA ASN E 141 -47.57 2.49 23.85
C ASN E 141 -46.78 2.49 22.53
N LEU E 142 -45.85 3.44 22.41
CA LEU E 142 -45.10 3.65 21.19
C LEU E 142 -43.64 3.90 21.53
N VAL E 143 -42.74 3.37 20.70
CA VAL E 143 -41.33 3.76 20.72
C VAL E 143 -40.86 4.17 19.33
N ALA E 144 -39.65 4.74 19.26
CA ALA E 144 -39.08 5.14 17.97
C ALA E 144 -39.15 4.00 16.94
N GLY E 145 -39.61 4.31 15.73
CA GLY E 145 -39.72 3.34 14.67
C GLY E 145 -41.11 2.73 14.56
N ASP E 146 -41.94 2.92 15.58
CA ASP E 146 -43.31 2.38 15.55
C ASP E 146 -44.14 3.14 14.52
N VAL E 147 -45.14 2.47 13.98
CA VAL E 147 -45.99 3.08 12.96
C VAL E 147 -47.42 3.16 13.47
N PHE E 148 -48.06 4.32 13.29
CA PHE E 148 -49.47 4.42 13.63
C PHE E 148 -50.27 5.18 12.58
N ILE E 149 -51.57 4.97 12.60
CA ILE E 149 -52.49 5.57 11.65
C ILE E 149 -53.39 6.54 12.38
N ILE E 150 -53.42 7.78 11.91
CA ILE E 150 -54.47 8.73 12.31
C ILE E 150 -55.64 8.46 11.36
N TYR E 151 -56.85 8.23 11.89
CA TYR E 151 -57.99 7.88 11.03
C TYR E 151 -59.22 8.72 11.40
N ASN E 152 -59.82 9.36 10.40
CA ASN E 152 -61.06 10.09 10.59
C ASN E 152 -62.24 9.25 10.05
N PRO E 153 -63.08 8.72 10.93
CA PRO E 153 -64.18 7.83 10.51
C PRO E 153 -65.28 8.56 9.75
N THR E 154 -65.22 9.89 9.68
CA THR E 154 -66.27 10.63 8.97
C THR E 154 -66.19 10.37 7.47
N ASP E 155 -67.31 10.00 6.87
CA ASP E 155 -67.40 9.78 5.44
C ASP E 155 -66.90 10.99 4.66
N SER E 156 -66.23 10.70 3.56
CA SER E 156 -65.71 11.72 2.66
C SER E 156 -64.80 12.78 3.31
N SER E 157 -64.19 12.45 4.46
CA SER E 157 -63.41 13.46 5.17
C SER E 157 -62.11 13.86 4.46
N PHE E 158 -61.64 13.02 3.53
CA PHE E 158 -60.60 13.43 2.59
C PHE E 158 -61.18 14.02 1.29
N SER E 159 -62.08 13.27 0.65
CA SER E 159 -62.67 13.72 -0.62
C SER E 159 -64.15 13.40 -0.69
N GLY E 160 -64.94 14.36 -1.19
CA GLY E 160 -66.37 14.21 -1.31
C GLY E 160 -66.76 13.29 -2.45
N PHE E 161 -65.79 12.90 -3.28
CA PHE E 161 -66.12 12.13 -4.46
C PHE E 161 -66.67 10.73 -4.13
N ARG E 162 -66.19 10.16 -3.03
CA ARG E 162 -66.71 8.87 -2.54
C ARG E 162 -66.73 8.86 -1.02
N THR E 163 -67.77 8.24 -0.46
N THR E 163 -67.81 8.29 -0.49
CA THR E 163 -67.90 8.13 0.98
CA THR E 163 -68.01 7.98 0.92
C THR E 163 -66.69 7.50 1.65
C THR E 163 -66.74 7.50 1.60
N SER E 164 -66.09 6.54 0.98
CA SER E 164 -64.98 5.80 1.57
C SER E 164 -63.65 6.56 1.51
N TYR E 165 -63.62 7.70 0.83
CA TYR E 165 -62.40 8.52 0.81
C TYR E 165 -62.28 9.30 2.13
N ARG E 166 -61.89 8.61 3.19
CA ARG E 166 -61.80 9.21 4.52
C ARG E 166 -60.39 9.75 4.74
N ALA E 167 -60.28 10.69 5.68
CA ALA E 167 -59.01 11.33 5.98
C ALA E 167 -58.19 10.55 7.01
N GLY E 168 -56.89 10.84 7.00
CA GLY E 168 -55.96 10.31 7.97
C GLY E 168 -54.65 10.01 7.26
N GLU E 169 -53.67 9.44 7.96
CA GLU E 169 -52.42 9.08 7.31
C GLU E 169 -51.59 8.20 8.23
N PHE E 170 -50.50 7.65 7.69
CA PHE E 170 -49.57 6.84 8.48
C PHE E 170 -48.41 7.71 8.95
N CYS E 171 -48.03 7.52 10.22
CA CYS E 171 -46.95 8.26 10.87
C CYS E 171 -45.91 7.29 11.43
N GLU E 172 -44.67 7.70 11.38
CA GLU E 172 -43.60 6.86 11.91
C GLU E 172 -42.92 7.58 13.07
N VAL E 173 -42.85 6.93 14.23
CA VAL E 173 -42.41 7.60 15.46
C VAL E 173 -40.93 7.96 15.44
N ARG E 174 -40.64 9.22 15.77
CA ARG E 174 -39.25 9.65 15.93
C ARG E 174 -38.76 9.50 17.38
N ALA E 175 -39.52 10.07 18.30
CA ALA E 175 -39.18 9.99 19.73
C ALA E 175 -40.46 10.09 20.53
N VAL E 176 -40.38 9.64 21.77
CA VAL E 176 -41.51 9.72 22.69
C VAL E 176 -41.02 10.37 23.98
N SER E 177 -41.77 11.36 24.44
CA SER E 177 -41.44 12.07 25.68
C SER E 177 -42.73 12.35 26.45
N GLY E 178 -43.00 11.51 27.46
CA GLY E 178 -44.26 11.54 28.17
C GLY E 178 -45.38 11.23 27.19
N ASN E 179 -46.30 12.18 27.02
CA ASN E 179 -47.43 12.03 26.09
C ASN E 179 -47.18 12.66 24.72
N THR E 180 -46.03 13.31 24.57
CA THR E 180 -45.65 13.95 23.31
C THR E 180 -44.91 12.97 22.40
N VAL E 181 -45.42 12.80 21.19
CA VAL E 181 -44.80 11.90 20.21
C VAL E 181 -44.39 12.71 18.98
N THR E 182 -43.09 12.75 18.69
CA THR E 182 -42.65 13.38 17.45
C THR E 182 -42.50 12.34 16.36
N ILE E 183 -42.66 12.79 15.12
CA ILE E 183 -42.74 11.88 13.97
C ILE E 183 -41.66 12.20 12.93
N ARG E 184 -41.43 11.27 12.00
CA ARG E 184 -40.25 11.35 11.15
C ARG E 184 -40.47 12.15 9.87
N SER E 185 -41.72 12.44 9.54
CA SER E 185 -41.98 13.33 8.40
C SER E 185 -43.27 14.12 8.63
N ALA E 186 -43.35 15.29 8.01
CA ALA E 186 -44.45 16.23 8.24
C ALA E 186 -45.80 15.64 7.88
N LEU E 187 -46.83 15.95 8.68
CA LEU E 187 -48.21 15.57 8.37
C LEU E 187 -48.67 16.17 7.04
N TYR E 188 -49.36 15.36 6.24
CA TYR E 188 -49.93 15.87 4.98
C TYR E 188 -51.16 16.74 5.23
N ALA E 189 -51.84 16.53 6.35
CA ALA E 189 -53.09 17.24 6.61
C ALA E 189 -53.32 17.55 8.08
N ALA E 190 -54.24 18.46 8.33
CA ALA E 190 -54.59 18.87 9.69
C ALA E 190 -55.67 17.93 10.19
N TYR E 191 -55.71 17.74 11.51
CA TYR E 191 -56.78 16.97 12.15
C TYR E 191 -57.35 17.68 13.39
N ASP E 192 -58.68 17.71 13.46
CA ASP E 192 -59.39 18.00 14.69
C ASP E 192 -59.29 16.79 15.64
N GLY E 193 -58.70 17.01 16.82
CA GLY E 193 -58.55 15.95 17.81
C GLY E 193 -59.83 15.23 18.18
N ALA E 194 -60.96 15.95 18.11
CA ALA E 194 -62.25 15.37 18.44
C ALA E 194 -62.81 14.45 17.35
N THR E 195 -62.18 14.48 16.17
CA THR E 195 -62.72 13.75 15.03
C THR E 195 -61.91 12.51 14.62
N VAL E 196 -60.78 12.28 15.25
CA VAL E 196 -59.95 11.15 14.77
C VAL E 196 -59.70 10.09 15.82
N ALA E 197 -59.52 8.86 15.35
CA ALA E 197 -59.15 7.73 16.21
C ALA E 197 -57.79 7.25 15.76
N ILE E 198 -56.92 6.90 16.71
CA ILE E 198 -55.53 6.58 16.41
C ILE E 198 -55.25 5.09 16.68
N TYR E 199 -54.51 4.45 15.78
CA TYR E 199 -54.25 3.02 15.86
C TYR E 199 -52.79 2.71 15.61
N LYS E 200 -52.21 1.89 16.48
CA LYS E 200 -50.86 1.42 16.30
C LYS E 200 -50.90 0.25 15.32
N VAL E 201 -50.00 0.22 14.34
CA VAL E 201 -49.96 -0.91 13.40
C VAL E 201 -49.07 -2.02 13.97
N VAL E 202 -49.70 -3.12 14.35
CA VAL E 202 -48.99 -4.22 15.02
C VAL E 202 -48.91 -5.39 14.08
N SER E 203 -47.70 -5.77 13.69
CA SER E 203 -47.54 -6.81 12.69
C SER E 203 -46.16 -7.41 12.76
N GLY E 204 -46.01 -8.59 12.17
CA GLY E 204 -44.73 -9.26 12.15
C GLY E 204 -44.13 -9.19 10.76
N VAL E 205 -43.18 -10.07 10.50
CA VAL E 205 -42.44 -10.03 9.25
C VAL E 205 -43.24 -10.67 8.14
N VAL E 206 -43.36 -9.98 7.00
CA VAL E 206 -43.98 -10.59 5.83
C VAL E 206 -43.01 -10.53 4.66
N ASP E 207 -42.74 -11.70 4.10
CA ASP E 207 -41.73 -11.82 3.07
C ASP E 207 -42.16 -13.00 2.22
N ILE E 208 -42.60 -12.72 0.99
N ILE E 208 -42.67 -12.71 1.02
CA ILE E 208 -43.10 -13.73 0.08
CA ILE E 208 -43.11 -13.71 0.07
C ILE E 208 -42.29 -13.66 -1.19
C ILE E 208 -42.21 -13.63 -1.15
N ALA E 209 -41.57 -14.72 -1.51
CA ALA E 209 -40.60 -14.68 -2.61
C ALA E 209 -40.49 -15.95 -3.42
N SER E 210 -40.24 -15.81 -4.73
CA SER E 210 -39.78 -16.95 -5.55
C SER E 210 -40.76 -18.13 -5.53
N ILE E 211 -42.03 -17.82 -5.73
CA ILE E 211 -43.04 -18.85 -5.88
C ILE E 211 -43.92 -18.43 -7.03
N GLN E 212 -44.77 -19.34 -7.44
CA GLN E 212 -45.77 -19.02 -8.44
C GLN E 212 -47.14 -19.39 -7.87
N ILE E 213 -48.09 -18.48 -7.99
CA ILE E 213 -49.46 -18.78 -7.56
C ILE E 213 -50.30 -18.88 -8.81
N VAL E 214 -50.88 -20.05 -9.03
CA VAL E 214 -51.79 -20.26 -10.15
C VAL E 214 -53.20 -20.26 -9.57
N GLY E 215 -53.74 -19.06 -9.43
CA GLY E 215 -54.93 -18.83 -8.63
C GLY E 215 -56.26 -19.31 -9.16
N GLY E 216 -56.41 -19.37 -10.48
CA GLY E 216 -57.67 -19.82 -11.04
C GLY E 216 -58.82 -18.84 -10.88
N THR E 217 -60.03 -19.39 -10.84
CA THR E 217 -61.24 -18.53 -10.91
C THR E 217 -61.87 -18.25 -9.55
N VAL E 218 -61.44 -18.95 -8.51
CA VAL E 218 -62.18 -18.89 -7.24
C VAL E 218 -61.78 -17.81 -6.21
N PRO E 219 -60.47 -17.71 -5.88
CA PRO E 219 -60.06 -16.69 -4.89
C PRO E 219 -60.27 -15.27 -5.41
N MET E 220 -60.68 -14.34 -4.56
N MET E 220 -60.65 -14.35 -4.54
CA MET E 220 -60.74 -12.93 -4.97
CA MET E 220 -60.77 -12.94 -4.89
C MET E 220 -59.35 -12.39 -5.19
C MET E 220 -59.39 -12.31 -5.09
N ASN E 221 -58.40 -12.84 -4.37
CA ASN E 221 -57.04 -12.30 -4.40
C ASN E 221 -56.05 -13.44 -4.51
N GLY E 222 -54.97 -13.22 -5.27
CA GLY E 222 -53.86 -14.15 -5.23
C GLY E 222 -53.14 -14.03 -3.90
N LEU E 223 -52.72 -12.81 -3.59
N LEU E 223 -52.67 -12.81 -3.63
CA LEU E 223 -52.06 -12.51 -2.33
CA LEU E 223 -52.05 -12.43 -2.36
C LEU E 223 -52.70 -11.29 -1.68
C LEU E 223 -52.86 -11.33 -1.71
N LEU E 224 -53.04 -11.42 -0.40
CA LEU E 224 -53.59 -10.29 0.36
C LEU E 224 -52.67 -10.09 1.56
N VAL E 225 -52.17 -8.86 1.71
CA VAL E 225 -51.39 -8.51 2.89
C VAL E 225 -52.08 -7.27 3.45
N GLU E 226 -52.51 -7.35 4.71
CA GLU E 226 -53.30 -6.27 5.27
C GLU E 226 -52.75 -5.82 6.62
N ALA E 227 -52.67 -4.51 6.81
CA ALA E 227 -52.23 -3.92 8.08
C ALA E 227 -50.85 -4.43 8.50
N VAL E 228 -49.89 -4.38 7.58
CA VAL E 228 -48.52 -4.81 7.90
C VAL E 228 -47.51 -3.71 7.60
N VAL E 229 -46.51 -3.56 8.47
CA VAL E 229 -45.41 -2.64 8.22
C VAL E 229 -44.32 -3.33 7.39
N SER E 230 -43.97 -2.67 6.29
CA SER E 230 -42.91 -3.11 5.37
C SER E 230 -43.01 -4.56 4.91
N PRO E 231 -44.20 -5.01 4.46
CA PRO E 231 -44.23 -6.35 3.86
C PRO E 231 -43.45 -6.37 2.54
N ARG E 232 -42.87 -7.52 2.19
CA ARG E 232 -42.07 -7.64 0.96
C ARG E 232 -42.60 -8.78 0.09
N VAL E 233 -42.77 -8.48 -1.20
CA VAL E 233 -43.11 -9.51 -2.20
C VAL E 233 -42.10 -9.35 -3.34
N ASP E 234 -41.36 -10.41 -3.65
CA ASP E 234 -40.29 -10.32 -4.62
C ASP E 234 -40.19 -11.57 -5.47
N ASP E 235 -39.93 -11.37 -6.76
N ASP E 235 -39.91 -11.38 -6.76
CA ASP E 235 -39.70 -12.49 -7.65
CA ASP E 235 -39.69 -12.52 -7.67
C ASP E 235 -40.85 -13.52 -7.62
C ASP E 235 -40.85 -13.53 -7.70
N VAL E 236 -42.10 -13.05 -7.65
CA VAL E 236 -43.23 -13.97 -7.71
C VAL E 236 -43.92 -13.89 -9.03
N THR E 237 -44.63 -14.96 -9.37
CA THR E 237 -45.47 -15.00 -10.55
C THR E 237 -46.89 -15.30 -10.06
N VAL E 238 -47.87 -14.46 -10.41
CA VAL E 238 -49.22 -14.72 -9.96
C VAL E 238 -50.13 -14.68 -11.18
N THR E 239 -50.95 -15.73 -11.36
CA THR E 239 -52.00 -15.64 -12.36
C THR E 239 -53.32 -15.84 -11.64
N LEU E 240 -54.36 -15.22 -12.16
CA LEU E 240 -55.68 -15.29 -11.51
C LEU E 240 -56.73 -14.95 -12.55
N ALA E 241 -57.97 -15.36 -12.31
CA ALA E 241 -59.08 -14.85 -13.10
C ALA E 241 -60.17 -14.38 -12.12
N ASN E 242 -59.84 -13.32 -11.41
CA ASN E 242 -60.77 -12.80 -10.43
C ASN E 242 -60.48 -11.34 -10.09
N ASN E 243 -60.55 -10.95 -8.81
CA ASN E 243 -60.52 -9.52 -8.49
C ASN E 243 -59.17 -8.80 -8.44
N ALA E 244 -58.16 -9.45 -7.86
CA ALA E 244 -56.87 -8.77 -7.68
C ALA E 244 -55.75 -9.77 -7.58
N GLY E 245 -54.71 -9.62 -8.41
CA GLY E 245 -53.56 -10.53 -8.31
C GLY E 245 -52.90 -10.35 -6.95
N VAL E 246 -52.58 -9.11 -6.59
CA VAL E 246 -51.96 -8.79 -5.31
C VAL E 246 -52.65 -7.58 -4.70
N TYR E 247 -53.09 -7.70 -3.45
CA TYR E 247 -53.81 -6.63 -2.79
C TYR E 247 -53.10 -6.28 -1.49
N PHE E 248 -52.51 -5.10 -1.43
CA PHE E 248 -51.96 -4.55 -0.19
C PHE E 248 -53.03 -3.63 0.36
N ALA E 249 -53.46 -3.88 1.60
CA ALA E 249 -54.50 -3.09 2.25
C ALA E 249 -53.96 -2.51 3.57
N ARG E 250 -54.01 -1.18 3.73
CA ARG E 250 -53.50 -0.58 4.96
C ARG E 250 -52.08 -0.98 5.31
N CYS E 251 -51.22 -1.07 4.30
CA CYS E 251 -49.82 -1.38 4.57
C CYS E 251 -48.95 -0.13 4.51
N TYR E 252 -47.90 -0.10 5.31
CA TYR E 252 -46.94 1.00 5.30
C TYR E 252 -45.70 0.46 4.63
N ASP E 253 -45.21 1.13 3.58
CA ASP E 253 -44.00 0.67 2.89
C ASP E 253 -44.11 -0.75 2.34
N ALA E 254 -45.28 -1.14 1.84
CA ALA E 254 -45.39 -2.37 1.08
C ALA E 254 -44.57 -2.23 -0.21
N LYS E 255 -43.66 -3.18 -0.47
CA LYS E 255 -42.94 -3.21 -1.75
C LYS E 255 -43.12 -4.55 -2.47
N ILE E 256 -43.54 -4.47 -3.71
CA ILE E 256 -43.52 -5.63 -4.60
C ILE E 256 -42.54 -5.36 -5.75
N THR E 257 -41.64 -6.31 -5.99
CA THR E 257 -40.51 -6.06 -6.88
C THR E 257 -40.28 -7.27 -7.78
N ASN E 258 -39.84 -7.02 -9.01
CA ASN E 258 -39.34 -8.11 -9.89
C ASN E 258 -40.35 -9.24 -10.08
N SER E 259 -41.64 -8.88 -10.18
CA SER E 259 -42.68 -9.90 -10.22
C SER E 259 -43.52 -9.80 -11.49
N ASN E 260 -44.18 -10.89 -11.86
CA ASN E 260 -45.02 -10.93 -13.05
C ASN E 260 -46.43 -11.29 -12.58
N ILE E 261 -47.39 -10.40 -12.82
CA ILE E 261 -48.73 -10.54 -12.29
C ILE E 261 -49.70 -10.46 -13.45
N SER E 262 -50.58 -11.43 -13.55
N SER E 262 -50.55 -11.47 -13.58
CA SER E 262 -51.52 -11.42 -14.65
CA SER E 262 -51.53 -11.49 -14.65
C SER E 262 -52.88 -11.82 -14.15
C SER E 262 -52.88 -11.81 -14.07
N ASN E 263 -53.80 -10.86 -14.14
CA ASN E 263 -55.18 -11.14 -13.74
C ASN E 263 -56.15 -11.00 -14.92
N ILE E 264 -56.62 -12.13 -15.43
CA ILE E 264 -57.56 -12.19 -16.54
C ILE E 264 -58.90 -11.56 -16.16
N GLY E 265 -59.19 -11.57 -14.86
CA GLY E 265 -60.37 -10.93 -14.34
C GLY E 265 -61.54 -11.87 -14.35
N ASP E 266 -62.59 -11.47 -13.64
CA ASP E 266 -63.85 -12.22 -13.76
C ASP E 266 -64.95 -11.25 -14.11
N GLY E 267 -64.60 -10.15 -14.74
CA GLY E 267 -65.59 -9.17 -15.15
C GLY E 267 -65.97 -8.23 -14.02
N GLY E 268 -65.16 -8.22 -12.96
CA GLY E 268 -65.31 -7.25 -11.87
C GLY E 268 -64.31 -6.10 -11.96
N ASP E 269 -63.81 -5.66 -10.81
CA ASP E 269 -62.88 -4.56 -10.78
C ASP E 269 -61.54 -4.93 -11.45
N ASP E 270 -61.17 -6.20 -11.29
CA ASP E 270 -60.14 -6.82 -12.13
C ASP E 270 -58.81 -6.05 -12.14
N TYR E 271 -58.14 -6.03 -10.98
CA TYR E 271 -56.86 -5.36 -10.78
C TYR E 271 -55.71 -6.33 -10.85
N GLY E 272 -54.54 -5.84 -11.21
CA GLY E 272 -53.36 -6.70 -11.22
C GLY E 272 -52.76 -6.61 -9.83
N ILE E 273 -52.22 -5.43 -9.51
CA ILE E 273 -51.71 -5.09 -8.19
C ILE E 273 -52.51 -3.88 -7.72
N ILE E 274 -53.06 -3.96 -6.51
CA ILE E 274 -53.75 -2.79 -5.96
C ILE E 274 -53.26 -2.45 -4.55
N PHE E 275 -52.99 -1.16 -4.34
CA PHE E 275 -52.62 -0.62 -3.03
C PHE E 275 -53.82 0.15 -2.48
N GLY E 276 -54.53 -0.45 -1.53
CA GLY E 276 -55.67 0.17 -0.89
C GLY E 276 -55.28 0.76 0.45
N ASN E 277 -55.51 2.06 0.59
CA ASN E 277 -55.26 2.73 1.85
C ASN E 277 -53.85 2.50 2.33
N CYS E 278 -52.88 2.55 1.40
CA CYS E 278 -51.45 2.35 1.70
C CYS E 278 -50.63 3.66 1.70
N HIS E 279 -49.45 3.60 2.30
CA HIS E 279 -48.59 4.77 2.46
C HIS E 279 -47.16 4.27 2.38
N ASP E 280 -46.35 4.96 1.59
CA ASP E 280 -44.98 4.57 1.28
C ASP E 280 -44.97 3.31 0.43
N GLY E 281 -43.77 2.94 -0.03
CA GLY E 281 -43.63 1.75 -0.83
C GLY E 281 -44.09 1.93 -2.28
N GLY E 282 -44.48 0.81 -2.90
CA GLY E 282 -44.84 0.83 -4.31
C GLY E 282 -44.41 -0.45 -5.01
N ALA E 283 -44.34 -0.37 -6.34
CA ALA E 283 -44.00 -1.51 -7.21
C ALA E 283 -42.83 -1.14 -8.10
N ASP E 284 -41.89 -2.06 -8.27
CA ASP E 284 -40.68 -1.77 -9.02
C ASP E 284 -40.31 -2.98 -9.85
N ASN E 285 -40.10 -2.74 -11.14
CA ASN E 285 -39.62 -3.78 -12.04
C ASN E 285 -40.62 -4.94 -12.18
N CYS E 286 -41.90 -4.62 -12.32
CA CYS E 286 -42.90 -5.67 -12.49
C CYS E 286 -43.49 -5.61 -13.91
N LYS E 287 -43.81 -6.78 -14.45
CA LYS E 287 -44.56 -6.87 -15.69
C LYS E 287 -45.98 -7.27 -15.29
N VAL E 288 -46.98 -6.49 -15.68
CA VAL E 288 -48.34 -6.68 -15.13
C VAL E 288 -49.35 -6.59 -16.25
N TYR E 289 -50.31 -7.52 -16.22
CA TYR E 289 -51.52 -7.43 -17.03
C TYR E 289 -52.74 -7.60 -16.12
N ALA E 290 -53.76 -6.78 -16.32
CA ALA E 290 -55.07 -7.10 -15.74
C ALA E 290 -56.15 -6.58 -16.66
N ARG E 291 -57.33 -7.17 -16.63
CA ARG E 291 -58.34 -6.74 -17.61
C ARG E 291 -58.66 -5.25 -17.52
N ARG E 292 -58.80 -4.72 -16.31
CA ARG E 292 -59.12 -3.31 -16.19
C ARG E 292 -57.92 -2.45 -15.83
N HIS E 293 -57.38 -2.65 -14.62
CA HIS E 293 -56.26 -1.82 -14.17
C HIS E 293 -55.08 -2.70 -13.78
N ALA E 294 -53.99 -2.58 -14.53
CA ALA E 294 -52.82 -3.41 -14.28
C ALA E 294 -52.30 -3.09 -12.87
N ILE E 295 -52.16 -1.79 -12.57
CA ILE E 295 -51.86 -1.34 -11.23
C ILE E 295 -52.89 -0.31 -10.85
N ALA E 296 -53.30 -0.31 -9.58
CA ALA E 296 -54.32 0.60 -9.09
C ALA E 296 -54.06 0.96 -7.64
N THR E 297 -54.71 2.04 -7.21
CA THR E 297 -54.73 2.43 -5.81
C THR E 297 -56.18 2.76 -5.46
N GLY E 298 -56.52 2.69 -4.18
CA GLY E 298 -57.87 2.99 -3.76
C GLY E 298 -58.06 2.56 -2.32
N GLY E 299 -58.98 1.63 -2.08
CA GLY E 299 -59.17 1.16 -0.73
C GLY E 299 -60.56 0.65 -0.48
N ASP E 300 -60.90 0.54 0.80
CA ASP E 300 -62.22 0.04 1.16
C ASP E 300 -62.87 1.00 2.15
N ALA E 301 -63.86 0.53 2.90
CA ALA E 301 -64.52 1.42 3.86
C ALA E 301 -64.33 0.94 5.31
N GLU E 302 -63.32 0.11 5.54
CA GLU E 302 -63.04 -0.41 6.87
C GLU E 302 -62.25 0.58 7.70
N VAL E 303 -62.20 0.35 9.01
CA VAL E 303 -61.40 1.20 9.90
C VAL E 303 -59.97 1.38 9.39
N GLY E 304 -59.48 2.63 9.39
CA GLY E 304 -58.16 2.90 8.85
C GLY E 304 -58.05 3.09 7.33
N CYS E 305 -59.18 3.25 6.64
CA CYS E 305 -59.18 3.41 5.19
C CYS E 305 -58.77 4.83 4.76
N VAL E 306 -57.53 5.18 5.08
CA VAL E 306 -56.98 6.53 4.87
C VAL E 306 -56.48 6.69 3.42
N PRO E 307 -56.08 7.92 3.03
CA PRO E 307 -55.63 8.12 1.64
C PRO E 307 -54.35 7.38 1.28
N VAL E 308 -54.16 7.14 -0.02
CA VAL E 308 -52.97 6.47 -0.51
C VAL E 308 -51.92 7.53 -0.76
N ARG E 309 -50.78 7.43 -0.07
CA ARG E 309 -49.76 8.48 -0.19
C ARG E 309 -48.32 7.99 -0.34
N ASN E 310 -47.55 8.75 -1.12
CA ASN E 310 -46.17 8.40 -1.41
C ASN E 310 -45.99 6.95 -1.89
N VAL E 311 -46.96 6.46 -2.66
N VAL E 311 -46.96 6.44 -2.64
CA VAL E 311 -46.81 5.17 -3.29
CA VAL E 311 -46.76 5.15 -3.28
C VAL E 311 -46.28 5.40 -4.71
C VAL E 311 -46.27 5.38 -4.72
N ARG E 312 -45.19 4.70 -5.06
CA ARG E 312 -44.44 4.98 -6.30
C ARG E 312 -44.33 3.76 -7.18
N MET E 313 -44.81 3.88 -8.41
CA MET E 313 -44.71 2.79 -9.38
C MET E 313 -43.57 3.11 -10.34
N ARG E 314 -42.55 2.25 -10.39
CA ARG E 314 -41.34 2.56 -11.16
C ARG E 314 -40.91 1.39 -12.01
N ASN E 315 -40.42 1.69 -13.21
CA ASN E 315 -39.78 0.67 -14.04
C ASN E 315 -40.67 -0.54 -14.32
N CYS E 316 -41.96 -0.33 -14.55
CA CYS E 316 -42.84 -1.46 -14.83
C CYS E 316 -43.32 -1.41 -16.29
N THR E 317 -43.72 -2.54 -16.83
CA THR E 317 -44.52 -2.53 -18.06
C THR E 317 -45.95 -2.96 -17.74
N LEU E 318 -46.94 -2.15 -18.15
CA LEU E 318 -48.33 -2.42 -17.78
C LEU E 318 -49.20 -2.59 -19.02
N ARG E 319 -50.08 -3.59 -19.01
CA ARG E 319 -51.05 -3.76 -20.11
C ARG E 319 -52.41 -4.06 -19.52
N ASN E 320 -53.45 -3.66 -20.23
CA ASN E 320 -54.80 -4.06 -19.84
C ASN E 320 -55.60 -4.54 -21.05
N ASP E 321 -56.89 -4.84 -20.84
CA ASP E 321 -57.77 -5.17 -21.95
C ASP E 321 -58.31 -3.89 -22.54
N ILE E 322 -57.88 -3.57 -23.76
CA ILE E 322 -58.28 -2.32 -24.38
C ILE E 322 -59.81 -2.26 -24.52
N THR E 323 -60.46 -3.41 -24.69
CA THR E 323 -61.91 -3.40 -24.87
C THR E 323 -62.67 -3.13 -23.58
N SER E 324 -61.97 -3.12 -22.44
CA SER E 324 -62.59 -2.69 -21.18
C SER E 324 -62.98 -1.20 -21.24
N GLY E 325 -62.36 -0.44 -22.12
CA GLY E 325 -62.64 0.98 -22.22
C GLY E 325 -62.06 1.87 -21.11
N THR E 326 -61.28 1.29 -20.20
CA THR E 326 -60.79 2.10 -19.08
C THR E 326 -59.27 2.23 -19.14
N HIS E 327 -58.72 3.10 -18.29
CA HIS E 327 -57.28 3.34 -18.25
C HIS E 327 -56.57 2.14 -17.62
N CYS E 328 -55.37 1.89 -18.10
CA CYS E 328 -54.58 0.77 -17.64
C CYS E 328 -53.88 1.06 -16.31
N ALA E 329 -53.25 2.24 -16.20
CA ALA E 329 -52.54 2.63 -14.96
C ALA E 329 -53.49 3.51 -14.14
N ASP E 330 -53.80 3.09 -12.91
CA ASP E 330 -54.86 3.75 -12.16
C ASP E 330 -54.38 4.39 -10.86
N PHE E 331 -54.98 5.52 -10.52
CA PHE E 331 -55.07 6.00 -9.14
C PHE E 331 -56.54 6.31 -8.93
N HIS E 332 -57.11 6.01 -7.77
CA HIS E 332 -58.44 6.53 -7.43
C HIS E 332 -58.32 7.89 -6.72
N GLY E 333 -59.47 8.55 -6.52
CA GLY E 333 -59.55 9.89 -5.92
C GLY E 333 -59.10 10.10 -4.48
N ASN E 334 -58.76 9.02 -3.78
CA ASN E 334 -58.14 9.15 -2.46
C ASN E 334 -56.60 9.01 -2.51
N ALA E 335 -56.00 9.26 -3.68
CA ALA E 335 -54.53 9.32 -3.80
C ALA E 335 -54.01 10.74 -3.62
N GLU E 336 -52.89 10.86 -2.91
CA GLU E 336 -52.18 12.13 -2.85
C GLU E 336 -50.67 11.86 -2.88
N ASP E 337 -49.96 12.61 -3.72
CA ASP E 337 -48.49 12.56 -3.75
C ASP E 337 -47.99 11.15 -4.13
N CYS E 338 -48.51 10.67 -5.25
CA CYS E 338 -48.13 9.37 -5.80
C CYS E 338 -47.71 9.60 -7.26
N SER E 339 -47.02 8.62 -7.85
CA SER E 339 -46.60 8.79 -9.24
C SER E 339 -46.28 7.44 -9.89
N TYR E 340 -46.32 7.44 -11.22
CA TYR E 340 -45.74 6.37 -12.05
C TYR E 340 -44.50 7.00 -12.69
N GLU E 341 -43.34 6.32 -12.59
CA GLU E 341 -42.09 6.83 -13.16
C GLU E 341 -41.37 5.76 -13.98
N ASN E 342 -40.88 6.11 -15.17
CA ASN E 342 -40.12 5.16 -16.01
C ASN E 342 -40.94 3.88 -16.26
N CYS E 343 -42.21 4.07 -16.61
CA CYS E 343 -43.08 2.93 -16.90
C CYS E 343 -43.50 2.99 -18.35
N THR E 344 -43.69 1.80 -18.94
CA THR E 344 -44.33 1.65 -20.22
C THR E 344 -45.78 1.25 -19.94
N ILE E 345 -46.74 2.08 -20.37
CA ILE E 345 -48.14 1.90 -20.02
C ILE E 345 -48.96 1.79 -21.30
N TYR E 346 -49.43 0.58 -21.59
CA TYR E 346 -50.24 0.36 -22.79
C TYR E 346 -51.69 0.44 -22.33
N GLY E 347 -52.47 1.33 -22.94
CA GLY E 347 -53.90 1.42 -22.59
C GLY E 347 -54.26 2.55 -21.63
N GLY E 348 -53.45 3.59 -21.56
CA GLY E 348 -53.88 4.82 -20.89
C GLY E 348 -53.61 4.91 -19.41
N ALA E 349 -53.66 6.14 -18.89
CA ALA E 349 -53.36 6.42 -17.50
C ALA E 349 -54.35 7.47 -16.98
N THR E 350 -54.29 7.75 -15.68
CA THR E 350 -55.28 8.64 -15.10
C THR E 350 -54.70 9.63 -14.06
N TRP E 351 -55.29 10.82 -14.06
CA TRP E 351 -55.15 11.75 -12.94
C TRP E 351 -56.43 11.70 -12.07
N GLN E 352 -56.27 11.37 -10.79
CA GLN E 352 -57.37 11.43 -9.82
C GLN E 352 -56.77 11.85 -8.48
N GLY E 353 -57.60 12.39 -7.58
CA GLY E 353 -57.14 12.75 -6.25
C GLY E 353 -56.40 14.08 -6.19
N LYS E 354 -55.15 14.06 -5.73
CA LYS E 354 -54.38 15.29 -5.48
C LYS E 354 -52.88 15.10 -5.68
N ASP E 355 -52.22 15.96 -6.43
CA ASP E 355 -50.74 15.93 -6.51
C ASP E 355 -50.22 14.62 -7.11
N ILE E 356 -50.57 14.39 -8.37
CA ILE E 356 -50.24 13.17 -9.09
C ILE E 356 -49.32 13.45 -10.29
N SER E 357 -48.30 12.60 -10.50
CA SER E 357 -47.36 12.81 -11.60
C SER E 357 -47.08 11.52 -12.39
N TYR E 358 -46.89 11.68 -13.69
CA TYR E 358 -46.31 10.66 -14.56
C TYR E 358 -45.02 11.25 -15.06
N ARG E 359 -43.92 10.55 -14.80
CA ARG E 359 -42.60 11.04 -15.15
C ARG E 359 -41.86 10.02 -16.01
N HIS E 360 -41.39 10.47 -17.18
CA HIS E 360 -40.62 9.65 -18.10
C HIS E 360 -41.33 8.32 -18.38
N CYS E 361 -42.64 8.38 -18.59
CA CYS E 361 -43.41 7.23 -18.98
C CYS E 361 -43.68 7.26 -20.46
N THR E 362 -43.89 6.09 -21.04
CA THR E 362 -44.34 5.98 -22.41
C THR E 362 -45.78 5.46 -22.26
N ILE E 363 -46.76 6.17 -22.80
CA ILE E 363 -48.18 5.79 -22.57
C ILE E 363 -48.93 5.77 -23.90
N THR E 364 -49.61 4.67 -24.19
CA THR E 364 -50.49 4.61 -25.38
C THR E 364 -51.97 4.75 -25.00
N ASN E 365 -52.83 4.90 -26.01
CA ASN E 365 -54.23 5.25 -25.77
C ASN E 365 -55.09 4.09 -25.26
N ALA E 366 -56.18 4.46 -24.61
CA ALA E 366 -57.26 3.54 -24.28
C ALA E 366 -58.19 3.50 -25.48
N SER E 367 -59.26 2.70 -25.41
CA SER E 367 -60.03 2.49 -26.65
C SER E 367 -60.69 3.75 -27.22
N GLY E 368 -61.08 4.67 -26.34
CA GLY E 368 -61.66 5.93 -26.81
C GLY E 368 -60.69 6.81 -27.60
N GLY E 369 -59.40 6.54 -27.53
CA GLY E 369 -58.43 7.35 -28.28
C GLY E 369 -57.67 8.35 -27.42
N TRP E 370 -58.17 8.60 -26.23
CA TRP E 370 -57.46 9.43 -25.24
C TRP E 370 -56.31 8.62 -24.62
N ILE E 371 -55.41 9.34 -23.95
CA ILE E 371 -54.20 8.72 -23.37
C ILE E 371 -54.17 8.93 -21.84
N VAL E 372 -54.58 10.09 -21.40
CA VAL E 372 -54.66 10.39 -19.98
C VAL E 372 -56.05 10.93 -19.73
N ILE E 373 -56.75 10.33 -18.78
CA ILE E 373 -58.11 10.73 -18.46
C ILE E 373 -58.17 11.09 -16.96
N SER E 374 -59.06 11.99 -16.60
CA SER E 374 -59.09 12.42 -15.20
C SER E 374 -60.38 11.97 -14.57
N ALA E 375 -60.39 11.90 -13.24
CA ALA E 375 -61.65 11.71 -12.50
C ALA E 375 -61.41 12.13 -11.07
N GLU E 376 -62.48 12.46 -10.36
CA GLU E 376 -62.41 12.70 -8.90
C GLU E 376 -61.23 13.59 -8.52
N ILE E 377 -61.18 14.78 -9.10
CA ILE E 377 -60.07 15.69 -8.89
C ILE E 377 -60.40 16.52 -7.65
N LEU E 378 -59.65 16.29 -6.58
CA LEU E 378 -59.82 17.06 -5.35
C LEU E 378 -59.22 18.45 -5.56
N GLY E 379 -58.05 18.47 -6.19
CA GLY E 379 -57.30 19.71 -6.41
C GLY E 379 -55.79 19.46 -6.31
N GLY E 380 -55.00 20.53 -6.38
CA GLY E 380 -53.56 20.35 -6.37
C GLY E 380 -52.99 20.27 -7.78
N THR E 381 -51.83 19.64 -7.90
CA THR E 381 -51.04 19.66 -9.12
C THR E 381 -50.98 18.30 -9.79
N PHE E 382 -51.18 18.29 -11.11
CA PHE E 382 -51.24 17.08 -11.94
C PHE E 382 -50.32 17.32 -13.11
N LEU E 383 -49.39 16.40 -13.31
CA LEU E 383 -48.21 16.64 -14.13
C LEU E 383 -47.95 15.45 -15.05
N LEU E 384 -47.75 15.75 -16.34
CA LEU E 384 -47.10 14.84 -17.28
C LEU E 384 -45.72 15.42 -17.56
N ASP E 385 -44.72 14.81 -16.95
CA ASP E 385 -43.34 15.27 -16.93
C ASP E 385 -42.52 14.47 -17.96
N GLN E 386 -42.24 15.11 -19.09
CA GLN E 386 -41.39 14.53 -20.13
C GLN E 386 -41.85 13.14 -20.47
N CYS E 387 -43.14 12.97 -20.71
CA CYS E 387 -43.64 11.67 -21.11
C CYS E 387 -43.72 11.57 -22.64
N THR E 388 -43.69 10.36 -23.13
CA THR E 388 -43.87 10.07 -24.56
C THR E 388 -45.26 9.49 -24.72
N LEU E 389 -46.13 10.20 -25.44
CA LEU E 389 -47.54 9.79 -25.56
C LEU E 389 -47.88 9.39 -27.01
N TYR E 390 -48.64 8.31 -27.15
N TYR E 390 -48.62 8.30 -27.19
CA TYR E 390 -49.04 7.79 -28.46
CA TYR E 390 -49.05 7.91 -28.53
C TYR E 390 -50.55 7.54 -28.46
C TYR E 390 -50.50 7.47 -28.53
N THR E 391 -51.27 7.99 -29.48
CA THR E 391 -52.62 7.49 -29.72
C THR E 391 -52.84 7.17 -31.21
N THR E 392 -53.48 6.04 -31.47
CA THR E 392 -53.81 5.65 -32.83
C THR E 392 -55.23 6.06 -33.15
N GLY E 393 -55.92 6.68 -32.19
CA GLY E 393 -57.34 7.03 -32.39
C GLY E 393 -57.63 8.53 -32.33
N ASP E 394 -58.87 8.87 -31.97
CA ASP E 394 -59.31 10.27 -31.88
C ASP E 394 -60.41 10.30 -30.83
N PRO E 395 -60.16 10.97 -29.70
CA PRO E 395 -61.16 10.95 -28.63
C PRO E 395 -62.25 12.01 -28.79
N GLN E 396 -62.13 12.92 -29.76
CA GLN E 396 -63.11 13.99 -29.89
C GLN E 396 -64.57 13.55 -30.17
N PRO E 397 -64.78 12.52 -31.03
CA PRO E 397 -66.19 12.09 -31.19
C PRO E 397 -66.85 11.62 -29.88
N GLY E 398 -66.04 11.22 -28.89
CA GLY E 398 -66.56 10.88 -27.56
C GLY E 398 -66.45 12.06 -26.60
N ASN E 399 -66.23 13.24 -27.15
CA ASN E 399 -66.15 14.49 -26.39
C ASN E 399 -64.99 14.62 -25.38
N ARG E 400 -63.90 13.91 -25.67
CA ARG E 400 -62.75 13.97 -24.78
C ARG E 400 -61.47 14.45 -25.48
N GLY E 401 -60.59 15.04 -24.68
CA GLY E 401 -59.29 15.45 -25.17
C GLY E 401 -58.36 14.25 -25.16
N VAL E 402 -57.24 14.38 -25.86
CA VAL E 402 -56.19 13.37 -25.81
C VAL E 402 -55.70 13.29 -24.37
N ILE E 403 -55.56 14.45 -23.74
CA ILE E 403 -55.40 14.55 -22.29
C ILE E 403 -56.72 15.14 -21.83
N ASP E 404 -57.48 14.36 -21.07
CA ASP E 404 -58.86 14.75 -20.77
C ASP E 404 -59.08 15.10 -19.30
N VAL E 405 -59.73 16.23 -19.04
CA VAL E 405 -60.13 16.59 -17.67
C VAL E 405 -61.63 16.91 -17.64
N GLY E 406 -62.47 15.88 -17.57
CA GLY E 406 -63.91 16.08 -17.53
C GLY E 406 -64.59 16.41 -18.86
N GLY E 407 -63.97 16.03 -19.98
CA GLY E 407 -64.54 16.27 -21.29
C GLY E 407 -65.98 15.80 -21.37
N ASN E 408 -66.22 14.57 -20.89
CA ASN E 408 -67.54 13.94 -20.97
C ASN E 408 -67.95 13.29 -19.65
N SER E 409 -67.37 13.74 -18.54
CA SER E 409 -67.68 13.16 -17.22
C SER E 409 -67.59 14.24 -16.16
N ALA E 410 -68.10 13.94 -14.97
CA ALA E 410 -68.17 14.95 -13.90
C ALA E 410 -66.97 14.85 -12.97
N VAL E 411 -65.98 15.69 -13.26
CA VAL E 411 -64.61 15.54 -12.75
C VAL E 411 -64.22 16.79 -11.98
N LEU E 412 -64.53 17.95 -12.53
CA LEU E 412 -64.30 19.20 -11.84
C LEU E 412 -65.65 19.68 -11.28
N THR E 413 -65.92 19.37 -10.02
CA THR E 413 -67.28 19.50 -9.51
C THR E 413 -67.23 20.21 -8.17
N THR E 414 -68.37 20.28 -7.48
CA THR E 414 -68.38 20.84 -6.13
C THR E 414 -67.49 20.05 -5.16
N ASN E 415 -67.08 18.84 -5.55
CA ASN E 415 -66.10 18.07 -4.74
C ASN E 415 -64.64 18.41 -5.05
N THR E 416 -64.43 19.26 -6.06
CA THR E 416 -63.10 19.81 -6.35
C THR E 416 -62.92 21.06 -5.52
N THR E 417 -62.23 20.94 -4.38
CA THR E 417 -62.27 22.01 -3.39
C THR E 417 -60.97 22.81 -3.28
N GLN E 418 -59.92 22.38 -3.98
CA GLN E 418 -58.65 23.10 -3.96
C GLN E 418 -58.28 23.50 -5.40
N PRO E 419 -57.55 24.62 -5.56
CA PRO E 419 -57.09 25.07 -6.89
C PRO E 419 -56.39 23.93 -7.62
N CYS E 420 -56.60 23.83 -8.91
CA CYS E 420 -56.01 22.78 -9.74
C CYS E 420 -54.94 23.35 -10.67
N ASN E 421 -53.80 22.67 -10.77
CA ASN E 421 -52.80 23.05 -11.77
C ASN E 421 -52.52 21.83 -12.66
N PHE E 422 -52.81 21.97 -13.95
CA PHE E 422 -52.60 20.89 -14.90
C PHE E 422 -51.37 21.24 -15.75
N LEU E 423 -50.32 20.46 -15.59
CA LEU E 423 -49.01 20.77 -16.18
C LEU E 423 -48.53 19.69 -17.15
N ILE E 424 -48.23 20.13 -18.38
CA ILE E 424 -47.67 19.24 -19.38
C ILE E 424 -46.33 19.90 -19.74
N GLN E 425 -45.23 19.24 -19.38
CA GLN E 425 -43.88 19.77 -19.58
C GLN E 425 -43.04 18.84 -20.44
N GLY E 426 -42.67 19.30 -21.62
CA GLY E 426 -41.76 18.58 -22.49
C GLY E 426 -42.31 17.25 -22.99
N GLY E 427 -41.41 16.36 -23.39
CA GLY E 427 -41.81 15.07 -23.93
C GLY E 427 -42.38 15.20 -25.34
N SER E 428 -43.16 14.23 -25.76
N SER E 428 -43.12 14.20 -25.77
CA SER E 428 -43.71 14.27 -27.11
CA SER E 428 -43.66 14.18 -27.13
C SER E 428 -45.09 13.66 -27.09
C SER E 428 -45.04 13.54 -27.18
N LEU E 429 -45.84 13.96 -28.15
CA LEU E 429 -47.17 13.42 -28.33
C LEU E 429 -47.34 13.13 -29.81
N ARG E 430 -47.64 11.88 -30.13
N ARG E 430 -47.63 11.87 -30.12
CA ARG E 430 -47.91 11.51 -31.51
CA ARG E 430 -47.91 11.51 -31.51
C ARG E 430 -49.36 11.03 -31.66
C ARG E 430 -49.37 11.05 -31.65
N ALA E 431 -50.08 11.67 -32.57
CA ALA E 431 -51.49 11.38 -32.76
C ALA E 431 -51.80 11.67 -34.23
N PRO E 432 -51.53 10.69 -35.13
CA PRO E 432 -51.68 10.89 -36.57
C PRO E 432 -53.12 10.89 -37.03
N SER E 433 -54.06 10.40 -36.23
CA SER E 433 -55.43 10.19 -36.77
C SER E 433 -56.52 11.07 -36.13
N LEU E 434 -56.14 12.28 -35.72
CA LEU E 434 -57.12 13.25 -35.25
C LEU E 434 -57.79 13.94 -36.43
N SER E 435 -58.86 14.67 -36.17
CA SER E 435 -59.50 15.50 -37.19
C SER E 435 -59.25 16.97 -36.89
N THR E 436 -59.77 17.84 -37.74
CA THR E 436 -59.67 19.28 -37.52
C THR E 436 -60.63 19.78 -36.43
N SER E 437 -61.41 18.87 -35.84
CA SER E 437 -62.23 19.18 -34.66
C SER E 437 -61.58 18.78 -33.34
N SER E 438 -60.52 17.98 -33.43
CA SER E 438 -59.92 17.37 -32.24
C SER E 438 -59.10 18.38 -31.46
N TYR E 439 -59.03 18.19 -30.14
CA TYR E 439 -58.24 19.04 -29.28
C TYR E 439 -57.28 18.17 -28.44
N LEU E 440 -56.10 18.70 -28.15
CA LEU E 440 -55.10 17.91 -27.42
C LEU E 440 -55.47 17.80 -25.93
N LEU E 441 -55.97 18.90 -25.34
CA LEU E 441 -56.43 18.86 -23.96
C LEU E 441 -57.80 19.55 -23.82
N ARG E 442 -58.69 18.93 -23.06
CA ARG E 442 -59.97 19.55 -22.75
C ARG E 442 -60.13 19.61 -21.25
N ALA E 443 -60.60 20.75 -20.74
CA ALA E 443 -61.02 20.80 -19.36
C ALA E 443 -62.40 21.42 -19.33
N ARG E 444 -63.32 20.80 -18.60
CA ARG E 444 -64.70 21.27 -18.57
C ARG E 444 -65.20 21.29 -17.14
N LEU E 445 -65.64 22.46 -16.71
CA LEU E 445 -66.17 22.63 -15.36
C LEU E 445 -67.58 22.04 -15.26
N GLU E 446 -67.79 21.21 -14.25
CA GLU E 446 -69.14 20.77 -13.95
C GLU E 446 -69.47 21.00 -12.48
N GLY E 447 -69.29 22.23 -12.01
CA GLY E 447 -69.71 22.62 -10.67
C GLY E 447 -68.63 23.23 -9.80
N SER E 448 -67.36 22.99 -10.15
CA SER E 448 -66.25 23.53 -9.36
C SER E 448 -66.20 25.07 -9.43
N THR E 449 -65.65 25.70 -8.40
CA THR E 449 -65.54 27.15 -8.39
C THR E 449 -64.10 27.62 -8.16
N VAL E 450 -63.16 26.67 -8.15
CA VAL E 450 -61.78 26.97 -7.81
C VAL E 450 -60.98 27.40 -9.06
N PRO E 451 -59.82 28.06 -8.86
CA PRO E 451 -58.94 28.31 -10.02
C PRO E 451 -58.53 26.98 -10.70
N VAL E 452 -58.59 26.94 -12.02
CA VAL E 452 -58.11 25.80 -12.79
C VAL E 452 -57.06 26.34 -13.75
N ASN E 453 -55.79 26.02 -13.47
CA ASN E 453 -54.68 26.62 -14.19
C ASN E 453 -54.09 25.60 -15.17
N ILE E 454 -53.62 26.07 -16.32
CA ILE E 454 -53.04 25.17 -17.35
C ILE E 454 -51.68 25.66 -17.77
N GLN E 455 -50.71 24.75 -17.73
CA GLN E 455 -49.40 24.99 -18.28
C GLN E 455 -49.10 23.89 -19.30
N TYR E 456 -49.16 24.24 -20.58
CA TYR E 456 -48.90 23.31 -21.66
C TYR E 456 -47.62 23.79 -22.33
N SER E 457 -46.51 23.10 -22.08
CA SER E 457 -45.19 23.74 -22.20
C SER E 457 -44.08 22.80 -22.73
N GLY E 458 -43.51 23.09 -23.91
CA GLY E 458 -42.29 22.42 -24.34
C GLY E 458 -42.43 21.10 -25.09
N GLN E 459 -43.66 20.62 -25.23
CA GLN E 459 -43.92 19.34 -25.88
C GLN E 459 -43.72 19.36 -27.41
N ALA E 460 -43.17 18.28 -27.98
CA ALA E 460 -43.03 18.16 -29.44
C ALA E 460 -44.18 17.30 -29.92
N ILE E 461 -44.95 17.82 -30.85
CA ILE E 461 -46.23 17.24 -31.21
C ILE E 461 -46.11 16.72 -32.65
N ASP E 462 -46.66 15.54 -32.92
CA ASP E 462 -46.58 14.95 -34.26
C ASP E 462 -48.00 14.53 -34.65
N VAL E 463 -48.66 15.33 -35.49
CA VAL E 463 -50.05 15.09 -35.83
C VAL E 463 -50.27 15.16 -37.34
N GLY E 464 -51.41 14.65 -37.77
CA GLY E 464 -51.88 14.91 -39.13
C GLY E 464 -52.73 16.17 -39.07
N SER E 465 -54.04 15.99 -38.98
CA SER E 465 -54.93 17.11 -38.72
C SER E 465 -55.06 17.34 -37.23
N LEU E 466 -55.49 18.55 -36.87
CA LEU E 466 -55.69 18.92 -35.47
C LEU E 466 -56.61 20.13 -35.44
N GLY E 467 -57.49 20.21 -34.45
CA GLY E 467 -58.31 21.41 -34.30
C GLY E 467 -57.70 22.44 -33.36
N LYS E 468 -57.44 22.03 -32.12
CA LYS E 468 -57.00 22.96 -31.08
C LYS E 468 -55.99 22.32 -30.14
N VAL E 469 -55.22 23.16 -29.44
CA VAL E 469 -54.37 22.65 -28.35
C VAL E 469 -55.25 22.48 -27.12
N LEU E 470 -55.83 23.58 -26.62
CA LEU E 470 -56.68 23.56 -25.42
C LEU E 470 -58.15 23.85 -25.73
N GLN E 471 -59.03 23.05 -25.15
CA GLN E 471 -60.47 23.28 -25.21
C GLN E 471 -60.94 23.46 -23.76
N LEU E 472 -61.30 24.69 -23.37
CA LEU E 472 -61.66 24.98 -21.97
C LEU E 472 -63.10 25.47 -21.85
N ASP E 473 -63.94 24.66 -21.21
CA ASP E 473 -65.38 24.81 -21.24
C ASP E 473 -65.97 24.88 -19.86
N ILE E 474 -67.20 25.41 -19.79
CA ILE E 474 -67.90 25.51 -18.52
C ILE E 474 -69.36 25.08 -18.70
N THR E 475 -69.71 23.95 -18.09
CA THR E 475 -71.10 23.52 -18.06
C THR E 475 -71.79 24.12 -16.85
N SER E 476 -71.14 24.04 -15.70
CA SER E 476 -71.64 24.71 -14.51
C SER E 476 -70.46 25.01 -13.61
N GLY E 477 -70.65 25.93 -12.67
CA GLY E 477 -69.53 26.37 -11.86
C GLY E 477 -68.84 27.54 -12.53
N SER E 478 -67.62 27.85 -12.09
CA SER E 478 -66.92 29.05 -12.54
C SER E 478 -65.45 28.94 -12.17
N THR E 479 -64.60 29.75 -12.80
CA THR E 479 -63.21 29.73 -12.43
C THR E 479 -62.52 31.09 -12.66
N SER E 480 -61.58 31.41 -11.78
CA SER E 480 -60.71 32.56 -11.97
C SER E 480 -59.27 32.06 -11.97
N PRO E 481 -58.78 31.62 -13.13
CA PRO E 481 -57.46 30.99 -13.10
C PRO E 481 -56.38 32.03 -12.84
N GLU E 482 -55.27 31.60 -12.23
CA GLU E 482 -54.06 32.42 -12.11
C GLU E 482 -53.26 32.45 -13.40
N TYR E 483 -53.34 31.39 -14.19
CA TYR E 483 -52.63 31.39 -15.47
C TYR E 483 -53.19 30.40 -16.46
N LEU E 484 -52.94 30.69 -17.73
CA LEU E 484 -53.38 29.87 -18.82
C LEU E 484 -52.26 30.05 -19.85
N ILE E 485 -51.43 29.02 -19.98
CA ILE E 485 -50.14 29.17 -20.68
C ILE E 485 -49.96 28.09 -21.74
N VAL E 486 -49.67 28.52 -22.96
CA VAL E 486 -49.29 27.62 -24.04
C VAL E 486 -47.97 28.14 -24.56
N GLU E 487 -46.94 27.31 -24.57
CA GLU E 487 -45.62 27.80 -24.90
C GLU E 487 -44.68 26.70 -25.38
N ASN E 488 -43.74 27.11 -26.23
CA ASN E 488 -42.66 26.28 -26.72
C ASN E 488 -43.11 24.93 -27.24
N LEU E 489 -44.14 24.91 -28.08
CA LEU E 489 -44.63 23.66 -28.66
C LEU E 489 -44.03 23.51 -30.06
N ALA E 490 -43.61 22.30 -30.38
CA ALA E 490 -43.09 22.02 -31.73
C ALA E 490 -44.08 21.12 -32.46
N GLY E 491 -44.24 21.33 -33.76
CA GLY E 491 -45.06 20.44 -34.57
C GLY E 491 -46.52 20.83 -34.77
N LEU E 492 -46.92 22.02 -34.30
CA LEU E 492 -48.29 22.50 -34.57
C LEU E 492 -48.44 22.83 -36.06
N PRO E 493 -49.48 22.29 -36.70
CA PRO E 493 -49.71 22.62 -38.11
C PRO E 493 -50.48 23.94 -38.26
N SER E 494 -50.45 24.55 -39.45
CA SER E 494 -51.11 25.83 -39.59
C SER E 494 -52.61 25.65 -39.56
N GLY E 495 -53.30 26.68 -39.11
CA GLY E 495 -54.75 26.64 -39.05
C GLY E 495 -55.33 26.30 -37.69
N ILE E 496 -54.54 25.70 -36.80
CA ILE E 496 -55.10 25.29 -35.51
C ILE E 496 -55.44 26.48 -34.57
N THR E 497 -56.33 26.21 -33.63
CA THR E 497 -56.72 27.18 -32.61
C THR E 497 -55.91 26.91 -31.33
N LEU E 498 -55.21 27.92 -30.82
CA LEU E 498 -54.40 27.68 -29.61
C LEU E 498 -55.25 27.30 -28.38
N ALA E 499 -56.33 28.04 -28.15
CA ALA E 499 -57.19 27.74 -27.01
C ALA E 499 -58.61 28.27 -27.17
N SER E 500 -59.60 27.39 -27.11
CA SER E 500 -60.99 27.84 -26.98
C SER E 500 -61.24 27.99 -25.50
N ALA E 501 -61.69 29.16 -25.10
CA ALA E 501 -61.80 29.46 -23.68
C ALA E 501 -63.13 30.12 -23.38
N ALA E 502 -63.93 29.49 -22.53
CA ALA E 502 -65.24 30.05 -22.19
C ALA E 502 -65.20 30.66 -20.78
N GLY E 503 -66.10 31.61 -20.52
CA GLY E 503 -66.25 32.21 -19.20
C GLY E 503 -64.98 32.73 -18.56
N GLY E 504 -64.71 32.27 -17.33
CA GLY E 504 -63.54 32.71 -16.59
C GLY E 504 -62.21 32.25 -17.19
N PHE E 505 -62.25 31.22 -18.04
CA PHE E 505 -61.03 30.85 -18.77
C PHE E 505 -60.64 31.94 -19.76
N ALA E 506 -61.63 32.49 -20.48
CA ALA E 506 -61.42 33.57 -21.45
C ALA E 506 -60.79 34.83 -20.85
N SER E 507 -61.08 35.11 -19.59
CA SER E 507 -60.55 36.30 -18.94
C SER E 507 -59.31 36.02 -18.09
N ALA E 508 -58.79 34.80 -18.16
CA ALA E 508 -57.62 34.42 -17.35
C ALA E 508 -56.37 35.12 -17.88
N PRO E 509 -55.42 35.45 -17.00
CA PRO E 509 -54.11 35.89 -17.47
C PRO E 509 -53.51 34.80 -18.38
N MET E 510 -53.20 35.17 -19.62
CA MET E 510 -52.76 34.22 -20.63
C MET E 510 -51.35 34.49 -21.14
N ARG E 511 -50.65 33.44 -21.50
CA ARG E 511 -49.43 33.55 -22.29
C ARG E 511 -49.61 32.61 -23.48
N MET E 512 -49.51 33.18 -24.70
CA MET E 512 -49.72 32.42 -25.93
C MET E 512 -48.53 32.69 -26.86
N PRO E 513 -48.19 31.73 -27.74
CA PRO E 513 -46.94 31.81 -28.52
C PRO E 513 -46.86 33.01 -29.46
N VAL E 514 -45.64 33.41 -29.77
CA VAL E 514 -45.41 34.51 -30.73
C VAL E 514 -45.39 34.00 -32.19
N LEU E 515 -46.06 34.76 -33.06
CA LEU E 515 -45.97 34.58 -34.50
C LEU E 515 -45.55 35.90 -35.13
N GLY E 516 -44.91 35.83 -36.28
CA GLY E 516 -44.42 37.03 -36.92
C GLY E 516 -43.78 36.82 -38.28
N GLY E 517 -43.43 37.93 -38.94
CA GLY E 517 -42.82 37.84 -40.25
C GLY E 517 -42.53 39.19 -40.88
N ARG E 518 -42.16 39.13 -42.16
CA ARG E 518 -41.77 40.31 -42.91
C ARG E 518 -42.60 40.28 -44.18
N VAL E 519 -43.38 41.32 -44.37
CA VAL E 519 -44.30 41.41 -45.50
C VAL E 519 -43.92 42.65 -46.32
N GLN E 520 -43.56 42.47 -47.58
CA GLN E 520 -43.25 43.63 -48.39
C GLN E 520 -44.51 44.39 -48.86
N VAL E 521 -44.46 45.71 -48.79
CA VAL E 521 -45.51 46.55 -49.37
C VAL E 521 -44.85 47.61 -50.25
N THR E 522 -45.58 48.03 -51.27
CA THR E 522 -45.07 49.04 -52.18
C THR E 522 -46.03 50.21 -52.17
N THR E 523 -45.48 51.39 -51.95
CA THR E 523 -46.31 52.59 -51.92
C THR E 523 -46.78 52.95 -53.32
N ALA E 524 -47.85 53.75 -53.36
CA ALA E 524 -48.44 54.27 -54.61
C ALA E 524 -48.48 55.78 -54.52
N THR E 525 -48.13 56.46 -55.61
CA THR E 525 -48.03 57.93 -55.60
C THR E 525 -49.39 58.61 -55.59
N ASN E 526 -50.45 57.82 -55.69
CA ASN E 526 -51.80 58.40 -55.64
C ASN E 526 -52.50 58.12 -54.30
N ALA E 527 -51.75 57.62 -53.33
CA ALA E 527 -52.33 57.32 -52.02
C ALA E 527 -51.36 57.61 -50.88
N SER E 528 -51.89 57.80 -49.68
CA SER E 528 -51.09 58.14 -48.50
C SER E 528 -50.83 56.86 -47.71
N SER E 529 -51.30 55.72 -48.24
CA SER E 529 -51.13 54.47 -47.53
C SER E 529 -51.01 53.24 -48.43
N VAL E 530 -50.57 52.13 -47.83
CA VAL E 530 -50.58 50.83 -48.46
C VAL E 530 -50.82 49.80 -47.35
N THR E 531 -51.64 48.80 -47.63
CA THR E 531 -51.93 47.79 -46.61
C THR E 531 -51.67 46.39 -47.14
N ALA E 532 -51.58 45.42 -46.22
CA ALA E 532 -51.37 44.01 -46.58
C ALA E 532 -51.96 43.10 -45.50
N PRO E 533 -52.84 42.18 -45.89
CA PRO E 533 -53.49 41.27 -44.93
C PRO E 533 -52.55 40.17 -44.47
N VAL E 534 -52.66 39.78 -43.21
CA VAL E 534 -51.90 38.67 -42.64
C VAL E 534 -52.94 37.74 -41.98
N THR E 535 -52.84 36.43 -42.21
CA THR E 535 -53.63 35.45 -41.46
C THR E 535 -52.68 34.68 -40.57
N PHE E 536 -52.92 34.72 -39.25
CA PHE E 536 -51.99 34.06 -38.33
C PHE E 536 -51.95 32.56 -38.57
N ARG E 537 -50.78 31.96 -38.42
CA ARG E 537 -50.61 30.50 -38.49
C ARG E 537 -51.50 29.81 -37.47
N TYR E 538 -51.67 30.44 -36.31
CA TYR E 538 -52.56 29.92 -35.29
C TYR E 538 -53.60 30.98 -34.88
N ILE E 539 -54.79 30.51 -34.53
CA ILE E 539 -55.85 31.39 -34.03
C ILE E 539 -55.69 31.58 -32.52
N TYR E 540 -55.61 32.83 -32.09
CA TYR E 540 -55.51 33.16 -30.66
C TYR E 540 -56.87 33.17 -30.00
N PRO E 541 -56.89 33.13 -28.65
CA PRO E 541 -58.17 33.16 -27.91
C PRO E 541 -58.85 34.52 -28.01
N LYS E 542 -58.09 35.57 -28.31
CA LYS E 542 -58.62 36.91 -28.41
C LYS E 542 -57.60 37.69 -29.25
N ALA E 543 -57.86 38.96 -29.51
CA ALA E 543 -56.90 39.76 -30.28
C ALA E 543 -55.55 39.80 -29.56
N PRO E 544 -54.50 39.37 -30.26
CA PRO E 544 -53.20 39.36 -29.61
C PRO E 544 -52.57 40.76 -29.59
N THR E 545 -51.48 40.88 -28.86
CA THR E 545 -50.69 42.10 -28.78
C THR E 545 -49.75 42.15 -30.01
N VAL E 546 -49.96 43.15 -30.87
CA VAL E 546 -49.31 43.18 -32.17
C VAL E 546 -48.31 44.33 -32.27
N GLN E 547 -47.09 44.04 -32.75
CA GLN E 547 -46.14 45.11 -33.12
C GLN E 547 -45.91 45.13 -34.62
N VAL E 548 -45.71 46.31 -35.19
CA VAL E 548 -45.31 46.42 -36.60
C VAL E 548 -44.28 47.50 -36.72
N THR E 549 -43.20 47.23 -37.47
CA THR E 549 -42.12 48.17 -37.71
C THR E 549 -41.76 48.15 -39.18
N LYS E 550 -41.48 49.33 -39.75
CA LYS E 550 -41.04 49.42 -41.13
C LYS E 550 -39.52 49.30 -41.16
N THR E 551 -38.99 48.50 -42.07
CA THR E 551 -37.55 48.37 -42.28
C THR E 551 -37.19 48.36 -43.77
N ASP E 552 -35.90 48.58 -44.03
CA ASP E 552 -35.30 48.42 -45.35
C ASP E 552 -35.75 49.41 -46.41
N ARG E 553 -36.20 50.56 -45.93
CA ARG E 553 -36.39 51.73 -46.75
C ARG E 553 -36.42 52.88 -45.74
N SER E 554 -35.95 54.05 -46.12
CA SER E 554 -36.12 55.21 -45.24
C SER E 554 -37.27 56.09 -45.74
N TYR E 555 -36.95 57.20 -46.41
CA TYR E 555 -38.02 57.98 -47.07
C TYR E 555 -38.51 57.23 -48.32
N ALA E 556 -39.83 57.09 -48.42
CA ALA E 556 -40.45 56.59 -49.64
C ALA E 556 -40.78 57.82 -50.45
N GLY E 557 -39.73 58.42 -51.01
CA GLY E 557 -39.84 59.73 -51.64
C GLY E 557 -39.90 60.81 -50.57
N ASN E 558 -41.14 61.15 -50.16
CA ASN E 558 -41.39 62.30 -49.29
C ASN E 558 -41.76 62.01 -47.83
N ARG E 559 -42.07 60.75 -47.53
CA ARG E 559 -42.55 60.36 -46.20
C ARG E 559 -41.97 59.00 -45.80
N VAL E 560 -41.69 58.80 -44.50
CA VAL E 560 -41.28 57.48 -44.03
C VAL E 560 -42.49 56.56 -43.96
N GLY E 561 -43.59 57.09 -43.43
CA GLY E 561 -44.80 56.33 -43.17
C GLY E 561 -44.79 55.74 -41.75
N VAL E 562 -45.97 55.63 -41.17
CA VAL E 562 -46.14 55.10 -39.84
C VAL E 562 -46.74 53.73 -39.96
N ALA E 563 -46.04 52.73 -39.45
CA ALA E 563 -46.51 51.35 -39.57
C ALA E 563 -47.52 51.06 -38.48
N ILE E 564 -48.65 50.45 -38.86
CA ILE E 564 -49.68 50.08 -37.89
C ILE E 564 -50.33 48.77 -38.30
N ALA E 565 -51.31 48.33 -37.53
CA ALA E 565 -52.18 47.27 -37.99
C ALA E 565 -53.64 47.69 -37.72
N ASN E 566 -54.50 47.57 -38.73
CA ASN E 566 -55.89 47.96 -38.60
C ASN E 566 -56.71 47.30 -39.69
N PRO E 567 -57.58 46.35 -39.30
CA PRO E 567 -57.86 45.90 -37.94
C PRO E 567 -56.92 44.79 -37.48
N THR E 568 -57.07 44.35 -36.22
CA THR E 568 -56.44 43.14 -35.73
C THR E 568 -57.56 42.30 -35.14
N SER E 569 -57.36 40.99 -35.09
CA SER E 569 -58.36 40.10 -34.54
C SER E 569 -57.66 38.88 -34.03
N ALA E 570 -58.41 37.93 -33.47
CA ALA E 570 -57.82 36.68 -33.02
C ALA E 570 -57.18 35.89 -34.17
N SER E 571 -57.60 36.14 -35.41
CA SER E 571 -57.18 35.29 -36.52
C SER E 571 -56.19 35.96 -37.48
N GLY E 572 -56.04 37.28 -37.39
CA GLY E 572 -55.23 37.97 -38.36
C GLY E 572 -55.14 39.46 -38.16
N ALA E 573 -54.48 40.14 -39.09
CA ALA E 573 -54.37 41.59 -39.02
C ALA E 573 -54.14 42.15 -40.41
N THR E 574 -54.51 43.41 -40.61
CA THR E 574 -54.17 44.10 -41.84
C THR E 574 -53.07 45.08 -41.51
N LEU E 575 -51.84 44.78 -41.96
CA LEU E 575 -50.72 45.67 -41.76
C LEU E 575 -50.90 46.88 -42.65
N GLY E 576 -50.38 48.01 -42.20
CA GLY E 576 -50.48 49.22 -43.00
C GLY E 576 -49.30 50.14 -42.78
N LEU E 577 -48.97 50.92 -43.81
CA LEU E 577 -47.98 51.97 -43.70
C LEU E 577 -48.68 53.26 -44.17
N PHE E 578 -48.78 54.25 -43.29
CA PHE E 578 -49.57 55.46 -43.58
C PHE E 578 -48.74 56.72 -43.34
N THR E 579 -48.73 57.65 -44.29
CA THR E 579 -48.06 58.92 -44.01
C THR E 579 -48.79 59.56 -42.85
N ASP E 580 -48.05 60.15 -41.92
CA ASP E 580 -48.68 60.61 -40.69
C ASP E 580 -49.69 61.74 -40.96
N ASP E 581 -49.41 62.56 -41.97
CA ASP E 581 -50.23 63.74 -42.20
C ASP E 581 -51.19 63.56 -43.37
N GLY E 582 -51.17 62.37 -43.99
CA GLY E 582 -52.11 62.08 -45.05
C GLY E 582 -51.73 62.59 -46.44
N THR E 583 -50.54 63.17 -46.57
CA THR E 583 -50.02 63.49 -47.89
C THR E 583 -49.78 62.18 -48.62
N ASN E 584 -50.00 62.18 -49.93
CA ASN E 584 -49.69 60.99 -50.74
C ASN E 584 -48.18 60.75 -50.76
N PHE E 585 -47.79 59.48 -50.75
CA PHE E 585 -46.40 59.14 -50.97
C PHE E 585 -46.02 59.65 -52.36
N SER E 586 -44.82 60.21 -52.48
CA SER E 586 -44.38 60.80 -53.75
C SER E 586 -43.61 59.80 -54.62
N SER E 587 -43.28 58.66 -54.04
N SER E 587 -43.29 58.64 -54.05
CA SER E 587 -42.57 57.60 -54.76
CA SER E 587 -42.57 57.62 -54.80
C SER E 587 -43.28 56.27 -54.56
C SER E 587 -43.09 56.21 -54.49
N ALA E 588 -43.17 55.39 -55.53
CA ALA E 588 -43.70 54.05 -55.43
C ALA E 588 -42.53 53.11 -55.22
N VAL E 589 -42.26 52.77 -53.97
CA VAL E 589 -41.10 51.94 -53.64
C VAL E 589 -41.42 50.91 -52.57
N THR E 590 -40.55 49.92 -52.42
CA THR E 590 -40.80 48.84 -51.48
C THR E 590 -40.47 49.24 -50.04
N ASN E 591 -41.13 48.57 -49.10
CA ASN E 591 -40.87 48.69 -47.65
C ASN E 591 -41.14 47.31 -47.06
N GLN E 592 -40.44 46.96 -45.98
CA GLN E 592 -40.72 45.71 -45.28
C GLN E 592 -41.48 46.01 -43.99
N LEU E 593 -42.69 45.46 -43.86
CA LEU E 593 -43.41 45.66 -42.61
C LEU E 593 -43.12 44.41 -41.77
N ASN E 594 -42.41 44.60 -40.67
CA ASN E 594 -42.06 43.53 -39.76
C ASN E 594 -43.15 43.44 -38.69
N TRP E 595 -43.89 42.33 -38.66
CA TRP E 595 -44.99 42.21 -37.72
C TRP E 595 -44.76 41.04 -36.78
N GLN E 596 -45.33 41.12 -35.59
CA GLN E 596 -45.43 39.96 -34.75
C GLN E 596 -46.62 40.07 -33.80
N ALA E 597 -47.05 38.92 -33.29
CA ALA E 597 -48.21 38.84 -32.43
C ALA E 597 -47.94 37.84 -31.32
N GLY E 598 -48.48 38.11 -30.13
CA GLY E 598 -48.40 37.17 -29.01
C GLY E 598 -49.28 37.66 -27.90
N ILE E 599 -49.42 36.87 -26.82
CA ILE E 599 -50.14 37.37 -25.64
C ILE E 599 -49.23 37.13 -24.45
N TYR E 600 -49.08 38.15 -23.60
CA TYR E 600 -47.99 38.17 -22.64
C TYR E 600 -48.47 38.70 -21.32
N GLU E 601 -49.53 38.12 -20.77
CA GLU E 601 -50.14 38.70 -19.59
C GLU E 601 -49.60 38.10 -18.30
N VAL E 602 -48.86 36.99 -18.40
CA VAL E 602 -48.43 36.31 -17.19
C VAL E 602 -47.04 35.74 -17.38
N GLY F 13 -25.54 -19.44 1.55
CA GLY F 13 -24.37 -19.93 2.27
C GLY F 13 -24.32 -21.44 2.42
N ARG F 14 -23.25 -21.92 3.07
CA ARG F 14 -23.10 -23.35 3.36
C ARG F 14 -22.82 -23.73 4.83
N VAL F 15 -22.13 -22.86 5.59
CA VAL F 15 -22.01 -23.08 7.04
C VAL F 15 -22.96 -22.20 7.85
N THR F 16 -23.47 -22.73 8.95
CA THR F 16 -24.35 -21.95 9.81
C THR F 16 -23.67 -21.74 11.16
N PRO F 17 -24.15 -20.77 11.93
CA PRO F 17 -23.58 -20.53 13.26
C PRO F 17 -23.85 -21.75 14.18
N ALA F 18 -24.94 -22.46 13.92
CA ALA F 18 -25.28 -23.65 14.73
C ALA F 18 -24.20 -24.72 14.62
N GLN F 19 -23.64 -24.87 13.41
CA GLN F 19 -22.57 -25.82 13.19
C GLN F 19 -21.37 -25.48 14.07
N PHE F 20 -21.26 -24.20 14.45
CA PHE F 20 -20.18 -23.73 15.31
C PHE F 20 -20.62 -23.46 16.74
N GLY F 21 -21.80 -24.01 17.08
CA GLY F 21 -22.25 -24.05 18.45
C GLY F 21 -23.14 -22.91 18.91
N ALA F 22 -23.73 -22.18 17.96
CA ALA F 22 -24.54 -21.02 18.31
C ALA F 22 -25.84 -21.45 18.97
N VAL F 23 -26.40 -20.56 19.78
CA VAL F 23 -27.70 -20.79 20.40
C VAL F 23 -28.78 -19.98 19.70
N GLY F 24 -28.58 -18.67 19.59
CA GLY F 24 -29.53 -17.79 18.93
C GLY F 24 -30.97 -17.78 19.44
N ASP F 25 -31.17 -17.97 20.75
CA ASP F 25 -32.54 -17.98 21.29
C ASP F 25 -32.94 -16.63 21.91
N GLY F 26 -32.13 -15.61 21.67
CA GLY F 26 -32.42 -14.29 22.19
C GLY F 26 -31.90 -14.03 23.59
N ALA F 27 -31.44 -15.08 24.28
CA ALA F 27 -30.84 -14.93 25.62
C ALA F 27 -29.32 -14.92 25.58
N SER F 28 -28.70 -14.34 26.60
CA SER F 28 -27.25 -14.36 26.71
C SER F 28 -26.74 -15.76 27.08
N HIS F 29 -25.59 -16.15 26.53
CA HIS F 29 -24.95 -17.42 26.84
C HIS F 29 -23.44 -17.28 26.78
N PRO F 30 -22.82 -16.90 27.90
CA PRO F 30 -21.36 -16.74 27.95
C PRO F 30 -20.66 -18.07 27.76
N LEU F 31 -19.45 -18.07 27.20
CA LEU F 31 -18.68 -19.29 26.96
C LEU F 31 -18.48 -20.12 28.24
N SER F 32 -18.52 -19.45 29.38
CA SER F 32 -18.37 -20.14 30.65
C SER F 32 -19.49 -21.17 30.90
N GLU F 33 -20.62 -21.00 30.21
CA GLU F 33 -21.68 -22.02 30.28
C GLU F 33 -21.21 -23.38 29.75
N ARG F 34 -20.20 -23.39 28.89
CA ARG F 34 -19.70 -24.62 28.28
C ARG F 34 -18.27 -24.99 28.60
N TYR F 35 -17.43 -24.01 28.88
CA TYR F 35 -16.00 -24.27 29.06
C TYR F 35 -15.52 -23.81 30.42
N ALA F 36 -14.76 -24.69 31.08
CA ALA F 36 -14.24 -24.41 32.41
C ALA F 36 -13.13 -23.37 32.37
N THR F 37 -12.26 -23.47 31.38
CA THR F 37 -11.16 -22.54 31.25
C THR F 37 -11.18 -21.83 29.88
N LEU F 38 -10.53 -20.68 29.82
CA LEU F 38 -10.41 -19.94 28.58
C LEU F 38 -9.69 -20.83 27.54
N ALA F 39 -8.64 -21.53 27.97
CA ALA F 39 -7.84 -22.33 27.03
C ALA F 39 -8.69 -23.37 26.32
N GLU F 40 -9.58 -24.00 27.07
CA GLU F 40 -10.49 -24.99 26.52
C GLU F 40 -11.53 -24.39 25.58
N ALA F 41 -11.97 -23.17 25.88
CA ALA F 41 -12.84 -22.45 24.95
C ALA F 41 -12.05 -22.15 23.70
N GLN F 42 -10.76 -21.85 23.88
CA GLN F 42 -9.92 -21.51 22.74
C GLN F 42 -9.55 -22.70 21.88
N THR F 43 -9.66 -23.89 22.45
CA THR F 43 -9.55 -25.12 21.66
C THR F 43 -10.62 -25.09 20.55
N VAL F 44 -11.82 -24.69 20.92
CA VAL F 44 -12.92 -24.55 19.96
C VAL F 44 -12.91 -23.21 19.22
N TYR F 45 -12.71 -22.13 19.95
CA TYR F 45 -12.78 -20.79 19.40
C TYR F 45 -11.44 -20.08 19.62
N PRO F 46 -10.52 -20.24 18.67
CA PRO F 46 -9.12 -19.76 18.83
C PRO F 46 -9.03 -18.28 19.19
N HIS F 47 -9.96 -17.47 18.72
CA HIS F 47 -9.86 -16.05 19.03
C HIS F 47 -10.89 -15.55 20.03
N ALA F 48 -11.42 -16.46 20.86
CA ALA F 48 -12.20 -16.03 22.01
C ALA F 48 -11.29 -15.18 22.93
N VAL F 49 -11.84 -14.15 23.55
CA VAL F 49 -11.04 -13.29 24.42
C VAL F 49 -11.20 -13.63 25.90
N ALA F 50 -12.43 -13.86 26.33
CA ALA F 50 -12.73 -14.16 27.73
C ALA F 50 -13.89 -15.15 27.80
N LEU F 51 -13.94 -15.91 28.88
CA LEU F 51 -15.06 -16.82 29.09
C LEU F 51 -16.40 -16.08 29.18
N SER F 52 -16.37 -14.76 29.35
CA SER F 52 -17.62 -13.98 29.40
C SER F 52 -18.14 -13.60 28.00
N ASP F 53 -17.33 -13.85 26.95
CA ASP F 53 -17.78 -13.66 25.56
C ASP F 53 -19.02 -14.49 25.22
N GLU F 54 -19.89 -13.96 24.36
CA GLU F 54 -21.14 -14.65 23.97
C GLU F 54 -20.86 -15.87 23.09
N ILE F 55 -21.51 -16.99 23.40
CA ILE F 55 -21.44 -18.15 22.53
C ILE F 55 -21.87 -17.83 21.08
N ASP F 56 -22.95 -17.06 20.92
CA ASP F 56 -23.44 -16.67 19.59
C ASP F 56 -22.36 -15.90 18.83
N TRP F 57 -21.63 -15.02 19.54
CA TRP F 57 -20.59 -14.26 18.86
C TRP F 57 -19.46 -15.19 18.44
N ALA F 58 -19.05 -16.05 19.37
CA ALA F 58 -17.91 -16.92 19.12
C ALA F 58 -18.20 -17.82 17.92
N ALA F 59 -19.43 -18.35 17.90
CA ALA F 59 -19.90 -19.19 16.77
C ALA F 59 -20.01 -18.43 15.44
N LEU F 60 -20.55 -17.22 15.47
N LEU F 60 -20.55 -17.23 15.48
CA LEU F 60 -20.71 -16.47 14.23
CA LEU F 60 -20.73 -16.44 14.26
C LEU F 60 -19.34 -16.09 13.67
C LEU F 60 -19.38 -16.03 13.68
N GLN F 61 -18.45 -15.63 14.55
CA GLN F 61 -17.13 -15.29 14.12
C GLN F 61 -16.36 -16.50 13.57
N ALA F 62 -16.53 -17.66 14.21
CA ALA F 62 -15.89 -18.89 13.74
C ALA F 62 -16.45 -19.29 12.37
N ALA F 63 -17.74 -19.10 12.18
CA ALA F 63 -18.36 -19.41 10.88
C ALA F 63 -17.76 -18.53 9.79
N VAL F 64 -17.64 -17.23 10.07
CA VAL F 64 -17.01 -16.31 9.13
C VAL F 64 -15.58 -16.76 8.87
N ASP F 65 -14.87 -17.11 9.94
CA ASP F 65 -13.45 -17.47 9.85
C ASP F 65 -13.16 -18.72 9.04
N SER F 66 -14.17 -19.58 8.90
CA SER F 66 -14.04 -20.78 8.07
C SER F 66 -13.74 -20.42 6.61
N GLY F 67 -14.12 -19.23 6.18
CA GLY F 67 -13.88 -18.82 4.81
C GLY F 67 -15.01 -19.23 3.88
N ALA F 68 -15.95 -20.05 4.36
CA ALA F 68 -17.13 -20.42 3.57
C ALA F 68 -18.22 -19.34 3.68
N PRO F 69 -19.14 -19.26 2.70
CA PRO F 69 -20.32 -18.41 2.87
C PRO F 69 -21.13 -18.83 4.08
N VAL F 70 -21.59 -17.86 4.86
CA VAL F 70 -22.33 -18.15 6.07
C VAL F 70 -23.83 -17.95 5.84
N HIS F 71 -24.61 -18.96 6.19
CA HIS F 71 -26.05 -18.81 6.21
C HIS F 71 -26.49 -18.69 7.66
N ILE F 72 -27.22 -17.62 7.97
CA ILE F 72 -27.69 -17.41 9.33
C ILE F 72 -29.18 -17.71 9.42
N PRO F 73 -29.54 -18.85 10.01
CA PRO F 73 -30.96 -19.19 10.11
C PRO F 73 -31.67 -18.23 11.03
N SER F 74 -32.98 -18.15 10.85
CA SER F 74 -33.81 -17.31 11.68
C SER F 74 -33.50 -17.55 13.16
N GLY F 75 -33.32 -16.47 13.90
CA GLY F 75 -32.87 -16.56 15.27
C GLY F 75 -32.46 -15.19 15.78
N ASP F 76 -32.07 -15.13 17.05
CA ASP F 76 -31.75 -13.85 17.66
C ASP F 76 -30.40 -14.01 18.35
N TYR F 77 -29.35 -13.56 17.66
CA TYR F 77 -27.98 -13.88 18.04
C TYR F 77 -27.35 -12.76 18.89
N GLN F 78 -26.96 -13.07 20.12
CA GLN F 78 -26.44 -12.09 21.05
C GLN F 78 -24.92 -11.98 20.89
N ILE F 79 -24.44 -10.78 20.58
CA ILE F 79 -23.00 -10.61 20.42
C ILE F 79 -22.47 -9.47 21.28
N ASN F 80 -21.27 -9.67 21.84
CA ASN F 80 -20.61 -8.67 22.66
C ASN F 80 -19.39 -8.04 22.00
N ARG F 81 -19.05 -8.49 20.78
CA ARG F 81 -17.95 -7.91 20.01
C ARG F 81 -18.40 -7.87 18.55
N GLY F 82 -17.74 -7.09 17.71
CA GLY F 82 -18.10 -7.06 16.30
C GLY F 82 -17.77 -8.39 15.62
N ILE F 83 -18.49 -8.69 14.54
CA ILE F 83 -18.09 -9.77 13.65
C ILE F 83 -17.27 -9.12 12.54
N SER F 84 -16.00 -9.51 12.41
CA SER F 84 -15.16 -8.80 11.45
C SER F 84 -14.38 -9.73 10.54
N SER F 85 -13.92 -9.20 9.41
CA SER F 85 -13.11 -10.00 8.50
C SER F 85 -12.19 -9.11 7.69
N THR F 86 -11.19 -9.73 7.10
CA THR F 86 -10.36 -9.03 6.12
C THR F 86 -10.64 -9.60 4.72
N GLY F 87 -10.68 -8.74 3.71
CA GLY F 87 -10.82 -9.19 2.33
C GLY F 87 -12.16 -9.68 1.85
N SER F 88 -12.83 -10.52 2.64
N SER F 88 -12.82 -10.53 2.64
CA SER F 88 -14.12 -11.05 2.20
CA SER F 88 -14.09 -11.14 2.21
C SER F 88 -15.09 -11.34 3.36
C SER F 88 -15.09 -11.44 3.35
N LEU F 89 -16.38 -11.22 3.07
CA LEU F 89 -17.41 -11.47 4.07
C LEU F 89 -18.71 -11.85 3.37
N GLN F 90 -19.20 -13.07 3.60
CA GLN F 90 -20.40 -13.53 2.89
C GLN F 90 -21.37 -14.04 3.92
N ILE F 91 -22.45 -13.29 4.08
CA ILE F 91 -23.46 -13.59 5.09
C ILE F 91 -24.85 -13.40 4.52
N ALA F 92 -25.67 -14.45 4.57
CA ALA F 92 -27.07 -14.38 4.12
C ALA F 92 -27.98 -15.02 5.14
N GLY F 93 -29.10 -14.37 5.44
CA GLY F 93 -30.03 -14.93 6.41
C GLY F 93 -31.36 -15.32 5.78
N ASP F 94 -32.38 -15.46 6.62
CA ASP F 94 -33.72 -15.81 6.14
C ASP F 94 -34.65 -14.61 6.06
N GLY F 95 -34.08 -13.41 6.14
CA GLY F 95 -34.88 -12.21 6.15
C GLY F 95 -34.76 -11.53 7.50
N ALA F 96 -35.80 -10.80 7.87
CA ALA F 96 -35.74 -9.93 9.03
C ALA F 96 -35.75 -10.65 10.36
N THR F 97 -36.08 -11.94 10.34
CA THR F 97 -36.02 -12.78 11.55
C THR F 97 -34.62 -13.37 11.82
N SER F 98 -33.68 -13.19 10.90
CA SER F 98 -32.28 -13.53 11.17
C SER F 98 -31.63 -12.28 11.82
N ILE F 99 -31.67 -12.21 13.14
CA ILE F 99 -31.30 -11.02 13.87
C ILE F 99 -29.91 -11.13 14.52
N ILE F 100 -29.07 -10.13 14.26
CA ILE F 100 -27.81 -9.97 15.00
C ILE F 100 -27.98 -8.82 15.99
N ARG F 101 -27.74 -9.08 17.26
CA ARG F 101 -28.07 -8.11 18.28
C ARG F 101 -26.95 -7.92 19.30
N PRO F 102 -26.18 -6.82 19.17
CA PRO F 102 -25.24 -6.40 20.21
C PRO F 102 -25.92 -6.36 21.59
N THR F 103 -25.25 -6.90 22.60
CA THR F 103 -25.75 -6.90 23.97
C THR F 103 -25.27 -5.61 24.64
N ALA F 104 -25.74 -5.34 25.87
CA ALA F 104 -25.29 -4.18 26.64
C ALA F 104 -23.78 -4.16 26.83
N ALA F 105 -23.16 -5.33 26.85
CA ALA F 105 -21.71 -5.44 27.08
C ALA F 105 -20.89 -5.25 25.81
N PHE F 106 -21.54 -4.87 24.71
CA PHE F 106 -20.88 -4.86 23.41
C PHE F 106 -19.68 -3.93 23.39
N THR F 107 -18.57 -4.39 22.85
CA THR F 107 -17.46 -3.49 22.56
C THR F 107 -17.07 -3.71 21.11
N GLY F 108 -16.64 -2.65 20.45
CA GLY F 108 -16.36 -2.75 19.04
C GLY F 108 -16.89 -1.55 18.30
N THR F 109 -16.30 -1.31 17.13
CA THR F 109 -16.62 -0.15 16.32
C THR F 109 -17.83 -0.42 15.42
N SER F 110 -17.90 -1.62 14.88
CA SER F 110 -19.01 -1.95 13.98
C SER F 110 -19.65 -3.30 14.34
N VAL F 111 -20.92 -3.45 14.06
CA VAL F 111 -21.55 -4.76 14.32
C VAL F 111 -21.00 -5.80 13.34
N LEU F 112 -20.94 -5.42 12.06
CA LEU F 112 -20.44 -6.29 11.01
C LEU F 112 -19.44 -5.48 10.17
N SER F 113 -18.28 -6.06 9.87
CA SER F 113 -17.32 -5.34 9.04
C SER F 113 -16.38 -6.22 8.21
N CYS F 114 -16.00 -5.68 7.05
CA CYS F 114 -15.00 -6.28 6.20
C CYS F 114 -14.09 -5.17 5.67
N VAL F 115 -12.80 -5.41 5.75
CA VAL F 115 -11.82 -4.42 5.32
C VAL F 115 -10.91 -5.10 4.30
N GLY F 116 -10.83 -4.53 3.10
CA GLY F 116 -9.85 -4.98 2.14
C GLY F 116 -8.48 -4.30 2.30
N SER F 117 -7.66 -4.34 1.25
CA SER F 117 -6.29 -3.83 1.34
C SER F 117 -5.98 -2.85 0.24
N LEU F 118 -5.14 -1.87 0.57
CA LEU F 118 -4.61 -0.95 -0.43
C LEU F 118 -3.11 -1.30 -0.58
N VAL F 119 -2.75 -1.90 -1.71
CA VAL F 119 -1.38 -2.40 -1.91
C VAL F 119 -0.61 -1.45 -2.82
N ALA F 120 0.58 -1.07 -2.39
CA ALA F 120 1.36 -0.09 -3.14
C ALA F 120 1.57 -0.53 -4.59
N LEU F 121 1.28 0.40 -5.51
CA LEU F 121 1.63 0.29 -6.93
C LEU F 121 2.76 1.28 -7.19
N PRO F 122 3.47 1.12 -8.33
CA PRO F 122 4.56 2.07 -8.63
C PRO F 122 4.01 3.48 -8.79
N ASN F 123 4.90 4.47 -8.70
CA ASN F 123 4.49 5.84 -8.99
C ASN F 123 4.22 6.01 -10.49
N ILE F 124 3.60 7.14 -10.85
CA ILE F 124 3.20 7.40 -12.23
C ILE F 124 3.72 8.76 -12.71
N SER F 125 3.85 8.90 -14.03
CA SER F 125 4.10 10.18 -14.69
C SER F 125 2.88 11.11 -14.56
N SER F 126 3.11 12.42 -14.72
CA SER F 126 2.00 13.39 -14.66
C SER F 126 1.01 13.06 -15.75
N VAL F 127 -0.28 13.30 -15.49
CA VAL F 127 -1.33 12.90 -16.44
C VAL F 127 -2.40 13.98 -16.45
N SER F 128 -3.04 14.16 -17.60
N SER F 128 -3.04 14.19 -17.59
CA SER F 128 -4.06 15.20 -17.79
CA SER F 128 -4.04 15.25 -17.69
C SER F 128 -5.47 14.70 -17.52
C SER F 128 -5.45 14.72 -17.53
N ALA F 129 -6.35 15.61 -17.13
CA ALA F 129 -7.77 15.26 -16.96
C ALA F 129 -8.27 14.74 -18.31
N GLY F 130 -9.20 13.78 -18.29
CA GLY F 130 -9.72 13.24 -19.55
C GLY F 130 -8.87 12.14 -20.19
N SER F 131 -7.70 11.87 -19.62
CA SER F 131 -6.81 10.85 -20.20
C SER F 131 -7.31 9.43 -19.88
N LEU F 132 -6.94 8.47 -20.73
CA LEU F 132 -7.22 7.06 -20.44
C LEU F 132 -5.94 6.20 -20.45
N THR F 133 -4.79 6.83 -20.22
CA THR F 133 -3.50 6.14 -20.27
C THR F 133 -2.65 6.60 -19.09
N ILE F 134 -2.15 5.65 -18.31
CA ILE F 134 -1.37 5.96 -17.12
C ILE F 134 0.04 5.38 -17.35
N ASP F 135 1.08 6.16 -17.12
CA ASP F 135 2.44 5.65 -17.29
C ASP F 135 3.09 5.39 -15.94
N PHE F 136 3.21 4.12 -15.58
CA PHE F 136 3.84 3.73 -14.33
C PHE F 136 5.36 3.78 -14.46
N ALA F 137 6.04 4.08 -13.35
CA ALA F 137 7.49 4.26 -13.35
C ALA F 137 8.25 2.93 -13.36
N SER F 138 7.58 1.86 -12.97
CA SER F 138 8.08 0.50 -13.14
C SER F 138 6.91 -0.45 -13.37
N THR F 139 7.22 -1.74 -13.56
CA THR F 139 6.19 -2.69 -13.99
C THR F 139 5.10 -2.84 -12.92
N PRO F 140 3.85 -2.48 -13.28
CA PRO F 140 2.78 -2.60 -12.27
C PRO F 140 2.17 -3.98 -12.26
N ASN F 141 1.81 -4.46 -11.07
CA ASN F 141 1.16 -5.75 -10.91
C ASN F 141 -0.36 -5.64 -11.14
N LEU F 142 -0.75 -5.50 -12.39
CA LEU F 142 -2.15 -5.20 -12.73
C LEU F 142 -2.52 -5.99 -13.97
N VAL F 143 -3.78 -6.42 -14.04
CA VAL F 143 -4.34 -6.98 -15.27
C VAL F 143 -5.71 -6.36 -15.51
N ALA F 144 -6.27 -6.60 -16.70
CA ALA F 144 -7.56 -6.06 -17.06
C ALA F 144 -8.58 -6.37 -15.97
N GLY F 145 -9.36 -5.36 -15.57
CA GLY F 145 -10.42 -5.55 -14.59
C GLY F 145 -9.99 -5.13 -13.19
N ASP F 146 -8.68 -5.05 -12.97
CA ASP F 146 -8.17 -4.61 -11.67
C ASP F 146 -8.56 -3.14 -11.41
N VAL F 147 -8.58 -2.76 -10.14
CA VAL F 147 -9.01 -1.42 -9.73
C VAL F 147 -7.92 -0.79 -8.88
N PHE F 148 -7.58 0.47 -9.15
CA PHE F 148 -6.59 1.16 -8.32
C PHE F 148 -6.98 2.58 -8.01
N ILE F 149 -6.40 3.13 -6.95
CA ILE F 149 -6.70 4.48 -6.52
C ILE F 149 -5.47 5.34 -6.72
N ILE F 150 -5.64 6.43 -7.45
CA ILE F 150 -4.62 7.47 -7.49
C ILE F 150 -4.94 8.36 -6.30
N TYR F 151 -3.93 8.67 -5.47
CA TYR F 151 -4.22 9.40 -4.22
C TYR F 151 -3.21 10.50 -3.97
N ASN F 152 -3.70 11.74 -3.77
CA ASN F 152 -2.87 12.86 -3.37
C ASN F 152 -2.96 13.11 -1.86
N PRO F 153 -1.92 12.78 -1.10
CA PRO F 153 -2.05 12.97 0.37
C PRO F 153 -2.03 14.44 0.80
N THR F 154 -1.83 15.38 -0.13
CA THR F 154 -1.82 16.81 0.25
C THR F 154 -3.22 17.27 0.69
N ASP F 155 -3.31 17.92 1.86
CA ASP F 155 -4.59 18.40 2.37
C ASP F 155 -5.25 19.33 1.38
N SER F 156 -6.59 19.22 1.29
CA SER F 156 -7.40 20.06 0.40
C SER F 156 -7.00 20.02 -1.08
N SER F 157 -6.28 18.99 -1.51
CA SER F 157 -5.87 18.96 -2.92
C SER F 157 -7.05 18.83 -3.89
N PHE F 158 -8.22 18.36 -3.45
CA PHE F 158 -9.42 18.46 -4.30
C PHE F 158 -10.19 19.76 -4.05
N SER F 159 -10.43 20.07 -2.77
CA SER F 159 -11.20 21.25 -2.40
C SER F 159 -10.64 21.91 -1.14
N GLY F 160 -10.54 23.23 -1.18
CA GLY F 160 -10.06 23.99 -0.04
C GLY F 160 -11.04 24.09 1.13
N PHE F 161 -12.27 23.61 0.95
CA PHE F 161 -13.25 23.73 2.02
C PHE F 161 -12.94 22.90 3.28
N ARG F 162 -12.32 21.74 3.13
CA ARG F 162 -11.87 20.95 4.29
C ARG F 162 -10.55 20.28 3.95
N THR F 163 -9.70 20.10 4.95
CA THR F 163 -8.37 19.54 4.69
C THR F 163 -8.43 18.12 4.17
N SER F 164 -9.46 17.37 4.56
CA SER F 164 -9.61 15.98 4.16
C SER F 164 -10.21 15.81 2.76
N TYR F 165 -10.59 16.91 2.12
CA TYR F 165 -11.05 16.85 0.72
C TYR F 165 -9.84 16.73 -0.18
N ARG F 166 -9.23 15.54 -0.20
CA ARG F 166 -8.00 15.35 -0.96
C ARG F 166 -8.34 14.81 -2.34
N ALA F 167 -7.38 14.95 -3.25
CA ALA F 167 -7.58 14.63 -4.66
C ALA F 167 -7.21 13.20 -4.98
N GLY F 168 -7.74 12.69 -6.09
CA GLY F 168 -7.45 11.35 -6.57
C GLY F 168 -8.71 10.74 -7.16
N GLU F 169 -8.64 9.48 -7.57
CA GLU F 169 -9.84 8.77 -8.06
C GLU F 169 -9.58 7.28 -8.25
N PHE F 170 -10.63 6.52 -8.56
CA PHE F 170 -10.52 5.07 -8.76
C PHE F 170 -10.48 4.82 -10.25
N CYS F 171 -9.58 3.95 -10.69
CA CYS F 171 -9.42 3.64 -12.11
C CYS F 171 -9.64 2.16 -12.29
N GLU F 172 -10.22 1.77 -13.42
CA GLU F 172 -10.45 0.35 -13.68
C GLU F 172 -9.62 -0.05 -14.90
N VAL F 173 -8.75 -1.04 -14.74
CA VAL F 173 -7.77 -1.35 -15.80
C VAL F 173 -8.40 -1.90 -17.08
N ARG F 174 -8.03 -1.31 -18.21
CA ARG F 174 -8.40 -1.86 -19.52
C ARG F 174 -7.37 -2.86 -20.05
N ALA F 175 -6.10 -2.46 -20.12
CA ALA F 175 -5.06 -3.31 -20.64
C ALA F 175 -3.73 -2.86 -20.09
N VAL F 176 -2.75 -3.74 -20.13
CA VAL F 176 -1.42 -3.38 -19.65
C VAL F 176 -0.45 -3.73 -20.73
N SER F 177 0.40 -2.77 -21.09
CA SER F 177 1.51 -3.08 -21.99
C SER F 177 2.81 -2.53 -21.41
N GLY F 178 3.64 -3.43 -20.89
CA GLY F 178 4.84 -2.98 -20.21
C GLY F 178 4.49 -2.12 -19.00
N ASN F 179 4.94 -0.88 -19.00
CA ASN F 179 4.63 0.01 -17.88
C ASN F 179 3.44 0.92 -18.18
N THR F 180 2.82 0.74 -19.35
CA THR F 180 1.68 1.56 -19.74
C THR F 180 0.38 0.84 -19.41
N VAL F 181 -0.46 1.48 -18.61
CA VAL F 181 -1.76 0.92 -18.24
C VAL F 181 -2.86 1.82 -18.80
N THR F 182 -3.69 1.28 -19.67
CA THR F 182 -4.87 2.03 -20.07
C THR F 182 -6.06 1.67 -19.19
N ILE F 183 -7.02 2.59 -19.10
CA ILE F 183 -8.12 2.48 -18.16
C ILE F 183 -9.47 2.57 -18.87
N ARG F 184 -10.51 2.10 -18.22
CA ARG F 184 -11.80 1.94 -18.90
C ARG F 184 -12.64 3.20 -19.03
N SER F 185 -12.38 4.22 -18.21
CA SER F 185 -13.09 5.48 -18.36
C SER F 185 -12.14 6.65 -18.10
N ALA F 186 -12.44 7.78 -18.72
CA ALA F 186 -11.60 8.99 -18.66
C ALA F 186 -11.39 9.50 -17.21
N LEU F 187 -10.17 9.94 -16.91
CA LEU F 187 -9.87 10.57 -15.63
C LEU F 187 -10.69 11.84 -15.43
N TYR F 188 -11.16 12.05 -14.20
CA TYR F 188 -11.90 13.25 -13.85
C TYR F 188 -10.97 14.43 -13.65
N ALA F 189 -9.74 14.16 -13.25
CA ALA F 189 -8.81 15.24 -12.94
C ALA F 189 -7.40 14.96 -13.45
N ALA F 190 -6.58 16.02 -13.48
CA ALA F 190 -5.16 15.89 -13.79
C ALA F 190 -4.39 15.60 -12.51
N TYR F 191 -3.24 14.94 -12.64
CA TYR F 191 -2.36 14.67 -11.49
C TYR F 191 -0.92 14.92 -11.90
N ASP F 192 -0.21 15.63 -11.02
CA ASP F 192 1.24 15.80 -11.07
C ASP F 192 1.85 14.53 -10.46
N GLY F 193 2.64 13.80 -11.25
CA GLY F 193 3.17 12.52 -10.81
C GLY F 193 3.98 12.56 -9.51
N ALA F 194 4.57 13.72 -9.21
CA ALA F 194 5.37 13.85 -8.00
C ALA F 194 4.51 14.02 -6.76
N THR F 195 3.20 14.14 -6.94
CA THR F 195 2.31 14.44 -5.83
C THR F 195 1.36 13.32 -5.45
N VAL F 196 1.34 12.21 -6.18
CA VAL F 196 0.37 11.13 -5.88
C VAL F 196 1.02 9.79 -5.58
N ALA F 197 0.36 8.99 -4.75
CA ALA F 197 0.73 7.63 -4.45
C ALA F 197 -0.41 6.79 -4.99
N ILE F 198 -0.08 5.62 -5.51
CA ILE F 198 -1.05 4.75 -6.16
C ILE F 198 -1.21 3.44 -5.38
N TYR F 199 -2.45 2.99 -5.25
CA TYR F 199 -2.76 1.77 -4.50
C TYR F 199 -3.71 0.86 -5.22
N LYS F 200 -3.34 -0.41 -5.33
CA LYS F 200 -4.23 -1.42 -5.90
C LYS F 200 -5.26 -1.81 -4.84
N VAL F 201 -6.54 -1.91 -5.22
CA VAL F 201 -7.58 -2.34 -4.28
C VAL F 201 -7.67 -3.86 -4.30
N VAL F 202 -7.23 -4.48 -3.21
CA VAL F 202 -7.16 -5.93 -3.15
C VAL F 202 -8.17 -6.41 -2.13
N SER F 203 -9.17 -7.13 -2.63
CA SER F 203 -10.31 -7.55 -1.82
C SER F 203 -10.99 -8.76 -2.47
N GLY F 204 -11.76 -9.49 -1.67
CA GLY F 204 -12.53 -10.61 -2.17
C GLY F 204 -14.02 -10.29 -2.18
N VAL F 205 -14.84 -11.33 -2.06
CA VAL F 205 -16.29 -11.17 -2.17
C VAL F 205 -16.94 -10.66 -0.89
N VAL F 206 -17.68 -9.57 -0.99
CA VAL F 206 -18.47 -9.07 0.12
C VAL F 206 -19.92 -9.04 -0.29
N ASP F 207 -20.73 -9.81 0.43
CA ASP F 207 -22.14 -9.94 0.10
C ASP F 207 -22.87 -10.15 1.42
N ILE F 208 -23.67 -9.17 1.80
N ILE F 208 -23.70 -9.18 1.80
CA ILE F 208 -24.46 -9.23 3.02
CA ILE F 208 -24.45 -9.25 3.04
C ILE F 208 -25.93 -9.14 2.61
C ILE F 208 -25.94 -9.08 2.75
N ALA F 209 -26.74 -10.10 3.05
CA ALA F 209 -28.14 -10.12 2.62
C ALA F 209 -29.10 -10.76 3.60
N SER F 210 -30.31 -10.23 3.61
CA SER F 210 -31.43 -10.92 4.23
C SER F 210 -31.19 -11.21 5.70
N ILE F 211 -30.72 -10.19 6.42
CA ILE F 211 -30.57 -10.25 7.86
C ILE F 211 -31.05 -8.93 8.45
N GLN F 212 -31.20 -8.92 9.77
CA GLN F 212 -31.52 -7.70 10.48
C GLN F 212 -30.46 -7.47 11.56
N ILE F 213 -29.88 -6.27 11.57
CA ILE F 213 -28.98 -5.85 12.63
C ILE F 213 -29.74 -4.91 13.55
N VAL F 214 -29.89 -5.29 14.82
CA VAL F 214 -30.53 -4.40 15.78
C VAL F 214 -29.34 -3.91 16.61
N GLY F 215 -28.77 -2.79 16.17
CA GLY F 215 -27.47 -2.35 16.64
C GLY F 215 -27.45 -1.77 18.05
N GLY F 216 -28.54 -1.12 18.44
CA GLY F 216 -28.60 -0.45 19.73
C GLY F 216 -27.74 0.81 19.78
N THR F 217 -27.28 1.17 20.98
CA THR F 217 -26.62 2.45 21.20
C THR F 217 -25.09 2.42 21.11
N VAL F 218 -24.48 1.24 21.18
CA VAL F 218 -23.01 1.21 21.34
C VAL F 218 -22.15 1.25 20.05
N PRO F 219 -22.49 0.44 19.04
CA PRO F 219 -21.58 0.44 17.89
C PRO F 219 -21.58 1.78 17.14
N MET F 220 -20.44 2.18 16.59
N MET F 220 -20.44 2.17 16.58
CA MET F 220 -20.42 3.40 15.77
CA MET F 220 -20.40 3.39 15.78
C MET F 220 -21.14 3.17 14.44
C MET F 220 -21.11 3.17 14.45
N ASN F 221 -20.92 1.98 13.87
CA ASN F 221 -21.52 1.60 12.59
C ASN F 221 -22.35 0.31 12.72
N GLY F 222 -23.47 0.21 12.01
CA GLY F 222 -24.11 -1.08 11.86
C GLY F 222 -23.25 -1.99 10.99
N LEU F 223 -23.01 -1.56 9.75
N LEU F 223 -23.03 -1.54 9.76
CA LEU F 223 -22.17 -2.33 8.84
CA LEU F 223 -22.19 -2.23 8.79
C LEU F 223 -21.10 -1.40 8.28
C LEU F 223 -21.05 -1.30 8.40
N LEU F 224 -19.84 -1.85 8.30
CA LEU F 224 -18.74 -1.10 7.69
C LEU F 224 -18.07 -1.99 6.63
N VAL F 225 -17.98 -1.51 5.39
CA VAL F 225 -17.21 -2.20 4.36
C VAL F 225 -16.21 -1.19 3.82
N GLU F 226 -14.92 -1.54 3.88
CA GLU F 226 -13.84 -0.62 3.54
C GLU F 226 -12.87 -1.22 2.50
N ALA F 227 -12.48 -0.43 1.49
CA ALA F 227 -11.46 -0.86 0.54
C ALA F 227 -11.83 -2.19 -0.16
N VAL F 228 -13.08 -2.27 -0.63
CA VAL F 228 -13.55 -3.47 -1.34
C VAL F 228 -14.09 -3.07 -2.70
N VAL F 229 -13.80 -3.87 -3.71
CA VAL F 229 -14.38 -3.75 -5.05
C VAL F 229 -15.72 -4.48 -5.12
N SER F 230 -16.75 -3.75 -5.54
CA SER F 230 -18.10 -4.27 -5.70
C SER F 230 -18.70 -5.03 -4.53
N PRO F 231 -18.64 -4.47 -3.31
CA PRO F 231 -19.40 -5.16 -2.26
C PRO F 231 -20.90 -5.01 -2.48
N ARG F 232 -21.68 -5.95 -1.94
CA ARG F 232 -23.13 -5.97 -2.11
C ARG F 232 -23.83 -6.08 -0.75
N VAL F 233 -24.79 -5.19 -0.51
CA VAL F 233 -25.69 -5.28 0.63
C VAL F 233 -27.12 -5.31 0.09
N ASP F 234 -27.91 -6.32 0.45
CA ASP F 234 -29.23 -6.39 -0.20
C ASP F 234 -30.26 -6.95 0.78
N ASP F 235 -31.48 -6.39 0.78
N ASP F 235 -31.46 -6.36 0.82
CA ASP F 235 -32.56 -6.90 1.61
CA ASP F 235 -32.54 -6.93 1.62
C ASP F 235 -32.19 -6.99 3.10
C ASP F 235 -32.18 -7.00 3.11
N VAL F 236 -31.54 -5.96 3.63
CA VAL F 236 -31.20 -5.91 5.05
C VAL F 236 -32.02 -4.87 5.78
N THR F 237 -32.19 -5.11 7.07
CA THR F 237 -32.81 -4.15 7.96
C THR F 237 -31.75 -3.82 9.00
N VAL F 238 -31.44 -2.54 9.18
CA VAL F 238 -30.47 -2.11 10.18
C VAL F 238 -31.06 -1.00 11.01
N THR F 239 -31.02 -1.14 12.33
CA THR F 239 -31.37 -0.03 13.22
C THR F 239 -30.18 0.21 14.13
N LEU F 240 -30.05 1.46 14.59
CA LEU F 240 -28.90 1.89 15.37
C LEU F 240 -29.26 3.21 16.02
N ALA F 241 -28.51 3.60 17.03
CA ALA F 241 -28.64 4.94 17.60
C ALA F 241 -27.21 5.39 17.83
N ASN F 242 -26.53 5.71 16.74
CA ASN F 242 -25.15 6.13 16.84
C ASN F 242 -24.73 6.81 15.54
N ASN F 243 -23.51 6.57 15.09
CA ASN F 243 -22.93 7.36 14.02
C ASN F 243 -23.40 7.05 12.60
N ALA F 244 -23.44 5.77 12.20
CA ALA F 244 -23.78 5.43 10.82
C ALA F 244 -24.41 4.05 10.70
N GLY F 245 -25.56 3.95 10.04
CA GLY F 245 -26.22 2.66 9.85
C GLY F 245 -25.39 1.74 8.98
N VAL F 246 -25.05 2.24 7.78
CA VAL F 246 -24.22 1.51 6.83
C VAL F 246 -23.17 2.47 6.30
N TYR F 247 -21.91 2.06 6.41
CA TYR F 247 -20.78 2.90 6.03
C TYR F 247 -19.92 2.15 5.01
N PHE F 248 -19.93 2.63 3.77
CA PHE F 248 -18.99 2.19 2.75
C PHE F 248 -17.84 3.19 2.67
N ALA F 249 -16.60 2.73 2.89
CA ALA F 249 -15.43 3.62 2.89
C ALA F 249 -14.44 3.11 1.84
N ARG F 250 -14.04 3.98 0.91
CA ARG F 250 -13.07 3.59 -0.11
C ARG F 250 -13.45 2.35 -0.89
N CYS F 251 -14.72 2.26 -1.25
CA CYS F 251 -15.19 1.14 -2.06
C CYS F 251 -15.45 1.61 -3.48
N TYR F 252 -15.26 0.69 -4.42
CA TYR F 252 -15.60 0.91 -5.83
C TYR F 252 -16.88 0.13 -6.12
N ASP F 253 -17.86 0.77 -6.74
CA ASP F 253 -19.11 0.06 -7.06
C ASP F 253 -19.76 -0.62 -5.85
N ALA F 254 -19.74 0.03 -4.68
CA ALA F 254 -20.56 -0.46 -3.56
C ALA F 254 -22.05 -0.25 -3.91
N LYS F 255 -22.86 -1.30 -3.77
CA LYS F 255 -24.30 -1.18 -4.00
C LYS F 255 -25.10 -1.66 -2.79
N ILE F 256 -26.02 -0.83 -2.30
CA ILE F 256 -26.98 -1.27 -1.32
C ILE F 256 -28.38 -1.15 -1.92
N THR F 257 -29.14 -2.24 -1.82
CA THR F 257 -30.41 -2.31 -2.53
C THR F 257 -31.50 -2.88 -1.63
N ASN F 258 -32.71 -2.37 -1.79
CA ASN F 258 -33.90 -2.97 -1.16
C ASN F 258 -33.78 -3.14 0.36
N SER F 259 -33.25 -2.14 1.03
CA SER F 259 -32.95 -2.28 2.42
C SER F 259 -33.65 -1.17 3.20
N ASN F 260 -33.82 -1.40 4.50
CA ASN F 260 -34.45 -0.43 5.38
C ASN F 260 -33.46 -0.09 6.46
N ILE F 261 -33.03 1.17 6.47
CA ILE F 261 -31.98 1.60 7.38
C ILE F 261 -32.54 2.69 8.27
N SER F 262 -32.37 2.55 9.58
CA SER F 262 -32.87 3.58 10.48
C SER F 262 -31.85 3.87 11.58
N ASN F 263 -31.29 5.07 11.60
CA ASN F 263 -30.35 5.46 12.63
C ASN F 263 -30.90 6.64 13.46
N ILE F 264 -31.30 6.31 14.68
CA ILE F 264 -31.74 7.30 15.65
C ILE F 264 -30.66 8.36 15.95
N GLY F 265 -29.40 7.98 15.82
CA GLY F 265 -28.30 8.90 16.06
C GLY F 265 -27.90 8.97 17.53
N ASP F 266 -26.70 9.47 17.79
CA ASP F 266 -26.25 9.81 19.15
C ASP F 266 -25.82 11.27 19.24
N GLY F 267 -26.24 12.10 18.28
CA GLY F 267 -25.84 13.50 18.27
C GLY F 267 -24.57 13.78 17.46
N GLY F 268 -24.04 12.75 16.80
CA GLY F 268 -22.88 12.87 15.95
C GLY F 268 -23.29 13.12 14.51
N ASP F 269 -22.59 12.48 13.56
CA ASP F 269 -22.86 12.63 12.13
C ASP F 269 -24.25 12.11 11.85
N ASP F 270 -24.60 11.03 12.54
CA ASP F 270 -25.95 10.48 12.53
C ASP F 270 -26.46 10.31 11.08
N TYR F 271 -25.73 9.48 10.34
CA TYR F 271 -26.04 9.11 8.94
C TYR F 271 -26.84 7.83 8.86
N GLY F 272 -27.69 7.68 7.83
CA GLY F 272 -28.30 6.38 7.57
C GLY F 272 -27.34 5.50 6.77
N ILE F 273 -27.17 5.82 5.49
CA ILE F 273 -26.13 5.22 4.66
C ILE F 273 -25.16 6.32 4.29
N ILE F 274 -23.87 6.05 4.45
CA ILE F 274 -22.83 7.03 4.06
C ILE F 274 -21.83 6.38 3.12
N PHE F 275 -21.55 7.06 2.00
CA PHE F 275 -20.50 6.62 1.07
C PHE F 275 -19.31 7.55 1.27
N GLY F 276 -18.29 7.07 1.98
CA GLY F 276 -17.10 7.87 2.20
C GLY F 276 -16.03 7.54 1.18
N ASN F 277 -15.53 8.52 0.44
CA ASN F 277 -14.44 8.27 -0.49
C ASN F 277 -14.71 7.10 -1.44
N CYS F 278 -15.95 7.03 -1.94
CA CYS F 278 -16.39 5.95 -2.81
C CYS F 278 -16.55 6.40 -4.25
N HIS F 279 -16.52 5.44 -5.16
CA HIS F 279 -16.56 5.74 -6.59
C HIS F 279 -17.41 4.63 -7.26
N ASP F 280 -18.40 5.03 -8.06
CA ASP F 280 -19.37 4.11 -8.68
C ASP F 280 -20.34 3.57 -7.63
N GLY F 281 -21.37 2.87 -8.11
CA GLY F 281 -22.35 2.26 -7.23
C GLY F 281 -23.38 3.24 -6.67
N GLY F 282 -23.94 2.91 -5.51
CA GLY F 282 -24.91 3.79 -4.89
C GLY F 282 -26.00 3.02 -4.17
N ALA F 283 -27.15 3.68 -3.96
CA ALA F 283 -28.25 3.05 -3.21
C ALA F 283 -29.52 3.03 -4.05
N ASP F 284 -30.27 1.93 -3.99
CA ASP F 284 -31.43 1.77 -4.85
C ASP F 284 -32.57 1.11 -4.09
N ASN F 285 -33.75 1.72 -4.15
CA ASN F 285 -34.95 1.16 -3.55
C ASN F 285 -34.80 0.93 -2.05
N CYS F 286 -34.19 1.88 -1.34
CA CYS F 286 -34.06 1.75 0.10
C CYS F 286 -35.03 2.72 0.77
N LYS F 287 -35.51 2.37 1.95
CA LYS F 287 -36.25 3.31 2.78
C LYS F 287 -35.31 3.62 3.96
N VAL F 288 -35.02 4.91 4.16
CA VAL F 288 -33.98 5.28 5.15
C VAL F 288 -34.50 6.40 6.05
N TYR F 289 -34.18 6.29 7.35
CA TYR F 289 -34.32 7.42 8.27
C TYR F 289 -32.98 7.57 9.00
N ALA F 290 -32.52 8.81 9.21
CA ALA F 290 -31.45 9.08 10.18
C ALA F 290 -31.62 10.48 10.70
N ARG F 291 -31.17 10.71 11.92
CA ARG F 291 -31.43 11.98 12.56
C ARG F 291 -30.95 13.16 11.72
N ARG F 292 -29.73 13.08 11.21
CA ARG F 292 -29.20 14.17 10.40
C ARG F 292 -29.33 13.95 8.89
N HIS F 293 -28.60 13.00 8.33
CA HIS F 293 -28.67 12.77 6.90
C HIS F 293 -29.05 11.35 6.64
N ALA F 294 -30.16 11.13 5.95
CA ALA F 294 -30.63 9.77 5.68
C ALA F 294 -29.59 9.05 4.80
N ILE F 295 -29.20 9.69 3.71
CA ILE F 295 -28.07 9.23 2.93
C ILE F 295 -27.05 10.38 2.86
N ALA F 296 -25.76 10.06 2.94
CA ALA F 296 -24.71 11.09 2.80
C ALA F 296 -23.52 10.59 2.01
N THR F 297 -22.67 11.52 1.55
CA THR F 297 -21.37 11.18 1.01
C THR F 297 -20.34 12.09 1.68
N GLY F 298 -19.08 11.69 1.64
CA GLY F 298 -18.05 12.43 2.35
C GLY F 298 -16.82 11.58 2.45
N GLY F 299 -16.40 11.30 3.67
CA GLY F 299 -15.24 10.44 3.85
C GLY F 299 -14.48 10.83 5.10
N ASP F 300 -13.24 10.36 5.19
CA ASP F 300 -12.46 10.65 6.39
C ASP F 300 -11.09 11.22 5.99
N ALA F 301 -10.10 11.11 6.87
CA ALA F 301 -8.78 11.61 6.52
C ALA F 301 -7.77 10.48 6.28
N GLU F 302 -8.26 9.26 6.09
CA GLU F 302 -7.34 8.11 5.95
C GLU F 302 -6.69 8.01 4.56
N VAL F 303 -5.63 7.21 4.43
CA VAL F 303 -5.00 7.01 3.14
C VAL F 303 -6.05 6.64 2.08
N GLY F 304 -5.99 7.28 0.91
CA GLY F 304 -6.95 6.98 -0.15
C GLY F 304 -8.31 7.68 0.00
N CYS F 305 -8.37 8.75 0.78
CA CYS F 305 -9.63 9.47 0.98
C CYS F 305 -9.94 10.43 -0.17
N VAL F 306 -10.16 9.83 -1.36
CA VAL F 306 -10.41 10.55 -2.61
C VAL F 306 -11.86 11.07 -2.74
N PRO F 307 -12.12 11.96 -3.72
CA PRO F 307 -13.51 12.47 -3.90
C PRO F 307 -14.52 11.36 -4.21
N VAL F 308 -15.78 11.63 -3.89
CA VAL F 308 -16.87 10.69 -4.13
C VAL F 308 -17.42 10.95 -5.52
N ARG F 309 -17.45 9.92 -6.38
CA ARG F 309 -17.82 10.20 -7.77
C ARG F 309 -18.67 9.11 -8.36
N ASN F 310 -19.61 9.52 -9.21
CA ASN F 310 -20.53 8.60 -9.87
C ASN F 310 -21.24 7.69 -8.89
N VAL F 311 -21.60 8.26 -7.75
CA VAL F 311 -22.44 7.54 -6.80
C VAL F 311 -23.85 8.04 -6.99
N ARG F 312 -24.77 7.11 -7.21
CA ARG F 312 -26.12 7.44 -7.63
C ARG F 312 -27.15 6.88 -6.66
N MET F 313 -27.97 7.77 -6.08
CA MET F 313 -29.03 7.36 -5.16
C MET F 313 -30.34 7.37 -5.95
N ARG F 314 -31.01 6.22 -6.04
CA ARG F 314 -32.17 6.10 -6.92
C ARG F 314 -33.32 5.43 -6.21
N ASN F 315 -34.55 5.93 -6.45
CA ASN F 315 -35.74 5.17 -6.06
C ASN F 315 -35.85 4.94 -4.56
N CYS F 316 -35.45 5.92 -3.75
CA CYS F 316 -35.46 5.75 -2.29
C CYS F 316 -36.45 6.71 -1.67
N THR F 317 -36.91 6.37 -0.47
CA THR F 317 -37.61 7.36 0.35
C THR F 317 -36.75 7.67 1.57
N LEU F 318 -36.53 8.97 1.84
CA LEU F 318 -35.59 9.40 2.86
C LEU F 318 -36.28 10.33 3.85
N ARG F 319 -36.00 10.14 5.15
CA ARG F 319 -36.52 11.02 6.21
C ARG F 319 -35.40 11.36 7.17
N ASN F 320 -35.45 12.56 7.74
CA ASN F 320 -34.58 12.91 8.85
C ASN F 320 -35.36 13.55 10.00
N ASP F 321 -34.65 13.96 11.05
CA ASP F 321 -35.22 14.66 12.18
C ASP F 321 -35.27 16.13 11.77
N ILE F 322 -36.46 16.63 11.49
CA ILE F 322 -36.61 18.02 11.09
C ILE F 322 -35.98 19.00 12.11
N THR F 323 -36.00 18.65 13.39
CA THR F 323 -35.47 19.56 14.40
C THR F 323 -33.94 19.61 14.43
N SER F 324 -33.30 18.78 13.60
CA SER F 324 -31.85 18.84 13.51
C SER F 324 -31.42 20.11 12.79
N GLY F 325 -32.33 20.69 12.01
CA GLY F 325 -32.02 21.90 11.28
C GLY F 325 -31.25 21.65 9.99
N THR F 326 -30.89 20.40 9.69
CA THR F 326 -30.07 20.19 8.50
C THR F 326 -30.83 19.49 7.38
N HIS F 327 -30.18 19.38 6.22
CA HIS F 327 -30.78 18.73 5.07
C HIS F 327 -30.78 17.21 5.24
N CYS F 328 -31.80 16.58 4.70
CA CYS F 328 -31.96 15.13 4.77
C CYS F 328 -31.10 14.37 3.74
N ALA F 329 -31.15 14.78 2.46
CA ALA F 329 -30.33 14.17 1.41
C ALA F 329 -29.02 14.94 1.32
N ASP F 330 -27.92 14.24 1.54
CA ASP F 330 -26.62 14.93 1.64
C ASP F 330 -25.57 14.54 0.58
N PHE F 331 -24.75 15.51 0.20
CA PHE F 331 -23.47 15.29 -0.46
C PHE F 331 -22.56 16.24 0.27
N HIS F 332 -21.35 15.82 0.65
CA HIS F 332 -20.33 16.78 1.09
C HIS F 332 -19.55 17.41 -0.07
N GLY F 333 -18.78 18.46 0.26
CA GLY F 333 -17.98 19.18 -0.71
C GLY F 333 -16.91 18.38 -1.47
N ASN F 334 -16.65 17.14 -1.11
CA ASN F 334 -15.75 16.34 -1.93
C ASN F 334 -16.50 15.45 -2.93
N ALA F 335 -17.74 15.79 -3.24
CA ALA F 335 -18.50 15.00 -4.22
C ALA F 335 -18.34 15.59 -5.61
N GLU F 336 -18.23 14.75 -6.65
CA GLU F 336 -18.30 15.23 -8.03
C GLU F 336 -19.08 14.22 -8.88
N ASP F 337 -20.01 14.72 -9.69
CA ASP F 337 -20.72 13.87 -10.65
C ASP F 337 -21.54 12.78 -9.94
N CYS F 338 -22.38 13.23 -9.00
CA CYS F 338 -23.26 12.35 -8.23
C CYS F 338 -24.66 12.91 -8.29
N SER F 339 -25.67 12.10 -7.97
CA SER F 339 -27.04 12.58 -8.08
C SER F 339 -28.01 11.74 -7.23
N TYR F 340 -29.17 12.33 -6.94
CA TYR F 340 -30.32 11.62 -6.39
C TYR F 340 -31.33 11.67 -7.53
N GLU F 341 -31.98 10.54 -7.82
CA GLU F 341 -32.93 10.47 -8.92
C GLU F 341 -34.15 9.68 -8.46
N ASN F 342 -35.36 10.16 -8.77
CA ASN F 342 -36.57 9.40 -8.41
C ASN F 342 -36.63 9.06 -6.92
N CYS F 343 -36.23 10.00 -6.08
CA CYS F 343 -36.30 9.82 -4.63
C CYS F 343 -37.35 10.73 -4.00
N THR F 344 -37.99 10.23 -2.94
CA THR F 344 -38.82 11.04 -2.08
C THR F 344 -37.98 11.48 -0.90
N ILE F 345 -37.80 12.79 -0.76
CA ILE F 345 -36.89 13.34 0.24
C ILE F 345 -37.63 14.28 1.18
N TYR F 346 -37.94 13.80 2.38
CA TYR F 346 -38.56 14.66 3.38
C TYR F 346 -37.48 15.31 4.22
N GLY F 347 -37.47 16.64 4.25
CA GLY F 347 -36.49 17.35 5.07
C GLY F 347 -35.31 17.96 4.34
N GLY F 348 -35.41 18.14 3.02
CA GLY F 348 -34.44 19.00 2.35
C GLY F 348 -33.25 18.28 1.71
N ALA F 349 -32.57 18.97 0.80
CA ALA F 349 -31.46 18.36 0.10
C ALA F 349 -30.37 19.41 -0.10
N THR F 350 -29.24 19.01 -0.66
CA THR F 350 -28.14 19.94 -0.72
C THR F 350 -27.35 19.83 -2.02
N TRP F 351 -26.84 20.98 -2.43
CA TRP F 351 -25.81 21.13 -3.46
C TRP F 351 -24.47 21.40 -2.79
N GLN F 352 -23.50 20.50 -2.96
CA GLN F 352 -22.12 20.74 -2.50
C GLN F 352 -21.13 20.11 -3.52
N GLY F 353 -19.87 20.52 -3.52
CA GLY F 353 -18.88 19.89 -4.38
C GLY F 353 -18.95 20.43 -5.79
N LYS F 354 -19.14 19.52 -6.74
CA LYS F 354 -19.05 19.86 -8.16
C LYS F 354 -19.94 18.93 -8.98
N ASP F 355 -20.72 19.47 -9.90
CA ASP F 355 -21.55 18.67 -10.82
C ASP F 355 -22.52 17.71 -10.11
N ILE F 356 -23.53 18.29 -9.47
CA ILE F 356 -24.49 17.55 -8.64
C ILE F 356 -25.88 17.80 -9.17
N SER F 357 -26.70 16.76 -9.26
CA SER F 357 -28.05 16.90 -9.79
C SER F 357 -29.08 16.22 -8.89
N TYR F 358 -30.28 16.78 -8.88
CA TYR F 358 -31.47 16.11 -8.38
C TYR F 358 -32.41 16.01 -9.57
N ARG F 359 -32.92 14.82 -9.85
CA ARG F 359 -33.77 14.62 -11.03
C ARG F 359 -35.02 13.86 -10.65
N HIS F 360 -36.19 14.41 -10.99
CA HIS F 360 -37.47 13.75 -10.69
C HIS F 360 -37.56 13.33 -9.22
N CYS F 361 -37.08 14.18 -8.32
CA CYS F 361 -37.27 13.96 -6.90
C CYS F 361 -38.43 14.81 -6.38
N THR F 362 -39.07 14.33 -5.31
CA THR F 362 -40.03 15.13 -4.57
C THR F 362 -39.31 15.52 -3.29
N ILE F 363 -39.18 16.82 -3.04
CA ILE F 363 -38.41 17.29 -1.88
C ILE F 363 -39.22 18.26 -1.04
N THR F 364 -39.33 17.97 0.27
CA THR F 364 -39.94 18.92 1.20
C THR F 364 -38.88 19.73 1.99
N ASN F 365 -39.35 20.73 2.73
CA ASN F 365 -38.48 21.66 3.42
C ASN F 365 -37.80 21.09 4.67
N ALA F 366 -36.62 21.64 4.96
CA ALA F 366 -35.98 21.54 6.29
C ALA F 366 -36.64 22.56 7.24
N SER F 367 -36.25 22.55 8.52
CA SER F 367 -36.95 23.37 9.52
C SER F 367 -36.89 24.86 9.25
N GLY F 368 -35.82 25.34 8.62
CA GLY F 368 -35.73 26.76 8.29
C GLY F 368 -36.70 27.21 7.19
N GLY F 369 -37.29 26.28 6.46
CA GLY F 369 -38.28 26.63 5.43
C GLY F 369 -37.73 26.52 4.02
N TRP F 370 -36.41 26.46 3.89
CA TRP F 370 -35.77 26.18 2.61
C TRP F 370 -35.87 24.69 2.25
N ILE F 371 -35.65 24.39 0.97
CA ILE F 371 -35.81 23.04 0.45
C ILE F 371 -34.46 22.55 -0.08
N VAL F 372 -33.71 23.43 -0.73
CA VAL F 372 -32.40 23.05 -1.21
C VAL F 372 -31.41 24.08 -0.70
N ILE F 373 -30.36 23.60 -0.05
CA ILE F 373 -29.33 24.45 0.54
C ILE F 373 -27.94 24.11 -0.01
N SER F 374 -27.07 25.11 -0.12
CA SER F 374 -25.76 24.83 -0.70
C SER F 374 -24.69 24.95 0.35
N ALA F 375 -23.54 24.31 0.10
CA ALA F 375 -22.37 24.52 0.95
C ALA F 375 -21.15 24.03 0.19
N GLU F 376 -19.98 24.59 0.50
CA GLU F 376 -18.74 24.04 -0.02
C GLU F 376 -18.77 23.87 -1.55
N ILE F 377 -19.20 24.92 -2.25
CA ILE F 377 -19.32 24.82 -3.70
C ILE F 377 -17.93 25.02 -4.32
N LEU F 378 -17.40 23.97 -4.94
CA LEU F 378 -16.12 24.08 -5.63
C LEU F 378 -16.36 24.79 -6.96
N GLY F 379 -17.47 24.44 -7.60
CA GLY F 379 -17.79 24.94 -8.93
C GLY F 379 -18.39 23.84 -9.79
N GLY F 380 -18.73 24.17 -11.04
CA GLY F 380 -19.41 23.24 -11.92
C GLY F 380 -20.89 23.54 -12.00
N THR F 381 -21.66 22.51 -12.36
CA THR F 381 -23.06 22.67 -12.68
C THR F 381 -23.91 22.01 -11.58
N PHE F 382 -24.94 22.71 -11.10
CA PHE F 382 -25.81 22.20 -10.03
C PHE F 382 -27.23 22.28 -10.54
N LEU F 383 -27.93 21.15 -10.55
CA LEU F 383 -29.17 21.04 -11.32
C LEU F 383 -30.29 20.51 -10.45
N LEU F 384 -31.46 21.16 -10.53
CA LEU F 384 -32.71 20.59 -10.06
C LEU F 384 -33.51 20.37 -11.32
N ASP F 385 -33.58 19.11 -11.73
CA ASP F 385 -34.21 18.80 -12.99
C ASP F 385 -35.58 18.19 -12.77
N GLN F 386 -36.61 18.93 -13.12
CA GLN F 386 -37.99 18.46 -13.05
C GLN F 386 -38.32 17.88 -11.68
N CYS F 387 -37.97 18.62 -10.64
CA CYS F 387 -38.26 18.19 -9.30
C CYS F 387 -39.56 18.81 -8.83
N THR F 388 -40.27 18.08 -7.98
CA THR F 388 -41.42 18.59 -7.29
C THR F 388 -41.01 19.05 -5.90
N LEU F 389 -41.14 20.36 -5.63
CA LEU F 389 -40.68 20.96 -4.37
C LEU F 389 -41.81 21.51 -3.51
N TYR F 390 -41.79 21.18 -2.21
N TYR F 390 -41.81 21.20 -2.22
CA TYR F 390 -42.80 21.65 -1.25
CA TYR F 390 -42.82 21.78 -1.32
C TYR F 390 -42.15 22.35 -0.03
C TYR F 390 -42.24 22.33 -0.01
N THR F 391 -42.62 23.55 0.34
CA THR F 391 -42.28 24.10 1.66
C THR F 391 -43.51 24.62 2.40
N THR F 392 -43.59 24.35 3.71
CA THR F 392 -44.68 24.83 4.54
C THR F 392 -44.25 26.08 5.29
N GLY F 393 -42.99 26.47 5.10
CA GLY F 393 -42.42 27.57 5.86
C GLY F 393 -41.92 28.74 5.00
N ASP F 394 -40.99 29.51 5.53
CA ASP F 394 -40.48 30.68 4.84
C ASP F 394 -39.03 30.90 5.31
N PRO F 395 -38.06 30.77 4.40
CA PRO F 395 -36.65 30.82 4.82
C PRO F 395 -36.09 32.24 4.86
N GLN F 396 -36.85 33.20 4.35
CA GLN F 396 -36.34 34.56 4.26
C GLN F 396 -36.00 35.14 5.64
N PRO F 397 -36.80 34.84 6.69
CA PRO F 397 -36.35 35.44 7.94
C PRO F 397 -34.96 34.96 8.41
N GLY F 398 -34.53 33.77 7.97
CA GLY F 398 -33.18 33.29 8.23
C GLY F 398 -32.19 33.67 7.14
N ASN F 399 -32.59 34.62 6.29
CA ASN F 399 -31.74 35.14 5.20
C ASN F 399 -31.41 34.14 4.10
N ARG F 400 -32.28 33.16 3.91
N ARG F 400 -32.30 33.18 3.91
CA ARG F 400 -32.07 32.16 2.89
CA ARG F 400 -32.09 32.17 2.88
C ARG F 400 -33.20 32.09 1.85
C ARG F 400 -33.21 32.13 1.85
N GLY F 401 -32.87 31.69 0.63
CA GLY F 401 -33.86 31.43 -0.41
C GLY F 401 -34.53 30.06 -0.18
N VAL F 402 -35.64 29.81 -0.86
CA VAL F 402 -36.22 28.46 -0.88
C VAL F 402 -35.18 27.47 -1.46
N ILE F 403 -34.55 27.91 -2.53
CA ILE F 403 -33.32 27.32 -3.04
C ILE F 403 -32.23 28.30 -2.65
N ASP F 404 -31.26 27.86 -1.86
CA ASP F 404 -30.30 28.77 -1.26
C ASP F 404 -28.86 28.48 -1.67
N VAL F 405 -28.16 29.54 -2.08
CA VAL F 405 -26.73 29.45 -2.39
C VAL F 405 -25.93 30.50 -1.61
N GLY F 406 -25.60 30.20 -0.36
CA GLY F 406 -24.82 31.13 0.45
C GLY F 406 -25.57 32.32 1.06
N GLY F 407 -26.89 32.19 1.22
CA GLY F 407 -27.70 33.29 1.70
C GLY F 407 -27.28 33.74 3.10
N ASN F 408 -26.95 32.78 3.95
CA ASN F 408 -26.55 33.08 5.31
C ASN F 408 -25.34 32.28 5.75
N SER F 409 -24.48 31.92 4.82
CA SER F 409 -23.30 31.14 5.16
C SER F 409 -22.26 31.36 4.07
N ALA F 410 -21.01 30.96 4.32
CA ALA F 410 -19.92 31.21 3.39
C ALA F 410 -19.78 30.06 2.42
N VAL F 411 -20.40 30.20 1.26
CA VAL F 411 -20.58 29.09 0.33
C VAL F 411 -19.86 29.34 -1.00
N LEU F 412 -20.00 30.57 -1.49
CA LEU F 412 -19.29 31.02 -2.69
C LEU F 412 -18.12 31.85 -2.22
N THR F 413 -16.99 31.19 -2.02
CA THR F 413 -15.88 31.83 -1.34
C THR F 413 -14.60 31.77 -2.19
N THR F 414 -13.45 32.10 -1.60
CA THR F 414 -12.19 31.92 -2.31
C THR F 414 -11.91 30.44 -2.60
N ASN F 415 -12.63 29.54 -1.94
CA ASN F 415 -12.48 28.11 -2.25
C ASN F 415 -13.35 27.64 -3.42
N THR F 416 -14.23 28.52 -3.87
CA THR F 416 -14.99 28.27 -5.10
C THR F 416 -14.12 28.71 -6.28
N THR F 417 -13.46 27.76 -6.92
CA THR F 417 -12.43 28.11 -7.87
C THR F 417 -12.81 27.88 -9.32
N GLN F 418 -14.01 27.34 -9.60
CA GLN F 418 -14.42 27.09 -10.98
C GLN F 418 -15.77 27.78 -11.22
N PRO F 419 -16.04 28.23 -12.46
CA PRO F 419 -17.33 28.85 -12.76
C PRO F 419 -18.49 27.97 -12.29
N CYS F 420 -19.57 28.59 -11.80
CA CYS F 420 -20.73 27.86 -11.27
C CYS F 420 -21.96 28.09 -12.15
N ASN F 421 -22.68 27.03 -12.48
CA ASN F 421 -23.97 27.17 -13.16
C ASN F 421 -25.04 26.57 -12.28
N PHE F 422 -26.02 27.39 -11.87
CA PHE F 422 -27.14 26.91 -11.06
C PHE F 422 -28.39 26.83 -11.92
N LEU F 423 -28.88 25.60 -12.13
CA LEU F 423 -29.93 25.35 -13.11
C LEU F 423 -31.16 24.82 -12.44
N ILE F 424 -32.29 25.49 -12.66
CA ILE F 424 -33.56 24.98 -12.19
C ILE F 424 -34.39 24.85 -13.46
N GLN F 425 -34.68 23.61 -13.84
CA GLN F 425 -35.39 23.31 -15.08
C GLN F 425 -36.72 22.57 -14.82
N GLY F 426 -37.84 23.23 -15.08
CA GLY F 426 -39.12 22.55 -15.04
C GLY F 426 -39.56 22.14 -13.63
N GLY F 427 -40.46 21.18 -13.54
CA GLY F 427 -40.94 20.77 -12.23
C GLY F 427 -41.92 21.78 -11.65
N SER F 428 -42.09 21.72 -10.33
CA SER F 428 -43.02 22.61 -9.65
C SER F 428 -42.44 22.98 -8.29
N LEU F 429 -42.86 24.13 -7.77
CA LEU F 429 -42.52 24.56 -6.41
C LEU F 429 -43.80 25.09 -5.78
N ARG F 430 -44.18 24.50 -4.65
N ARG F 430 -44.19 24.48 -4.66
CA ARG F 430 -45.34 24.97 -3.88
CA ARG F 430 -45.32 24.96 -3.88
C ARG F 430 -44.86 25.53 -2.54
C ARG F 430 -44.80 25.55 -2.56
N ALA F 431 -45.20 26.78 -2.28
CA ALA F 431 -44.75 27.50 -1.08
C ALA F 431 -45.82 28.49 -0.68
N PRO F 432 -46.87 28.02 0.03
CA PRO F 432 -48.04 28.86 0.30
C PRO F 432 -47.81 29.91 1.37
N SER F 433 -46.74 29.81 2.15
CA SER F 433 -46.60 30.66 3.34
C SER F 433 -45.39 31.58 3.34
N LEU F 434 -45.00 32.05 2.16
CA LEU F 434 -43.95 33.05 2.05
C LEU F 434 -44.54 34.43 2.33
N SER F 435 -43.68 35.45 2.47
CA SER F 435 -44.12 36.84 2.56
C SER F 435 -43.72 37.59 1.30
N THR F 436 -44.11 38.86 1.24
CA THR F 436 -43.74 39.72 0.11
C THR F 436 -42.26 40.11 0.16
N SER F 437 -41.57 39.66 1.20
CA SER F 437 -40.13 39.79 1.31
C SER F 437 -39.37 38.54 0.85
N SER F 438 -40.05 37.40 0.77
CA SER F 438 -39.39 36.12 0.44
C SER F 438 -38.93 36.06 -1.03
N TYR F 439 -37.83 35.35 -1.27
CA TYR F 439 -37.33 35.11 -2.63
C TYR F 439 -37.14 33.63 -2.87
N LEU F 440 -37.37 33.21 -4.11
CA LEU F 440 -37.32 31.81 -4.46
C LEU F 440 -35.89 31.29 -4.43
N LEU F 441 -34.94 32.10 -4.91
CA LEU F 441 -33.55 31.67 -4.91
C LEU F 441 -32.65 32.80 -4.50
N ARG F 442 -31.71 32.50 -3.60
CA ARG F 442 -30.71 33.50 -3.24
C ARG F 442 -29.31 32.99 -3.55
N ALA F 443 -28.46 33.83 -4.13
CA ALA F 443 -27.03 33.52 -4.20
C ALA F 443 -26.32 34.74 -3.69
N ARG F 444 -25.37 34.53 -2.78
CA ARG F 444 -24.61 35.62 -2.21
C ARG F 444 -23.12 35.28 -2.26
N LEU F 445 -22.33 36.20 -2.81
CA LEU F 445 -20.89 36.01 -2.89
C LEU F 445 -20.21 36.34 -1.58
N GLU F 446 -19.31 35.45 -1.17
N GLU F 446 -19.32 35.45 -1.18
CA GLU F 446 -18.52 35.63 0.02
CA GLU F 446 -18.52 35.63 0.01
C GLU F 446 -17.05 35.42 -0.32
C GLU F 446 -17.04 35.41 -0.33
N GLY F 447 -16.61 36.00 -1.43
CA GLY F 447 -15.20 36.03 -1.74
C GLY F 447 -14.81 35.34 -3.02
N SER F 448 -15.74 34.61 -3.63
CA SER F 448 -15.46 34.03 -4.94
C SER F 448 -15.30 35.13 -6.03
N THR F 449 -14.60 34.79 -7.11
CA THR F 449 -14.40 35.71 -8.23
C THR F 449 -14.77 35.10 -9.56
N VAL F 450 -15.37 33.92 -9.53
CA VAL F 450 -15.69 33.21 -10.75
C VAL F 450 -17.07 33.59 -11.24
N PRO F 451 -17.35 33.35 -12.55
CA PRO F 451 -18.72 33.55 -13.04
C PRO F 451 -19.71 32.69 -12.27
N VAL F 452 -20.86 33.28 -11.95
CA VAL F 452 -21.94 32.55 -11.28
C VAL F 452 -23.19 32.75 -12.14
N ASN F 453 -23.63 31.68 -12.80
CA ASN F 453 -24.66 31.80 -13.82
C ASN F 453 -25.92 31.19 -13.26
N ILE F 454 -27.06 31.80 -13.58
CA ILE F 454 -28.37 31.29 -13.12
C ILE F 454 -29.26 31.02 -14.32
N GLN F 455 -29.81 29.81 -14.40
CA GLN F 455 -30.88 29.50 -15.36
C GLN F 455 -32.09 29.04 -14.56
N TYR F 456 -33.15 29.83 -14.54
CA TYR F 456 -34.34 29.49 -13.76
C TYR F 456 -35.49 29.46 -14.76
N SER F 457 -35.92 28.25 -15.13
CA SER F 457 -36.55 27.97 -16.42
C SER F 457 -37.64 26.88 -16.37
N GLY F 458 -38.89 27.26 -16.62
CA GLY F 458 -39.92 26.27 -16.88
C GLY F 458 -40.75 25.81 -15.71
N GLN F 459 -40.40 26.27 -14.51
CA GLN F 459 -41.00 25.77 -13.29
C GLN F 459 -42.42 26.31 -13.10
N ALA F 460 -43.34 25.46 -12.64
CA ALA F 460 -44.67 25.91 -12.24
C ALA F 460 -44.67 26.20 -10.75
N ILE F 461 -45.03 27.43 -10.41
CA ILE F 461 -44.93 27.93 -9.05
C ILE F 461 -46.31 28.10 -8.42
N ASP F 462 -46.45 27.70 -7.17
CA ASP F 462 -47.71 27.81 -6.48
C ASP F 462 -47.47 28.49 -5.13
N VAL F 463 -47.73 29.79 -5.08
CA VAL F 463 -47.48 30.58 -3.88
C VAL F 463 -48.71 31.41 -3.49
N GLY F 464 -48.68 31.93 -2.25
CA GLY F 464 -49.58 32.97 -1.79
C GLY F 464 -48.87 34.28 -2.08
N SER F 465 -48.22 34.85 -1.08
CA SER F 465 -47.39 36.04 -1.30
C SER F 465 -46.01 35.63 -1.77
N LEU F 466 -45.31 36.56 -2.42
CA LEU F 466 -43.93 36.34 -2.83
C LEU F 466 -43.29 37.69 -3.10
N GLY F 467 -42.00 37.81 -2.80
CA GLY F 467 -41.26 39.03 -3.08
C GLY F 467 -40.50 38.99 -4.41
N LYS F 468 -39.64 37.99 -4.60
CA LYS F 468 -38.74 38.00 -5.73
C LYS F 468 -38.54 36.60 -6.25
N VAL F 469 -38.20 36.46 -7.54
CA VAL F 469 -37.74 35.16 -8.02
C VAL F 469 -36.28 34.99 -7.60
N LEU F 470 -35.42 35.90 -8.06
CA LEU F 470 -33.99 35.85 -7.76
C LEU F 470 -33.50 36.96 -6.85
N GLN F 471 -32.64 36.59 -5.89
CA GLN F 471 -31.97 37.55 -5.03
C GLN F 471 -30.46 37.32 -5.13
N LEU F 472 -29.75 38.22 -5.80
CA LEU F 472 -28.34 37.98 -6.13
C LEU F 472 -27.49 39.10 -5.54
N ASP F 473 -26.70 38.74 -4.52
CA ASP F 473 -26.02 39.67 -3.63
C ASP F 473 -24.53 39.44 -3.63
N ILE F 474 -23.78 40.44 -3.19
CA ILE F 474 -22.34 40.31 -3.07
C ILE F 474 -21.92 40.93 -1.77
N THR F 475 -21.38 40.12 -0.86
CA THR F 475 -20.83 40.64 0.37
C THR F 475 -19.35 40.90 0.16
N SER F 476 -18.65 39.94 -0.43
CA SER F 476 -17.28 40.17 -0.88
C SER F 476 -17.05 39.32 -2.13
N GLY F 477 -15.99 39.61 -2.88
CA GLY F 477 -15.73 38.93 -4.12
C GLY F 477 -16.38 39.70 -5.26
N SER F 478 -16.52 39.04 -6.40
CA SER F 478 -16.98 39.68 -7.62
C SER F 478 -17.36 38.61 -8.60
N THR F 479 -18.18 38.97 -9.58
CA THR F 479 -18.55 38.01 -10.61
C THR F 479 -18.88 38.67 -11.94
N SER F 480 -18.47 38.04 -13.04
CA SER F 480 -18.91 38.44 -14.37
C SER F 480 -19.61 37.25 -15.01
N PRO F 481 -20.93 37.11 -14.76
CA PRO F 481 -21.63 35.93 -15.27
C PRO F 481 -21.70 35.92 -16.78
N GLU F 482 -21.82 34.73 -17.36
CA GLU F 482 -22.10 34.61 -18.78
C GLU F 482 -23.60 34.77 -19.05
N TYR F 483 -24.41 34.41 -18.08
CA TYR F 483 -25.86 34.58 -18.24
C TYR F 483 -26.61 34.63 -16.93
N LEU F 484 -27.74 35.34 -16.96
CA LEU F 484 -28.67 35.36 -15.87
C LEU F 484 -30.04 35.26 -16.54
N ILE F 485 -30.70 34.12 -16.41
CA ILE F 485 -31.91 33.87 -17.17
C ILE F 485 -33.09 33.49 -16.29
N VAL F 486 -34.22 34.20 -16.45
CA VAL F 486 -35.50 33.80 -15.84
C VAL F 486 -36.48 33.63 -17.00
N GLU F 487 -37.14 32.48 -17.11
CA GLU F 487 -37.98 32.23 -18.30
C GLU F 487 -39.04 31.17 -18.08
N ASN F 488 -40.15 31.32 -18.80
CA ASN F 488 -41.17 30.26 -18.82
C ASN F 488 -41.65 29.83 -17.43
N LEU F 489 -41.86 30.80 -16.54
CA LEU F 489 -42.36 30.47 -15.20
C LEU F 489 -43.87 30.64 -15.15
N ALA F 490 -44.55 29.65 -14.61
CA ALA F 490 -46.00 29.74 -14.41
C ALA F 490 -46.28 30.03 -12.91
N GLY F 491 -47.31 30.82 -12.61
CA GLY F 491 -47.77 30.97 -11.23
C GLY F 491 -47.27 32.21 -10.50
N LEU F 492 -46.46 33.03 -11.16
CA LEU F 492 -45.97 34.26 -10.51
C LEU F 492 -47.12 35.26 -10.29
N PRO F 493 -47.31 35.74 -9.05
CA PRO F 493 -48.37 36.71 -8.77
C PRO F 493 -47.92 38.13 -9.14
N SER F 494 -48.89 39.02 -9.37
N SER F 494 -48.88 39.03 -9.37
CA SER F 494 -48.54 40.39 -9.74
CA SER F 494 -48.55 40.40 -9.74
C SER F 494 -47.74 41.07 -8.64
C SER F 494 -47.74 41.07 -8.64
N GLY F 495 -46.83 41.96 -9.04
CA GLY F 495 -46.08 42.77 -8.09
C GLY F 495 -44.72 42.24 -7.67
N ILE F 496 -44.39 41.01 -8.05
CA ILE F 496 -43.08 40.46 -7.67
C ILE F 496 -41.93 41.11 -8.43
N THR F 497 -40.73 40.95 -7.87
CA THR F 497 -39.50 41.42 -8.49
C THR F 497 -38.79 40.23 -9.15
N LEU F 498 -38.47 40.35 -10.43
CA LEU F 498 -37.82 39.24 -11.17
C LEU F 498 -36.45 38.89 -10.61
N ALA F 499 -35.59 39.89 -10.48
CA ALA F 499 -34.24 39.65 -9.98
C ALA F 499 -33.65 40.89 -9.35
N SER F 500 -33.36 40.82 -8.05
N SER F 500 -33.41 40.84 -8.05
CA SER F 500 -32.57 41.86 -7.41
CA SER F 500 -32.56 41.83 -7.41
C SER F 500 -31.10 41.49 -7.56
C SER F 500 -31.14 41.40 -7.73
N ALA F 501 -30.35 42.31 -8.27
CA ALA F 501 -28.99 41.93 -8.70
C ALA F 501 -27.97 43.00 -8.36
N ALA F 502 -26.99 42.64 -7.55
CA ALA F 502 -25.97 43.59 -7.15
C ALA F 502 -24.72 43.43 -8.00
N GLY F 503 -23.94 44.49 -8.13
CA GLY F 503 -22.63 44.40 -8.75
C GLY F 503 -22.60 43.73 -10.11
N GLY F 504 -21.69 42.77 -10.25
CA GLY F 504 -21.54 42.00 -11.47
C GLY F 504 -22.79 41.26 -11.94
N PHE F 505 -23.65 40.87 -11.01
CA PHE F 505 -24.94 40.29 -11.40
C PHE F 505 -25.78 41.33 -12.15
N ALA F 506 -25.74 42.58 -11.70
CA ALA F 506 -26.54 43.64 -12.33
C ALA F 506 -26.14 43.88 -13.79
N SER F 507 -24.86 43.68 -14.10
CA SER F 507 -24.39 43.92 -15.45
C SER F 507 -24.30 42.68 -16.34
N ALA F 508 -24.82 41.55 -15.86
CA ALA F 508 -24.70 40.29 -16.59
C ALA F 508 -25.64 40.30 -17.78
N PRO F 509 -25.28 39.57 -18.85
CA PRO F 509 -26.23 39.43 -19.96
C PRO F 509 -27.49 38.72 -19.44
N MET F 510 -28.64 39.41 -19.55
CA MET F 510 -29.88 38.94 -18.96
C MET F 510 -30.91 38.54 -20.00
N ARG F 511 -31.70 37.51 -19.67
CA ARG F 511 -32.97 37.26 -20.35
C ARG F 511 -34.08 37.28 -19.26
N MET F 512 -35.07 38.14 -19.43
CA MET F 512 -36.20 38.26 -18.50
C MET F 512 -37.50 38.16 -19.27
N PRO F 513 -38.55 37.60 -18.63
CA PRO F 513 -39.82 37.30 -19.32
C PRO F 513 -40.49 38.51 -19.97
N VAL F 514 -41.29 38.25 -21.02
CA VAL F 514 -42.01 39.30 -21.72
C VAL F 514 -43.35 39.60 -21.05
N LEU F 515 -43.71 40.88 -20.95
CA LEU F 515 -45.04 41.25 -20.50
C LEU F 515 -45.59 42.23 -21.53
N GLY F 516 -46.91 42.36 -21.63
CA GLY F 516 -47.47 43.28 -22.61
C GLY F 516 -48.97 43.25 -22.60
N GLY F 517 -49.57 44.08 -23.45
CA GLY F 517 -51.01 44.15 -23.47
C GLY F 517 -51.50 45.18 -24.45
N ARG F 518 -52.80 45.37 -24.46
CA ARG F 518 -53.45 46.32 -25.34
C ARG F 518 -54.18 47.32 -24.48
N VAL F 519 -53.80 48.58 -24.65
CA VAL F 519 -54.34 49.67 -23.87
C VAL F 519 -55.08 50.66 -24.78
N GLN F 520 -56.39 50.79 -24.60
CA GLN F 520 -57.14 51.71 -25.45
C GLN F 520 -56.91 53.16 -24.99
N VAL F 521 -56.67 54.05 -25.95
CA VAL F 521 -56.63 55.49 -25.70
C VAL F 521 -57.51 56.23 -26.71
N THR F 522 -58.04 57.37 -26.31
CA THR F 522 -58.93 58.13 -27.17
C THR F 522 -58.32 59.51 -27.39
N THR F 523 -58.12 59.87 -28.65
CA THR F 523 -57.55 61.18 -28.95
C THR F 523 -58.51 62.30 -28.51
N ALA F 524 -57.97 63.51 -28.36
CA ALA F 524 -58.76 64.70 -28.08
C ALA F 524 -58.52 65.71 -29.19
N THR F 525 -59.57 66.42 -29.61
CA THR F 525 -59.44 67.28 -30.78
C THR F 525 -58.67 68.58 -30.46
N ASN F 526 -58.31 68.74 -29.20
CA ASN F 526 -57.59 69.92 -28.74
C ASN F 526 -56.18 69.63 -28.25
N ALA F 527 -55.63 68.47 -28.62
CA ALA F 527 -54.27 68.10 -28.20
C ALA F 527 -53.59 67.24 -29.28
N SER F 528 -52.26 67.26 -29.32
CA SER F 528 -51.52 66.48 -30.31
C SER F 528 -51.11 65.11 -29.76
N SER F 529 -51.58 64.77 -28.56
CA SER F 529 -51.14 63.53 -27.94
C SER F 529 -52.15 63.01 -26.94
N VAL F 530 -52.01 61.74 -26.58
CA VAL F 530 -52.80 61.14 -25.52
C VAL F 530 -51.90 60.05 -24.95
N THR F 531 -51.92 59.89 -23.62
CA THR F 531 -51.04 58.92 -22.97
C THR F 531 -51.82 58.02 -22.00
N ALA F 532 -51.22 56.89 -21.65
CA ALA F 532 -51.81 55.98 -20.67
C ALA F 532 -50.70 55.28 -19.88
N PRO F 533 -50.82 55.27 -18.56
CA PRO F 533 -49.76 54.63 -17.76
C PRO F 533 -49.92 53.12 -17.71
N VAL F 534 -48.78 52.42 -17.68
CA VAL F 534 -48.76 50.99 -17.46
C VAL F 534 -47.86 50.64 -16.26
N THR F 535 -48.31 49.78 -15.37
CA THR F 535 -47.43 49.25 -14.33
C THR F 535 -47.19 47.77 -14.60
N PHE F 536 -45.94 47.39 -14.82
CA PHE F 536 -45.65 46.01 -15.22
C PHE F 536 -46.10 45.02 -14.16
N ARG F 537 -46.61 43.87 -14.60
CA ARG F 537 -46.93 42.79 -13.65
C ARG F 537 -45.72 42.39 -12.79
N TYR F 538 -44.52 42.35 -13.40
CA TYR F 538 -43.27 42.02 -12.71
C TYR F 538 -42.33 43.21 -12.79
N ILE F 539 -41.54 43.43 -11.73
CA ILE F 539 -40.51 44.48 -11.76
C ILE F 539 -39.21 43.89 -12.34
N TYR F 540 -38.69 44.55 -13.36
CA TYR F 540 -37.46 44.14 -14.03
C TYR F 540 -36.24 44.65 -13.28
N PRO F 541 -35.06 44.05 -13.51
CA PRO F 541 -33.85 44.52 -12.80
C PRO F 541 -33.34 45.85 -13.33
N LYS F 542 -33.80 46.24 -14.52
CA LYS F 542 -33.45 47.54 -15.11
C LYS F 542 -34.51 47.89 -16.14
N ALA F 543 -34.41 49.04 -16.82
CA ALA F 543 -35.46 49.41 -17.76
C ALA F 543 -35.49 48.32 -18.86
N PRO F 544 -36.66 47.69 -19.10
CA PRO F 544 -36.68 46.68 -20.15
C PRO F 544 -36.72 47.31 -21.56
N THR F 545 -36.58 46.45 -22.56
CA THR F 545 -36.66 46.85 -23.95
C THR F 545 -38.14 46.86 -24.30
N VAL F 546 -38.66 48.03 -24.66
CA VAL F 546 -40.11 48.23 -24.84
C VAL F 546 -40.51 48.48 -26.29
N GLN F 547 -41.58 47.83 -26.76
CA GLN F 547 -42.14 48.12 -28.06
C GLN F 547 -43.57 48.64 -27.86
N VAL F 548 -43.99 49.57 -28.71
CA VAL F 548 -45.36 50.07 -28.73
C VAL F 548 -45.84 50.26 -30.17
N THR F 549 -47.02 49.74 -30.48
CA THR F 549 -47.60 49.89 -31.82
C THR F 549 -49.09 50.29 -31.75
N LYS F 550 -49.52 51.17 -32.65
CA LYS F 550 -50.92 51.56 -32.65
C LYS F 550 -51.69 50.62 -33.55
N THR F 551 -52.83 50.11 -33.07
CA THR F 551 -53.69 49.24 -33.89
C THR F 551 -55.15 49.67 -33.84
N ASP F 552 -55.92 49.20 -34.80
CA ASP F 552 -57.37 49.31 -34.82
C ASP F 552 -57.92 50.71 -34.97
N ARG F 553 -57.09 51.57 -35.56
CA ARG F 553 -57.52 52.88 -36.03
C ARG F 553 -56.45 53.25 -37.05
N SER F 554 -56.84 53.97 -38.10
CA SER F 554 -55.84 54.46 -39.04
C SER F 554 -55.62 55.93 -38.75
N TYR F 555 -56.16 56.83 -39.60
CA TYR F 555 -56.16 58.26 -39.27
C TYR F 555 -57.10 58.53 -38.10
N ALA F 556 -56.62 59.25 -37.12
CA ALA F 556 -57.47 59.76 -36.07
C ALA F 556 -57.85 61.15 -36.52
N GLY F 557 -58.74 61.21 -37.51
CA GLY F 557 -59.07 62.48 -38.13
C GLY F 557 -57.97 62.86 -39.12
N ASN F 558 -57.02 63.65 -38.66
CA ASN F 558 -56.00 64.21 -39.55
C ASN F 558 -54.62 63.53 -39.47
N ARG F 559 -54.42 62.72 -38.43
CA ARG F 559 -53.10 62.15 -38.18
C ARG F 559 -53.22 60.71 -37.70
N VAL F 560 -52.23 59.91 -38.06
CA VAL F 560 -52.13 58.55 -37.49
C VAL F 560 -51.64 58.61 -36.06
N GLY F 561 -50.57 59.38 -35.85
CA GLY F 561 -49.91 59.48 -34.55
C GLY F 561 -48.81 58.44 -34.44
N VAL F 562 -47.75 58.82 -33.72
CA VAL F 562 -46.57 57.98 -33.52
C VAL F 562 -46.61 57.38 -32.11
N ALA F 563 -46.58 56.05 -32.02
CA ALA F 563 -46.67 55.39 -30.73
C ALA F 563 -45.29 55.32 -30.09
N ILE F 564 -45.20 55.81 -28.85
CA ILE F 564 -43.95 55.75 -28.09
C ILE F 564 -44.24 55.37 -26.63
N ALA F 565 -43.17 55.28 -25.83
CA ALA F 565 -43.32 55.19 -24.38
C ALA F 565 -42.39 56.20 -23.75
N ASN F 566 -42.91 57.06 -22.87
CA ASN F 566 -42.07 58.07 -22.24
C ASN F 566 -42.70 58.58 -20.95
N PRO F 567 -42.08 58.29 -19.78
CA PRO F 567 -40.84 57.55 -19.62
C PRO F 567 -41.06 56.03 -19.61
N THR F 568 -39.96 55.29 -19.59
CA THR F 568 -39.99 53.86 -19.24
C THR F 568 -39.07 53.66 -18.03
N SER F 569 -39.34 52.64 -17.23
CA SER F 569 -38.50 52.32 -16.08
C SER F 569 -38.55 50.82 -15.85
N ALA F 570 -37.82 50.36 -14.83
CA ALA F 570 -37.86 48.96 -14.43
C ALA F 570 -39.28 48.51 -14.03
N SER F 571 -40.12 49.45 -13.59
N SER F 571 -40.12 49.45 -13.60
CA SER F 571 -41.44 49.11 -13.02
CA SER F 571 -41.43 49.12 -13.03
C SER F 571 -42.65 49.43 -13.92
C SER F 571 -42.63 49.43 -13.92
N GLY F 572 -42.43 50.26 -14.94
CA GLY F 572 -43.54 50.61 -15.81
C GLY F 572 -43.18 51.57 -16.92
N ALA F 573 -44.21 52.06 -17.60
CA ALA F 573 -44.02 52.99 -18.70
C ALA F 573 -45.27 53.81 -18.94
N THR F 574 -45.07 54.98 -19.52
CA THR F 574 -46.17 55.79 -19.98
C THR F 574 -46.29 55.69 -21.50
N LEU F 575 -47.29 54.93 -21.94
CA LEU F 575 -47.57 54.79 -23.37
C LEU F 575 -48.07 56.14 -23.91
N GLY F 576 -47.77 56.43 -25.17
CA GLY F 576 -48.17 57.70 -25.75
C GLY F 576 -48.45 57.57 -27.24
N LEU F 577 -49.32 58.44 -27.73
CA LEU F 577 -49.60 58.53 -29.15
C LEU F 577 -49.54 60.01 -29.47
N PHE F 578 -48.56 60.39 -30.28
CA PHE F 578 -48.24 61.80 -30.56
C PHE F 578 -48.22 62.05 -32.06
N THR F 579 -48.88 63.11 -32.54
CA THR F 579 -48.78 63.43 -33.96
C THR F 579 -47.32 63.83 -34.21
N ASP F 580 -46.76 63.47 -35.36
CA ASP F 580 -45.33 63.70 -35.52
C ASP F 580 -45.01 65.19 -35.51
N ASP F 581 -45.91 65.98 -36.10
CA ASP F 581 -45.69 67.42 -36.32
C ASP F 581 -46.29 68.34 -35.25
N GLY F 582 -46.98 67.76 -34.27
CA GLY F 582 -47.52 68.53 -33.17
C GLY F 582 -48.87 69.18 -33.43
N THR F 583 -49.38 69.00 -34.64
CA THR F 583 -50.74 69.44 -34.95
C THR F 583 -51.73 68.63 -34.09
N ASN F 584 -52.80 69.27 -33.59
CA ASN F 584 -53.80 68.56 -32.79
C ASN F 584 -54.51 67.50 -33.61
N PHE F 585 -54.81 66.35 -33.00
CA PHE F 585 -55.69 65.40 -33.66
C PHE F 585 -57.01 66.14 -33.95
N SER F 586 -57.68 65.78 -35.04
CA SER F 586 -58.90 66.52 -35.44
C SER F 586 -60.17 65.73 -35.11
N SER F 587 -60.01 64.46 -34.77
N SER F 587 -60.02 64.46 -34.75
CA SER F 587 -61.11 63.61 -34.35
CA SER F 587 -61.16 63.62 -34.38
C SER F 587 -60.80 62.95 -33.01
C SER F 587 -60.87 62.83 -33.10
N ALA F 588 -61.85 62.76 -32.21
CA ALA F 588 -61.71 62.04 -30.94
C ALA F 588 -62.17 60.58 -31.11
N VAL F 589 -61.20 59.68 -31.27
CA VAL F 589 -61.53 58.31 -31.60
C VAL F 589 -60.62 57.38 -30.81
N THR F 590 -61.04 56.12 -30.70
CA THR F 590 -60.26 55.13 -29.97
C THR F 590 -59.05 54.69 -30.80
N ASN F 591 -57.97 54.32 -30.10
CA ASN F 591 -56.81 53.67 -30.70
C ASN F 591 -56.37 52.60 -29.70
N GLN F 592 -55.81 51.49 -30.17
CA GLN F 592 -55.24 50.50 -29.24
C GLN F 592 -53.70 50.60 -29.23
N LEU F 593 -53.13 50.94 -28.09
CA LEU F 593 -51.68 50.92 -27.97
C LEU F 593 -51.24 49.54 -27.48
N ASN F 594 -50.64 48.78 -28.39
CA ASN F 594 -50.15 47.43 -28.13
C ASN F 594 -48.72 47.58 -27.64
N TRP F 595 -48.48 47.21 -26.39
CA TRP F 595 -47.17 47.42 -25.77
C TRP F 595 -46.64 46.09 -25.28
N GLN F 596 -45.31 45.98 -25.21
CA GLN F 596 -44.67 44.85 -24.58
C GLN F 596 -43.26 45.24 -24.11
N ALA F 597 -42.74 44.44 -23.21
CA ALA F 597 -41.48 44.69 -22.55
C ALA F 597 -40.78 43.36 -22.25
N GLY F 598 -39.46 43.34 -22.36
CA GLY F 598 -38.69 42.18 -21.93
C GLY F 598 -37.22 42.53 -21.99
N ILE F 599 -36.36 41.61 -21.62
CA ILE F 599 -34.91 41.84 -21.73
C ILE F 599 -34.32 40.65 -22.47
N TYR F 600 -33.54 40.93 -23.52
CA TYR F 600 -33.18 39.90 -24.48
C TYR F 600 -31.67 39.96 -24.84
N GLU F 601 -30.79 39.80 -23.86
CA GLU F 601 -29.36 40.05 -24.05
C GLU F 601 -28.54 38.78 -24.24
N VAL F 602 -29.17 37.62 -24.10
CA VAL F 602 -28.40 36.37 -24.18
C VAL F 602 -29.34 35.24 -24.61
C1 EDO G . 40.73 -48.40 9.89
O1 EDO G . 41.79 -47.46 9.68
C2 EDO G . 41.00 -49.37 11.02
O2 EDO G . 41.42 -48.73 12.23
C1 EDO H . 37.56 -32.42 18.54
O1 EDO H . 37.59 -31.51 19.64
C2 EDO H . 36.51 -31.97 17.53
O2 EDO H . 35.21 -32.19 18.13
C1 EDO I . 33.50 -50.31 -7.75
O1 EDO I . 32.25 -50.78 -7.28
C2 EDO I . 33.22 -49.72 -9.13
O2 EDO I . 32.67 -50.72 -9.98
NA NA J . 38.52 -38.50 18.88
NA NA K . 32.46 -38.92 -10.63
NA NA L . 60.83 -29.43 2.10
NA NA M . 32.85 -15.72 -14.09
NA NA N . 38.73 -62.74 -6.27
NA NA O . 40.35 -56.13 -12.62
NA NA P . 58.91 25.72 53.78
CA CA Q . 63.99 25.13 32.98
CA CA R . 58.73 -23.35 30.73
C1 EDO S . 15.92 -18.53 10.10
O1 EDO S . 17.06 -17.89 9.53
C2 EDO S . 14.96 -18.94 9.00
O2 EDO S . 15.72 -19.56 7.98
C1 EDO T . 13.93 -12.65 15.16
O1 EDO T . 13.59 -12.42 13.79
C2 EDO T . 13.24 -11.62 16.03
O2 EDO T . 13.69 -10.27 15.74
C1 EDO U . 21.13 -18.30 35.93
O1 EDO U . 20.87 -18.10 37.31
C2 EDO U . 19.80 -18.46 35.20
O2 EDO U . 19.99 -18.50 33.79
C1 EDO V . 3.71 -41.83 19.50
O1 EDO V . 2.53 -41.19 19.94
C2 EDO V . 4.24 -42.58 20.70
O2 EDO V . 3.73 -43.92 20.63
C1 EDO W . -9.14 -38.34 10.39
O1 EDO W . -8.78 -39.62 9.84
C2 EDO W . -8.06 -37.31 10.11
O2 EDO W . -8.13 -36.86 8.76
NA NA X . 23.26 -7.03 40.65
NA NA Y . 7.32 -12.51 17.31
NA NA Z . 20.66 -19.22 42.56
NA NA AA . -9.17 -41.86 26.10
NA NA BA . 59.01 42.60 22.24
CA CA CA . 18.41 8.08 32.20
C1 EDO DA . 29.65 -21.53 -3.54
O1 EDO DA . 29.83 -21.51 -2.12
C2 EDO DA . 29.23 -22.92 -3.98
O2 EDO DA . 28.25 -23.40 -3.07
C1 EDO EA . 33.13 -15.92 -7.44
O1 EDO EA . 33.85 -17.10 -7.05
C2 EDO EA . 33.99 -15.01 -8.30
O2 EDO EA . 35.27 -14.76 -7.67
NA NA FA . -2.47 -17.10 -24.64
NA NA GA . 83.87 18.98 30.10
CA CA HA . 48.08 6.95 -9.28
C1 EDO IA . -24.53 -35.92 -19.45
O1 EDO IA . -24.95 -37.15 -18.87
C2 EDO IA . -24.13 -34.98 -18.33
O2 EDO IA . -22.92 -35.48 -17.80
C1 EDO JA . -22.81 -8.63 -9.57
O1 EDO JA . -23.51 -7.48 -9.08
C2 EDO JA . -22.11 -9.31 -8.42
O2 EDO JA . -23.05 -9.53 -7.37
NA NA KA . -52.37 -15.19 -17.95
NA NA LA . -12.43 -7.88 -16.85
NA NA MA . -12.99 -41.92 -24.57
CA CA NA . -43.52 52.21 -34.67
CA CA OA . -11.95 15.06 -32.59
C1 EDO PA . -59.62 -22.67 -8.55
O1 EDO PA . -59.44 -21.26 -8.35
C2 EDO PA . -59.32 -23.09 -9.98
O2 EDO PA . -60.19 -22.38 -10.85
C1 EDO QA . -33.76 55.04 -48.77
O1 EDO QA . -35.13 55.33 -48.50
C2 EDO QA . -33.35 53.75 -48.08
O2 EDO QA . -33.27 52.62 -48.93
C1 EDO RA . -53.17 -26.44 10.58
O1 EDO RA . -53.09 -27.63 11.37
C2 EDO RA . -53.81 -26.80 9.25
O2 EDO RA . -53.01 -27.85 8.74
NA NA SA . -67.18 4.36 -1.63
NA NA TA . -36.04 2.82 14.35
NA NA UA . -64.40 -35.09 8.17
NA NA VA . -47.32 -16.39 11.70
CA CA WA . -62.53 7.47 -30.64
C1 EDO XA . -36.32 2.77 7.72
O1 EDO XA . -37.44 1.94 7.39
C2 EDO XA . -36.77 3.90 8.63
O2 EDO XA . -37.69 4.74 7.94
C1 EDO YA . -36.11 -4.14 4.11
O1 EDO YA . -36.41 -3.86 2.74
C2 EDO YA . -35.72 -5.61 4.21
O2 EDO YA . -36.81 -6.41 3.75
C1 EDO ZA . -13.94 -16.45 17.72
O1 EDO ZA . -14.90 -17.48 17.44
C2 EDO ZA . -12.75 -16.69 16.82
O2 EDO ZA . -12.15 -17.95 17.14
CA CA AB . -38.21 30.06 8.56
#